data_8CYC
#
_entry.id   8CYC
#
_cell.length_a   1.00
_cell.length_b   1.00
_cell.length_c   1.00
_cell.angle_alpha   90.00
_cell.angle_beta   90.00
_cell.angle_gamma   90.00
#
_symmetry.space_group_name_H-M   'P 1'
#
loop_
_entity.id
_entity.type
_entity.pdbx_description
1 polymer 'Spike glycoprotein'
2 polymer 'pan-sarbecovirus nanobody 2-34'
#
loop_
_entity_poly.entity_id
_entity_poly.type
_entity_poly.pdbx_seq_one_letter_code
_entity_poly.pdbx_strand_id
1 'polypeptide(L)'
;MFVFLVLLPLVSSQCVNLTTRTQLPPAYTNSFTRGVYYPDKVFRSSVLHSTQDLFLPFFSNVTWFHAIHVSGTNGTKRFD
NPVLPFNDGVYFASTEKSNIIRGWIFGTTLDSKTQSLLIVNNATNVVIKVCEFQFCNDPFLGVYYHKNNKSWMESEFRVY
SSANNCTFEYVSQPFLMDLEGKQGNFKNLREFVFKNIDGYFKIYSKHTPINLVRDLPQGFSALEPLVDLPIGINITRFQT
LLALHRSYLTPGDSSSGWTAGAAAYYVGYLQPRTFLLKYNENGTITDAVDCALDPLSETKCTLKSFTVEKGIYQTSNFRV
QPTESIVRFPNITNLCPFGEVFNATRFASVYAWNRKRISNCVADYSVLYNSASFSTFKCYGVSPTKLNDLCFTNVYADSF
VIRGDEVRQIAPGQTGKIADYNYKLPDDFTGCVIAWNSNNLDSKVGGNYNYLYRLFRKSNLKPFERDISTEIYQAGSTPC
NGVEGFNCYFPLQSYGFQPTNGVGYQPYRVVVLSFELLHAPATVCGPKKSTNLVKNKCVNFNFNGLTGTGVLTESNKKFL
PFQQFGRDIADTTDAVRDPQTLEILDITPCSFGGVSVITPGTNTSNQVAVLYQDVNCTEVPVAIHADQLTPTWRVYSTGS
NVFQTRAGCLIGAEHVNNSYECDIPIGAGICASYQTQTNSPRRARSVASQSIIAYTMSLGAENSVAYSNNSIAIPTNFTI
SVTTEILPVSMTKTSVDCTMYICGDSTECSNLLLQYGSFCTQLNRALTGIAVEQDKNTQEVFAQVKQIYKTPPIKDFGGF
NFSQILPDPSKPSKRSFIEDLLFNKVTLADAGFIKQYGDCLGDIAARDLICAQKFNGLTVLPPLLTDEMIAQYTSALLAG
TITSGWTFGAGAALQIPFAMQMAYRFNGIGVTQNVLYENQKLIANQFNSAIGKIQDSLSSTASALGKLQDVVNQNAQALN
TLVKQLSSNFGAISSVLNDILSRLDPPEAEVQIDRLITGRLQSLQTYVTQQLIRAAEIRASANLAATKMSECVLGQSKRV
DFCGKGYHLMSFPQSAPHGVVFLHVTYVPAQEKNFTTAPAICHDGKAHFPREGVFVSNGTHWFVTQRNFYEPQIITTDNT
FVSGNCDVVIGIVNNTVYDPLQPELDSFKEELDKYFKNHTSPDVDLGDISGINASVVNIQKEIDRLNEVAKNLNESLIDL
QELGKYEQYIKWPWYIWLGFIAGLIAIVMVTIMLCCMTSCCSCLKGCCSCGSCCKFDEDDSEPVLKGVKLHYT
;
A,B,C
2 'polypeptide(L)'
;HVQLVESGGGLVQAGGSLRLSCAASGRTFSRYAAGWFRQAPGKEREFVAVIEWDGDSAYYADPVKGRFTISRDNAKNTVY
LQMNRLKPEDTAVYICAVGGNHYSRSKYYNLDEYDDWGQGTQVTVSS
;
D,E,F
#
# COMPACT_ATOMS: atom_id res chain seq x y z
N SER A 13 33.87 67.54 9.65
CA SER A 13 32.90 68.40 10.32
C SER A 13 31.53 68.32 9.63
N GLN A 14 31.33 69.16 8.62
CA GLN A 14 30.08 69.18 7.89
C GLN A 14 29.99 67.97 6.96
N CYS A 15 28.76 67.70 6.49
CA CYS A 15 28.51 66.58 5.60
C CYS A 15 28.42 67.07 4.16
N VAL A 16 29.26 66.48 3.30
CA VAL A 16 29.31 66.83 1.89
C VAL A 16 29.30 65.54 1.07
N ASN A 17 28.55 65.54 -0.03
CA ASN A 17 28.50 64.38 -0.89
C ASN A 17 29.80 64.22 -1.67
N LEU A 18 30.09 62.99 -2.06
CA LEU A 18 31.31 62.67 -2.80
C LEU A 18 31.20 63.23 -4.22
N THR A 19 31.96 64.29 -4.49
CA THR A 19 31.93 64.96 -5.79
C THR A 19 32.99 64.33 -6.70
N THR A 20 33.25 65.00 -7.82
CA THR A 20 34.20 64.58 -8.86
C THR A 20 34.20 63.06 -9.06
N ARG A 21 33.01 62.55 -9.37
CA ARG A 21 32.80 61.12 -9.61
C ARG A 21 32.40 60.91 -11.06
N THR A 22 33.05 59.94 -11.72
CA THR A 22 32.77 59.60 -13.11
C THR A 22 32.03 58.28 -13.16
N GLN A 23 30.91 58.25 -13.88
CA GLN A 23 30.07 57.07 -13.98
C GLN A 23 30.30 56.39 -15.33
N LEU A 24 30.66 55.11 -15.28
CA LEU A 24 30.87 54.29 -16.47
C LEU A 24 30.23 52.93 -16.24
N PRO A 25 29.83 52.24 -17.30
CA PRO A 25 29.13 50.96 -17.14
C PRO A 25 29.99 49.95 -16.39
N PRO A 26 29.39 49.17 -15.50
CA PRO A 26 30.18 48.23 -14.69
C PRO A 26 30.78 47.12 -15.54
N ALA A 27 31.92 46.62 -15.08
CA ALA A 27 32.62 45.54 -15.76
C ALA A 27 32.32 44.20 -15.08
N TYR A 28 32.27 43.14 -15.89
CA TYR A 28 31.99 41.80 -15.41
C TYR A 28 33.14 40.88 -15.75
N THR A 29 33.44 39.95 -14.83
CA THR A 29 34.54 39.02 -15.01
C THR A 29 34.07 37.62 -14.65
N ASN A 30 34.74 36.62 -15.23
CA ASN A 30 34.40 35.22 -14.99
C ASN A 30 34.80 34.83 -13.57
N SER A 31 33.87 34.21 -12.86
CA SER A 31 34.14 33.80 -11.47
C SER A 31 34.92 32.50 -11.40
N PHE A 32 35.01 31.76 -12.50
CA PHE A 32 35.70 30.46 -12.56
C PHE A 32 35.03 29.54 -11.52
N THR A 33 35.78 28.78 -10.72
CA THR A 33 35.22 27.93 -9.69
C THR A 33 35.35 28.55 -8.30
N ARG A 34 35.69 29.84 -8.22
CA ARG A 34 35.92 30.47 -6.94
C ARG A 34 34.62 30.62 -6.17
N GLY A 35 34.66 30.25 -4.88
CA GLY A 35 33.54 30.42 -3.99
C GLY A 35 32.75 29.14 -3.73
N VAL A 36 33.06 28.48 -2.62
CA VAL A 36 32.37 27.27 -2.18
C VAL A 36 32.29 27.30 -0.66
N TYR A 37 31.11 27.07 -0.11
CA TYR A 37 30.91 27.05 1.34
C TYR A 37 30.28 25.73 1.75
N TYR A 38 30.55 25.33 2.99
CA TYR A 38 30.03 24.07 3.51
C TYR A 38 28.52 24.15 3.65
N PRO A 39 27.76 23.21 3.08
CA PRO A 39 26.30 23.27 3.22
C PRO A 39 25.82 23.29 4.66
N ASP A 40 26.46 22.52 5.54
CA ASP A 40 26.03 22.44 6.93
C ASP A 40 27.19 21.90 7.77
N LYS A 41 26.88 21.55 9.02
CA LYS A 41 27.87 21.04 9.97
C LYS A 41 28.04 19.53 9.75
N VAL A 42 28.80 19.19 8.72
CA VAL A 42 29.07 17.80 8.37
C VAL A 42 30.56 17.63 8.14
N PHE A 43 31.04 16.40 8.38
CA PHE A 43 32.43 16.03 8.15
C PHE A 43 32.57 15.13 6.93
N ARG A 44 31.87 13.99 6.92
CA ARG A 44 31.74 13.09 5.77
C ARG A 44 33.03 12.95 4.99
N SER A 45 34.07 12.47 5.67
CA SER A 45 35.37 12.30 5.04
C SER A 45 35.30 11.30 3.89
N SER A 46 35.94 11.67 2.77
CA SER A 46 36.01 10.82 1.58
C SER A 46 34.62 10.45 1.08
N VAL A 47 33.77 11.46 0.91
CA VAL A 47 32.38 11.26 0.53
C VAL A 47 32.03 12.21 -0.61
N LEU A 48 31.29 11.69 -1.59
CA LEU A 48 30.67 12.50 -2.64
C LEU A 48 29.24 12.80 -2.22
N HIS A 49 28.96 14.06 -1.90
CA HIS A 49 27.66 14.46 -1.36
C HIS A 49 27.03 15.53 -2.24
N SER A 50 25.75 15.35 -2.54
CA SER A 50 24.98 16.30 -3.33
C SER A 50 24.00 17.04 -2.43
N THR A 51 24.04 18.37 -2.48
CA THR A 51 23.20 19.21 -1.64
C THR A 51 22.46 20.22 -2.51
N GLN A 52 21.16 20.39 -2.22
CA GLN A 52 20.33 21.38 -2.90
C GLN A 52 20.12 22.55 -1.96
N ASP A 53 20.78 23.66 -2.26
CA ASP A 53 20.70 24.87 -1.44
C ASP A 53 21.31 26.02 -2.23
N LEU A 54 21.52 27.15 -1.56
CA LEU A 54 22.11 28.32 -2.22
C LEU A 54 23.56 28.03 -2.61
N PHE A 55 23.93 28.44 -3.81
CA PHE A 55 25.30 28.31 -4.30
C PHE A 55 25.53 29.29 -5.42
N LEU A 56 26.81 29.53 -5.71
CA LEU A 56 27.20 30.38 -6.83
C LEU A 56 27.46 29.52 -8.06
N PRO A 57 26.72 29.72 -9.15
CA PRO A 57 26.95 28.91 -10.36
C PRO A 57 28.37 29.10 -10.87
N PHE A 58 28.97 28.01 -11.34
CA PHE A 58 30.35 28.04 -11.77
C PHE A 58 30.50 28.89 -13.03
N PHE A 59 31.66 29.54 -13.16
CA PHE A 59 31.99 30.38 -14.31
C PHE A 59 30.92 31.46 -14.53
N SER A 60 30.45 32.05 -13.45
CA SER A 60 29.46 33.11 -13.52
C SER A 60 30.12 34.46 -13.76
N ASN A 61 29.34 35.40 -14.27
CA ASN A 61 29.83 36.75 -14.54
C ASN A 61 29.57 37.61 -13.31
N VAL A 62 30.61 37.84 -12.51
CA VAL A 62 30.52 38.63 -11.29
C VAL A 62 30.93 40.06 -11.61
N THR A 63 30.25 41.02 -10.97
CA THR A 63 30.52 42.42 -11.21
C THR A 63 31.86 42.81 -10.61
N TRP A 64 32.61 43.63 -11.35
CA TRP A 64 33.94 44.08 -10.97
C TRP A 64 33.87 45.54 -10.56
N PHE A 65 34.43 45.86 -9.38
CA PHE A 65 34.49 47.22 -8.90
C PHE A 65 35.92 47.60 -8.59
N HIS A 66 36.35 48.74 -9.10
CA HIS A 66 37.72 49.22 -8.97
C HIS A 66 37.80 50.38 -7.98
N ALA A 67 39.01 50.62 -7.48
CA ALA A 67 39.28 51.78 -6.63
C ALA A 67 40.72 52.21 -6.91
N ILE A 68 40.86 53.17 -7.82
CA ILE A 68 42.18 53.65 -8.24
C ILE A 68 41.97 54.96 -8.99
N HIS A 69 42.96 55.85 -8.91
CA HIS A 69 42.94 57.13 -9.60
C HIS A 69 44.19 57.27 -10.46
N VAL A 70 44.00 57.83 -11.66
CA VAL A 70 45.09 58.13 -12.58
C VAL A 70 45.22 59.65 -12.70
N SER A 71 46.45 60.13 -12.57
CA SER A 71 46.72 61.57 -12.58
C SER A 71 47.36 62.06 -13.87
N GLY A 72 47.63 61.15 -14.81
CA GLY A 72 48.30 61.55 -16.04
C GLY A 72 47.46 62.39 -16.96
N THR A 73 46.43 61.79 -17.57
CA THR A 73 45.56 62.52 -18.49
C THR A 73 44.08 62.25 -18.30
N ASN A 74 43.68 61.14 -17.69
CA ASN A 74 42.26 60.80 -17.63
C ASN A 74 41.59 61.40 -16.40
N GLY A 75 42.10 61.09 -15.21
CA GLY A 75 41.47 61.54 -13.98
C GLY A 75 40.10 60.92 -13.79
N THR A 76 39.99 59.61 -14.01
CA THR A 76 38.71 58.94 -13.92
C THR A 76 38.14 59.00 -12.51
N LYS A 77 38.97 58.78 -11.50
CA LYS A 77 38.57 58.74 -10.10
C LYS A 77 37.43 57.73 -9.90
N ARG A 78 37.74 56.48 -10.24
CA ARG A 78 36.77 55.39 -10.18
C ARG A 78 36.79 54.80 -8.78
N PHE A 79 35.91 55.30 -7.92
CA PHE A 79 35.74 54.80 -6.55
C PHE A 79 34.32 54.29 -6.45
N ASP A 80 34.11 53.03 -6.80
CA ASP A 80 32.77 52.44 -6.90
C ASP A 80 32.29 52.08 -5.49
N ASN A 81 31.23 52.75 -5.04
CA ASN A 81 30.55 52.42 -3.79
C ASN A 81 29.05 52.38 -4.04
N PRO A 82 28.56 51.38 -4.77
CA PRO A 82 27.12 51.33 -5.09
C PRO A 82 26.30 50.71 -3.98
N VAL A 83 25.01 50.51 -4.24
CA VAL A 83 24.05 50.10 -3.21
C VAL A 83 23.37 48.80 -3.59
N LEU A 84 24.11 47.91 -4.27
CA LEU A 84 23.61 46.63 -4.78
C LEU A 84 22.68 45.90 -3.81
N PRO A 85 21.58 45.36 -4.28
CA PRO A 85 20.67 44.61 -3.40
C PRO A 85 21.31 43.35 -2.85
N PHE A 86 20.90 42.98 -1.64
CA PHE A 86 21.46 41.80 -0.97
C PHE A 86 20.93 40.51 -1.56
N ASN A 87 19.67 40.48 -1.98
CA ASN A 87 19.02 39.29 -2.54
C ASN A 87 19.04 38.18 -1.48
N ASP A 88 19.23 36.94 -1.89
CA ASP A 88 19.23 35.79 -0.99
C ASP A 88 20.63 35.30 -0.64
N GLY A 89 21.67 36.02 -1.03
CA GLY A 89 23.04 35.61 -0.75
C GLY A 89 24.04 36.34 -1.61
N VAL A 90 25.18 36.73 -1.05
CA VAL A 90 26.16 37.56 -1.74
C VAL A 90 27.53 36.90 -1.62
N TYR A 91 28.27 36.86 -2.73
CA TYR A 91 29.65 36.41 -2.75
C TYR A 91 30.54 37.63 -3.00
N PHE A 92 31.38 37.95 -2.02
CA PHE A 92 32.27 39.11 -2.06
C PHE A 92 33.71 38.60 -2.06
N ALA A 93 34.43 38.84 -3.16
CA ALA A 93 35.81 38.42 -3.29
C ALA A 93 36.67 39.68 -3.44
N SER A 94 37.38 40.05 -2.38
CA SER A 94 38.19 41.25 -2.37
C SER A 94 39.67 40.88 -2.40
N THR A 95 40.39 41.37 -3.40
CA THR A 95 41.82 41.14 -3.53
C THR A 95 42.57 42.40 -3.11
N GLU A 96 43.55 42.23 -2.22
CA GLU A 96 44.30 43.37 -1.71
C GLU A 96 45.61 42.86 -1.11
N LYS A 97 46.54 43.78 -0.95
CA LYS A 97 47.84 43.52 -0.34
C LYS A 97 48.15 44.45 0.82
N SER A 98 47.70 45.70 0.73
CA SER A 98 47.85 46.66 1.83
C SER A 98 46.56 46.83 2.62
N ASN A 99 45.60 45.93 2.44
CA ASN A 99 44.42 45.81 3.30
C ASN A 99 43.51 47.05 3.26
N ILE A 100 43.03 47.38 2.07
CA ILE A 100 41.91 48.33 1.92
C ILE A 100 40.65 47.49 1.86
N ILE A 101 40.12 47.15 3.04
CA ILE A 101 38.82 46.50 3.17
C ILE A 101 38.08 47.17 4.32
N ARG A 102 36.87 47.64 4.04
CA ARG A 102 36.20 48.57 4.94
C ARG A 102 34.77 48.07 5.20
N GLY A 103 33.94 48.95 5.75
CA GLY A 103 32.68 48.59 6.36
C GLY A 103 31.62 48.03 5.42
N TRP A 104 30.70 47.29 6.02
CA TRP A 104 29.63 46.54 5.37
C TRP A 104 28.31 46.99 5.98
N ILE A 105 27.36 47.39 5.13
CA ILE A 105 26.22 48.17 5.61
C ILE A 105 24.91 47.43 5.32
N PHE A 106 24.90 46.12 5.50
CA PHE A 106 23.76 45.29 5.12
C PHE A 106 22.48 45.81 5.78
N GLY A 107 21.54 46.27 4.95
CA GLY A 107 20.31 46.84 5.50
C GLY A 107 19.19 46.76 4.48
N THR A 108 17.98 47.04 4.95
CA THR A 108 16.80 47.02 4.10
C THR A 108 16.43 48.41 3.59
N THR A 109 16.17 49.35 4.50
CA THR A 109 15.75 50.69 4.12
C THR A 109 16.82 51.76 4.33
N LEU A 110 17.86 51.45 5.12
CA LEU A 110 18.95 52.40 5.38
C LEU A 110 18.43 53.71 5.98
N ASP A 111 17.46 53.60 6.87
CA ASP A 111 16.89 54.77 7.54
C ASP A 111 16.40 54.34 8.92
N SER A 112 15.63 55.20 9.57
CA SER A 112 15.08 54.93 10.89
C SER A 112 13.92 53.94 10.85
N LYS A 113 13.42 53.59 9.67
CA LYS A 113 12.29 52.68 9.57
C LYS A 113 12.65 51.29 10.12
N THR A 114 13.85 50.80 9.81
CA THR A 114 14.27 49.49 10.28
C THR A 114 15.76 49.55 10.63
N GLN A 115 16.17 48.59 11.45
CA GLN A 115 17.57 48.51 11.88
C GLN A 115 18.45 48.05 10.73
N SER A 116 19.74 48.40 10.81
CA SER A 116 20.72 48.06 9.80
C SER A 116 21.89 47.32 10.45
N LEU A 117 22.30 46.21 9.85
CA LEU A 117 23.41 45.42 10.35
C LEU A 117 24.69 45.89 9.67
N LEU A 118 25.62 46.43 10.45
CA LEU A 118 26.86 47.00 9.92
C LEU A 118 28.05 46.28 10.56
N ILE A 119 29.05 46.03 9.73
CA ILE A 119 30.29 45.37 10.14
C ILE A 119 31.43 46.35 9.85
N VAL A 120 32.23 46.66 10.86
CA VAL A 120 33.34 47.58 10.58
C VAL A 120 34.54 47.21 11.42
N ASN A 121 35.71 47.20 10.78
CA ASN A 121 36.99 46.98 11.45
C ASN A 121 37.66 48.34 11.60
N ASN A 122 37.85 48.76 12.85
CA ASN A 122 38.42 50.08 13.13
C ASN A 122 39.94 50.01 13.28
N ALA A 123 40.59 49.36 12.31
CA ALA A 123 42.04 49.28 12.19
C ALA A 123 42.67 48.48 13.33
N THR A 124 41.86 48.07 14.31
CA THR A 124 42.35 47.23 15.41
C THR A 124 41.41 46.09 15.78
N ASN A 125 40.12 46.18 15.49
CA ASN A 125 39.19 45.10 15.82
C ASN A 125 37.94 45.25 14.96
N VAL A 126 37.23 44.14 14.81
CA VAL A 126 35.97 44.12 14.07
C VAL A 126 34.83 44.25 15.06
N VAL A 127 33.86 45.11 14.73
CA VAL A 127 32.71 45.37 15.59
C VAL A 127 31.44 45.27 14.75
N ILE A 128 30.42 44.64 15.34
CA ILE A 128 29.13 44.42 14.70
C ILE A 128 28.13 45.34 15.37
N LYS A 129 27.57 46.27 14.58
CA LYS A 129 26.73 47.35 15.06
C LYS A 129 25.35 47.26 14.43
N VAL A 130 24.36 47.70 15.18
CA VAL A 130 22.98 47.77 14.68
C VAL A 130 22.29 49.08 14.99
N CYS A 131 22.80 49.92 15.89
CA CYS A 131 22.04 51.08 16.36
C CYS A 131 22.13 52.26 15.40
N GLU A 132 23.33 52.82 15.24
CA GLU A 132 23.53 53.98 14.38
C GLU A 132 24.94 53.96 13.81
N PHE A 133 25.05 54.29 12.53
CA PHE A 133 26.33 54.42 11.86
C PHE A 133 27.02 55.75 12.11
N GLN A 134 26.25 56.79 12.48
CA GLN A 134 26.81 58.09 12.89
C GLN A 134 27.70 58.69 11.81
N PHE A 135 27.24 58.65 10.57
CA PHE A 135 27.93 59.24 9.43
C PHE A 135 26.95 60.05 8.59
N CYS A 136 27.42 60.51 7.43
CA CYS A 136 26.62 61.29 6.51
C CYS A 136 25.74 60.35 5.68
N ASN A 137 25.11 60.88 4.62
CA ASN A 137 24.31 60.05 3.73
C ASN A 137 25.17 58.95 3.10
N ASP A 138 26.36 59.31 2.64
CA ASP A 138 27.35 58.34 2.18
C ASP A 138 28.43 58.20 3.25
N PRO A 139 28.53 57.05 3.92
CA PRO A 139 29.57 56.90 4.95
C PRO A 139 30.96 57.05 4.36
N PHE A 140 31.86 57.60 5.17
CA PHE A 140 33.23 57.84 4.73
C PHE A 140 34.18 57.65 5.90
N LEU A 141 35.40 57.23 5.58
CA LEU A 141 36.46 57.05 6.56
C LEU A 141 37.70 57.82 6.11
N GLY A 142 38.34 58.49 7.05
CA GLY A 142 39.51 59.30 6.77
C GLY A 142 40.73 58.76 7.49
N VAL A 143 41.89 58.89 6.86
CA VAL A 143 43.16 58.44 7.40
C VAL A 143 44.12 59.63 7.42
N TYR A 144 44.75 59.86 8.57
CA TYR A 144 45.70 60.95 8.74
C TYR A 144 47.13 60.42 8.79
N TYR A 145 48.08 61.30 8.54
CA TYR A 145 49.49 60.98 8.47
C TYR A 145 50.32 61.98 9.27
N HIS A 146 49.90 62.22 10.52
CA HIS A 146 50.63 63.13 11.39
C HIS A 146 52.08 62.69 11.56
N LYS A 147 52.98 63.66 11.48
CA LYS A 147 54.41 63.38 11.54
C LYS A 147 54.91 63.09 12.95
N ASN A 148 54.07 63.27 13.98
CA ASN A 148 54.49 62.98 15.34
C ASN A 148 54.82 61.51 15.52
N ASN A 149 54.01 60.62 14.93
CA ASN A 149 54.25 59.19 15.02
C ASN A 149 54.86 58.60 13.76
N LYS A 150 54.77 59.31 12.63
CA LYS A 150 55.32 58.85 11.35
C LYS A 150 54.77 57.47 10.98
N SER A 151 53.44 57.35 11.02
CA SER A 151 52.76 56.11 10.71
C SER A 151 51.36 56.41 10.23
N TRP A 152 50.76 55.43 9.57
CA TRP A 152 49.40 55.54 9.05
C TRP A 152 48.41 55.11 10.11
N MET A 153 47.48 55.99 10.45
CA MET A 153 46.48 55.69 11.47
C MET A 153 45.23 56.52 11.21
N GLU A 154 44.13 56.08 11.81
CA GLU A 154 42.86 56.78 11.68
C GLU A 154 42.73 57.82 12.78
N SER A 155 42.45 59.07 12.40
CA SER A 155 42.39 60.16 13.36
C SER A 155 41.18 61.06 13.14
N GLU A 156 40.05 60.47 12.75
CA GLU A 156 38.80 61.20 12.60
C GLU A 156 37.85 60.73 13.70
N PHE A 157 37.76 61.49 14.79
CA PHE A 157 37.03 61.09 15.98
C PHE A 157 35.70 61.82 16.05
N ARG A 158 34.64 61.06 16.32
CA ARG A 158 33.30 61.61 16.58
C ARG A 158 32.85 61.04 17.93
N VAL A 159 32.68 61.92 18.92
CA VAL A 159 32.42 61.45 20.28
C VAL A 159 31.02 60.86 20.39
N TYR A 160 30.00 61.69 20.17
CA TYR A 160 28.61 61.25 20.30
C TYR A 160 27.69 62.34 19.77
N SER A 161 26.62 61.92 19.11
CA SER A 161 25.57 62.84 18.67
C SER A 161 24.18 62.40 19.11
N SER A 162 23.91 61.10 19.11
CA SER A 162 22.61 60.56 19.52
C SER A 162 22.74 59.06 19.67
N ALA A 163 21.97 58.50 20.61
CA ALA A 163 21.98 57.06 20.84
C ALA A 163 20.62 56.67 21.40
N ASN A 164 19.76 56.13 20.53
CA ASN A 164 18.42 55.69 20.91
C ASN A 164 18.07 54.41 20.17
N ASN A 165 17.37 53.51 20.86
CA ASN A 165 16.91 52.24 20.32
C ASN A 165 18.08 51.41 19.79
N CYS A 166 18.96 51.05 20.73
CA CYS A 166 20.16 50.29 20.43
C CYS A 166 19.90 48.81 20.73
N THR A 167 19.98 47.98 19.69
CA THR A 167 19.77 46.55 19.81
C THR A 167 21.15 45.91 20.05
N PHE A 168 21.26 44.58 19.91
CA PHE A 168 22.48 43.86 20.28
C PHE A 168 23.69 44.39 19.55
N GLU A 169 24.79 44.56 20.29
CA GLU A 169 26.06 45.07 19.79
C GLU A 169 27.15 44.06 20.13
N TYR A 170 28.06 43.83 19.20
CA TYR A 170 29.13 42.88 19.46
C TYR A 170 30.49 43.50 19.16
N VAL A 171 31.46 43.21 20.03
CA VAL A 171 32.82 43.72 19.88
C VAL A 171 33.77 42.54 19.98
N SER A 172 34.93 42.68 19.31
CA SER A 172 35.95 41.65 19.28
C SER A 172 37.23 42.16 19.93
N GLN A 173 38.24 41.28 19.98
CA GLN A 173 39.49 41.63 20.62
C GLN A 173 40.27 42.63 19.76
N PRO A 174 40.94 43.60 20.38
CA PRO A 174 41.70 44.60 19.60
C PRO A 174 43.02 44.06 19.07
N PHE A 175 42.97 43.40 17.92
CA PHE A 175 44.18 42.85 17.30
C PHE A 175 44.97 43.98 16.64
N LEU A 176 46.05 43.62 15.94
CA LEU A 176 46.91 44.58 15.26
C LEU A 176 47.00 44.22 13.79
N MET A 177 46.71 45.19 12.93
CA MET A 177 46.80 45.03 11.49
C MET A 177 47.69 46.12 10.90
N ASP A 178 48.55 45.74 9.97
CA ASP A 178 49.45 46.70 9.34
C ASP A 178 48.68 47.61 8.39
N LEU A 179 49.05 48.89 8.38
CA LEU A 179 48.42 49.88 7.51
C LEU A 179 49.39 50.48 6.52
N GLU A 180 50.52 49.82 6.27
CA GLU A 180 51.50 50.32 5.32
C GLU A 180 50.95 50.27 3.90
N GLY A 181 51.29 51.30 3.12
CA GLY A 181 50.81 51.40 1.75
C GLY A 181 51.68 50.64 0.77
N LYS A 182 51.62 49.31 0.81
CA LYS A 182 52.42 48.49 -0.10
C LYS A 182 51.89 48.62 -1.52
N GLN A 183 52.82 48.69 -2.48
CA GLN A 183 52.48 48.79 -3.89
C GLN A 183 53.12 47.63 -4.65
N GLY A 184 52.46 47.20 -5.71
CA GLY A 184 52.93 46.08 -6.50
C GLY A 184 51.86 45.07 -6.82
N ASN A 185 52.24 43.80 -6.89
CA ASN A 185 51.30 42.73 -7.19
C ASN A 185 50.46 42.39 -5.96
N PHE A 186 49.20 42.03 -6.19
CA PHE A 186 48.30 41.66 -5.12
C PHE A 186 48.76 40.35 -4.48
N LYS A 187 48.52 40.23 -3.18
CA LYS A 187 48.99 39.08 -2.41
C LYS A 187 47.89 38.33 -1.67
N ASN A 188 46.89 39.03 -1.14
CA ASN A 188 45.85 38.42 -0.34
C ASN A 188 44.50 38.50 -1.05
N LEU A 189 43.68 37.48 -0.85
CA LEU A 189 42.33 37.45 -1.39
C LEU A 189 41.38 36.92 -0.33
N ARG A 190 40.38 37.73 0.03
CA ARG A 190 39.40 37.36 1.04
C ARG A 190 38.06 37.10 0.36
N GLU A 191 37.51 35.91 0.58
CA GLU A 191 36.24 35.51 -0.01
C GLU A 191 35.20 35.35 1.10
N PHE A 192 34.01 35.89 0.88
CA PHE A 192 32.92 35.84 1.84
C PHE A 192 31.63 35.44 1.13
N VAL A 193 30.87 34.57 1.79
CA VAL A 193 29.55 34.14 1.33
C VAL A 193 28.54 34.49 2.40
N PHE A 194 27.54 35.28 2.03
CA PHE A 194 26.51 35.76 2.94
C PHE A 194 25.20 35.09 2.59
N LYS A 195 24.59 34.43 3.58
CA LYS A 195 23.28 33.82 3.36
C LYS A 195 22.40 33.99 4.58
N ASN A 196 21.19 34.50 4.38
CA ASN A 196 20.24 34.73 5.46
C ASN A 196 19.00 33.87 5.21
N ILE A 197 18.67 33.02 6.19
CA ILE A 197 17.51 32.14 6.07
C ILE A 197 17.12 31.68 7.47
N ASP A 198 15.81 31.60 7.71
CA ASP A 198 15.25 31.10 8.96
C ASP A 198 15.75 31.88 10.17
N GLY A 199 16.04 33.17 9.99
CA GLY A 199 16.54 33.99 11.06
C GLY A 199 18.02 33.84 11.35
N TYR A 200 18.72 32.99 10.60
CA TYR A 200 20.15 32.78 10.77
C TYR A 200 20.90 33.38 9.59
N PHE A 201 21.95 34.14 9.89
CA PHE A 201 22.76 34.82 8.90
C PHE A 201 24.19 34.30 8.98
N LYS A 202 24.68 33.76 7.86
CA LYS A 202 25.97 33.08 7.79
C LYS A 202 26.92 33.90 6.93
N ILE A 203 28.16 34.02 7.41
CA ILE A 203 29.14 35.00 6.93
C ILE A 203 30.39 34.22 6.50
N TYR A 204 30.18 33.06 5.87
CA TYR A 204 31.28 32.15 5.54
C TYR A 204 32.47 32.91 4.96
N SER A 205 33.67 32.60 5.44
CA SER A 205 34.85 33.37 5.08
C SER A 205 36.01 32.43 4.75
N LYS A 206 36.93 32.94 3.93
CA LYS A 206 38.15 32.23 3.60
C LYS A 206 39.20 33.24 3.12
N HIS A 207 40.46 32.92 3.39
CA HIS A 207 41.59 33.75 2.97
C HIS A 207 42.55 32.93 2.13
N THR A 208 43.10 33.55 1.08
CA THR A 208 43.97 32.87 0.14
C THR A 208 45.19 33.75 -0.15
N PRO A 209 46.40 33.21 -0.05
CA PRO A 209 47.61 33.98 -0.40
C PRO A 209 47.96 33.87 -1.89
N ILE A 210 47.24 34.63 -2.71
CA ILE A 210 47.42 34.56 -4.15
C ILE A 210 48.70 35.29 -4.56
N ASN A 211 49.12 35.04 -5.80
CA ASN A 211 50.31 35.67 -6.35
C ASN A 211 50.04 36.14 -7.78
N LEU A 212 48.82 36.62 -8.03
CA LEU A 212 48.42 37.07 -9.35
C LEU A 212 48.20 38.58 -9.36
N VAL A 213 48.58 39.21 -10.48
CA VAL A 213 48.47 40.66 -10.59
C VAL A 213 47.01 41.09 -10.63
N ARG A 214 46.15 40.31 -11.30
CA ARG A 214 44.75 40.65 -11.43
C ARG A 214 43.95 39.40 -11.75
N ASP A 215 42.63 39.51 -11.66
CA ASP A 215 41.68 38.44 -11.97
C ASP A 215 41.77 37.29 -10.97
N LEU A 216 40.72 36.48 -10.92
CA LEU A 216 40.69 35.34 -10.00
C LEU A 216 41.62 34.24 -10.51
N PRO A 217 42.56 33.77 -9.69
CA PRO A 217 43.45 32.69 -10.13
C PRO A 217 42.72 31.36 -10.19
N GLN A 218 43.23 30.49 -11.05
CA GLN A 218 42.66 29.15 -11.19
C GLN A 218 42.95 28.32 -9.94
N GLY A 219 41.93 27.61 -9.47
CA GLY A 219 42.07 26.78 -8.28
C GLY A 219 40.75 26.55 -7.57
N PHE A 220 40.79 25.85 -6.44
CA PHE A 220 39.60 25.55 -5.67
C PHE A 220 39.84 25.90 -4.21
N SER A 221 38.82 26.49 -3.58
CA SER A 221 38.90 26.87 -2.18
C SER A 221 37.51 26.77 -1.56
N ALA A 222 37.42 26.12 -0.41
CA ALA A 222 36.16 25.94 0.31
C ALA A 222 36.13 26.92 1.48
N LEU A 223 35.13 27.80 1.48
CA LEU A 223 34.98 28.78 2.55
C LEU A 223 34.55 28.09 3.83
N GLU A 224 35.04 28.60 4.98
CA GLU A 224 34.67 27.98 6.25
C GLU A 224 33.78 28.90 7.07
N PRO A 225 32.89 28.34 7.89
CA PRO A 225 32.06 29.19 8.76
C PRO A 225 32.91 29.95 9.76
N LEU A 226 32.53 31.20 10.02
CA LEU A 226 33.25 32.05 10.94
C LEU A 226 32.36 32.55 12.07
N VAL A 227 31.19 33.11 11.75
CA VAL A 227 30.17 33.47 12.74
C VAL A 227 28.81 33.05 12.21
N ASP A 228 28.01 32.44 13.09
CA ASP A 228 26.65 32.00 12.78
C ASP A 228 25.65 32.74 13.67
N LEU A 229 25.81 34.05 13.76
CA LEU A 229 25.01 34.88 14.65
C LEU A 229 23.52 34.77 14.31
N PRO A 230 22.66 34.48 15.28
CA PRO A 230 21.20 34.31 15.03
C PRO A 230 20.43 35.62 15.11
N ILE A 231 20.56 36.46 14.09
CA ILE A 231 19.81 37.70 13.99
C ILE A 231 18.95 37.62 12.73
N GLY A 232 17.65 37.85 12.90
CA GLY A 232 16.67 37.69 11.84
C GLY A 232 16.27 38.96 11.11
N ILE A 233 17.07 40.02 11.17
CA ILE A 233 16.73 41.25 10.48
C ILE A 233 16.79 41.03 8.97
N ASN A 234 15.74 41.45 8.27
CA ASN A 234 15.70 41.30 6.82
C ASN A 234 16.66 42.28 6.16
N ILE A 235 17.40 41.79 5.17
CA ILE A 235 18.36 42.59 4.43
C ILE A 235 17.99 42.54 2.95
N THR A 236 17.86 43.71 2.33
CA THR A 236 17.54 43.81 0.91
C THR A 236 18.58 44.55 0.10
N ARG A 237 19.60 45.15 0.72
CA ARG A 237 20.65 45.84 0.00
C ARG A 237 21.87 45.93 0.90
N PHE A 238 23.01 46.26 0.30
CA PHE A 238 24.25 46.39 1.05
C PHE A 238 25.11 47.48 0.44
N GLN A 239 25.98 48.05 1.27
CA GLN A 239 26.91 49.09 0.86
C GLN A 239 28.28 48.78 1.42
N THR A 240 29.31 49.04 0.62
CA THR A 240 30.70 48.76 1.00
C THR A 240 31.46 50.08 1.12
N LEU A 241 32.13 50.28 2.25
CA LEU A 241 32.92 51.48 2.48
C LEU A 241 34.29 51.32 1.84
N LEU A 242 34.98 52.45 1.64
CA LEU A 242 36.32 52.47 1.06
C LEU A 242 37.25 53.25 1.96
N ALA A 243 38.50 52.80 2.06
CA ALA A 243 39.51 53.47 2.86
C ALA A 243 40.20 54.53 2.02
N LEU A 244 40.15 55.78 2.47
CA LEU A 244 40.72 56.90 1.75
C LEU A 244 41.67 57.67 2.65
N HIS A 245 42.70 58.26 2.05
CA HIS A 245 43.64 59.13 2.74
C HIS A 245 43.33 60.57 2.40
N ARG A 246 43.30 61.42 3.42
CA ARG A 246 42.98 62.84 3.21
C ARG A 246 44.01 63.49 2.30
N SER A 247 43.53 64.23 1.31
CA SER A 247 44.42 64.89 0.36
C SER A 247 45.13 66.09 0.95
N TYR A 248 44.55 66.73 1.98
CA TYR A 248 45.19 67.87 2.62
C TYR A 248 46.51 67.48 3.28
N LEU A 249 46.57 66.31 3.93
CA LEU A 249 47.81 65.81 4.50
C LEU A 249 48.76 65.39 3.38
N THR A 250 50.06 65.43 3.69
CA THR A 250 51.13 65.12 2.75
C THR A 250 50.98 65.92 1.46
N PRO A 251 51.23 67.24 1.50
CA PRO A 251 51.08 68.04 0.28
C PRO A 251 52.02 67.65 -0.85
N GLY A 252 53.12 66.96 -0.54
CA GLY A 252 54.04 66.57 -1.60
C GLY A 252 53.43 65.61 -2.60
N ASP A 253 52.59 64.69 -2.13
CA ASP A 253 51.95 63.72 -3.01
C ASP A 253 50.67 64.26 -3.63
N SER A 254 49.77 64.82 -2.81
CA SER A 254 48.53 65.37 -3.31
C SER A 254 48.08 66.49 -2.38
N SER A 255 47.22 67.36 -2.91
CA SER A 255 46.66 68.48 -2.16
C SER A 255 45.15 68.47 -2.10
N SER A 256 44.47 68.14 -3.19
CA SER A 256 43.02 68.08 -3.24
C SER A 256 42.59 66.80 -3.92
N GLY A 257 41.45 66.25 -3.49
CA GLY A 257 40.94 65.02 -4.05
C GLY A 257 41.20 63.81 -3.17
N TRP A 258 41.65 62.72 -3.77
CA TRP A 258 41.96 61.50 -3.04
C TRP A 258 43.15 60.81 -3.70
N THR A 259 43.89 60.05 -2.88
CA THR A 259 45.11 59.39 -3.34
C THR A 259 45.18 57.96 -2.83
N ALA A 260 44.06 57.24 -2.89
CA ALA A 260 44.04 55.86 -2.42
C ALA A 260 44.82 54.96 -3.37
N GLY A 261 45.24 53.81 -2.84
CA GLY A 261 46.00 52.86 -3.62
C GLY A 261 45.11 51.96 -4.46
N ALA A 262 45.74 50.97 -5.09
CA ALA A 262 45.02 50.04 -5.95
C ALA A 262 44.12 49.14 -5.12
N ALA A 263 42.86 49.02 -5.54
CA ALA A 263 41.89 48.18 -4.84
C ALA A 263 40.76 47.83 -5.80
N ALA A 264 40.31 46.58 -5.71
CA ALA A 264 39.23 46.10 -6.55
C ALA A 264 38.60 44.88 -5.88
N TYR A 265 37.37 44.57 -6.29
CA TYR A 265 36.67 43.42 -5.72
C TYR A 265 35.61 42.94 -6.71
N TYR A 266 35.12 41.73 -6.45
CA TYR A 266 34.12 41.05 -7.27
C TYR A 266 32.90 40.75 -6.42
N VAL A 267 31.72 41.05 -6.98
CA VAL A 267 30.45 40.81 -6.30
C VAL A 267 29.60 39.89 -7.15
N GLY A 268 29.09 38.82 -6.54
CA GLY A 268 28.26 37.88 -7.24
C GLY A 268 27.03 37.50 -6.42
N TYR A 269 26.03 36.97 -7.11
CA TYR A 269 24.76 36.60 -6.51
C TYR A 269 24.58 35.09 -6.53
N LEU A 270 24.01 34.55 -5.46
CA LEU A 270 23.80 33.12 -5.34
C LEU A 270 22.38 32.75 -5.75
N GLN A 271 22.21 31.49 -6.14
CA GLN A 271 20.93 30.95 -6.58
C GLN A 271 20.75 29.56 -5.99
N PRO A 272 19.51 29.11 -5.82
CA PRO A 272 19.27 27.74 -5.32
C PRO A 272 19.57 26.72 -6.41
N ARG A 273 20.52 25.82 -6.12
CA ARG A 273 20.94 24.81 -7.07
C ARG A 273 21.39 23.57 -6.32
N THR A 274 21.64 22.50 -7.07
CA THR A 274 22.19 21.26 -6.55
C THR A 274 23.67 21.19 -6.90
N PHE A 275 24.51 21.03 -5.88
CA PHE A 275 25.95 20.97 -6.05
C PHE A 275 26.48 19.65 -5.48
N LEU A 276 27.41 19.04 -6.21
CA LEU A 276 28.08 17.82 -5.77
C LEU A 276 29.49 18.17 -5.31
N LEU A 277 29.83 17.77 -4.08
CA LEU A 277 31.09 18.11 -3.46
C LEU A 277 31.78 16.84 -2.98
N LYS A 278 33.10 16.81 -3.11
CA LYS A 278 33.91 15.66 -2.71
C LYS A 278 34.78 16.03 -1.51
N TYR A 279 34.69 15.21 -0.47
CA TYR A 279 35.51 15.35 0.73
C TYR A 279 36.54 14.23 0.74
N ASN A 280 37.80 14.60 0.95
CA ASN A 280 38.89 13.64 0.93
C ASN A 280 39.01 12.94 2.28
N GLU A 281 40.11 12.22 2.48
CA GLU A 281 40.36 11.53 3.73
C GLU A 281 40.52 12.50 4.90
N ASN A 282 40.99 13.71 4.65
CA ASN A 282 41.15 14.73 5.69
C ASN A 282 39.86 15.47 5.99
N GLY A 283 38.79 15.22 5.22
CA GLY A 283 37.52 15.86 5.44
C GLY A 283 37.37 17.25 4.84
N THR A 284 38.36 17.72 4.09
CA THR A 284 38.29 19.02 3.45
C THR A 284 37.74 18.88 2.04
N ILE A 285 36.87 19.83 1.65
CA ILE A 285 36.30 19.81 0.32
C ILE A 285 37.41 20.03 -0.70
N THR A 286 37.68 19.00 -1.50
CA THR A 286 38.74 19.11 -2.51
C THR A 286 38.26 19.69 -3.84
N ASP A 287 37.02 19.41 -4.24
CA ASP A 287 36.48 19.93 -5.47
C ASP A 287 34.97 19.91 -5.41
N ALA A 288 34.35 20.68 -6.31
CA ALA A 288 32.90 20.73 -6.40
C ALA A 288 32.49 20.88 -7.85
N VAL A 289 31.38 20.26 -8.21
CA VAL A 289 30.81 20.34 -9.55
C VAL A 289 29.33 20.67 -9.43
N ASP A 290 28.85 21.59 -10.27
CA ASP A 290 27.46 21.95 -10.30
C ASP A 290 26.71 21.08 -11.30
N CYS A 291 25.46 20.76 -10.97
CA CYS A 291 24.65 19.93 -11.85
C CYS A 291 24.29 20.65 -13.15
N ALA A 292 24.31 21.98 -13.15
CA ALA A 292 24.18 22.75 -14.37
C ALA A 292 25.56 22.83 -15.04
N LEU A 293 25.70 23.72 -16.02
CA LEU A 293 26.97 23.94 -16.71
C LEU A 293 27.44 22.64 -17.38
N ASP A 294 26.67 22.26 -18.41
CA ASP A 294 26.98 21.25 -19.43
C ASP A 294 26.46 19.86 -19.08
N PRO A 295 26.07 19.09 -20.10
CA PRO A 295 25.65 17.71 -19.86
C PRO A 295 26.72 16.85 -19.22
N LEU A 296 28.00 17.17 -19.39
CA LEU A 296 29.05 16.44 -18.69
C LEU A 296 28.89 16.57 -17.19
N SER A 297 28.68 17.80 -16.70
CA SER A 297 28.45 18.01 -15.28
C SER A 297 27.11 17.43 -14.84
N GLU A 298 26.10 17.48 -15.72
CA GLU A 298 24.82 16.85 -15.40
C GLU A 298 24.98 15.35 -15.18
N THR A 299 25.75 14.70 -16.06
CA THR A 299 26.00 13.26 -15.92
C THR A 299 26.86 12.98 -14.69
N LYS A 300 27.80 13.87 -14.38
CA LYS A 300 28.58 13.73 -13.15
C LYS A 300 27.69 13.75 -11.92
N CYS A 301 26.72 14.68 -11.90
CA CYS A 301 25.74 14.69 -10.82
C CYS A 301 24.91 13.41 -10.81
N THR A 302 24.50 12.94 -11.99
CA THR A 302 23.62 11.78 -12.05
C THR A 302 24.30 10.52 -11.55
N LEU A 303 25.58 10.34 -11.86
CA LEU A 303 26.30 9.11 -11.56
C LEU A 303 27.03 9.15 -10.21
N LYS A 304 26.85 10.21 -9.43
CA LYS A 304 27.43 10.31 -8.09
C LYS A 304 28.96 10.23 -8.11
N SER A 305 29.57 10.70 -9.20
CA SER A 305 31.03 10.62 -9.32
C SER A 305 31.52 11.77 -10.18
N PHE A 306 32.81 12.08 -10.02
CA PHE A 306 33.46 13.12 -10.80
C PHE A 306 33.98 12.62 -12.14
N THR A 307 33.97 11.30 -12.37
CA THR A 307 34.42 10.73 -13.63
C THR A 307 33.34 9.79 -14.14
N VAL A 308 33.02 9.92 -15.43
CA VAL A 308 32.00 9.09 -16.07
C VAL A 308 32.64 8.31 -17.20
N GLU A 309 32.39 7.00 -17.23
CA GLU A 309 32.91 6.15 -18.28
C GLU A 309 32.14 6.37 -19.58
N LYS A 310 32.73 5.89 -20.67
CA LYS A 310 32.10 6.02 -21.98
C LYS A 310 30.83 5.18 -22.05
N GLY A 311 29.76 5.78 -22.54
CA GLY A 311 28.49 5.09 -22.65
C GLY A 311 27.34 6.08 -22.71
N ILE A 312 26.15 5.55 -22.48
CA ILE A 312 24.91 6.33 -22.49
C ILE A 312 24.27 6.23 -21.12
N TYR A 313 23.82 7.37 -20.60
CA TYR A 313 23.16 7.44 -19.30
C TYR A 313 21.98 8.40 -19.38
N GLN A 314 20.87 8.00 -18.78
CA GLN A 314 19.69 8.86 -18.71
C GLN A 314 19.82 9.80 -17.52
N THR A 315 19.62 11.10 -17.77
CA THR A 315 19.78 12.12 -16.74
C THR A 315 18.44 12.64 -16.22
N SER A 316 17.55 13.07 -17.11
CA SER A 316 16.28 13.66 -16.68
C SER A 316 15.27 13.53 -17.80
N ASN A 317 14.17 14.26 -17.70
CA ASN A 317 13.16 14.26 -18.74
C ASN A 317 12.84 15.69 -19.17
N PHE A 318 12.33 15.83 -20.40
CA PHE A 318 12.05 17.13 -20.98
C PHE A 318 10.61 17.18 -21.46
N ARG A 319 10.01 18.38 -21.37
CA ARG A 319 8.65 18.60 -21.82
C ARG A 319 8.48 20.10 -22.08
N VAL A 320 7.39 20.44 -22.77
CA VAL A 320 7.08 21.83 -23.07
C VAL A 320 5.84 22.23 -22.29
N GLN A 321 5.48 23.52 -22.39
CA GLN A 321 4.36 24.03 -21.62
C GLN A 321 3.38 24.79 -22.53
N PRO A 322 2.10 24.81 -22.18
CA PRO A 322 1.13 25.60 -22.95
C PRO A 322 1.46 27.08 -22.89
N THR A 323 1.17 27.80 -23.98
CA THR A 323 1.49 29.21 -24.02
C THR A 323 0.69 29.98 -22.98
N GLU A 324 -0.63 30.13 -23.17
CA GLU A 324 -1.52 30.53 -22.09
C GLU A 324 -2.69 29.56 -21.89
N SER A 325 -3.50 29.34 -22.92
CA SER A 325 -4.70 28.50 -22.89
C SER A 325 -5.36 28.60 -24.25
N ILE A 326 -6.41 27.80 -24.45
CA ILE A 326 -7.31 27.99 -25.58
C ILE A 326 -8.67 27.42 -25.21
N VAL A 327 -9.72 28.12 -25.66
CA VAL A 327 -11.10 27.74 -25.37
C VAL A 327 -11.92 27.89 -26.64
N ARG A 328 -12.75 26.89 -26.92
CA ARG A 328 -13.60 26.91 -28.11
C ARG A 328 -15.02 26.52 -27.69
N PHE A 329 -15.99 27.31 -28.12
CA PHE A 329 -17.40 27.11 -27.82
C PHE A 329 -18.21 27.22 -29.10
N PRO A 330 -19.38 26.59 -29.15
CA PRO A 330 -20.20 26.64 -30.38
C PRO A 330 -20.70 28.04 -30.66
N ASN A 331 -21.15 28.23 -31.89
CA ASN A 331 -21.66 29.52 -32.33
C ASN A 331 -22.90 29.91 -31.52
N ILE A 332 -23.06 31.22 -31.30
CA ILE A 332 -24.19 31.71 -30.52
C ILE A 332 -25.47 31.46 -31.30
N THR A 333 -26.43 30.82 -30.63
CA THR A 333 -27.72 30.50 -31.26
C THR A 333 -28.62 31.73 -31.24
N ASN A 334 -29.89 31.54 -31.56
CA ASN A 334 -30.84 32.64 -31.56
C ASN A 334 -31.00 33.21 -30.15
N LEU A 335 -30.94 34.53 -30.05
CA LEU A 335 -31.05 35.20 -28.77
C LEU A 335 -32.50 35.28 -28.32
N CYS A 336 -32.69 35.50 -27.02
CA CYS A 336 -34.04 35.64 -26.48
C CYS A 336 -34.68 36.92 -27.01
N PRO A 337 -35.94 36.87 -27.44
CA PRO A 337 -36.58 38.09 -27.97
C PRO A 337 -36.78 39.16 -26.91
N PHE A 338 -35.70 39.84 -26.52
CA PHE A 338 -35.79 40.91 -25.55
C PHE A 338 -36.35 42.21 -26.12
N GLY A 339 -36.46 42.30 -27.45
CA GLY A 339 -36.99 43.51 -28.06
C GLY A 339 -38.45 43.76 -27.68
N GLU A 340 -39.28 42.71 -27.77
CA GLU A 340 -40.68 42.85 -27.42
C GLU A 340 -40.89 43.05 -25.92
N VAL A 341 -39.86 42.86 -25.11
CA VAL A 341 -39.93 43.12 -23.68
C VAL A 341 -39.47 44.54 -23.35
N PHE A 342 -38.42 45.01 -24.01
CA PHE A 342 -37.84 46.32 -23.70
C PHE A 342 -38.48 47.44 -24.54
N ASN A 343 -38.37 47.35 -25.86
CA ASN A 343 -38.88 48.37 -26.76
C ASN A 343 -39.93 47.73 -27.67
N ALA A 344 -41.18 47.81 -27.25
CA ALA A 344 -42.31 47.25 -28.00
C ALA A 344 -43.34 48.34 -28.26
N THR A 345 -44.09 48.17 -29.35
CA THR A 345 -45.11 49.14 -29.71
C THR A 345 -46.21 49.22 -28.66
N ARG A 346 -46.64 48.08 -28.12
CA ARG A 346 -47.69 48.01 -27.12
C ARG A 346 -47.11 47.52 -25.80
N PHE A 347 -47.61 48.08 -24.70
CA PHE A 347 -47.17 47.71 -23.37
C PHE A 347 -48.38 47.40 -22.50
N ALA A 348 -48.22 46.42 -21.62
CA ALA A 348 -49.31 45.97 -20.77
C ALA A 348 -49.56 46.96 -19.63
N SER A 349 -50.78 46.93 -19.10
CA SER A 349 -51.17 47.79 -18.00
C SER A 349 -50.60 47.30 -16.68
N VAL A 350 -50.51 48.21 -15.72
CA VAL A 350 -49.91 47.88 -14.43
C VAL A 350 -50.73 46.81 -13.70
N TYR A 351 -52.06 46.87 -13.82
CA TYR A 351 -52.89 45.84 -13.23
C TYR A 351 -52.90 44.55 -14.05
N ALA A 352 -52.40 44.59 -15.27
CA ALA A 352 -52.36 43.44 -16.18
C ALA A 352 -50.96 43.29 -16.76
N TRP A 353 -49.95 43.34 -15.90
CA TRP A 353 -48.57 43.28 -16.35
C TRP A 353 -48.30 42.02 -17.17
N ASN A 354 -47.56 42.19 -18.26
CA ASN A 354 -47.31 41.09 -19.19
C ASN A 354 -46.31 40.12 -18.57
N ARG A 355 -46.71 38.87 -18.42
CA ARG A 355 -45.87 37.83 -17.85
C ARG A 355 -45.51 36.82 -18.93
N LYS A 356 -44.22 36.55 -19.08
CA LYS A 356 -43.72 35.62 -20.09
C LYS A 356 -42.71 34.68 -19.46
N ARG A 357 -42.63 33.47 -20.03
CA ARG A 357 -41.69 32.45 -19.58
C ARG A 357 -40.63 32.24 -20.65
N ILE A 358 -39.37 32.24 -20.23
CA ILE A 358 -38.22 32.09 -21.13
C ILE A 358 -37.45 30.86 -20.73
N SER A 359 -37.17 29.99 -21.70
CA SER A 359 -36.40 28.78 -21.49
C SER A 359 -35.81 28.34 -22.82
N ASN A 360 -34.78 27.50 -22.74
CA ASN A 360 -34.10 26.96 -23.92
C ASN A 360 -33.59 28.09 -24.84
N CYS A 361 -33.02 29.11 -24.22
CA CYS A 361 -32.51 30.25 -24.96
C CYS A 361 -31.32 30.85 -24.19
N VAL A 362 -30.49 31.59 -24.91
CA VAL A 362 -29.32 32.24 -24.34
C VAL A 362 -29.63 33.72 -24.13
N ALA A 363 -29.31 34.22 -22.95
CA ALA A 363 -29.62 35.61 -22.59
C ALA A 363 -28.37 36.46 -22.79
N ASP A 364 -28.36 37.23 -23.89
CA ASP A 364 -27.26 38.16 -24.17
C ASP A 364 -27.62 39.53 -23.62
N TYR A 365 -27.43 39.67 -22.30
CA TYR A 365 -27.77 40.90 -21.60
C TYR A 365 -26.71 41.97 -21.71
N SER A 366 -25.56 41.67 -22.31
CA SER A 366 -24.49 42.66 -22.40
C SER A 366 -24.89 43.84 -23.28
N VAL A 367 -25.70 43.59 -24.32
CA VAL A 367 -26.10 44.66 -25.23
C VAL A 367 -26.87 45.75 -24.49
N LEU A 368 -27.71 45.35 -23.54
CA LEU A 368 -28.44 46.33 -22.73
C LEU A 368 -27.64 46.79 -21.52
N TYR A 369 -26.71 45.96 -21.03
CA TYR A 369 -25.88 46.38 -19.90
C TYR A 369 -24.95 47.52 -20.29
N ASN A 370 -24.35 47.45 -21.48
CA ASN A 370 -23.43 48.50 -21.91
C ASN A 370 -24.16 49.79 -22.25
N SER A 371 -25.46 49.72 -22.55
CA SER A 371 -26.21 50.95 -22.88
C SER A 371 -26.28 51.88 -21.67
N ALA A 372 -26.53 51.32 -20.48
CA ALA A 372 -26.64 52.09 -19.24
C ALA A 372 -27.69 53.20 -19.36
N SER A 373 -28.80 52.88 -20.01
CA SER A 373 -29.90 53.83 -20.20
C SER A 373 -31.05 53.59 -19.24
N PHE A 374 -30.85 52.74 -18.23
CA PHE A 374 -31.91 52.40 -17.27
C PHE A 374 -31.61 53.07 -15.95
N SER A 375 -32.62 53.74 -15.38
CA SER A 375 -32.45 54.46 -14.13
C SER A 375 -32.21 53.51 -12.96
N THR A 376 -33.00 52.44 -12.88
CA THR A 376 -32.92 51.49 -11.77
C THR A 376 -32.47 50.13 -12.29
N PHE A 377 -31.46 49.56 -11.66
CA PHE A 377 -30.86 48.28 -12.02
C PHE A 377 -30.77 47.38 -10.79
N LYS A 378 -31.88 47.25 -10.07
CA LYS A 378 -31.86 46.65 -8.74
C LYS A 378 -31.89 45.13 -8.88
N CYS A 379 -30.72 44.50 -8.76
CA CYS A 379 -30.61 43.05 -8.84
C CYS A 379 -30.55 42.45 -7.44
N TYR A 380 -31.25 41.33 -7.25
CA TYR A 380 -31.36 40.68 -5.95
C TYR A 380 -30.90 39.23 -6.08
N GLY A 381 -30.01 38.81 -5.17
CA GLY A 381 -29.55 37.45 -5.10
C GLY A 381 -28.27 37.17 -5.86
N VAL A 382 -27.90 38.05 -6.81
CA VAL A 382 -26.68 37.86 -7.59
C VAL A 382 -26.23 39.22 -8.10
N SER A 383 -24.92 39.41 -8.13
CA SER A 383 -24.35 40.65 -8.64
C SER A 383 -24.53 40.74 -10.15
N PRO A 384 -24.65 41.95 -10.70
CA PRO A 384 -24.79 42.09 -12.15
C PRO A 384 -23.61 41.53 -12.93
N THR A 385 -22.40 41.59 -12.36
CA THR A 385 -21.22 41.13 -13.09
C THR A 385 -21.13 39.62 -13.12
N LYS A 386 -21.53 38.96 -12.03
CA LYS A 386 -21.31 37.53 -11.88
C LYS A 386 -22.53 36.68 -12.23
N LEU A 387 -23.58 37.28 -12.78
CA LEU A 387 -24.72 36.49 -13.20
C LEU A 387 -24.55 35.87 -14.58
N ASN A 388 -23.52 36.30 -15.33
CA ASN A 388 -23.31 35.75 -16.67
C ASN A 388 -22.95 34.27 -16.62
N ASP A 389 -22.07 33.88 -15.70
CA ASP A 389 -21.67 32.49 -15.54
C ASP A 389 -22.54 31.77 -14.51
N LEU A 390 -23.86 31.83 -14.70
CA LEU A 390 -24.80 31.17 -13.79
C LEU A 390 -26.04 30.79 -14.59
N CYS A 391 -26.34 29.50 -14.64
CA CYS A 391 -27.46 28.99 -15.42
C CYS A 391 -28.66 28.75 -14.54
N PHE A 392 -29.85 28.90 -15.12
CA PHE A 392 -31.12 28.72 -14.42
C PHE A 392 -32.06 27.91 -15.30
N THR A 393 -33.06 27.29 -14.66
CA THR A 393 -34.00 26.46 -15.41
C THR A 393 -34.99 27.29 -16.21
N ASN A 394 -35.49 28.39 -15.63
CA ASN A 394 -36.51 29.18 -16.29
C ASN A 394 -36.37 30.65 -15.90
N VAL A 395 -36.91 31.52 -16.76
CA VAL A 395 -36.91 32.96 -16.54
C VAL A 395 -38.33 33.47 -16.59
N TYR A 396 -38.72 34.28 -15.62
CA TYR A 396 -40.03 34.94 -15.60
C TYR A 396 -39.83 36.42 -15.87
N ALA A 397 -40.46 36.91 -16.94
CA ALA A 397 -40.36 38.30 -17.33
C ALA A 397 -41.71 38.97 -17.10
N ASP A 398 -41.74 39.94 -16.18
CA ASP A 398 -42.95 40.69 -15.86
C ASP A 398 -42.73 42.15 -16.24
N SER A 399 -43.43 42.61 -17.27
CA SER A 399 -43.28 43.97 -17.78
C SER A 399 -44.51 44.79 -17.48
N PHE A 400 -44.30 46.01 -17.01
CA PHE A 400 -45.40 46.93 -16.71
C PHE A 400 -44.87 48.36 -16.70
N VAL A 401 -45.77 49.31 -16.42
CA VAL A 401 -45.43 50.72 -16.34
C VAL A 401 -45.99 51.26 -15.02
N ILE A 402 -45.13 51.96 -14.26
CA ILE A 402 -45.54 52.51 -12.98
C ILE A 402 -45.10 53.97 -12.89
N ARG A 403 -45.30 54.58 -11.73
CA ARG A 403 -44.83 55.93 -11.47
C ARG A 403 -43.37 55.91 -11.02
N GLY A 404 -42.65 56.98 -11.38
CA GLY A 404 -41.24 57.05 -11.00
C GLY A 404 -41.03 57.15 -9.51
N ASP A 405 -41.92 57.84 -8.79
CA ASP A 405 -41.78 57.97 -7.35
C ASP A 405 -42.16 56.70 -6.60
N GLU A 406 -42.89 55.80 -7.24
CA GLU A 406 -43.35 54.58 -6.60
C GLU A 406 -42.37 53.42 -6.71
N VAL A 407 -41.22 53.63 -7.37
CA VAL A 407 -40.23 52.56 -7.51
C VAL A 407 -39.70 52.13 -6.15
N ARG A 408 -39.70 53.05 -5.18
CA ARG A 408 -39.28 52.69 -3.83
C ARG A 408 -40.20 51.64 -3.22
N GLN A 409 -41.47 51.62 -3.64
CA GLN A 409 -42.40 50.60 -3.18
C GLN A 409 -42.12 49.24 -3.80
N ILE A 410 -41.27 49.16 -4.82
CA ILE A 410 -40.95 47.89 -5.46
C ILE A 410 -39.90 47.16 -4.64
N ALA A 411 -40.34 46.32 -3.71
CA ALA A 411 -39.46 45.55 -2.86
C ALA A 411 -40.14 44.25 -2.48
N PRO A 412 -39.39 43.18 -2.23
CA PRO A 412 -40.03 41.92 -1.83
C PRO A 412 -40.64 42.02 -0.44
N GLY A 413 -41.94 41.76 -0.36
CA GLY A 413 -42.63 41.85 0.91
C GLY A 413 -42.87 43.25 1.41
N GLN A 414 -42.76 44.25 0.54
CA GLN A 414 -42.95 45.64 0.94
C GLN A 414 -44.41 45.88 1.33
N THR A 415 -44.60 46.72 2.35
CA THR A 415 -45.90 46.96 2.95
C THR A 415 -46.69 48.06 2.25
N GLY A 416 -46.14 48.64 1.18
CA GLY A 416 -46.82 49.72 0.49
C GLY A 416 -47.99 49.24 -0.36
N LYS A 417 -48.72 50.21 -0.91
CA LYS A 417 -49.89 49.90 -1.72
C LYS A 417 -49.49 49.20 -3.02
N ILE A 418 -48.38 49.63 -3.63
CA ILE A 418 -47.97 49.05 -4.92
C ILE A 418 -47.62 47.58 -4.76
N ALA A 419 -46.88 47.23 -3.70
CA ALA A 419 -46.44 45.85 -3.55
C ALA A 419 -47.57 44.94 -3.09
N ASP A 420 -48.44 45.43 -2.21
CA ASP A 420 -49.48 44.60 -1.62
C ASP A 420 -50.78 44.58 -2.42
N TYR A 421 -50.90 45.37 -3.47
CA TYR A 421 -52.13 45.44 -4.25
C TYR A 421 -51.94 45.33 -5.76
N ASN A 422 -50.73 45.53 -6.28
CA ASN A 422 -50.49 45.49 -7.71
C ASN A 422 -49.59 44.34 -8.12
N TYR A 423 -48.42 44.21 -7.49
CA TYR A 423 -47.47 43.14 -7.82
C TYR A 423 -46.77 42.71 -6.54
N LYS A 424 -46.94 41.44 -6.17
CA LYS A 424 -46.36 40.88 -4.96
C LYS A 424 -45.17 39.99 -5.32
N LEU A 425 -44.05 40.19 -4.61
CA LEU A 425 -42.84 39.41 -4.82
C LEU A 425 -42.72 38.32 -3.76
N PRO A 426 -42.15 37.17 -4.12
CA PRO A 426 -42.00 36.07 -3.16
C PRO A 426 -40.82 36.33 -2.22
N ASP A 427 -40.59 35.34 -1.34
CA ASP A 427 -39.50 35.40 -0.38
C ASP A 427 -38.18 34.89 -0.94
N ASP A 428 -38.19 34.34 -2.15
CA ASP A 428 -36.99 33.81 -2.79
C ASP A 428 -36.80 34.45 -4.16
N PHE A 429 -36.92 35.77 -4.22
CA PHE A 429 -36.79 36.52 -5.47
C PHE A 429 -35.31 36.62 -5.82
N THR A 430 -34.83 35.63 -6.56
CA THR A 430 -33.44 35.62 -7.03
C THR A 430 -33.37 36.14 -8.46
N GLY A 431 -33.71 37.42 -8.62
CA GLY A 431 -33.73 38.04 -9.93
C GLY A 431 -33.30 39.49 -9.92
N CYS A 432 -33.84 40.28 -10.86
CA CYS A 432 -33.47 41.67 -11.00
C CYS A 432 -34.66 42.47 -11.51
N VAL A 433 -34.61 43.78 -11.28
CA VAL A 433 -35.64 44.71 -11.70
C VAL A 433 -34.96 45.84 -12.46
N ILE A 434 -35.39 46.09 -13.69
CA ILE A 434 -34.83 47.12 -14.55
C ILE A 434 -35.92 48.14 -14.83
N ALA A 435 -35.68 49.39 -14.44
CA ALA A 435 -36.64 50.45 -14.61
C ALA A 435 -36.01 51.60 -15.38
N TRP A 436 -36.70 52.07 -16.41
CA TRP A 436 -36.17 53.16 -17.23
C TRP A 436 -37.29 54.13 -17.60
N ASN A 437 -36.92 55.39 -17.79
CA ASN A 437 -37.88 56.42 -18.13
C ASN A 437 -38.51 56.16 -19.50
N SER A 438 -39.77 56.54 -19.64
CA SER A 438 -40.55 56.29 -20.85
C SER A 438 -41.34 57.52 -21.25
N ASN A 439 -40.71 58.70 -21.20
CA ASN A 439 -41.40 59.93 -21.60
C ASN A 439 -41.57 60.04 -23.10
N ASN A 440 -40.79 59.29 -23.88
CA ASN A 440 -40.89 59.38 -25.34
C ASN A 440 -42.22 58.84 -25.83
N LEU A 441 -42.71 57.75 -25.25
CA LEU A 441 -43.92 57.08 -25.72
C LEU A 441 -45.06 57.14 -24.72
N ASP A 442 -44.80 56.89 -23.44
CA ASP A 442 -45.84 56.83 -22.42
C ASP A 442 -46.29 58.21 -21.94
N SER A 443 -45.60 59.27 -22.37
CA SER A 443 -45.97 60.62 -21.98
C SER A 443 -46.38 61.41 -23.22
N LYS A 444 -47.54 62.07 -23.13
CA LYS A 444 -48.06 62.85 -24.25
C LYS A 444 -48.97 63.93 -23.70
N VAL A 445 -49.26 64.91 -24.56
CA VAL A 445 -50.11 66.02 -24.16
C VAL A 445 -51.55 65.53 -23.99
N GLY A 446 -52.16 65.92 -22.86
CA GLY A 446 -53.52 65.53 -22.55
C GLY A 446 -53.64 64.39 -21.55
N GLY A 447 -52.53 63.80 -21.14
CA GLY A 447 -52.56 62.73 -20.16
C GLY A 447 -52.81 61.37 -20.79
N ASN A 448 -52.76 60.35 -19.94
CA ASN A 448 -52.97 58.97 -20.34
C ASN A 448 -54.23 58.43 -19.66
N TYR A 449 -55.09 57.78 -20.44
CA TYR A 449 -56.32 57.21 -19.91
C TYR A 449 -56.46 55.72 -20.25
N ASN A 450 -55.40 55.11 -20.76
CA ASN A 450 -55.41 53.70 -21.12
C ASN A 450 -54.89 52.80 -20.00
N TYR A 451 -54.56 53.35 -18.85
CA TYR A 451 -54.02 52.59 -17.73
C TYR A 451 -54.93 52.73 -16.51
N LEU A 452 -55.20 51.60 -15.86
CA LEU A 452 -56.01 51.57 -14.65
C LEU A 452 -55.20 50.96 -13.51
N TYR A 453 -55.57 51.32 -12.29
CA TYR A 453 -54.89 50.80 -11.11
C TYR A 453 -55.90 50.56 -10.00
N ARG A 454 -55.55 49.66 -9.10
CA ARG A 454 -56.38 49.29 -7.96
C ARG A 454 -55.69 49.69 -6.67
N LEU A 455 -56.44 50.36 -5.79
CA LEU A 455 -55.91 50.83 -4.51
C LEU A 455 -56.38 49.99 -3.32
N PHE A 456 -57.62 49.53 -3.34
CA PHE A 456 -58.20 48.77 -2.24
C PHE A 456 -58.51 47.35 -2.68
N ARG A 457 -58.18 46.39 -1.81
CA ARG A 457 -58.44 44.98 -2.08
C ARG A 457 -58.74 44.27 -0.77
N LYS A 458 -59.37 43.11 -0.88
CA LYS A 458 -59.73 42.34 0.31
C LYS A 458 -58.50 41.87 1.06
N SER A 459 -57.48 41.41 0.34
CA SER A 459 -56.28 40.88 0.97
C SER A 459 -55.10 41.08 0.03
N ASN A 460 -53.89 40.89 0.58
CA ASN A 460 -52.68 41.03 -0.20
C ASN A 460 -52.59 39.96 -1.27
N LEU A 461 -51.92 40.29 -2.37
CA LEU A 461 -51.79 39.37 -3.50
C LEU A 461 -50.95 38.16 -3.11
N LYS A 462 -51.39 36.99 -3.53
CA LYS A 462 -50.64 35.76 -3.28
C LYS A 462 -49.39 35.73 -4.16
N PRO A 463 -48.23 35.38 -3.61
CA PRO A 463 -47.02 35.28 -4.44
C PRO A 463 -47.18 34.24 -5.53
N PHE A 464 -46.58 34.53 -6.69
CA PHE A 464 -46.68 33.67 -7.88
C PHE A 464 -48.13 33.45 -8.30
N GLU A 465 -48.97 34.47 -8.10
CA GLU A 465 -50.38 34.39 -8.46
C GLU A 465 -50.84 35.75 -8.97
N ARG A 466 -51.57 35.73 -10.09
CA ARG A 466 -52.10 36.94 -10.69
C ARG A 466 -53.62 36.84 -10.77
N ASP A 467 -54.31 37.88 -10.30
CA ASP A 467 -55.77 37.91 -10.31
C ASP A 467 -56.24 39.29 -10.73
N ILE A 468 -57.26 39.32 -11.60
CA ILE A 468 -57.85 40.56 -12.07
C ILE A 468 -59.35 40.46 -11.86
N SER A 469 -59.91 41.42 -11.13
CA SER A 469 -61.35 41.42 -10.85
C SER A 469 -61.83 42.85 -10.67
N THR A 470 -63.13 43.04 -10.85
CA THR A 470 -63.76 44.35 -10.69
C THR A 470 -64.71 44.38 -9.49
N GLU A 471 -64.55 43.47 -8.54
CA GLU A 471 -65.42 43.43 -7.37
C GLU A 471 -65.18 44.66 -6.49
N ILE A 472 -66.27 45.32 -6.10
CA ILE A 472 -66.18 46.51 -5.28
C ILE A 472 -66.14 46.11 -3.81
N TYR A 473 -65.16 46.63 -3.08
CA TYR A 473 -65.05 46.37 -1.65
C TYR A 473 -66.28 46.92 -0.93
N GLN A 474 -66.87 46.11 -0.06
CA GLN A 474 -68.09 46.46 0.66
C GLN A 474 -67.87 46.30 2.16
N ALA A 475 -68.40 47.26 2.92
CA ALA A 475 -68.33 47.16 4.37
C ALA A 475 -69.22 46.03 4.87
N GLY A 476 -68.77 45.39 5.95
CA GLY A 476 -69.53 44.27 6.50
C GLY A 476 -70.87 44.70 7.06
N SER A 477 -70.94 45.90 7.65
CA SER A 477 -72.19 46.37 8.24
C SER A 477 -73.25 46.64 7.18
N THR A 478 -72.87 47.39 6.13
CA THR A 478 -73.81 47.78 5.07
C THR A 478 -73.17 47.52 3.71
N PRO A 479 -73.11 46.27 3.28
CA PRO A 479 -72.61 45.98 1.93
C PRO A 479 -73.58 46.48 0.86
N CYS A 480 -73.02 46.83 -0.30
CA CYS A 480 -73.82 47.35 -1.41
C CYS A 480 -74.12 46.27 -2.44
N ASN A 481 -73.08 45.70 -3.04
CA ASN A 481 -73.16 44.57 -3.97
C ASN A 481 -73.87 44.92 -5.28
N GLY A 482 -74.41 46.14 -5.39
CA GLY A 482 -75.12 46.51 -6.60
C GLY A 482 -74.97 47.96 -7.02
N VAL A 483 -74.19 48.74 -6.27
CA VAL A 483 -74.05 50.16 -6.55
C VAL A 483 -72.82 50.68 -5.82
N GLU A 484 -72.23 51.75 -6.36
CA GLU A 484 -71.09 52.41 -5.74
C GLU A 484 -71.61 53.43 -4.73
N GLY A 485 -72.18 52.93 -3.64
CA GLY A 485 -72.77 53.75 -2.61
C GLY A 485 -71.82 54.04 -1.47
N PHE A 486 -72.39 54.26 -0.30
CA PHE A 486 -71.59 54.54 0.90
C PHE A 486 -70.77 53.32 1.29
N ASN A 487 -69.51 53.56 1.67
CA ASN A 487 -68.57 52.51 2.04
C ASN A 487 -68.37 51.51 0.89
N CYS A 488 -68.54 51.97 -0.35
CA CYS A 488 -68.38 51.14 -1.52
C CYS A 488 -67.78 52.00 -2.62
N TYR A 489 -66.52 51.71 -2.98
CA TYR A 489 -65.80 52.48 -3.98
C TYR A 489 -65.25 51.55 -5.05
N PHE A 490 -65.17 52.05 -6.28
CA PHE A 490 -64.64 51.27 -7.38
C PHE A 490 -63.13 51.12 -7.24
N PRO A 491 -62.60 49.90 -7.17
CA PRO A 491 -61.14 49.74 -7.04
C PRO A 491 -60.36 50.30 -8.21
N LEU A 492 -60.91 50.27 -9.41
CA LEU A 492 -60.18 50.70 -10.59
C LEU A 492 -60.29 52.22 -10.77
N GLN A 493 -59.13 52.87 -10.90
CA GLN A 493 -59.09 54.31 -11.19
C GLN A 493 -58.05 54.55 -12.28
N SER A 494 -58.23 55.65 -13.00
CA SER A 494 -57.31 56.00 -14.08
C SER A 494 -55.92 56.31 -13.53
N TYR A 495 -54.91 56.05 -14.35
CA TYR A 495 -53.51 56.24 -13.97
C TYR A 495 -52.78 56.85 -15.16
N GLY A 496 -52.63 58.17 -15.15
CA GLY A 496 -51.97 58.86 -16.25
C GLY A 496 -51.13 60.01 -15.74
N PHE A 497 -50.20 60.44 -16.59
CA PHE A 497 -49.29 61.52 -16.27
C PHE A 497 -49.17 62.45 -17.47
N GLN A 498 -48.48 63.57 -17.26
CA GLN A 498 -48.28 64.58 -18.29
C GLN A 498 -46.80 64.95 -18.37
N PRO A 499 -46.34 65.40 -19.54
CA PRO A 499 -44.93 65.81 -19.64
C PRO A 499 -44.56 66.96 -18.73
N THR A 500 -45.53 67.82 -18.38
CA THR A 500 -45.25 68.95 -17.50
C THR A 500 -44.98 68.53 -16.07
N ASN A 501 -45.23 67.27 -15.71
CA ASN A 501 -44.98 66.80 -14.36
C ASN A 501 -43.49 66.70 -14.08
N GLY A 502 -43.16 66.53 -12.81
CA GLY A 502 -41.77 66.43 -12.40
C GLY A 502 -41.14 65.12 -12.83
N VAL A 503 -39.83 65.03 -12.59
CA VAL A 503 -39.07 63.85 -13.01
C VAL A 503 -39.57 62.61 -12.27
N GLY A 504 -39.83 62.73 -10.96
CA GLY A 504 -40.32 61.61 -10.19
C GLY A 504 -41.75 61.21 -10.52
N TYR A 505 -42.54 62.12 -11.08
CA TYR A 505 -43.92 61.82 -11.45
C TYR A 505 -44.06 61.26 -12.85
N GLN A 506 -42.99 61.23 -13.64
CA GLN A 506 -43.08 60.72 -14.99
C GLN A 506 -43.22 59.19 -14.97
N PRO A 507 -43.94 58.63 -15.94
CA PRO A 507 -44.07 57.17 -16.00
C PRO A 507 -42.73 56.50 -16.30
N TYR A 508 -42.56 55.31 -15.73
CA TYR A 508 -41.34 54.52 -15.90
C TYR A 508 -41.72 53.10 -16.25
N ARG A 509 -41.05 52.54 -17.26
CA ARG A 509 -41.25 51.15 -17.64
C ARG A 509 -40.37 50.26 -16.78
N VAL A 510 -40.97 49.24 -16.17
CA VAL A 510 -40.30 48.34 -15.25
C VAL A 510 -40.46 46.91 -15.73
N VAL A 511 -39.34 46.21 -15.85
CA VAL A 511 -39.30 44.80 -16.23
C VAL A 511 -38.60 44.03 -15.13
N VAL A 512 -39.26 43.02 -14.59
CA VAL A 512 -38.71 42.16 -13.56
C VAL A 512 -38.33 40.83 -14.21
N LEU A 513 -37.05 40.49 -14.16
CA LEU A 513 -36.53 39.24 -14.69
C LEU A 513 -36.14 38.37 -13.50
N SER A 514 -36.94 37.33 -13.24
CA SER A 514 -36.72 36.42 -12.11
C SER A 514 -36.14 35.12 -12.67
N PHE A 515 -34.96 34.75 -12.19
CA PHE A 515 -34.29 33.53 -12.64
C PHE A 515 -34.58 32.42 -11.63
N GLU A 516 -35.50 31.52 -11.97
CA GLU A 516 -35.93 30.49 -11.04
C GLU A 516 -35.02 29.28 -11.12
N LEU A 517 -34.98 28.52 -10.03
CA LEU A 517 -34.18 27.31 -9.93
C LEU A 517 -35.05 26.17 -9.44
N LEU A 518 -35.03 25.04 -10.15
CA LEU A 518 -35.79 23.86 -9.78
C LEU A 518 -34.95 22.62 -10.07
N HIS A 519 -35.53 21.45 -9.80
CA HIS A 519 -34.85 20.20 -10.07
C HIS A 519 -34.67 19.93 -11.56
N ALA A 520 -35.41 20.61 -12.42
CA ALA A 520 -35.24 20.45 -13.85
C ALA A 520 -33.88 20.99 -14.30
N PRO A 521 -33.28 20.40 -15.33
CA PRO A 521 -32.00 20.91 -15.82
C PRO A 521 -32.09 22.35 -16.29
N ALA A 522 -31.00 23.09 -16.11
CA ALA A 522 -30.97 24.49 -16.50
C ALA A 522 -31.13 24.63 -18.01
N THR A 523 -31.91 25.64 -18.42
CA THR A 523 -32.20 25.87 -19.82
C THR A 523 -31.66 27.19 -20.37
N VAL A 524 -31.40 28.18 -19.51
CA VAL A 524 -30.91 29.47 -19.93
C VAL A 524 -29.53 29.70 -19.31
N CYS A 525 -28.59 30.18 -20.12
CA CYS A 525 -27.23 30.45 -19.68
C CYS A 525 -26.77 31.75 -20.32
N GLY A 526 -25.47 32.02 -20.21
CA GLY A 526 -24.90 33.22 -20.78
C GLY A 526 -23.96 32.90 -21.93
N PRO A 527 -23.74 33.88 -22.82
CA PRO A 527 -22.85 33.64 -23.96
C PRO A 527 -21.39 33.55 -23.55
N LYS A 528 -20.84 32.34 -23.58
CA LYS A 528 -19.46 32.13 -23.20
C LYS A 528 -18.52 32.66 -24.28
N LYS A 529 -17.41 33.25 -23.84
CA LYS A 529 -16.43 33.79 -24.78
C LYS A 529 -15.72 32.68 -25.54
N SER A 530 -15.53 32.90 -26.84
CA SER A 530 -14.83 31.94 -27.70
C SER A 530 -13.64 32.64 -28.34
N THR A 531 -12.47 32.00 -28.28
CA THR A 531 -11.25 32.57 -28.82
C THR A 531 -10.91 31.93 -30.16
N ASN A 532 -9.79 32.36 -30.73
CA ASN A 532 -9.35 31.83 -32.01
C ASN A 532 -8.80 30.41 -31.86
N LEU A 533 -8.49 29.79 -33.00
CA LEU A 533 -8.01 28.42 -33.04
C LEU A 533 -6.54 28.40 -33.41
N VAL A 534 -5.74 27.67 -32.65
CA VAL A 534 -4.31 27.53 -32.90
C VAL A 534 -3.99 26.05 -33.10
N LYS A 535 -3.11 25.78 -34.07
CA LYS A 535 -2.70 24.44 -34.42
C LYS A 535 -1.19 24.33 -34.40
N ASN A 536 -0.70 23.10 -34.27
CA ASN A 536 0.74 22.79 -34.26
C ASN A 536 1.45 23.56 -33.14
N LYS A 537 0.82 23.64 -31.98
CA LYS A 537 1.41 24.33 -30.84
C LYS A 537 0.88 23.68 -29.56
N CYS A 538 1.75 23.50 -28.58
CA CYS A 538 1.32 22.94 -27.30
C CYS A 538 0.45 23.94 -26.57
N VAL A 539 -0.69 23.48 -26.07
CA VAL A 539 -1.64 24.35 -25.40
C VAL A 539 -2.63 23.48 -24.61
N ASN A 540 -3.19 24.06 -23.56
CA ASN A 540 -4.38 23.50 -22.94
C ASN A 540 -5.60 23.90 -23.75
N PHE A 541 -6.54 22.97 -23.89
CA PHE A 541 -7.77 23.21 -24.63
C PHE A 541 -8.96 22.98 -23.72
N ASN A 542 -10.00 23.81 -23.92
CA ASN A 542 -11.22 23.74 -23.14
C ASN A 542 -12.39 23.56 -24.11
N PHE A 543 -12.26 22.57 -24.99
CA PHE A 543 -13.17 22.41 -26.12
C PHE A 543 -14.52 21.90 -25.63
N ASN A 544 -15.51 22.80 -25.57
CA ASN A 544 -16.90 22.45 -25.27
C ASN A 544 -17.01 21.69 -23.95
N GLY A 545 -16.27 22.15 -22.94
CA GLY A 545 -16.28 21.52 -21.64
C GLY A 545 -15.27 20.40 -21.45
N LEU A 546 -14.60 19.98 -22.53
CA LEU A 546 -13.55 18.97 -22.44
C LEU A 546 -12.23 19.69 -22.24
N THR A 547 -11.63 19.51 -21.07
CA THR A 547 -10.39 20.18 -20.69
C THR A 547 -9.23 19.20 -20.80
N GLY A 548 -8.18 19.62 -21.49
CA GLY A 548 -7.02 18.77 -21.66
C GLY A 548 -5.81 19.56 -22.11
N THR A 549 -4.73 18.84 -22.42
CA THR A 549 -3.51 19.44 -22.88
C THR A 549 -3.03 18.70 -24.12
N GLY A 550 -2.33 19.41 -25.00
CA GLY A 550 -1.70 18.76 -26.13
C GLY A 550 -1.53 19.71 -27.30
N VAL A 551 -1.34 19.10 -28.47
CA VAL A 551 -1.17 19.80 -29.74
C VAL A 551 -2.31 19.41 -30.66
N LEU A 552 -2.96 20.41 -31.25
CA LEU A 552 -4.06 20.20 -32.17
C LEU A 552 -3.55 20.21 -33.60
N THR A 553 -3.94 19.20 -34.38
CA THR A 553 -3.52 19.07 -35.76
C THR A 553 -4.71 18.68 -36.62
N GLU A 554 -4.57 18.91 -37.93
CA GLU A 554 -5.63 18.54 -38.86
C GLU A 554 -5.76 17.02 -38.95
N SER A 555 -7.00 16.55 -39.02
CA SER A 555 -7.29 15.12 -39.08
C SER A 555 -8.26 14.85 -40.22
N ASN A 556 -8.13 13.66 -40.81
CA ASN A 556 -8.96 13.24 -41.92
C ASN A 556 -10.11 12.33 -41.50
N LYS A 557 -10.35 12.20 -40.19
CA LYS A 557 -11.43 11.36 -39.71
C LYS A 557 -12.78 11.93 -40.13
N LYS A 558 -13.69 11.04 -40.54
CA LYS A 558 -15.02 11.43 -41.01
C LYS A 558 -16.02 11.14 -39.89
N PHE A 559 -16.21 12.12 -39.01
CA PHE A 559 -17.14 11.98 -37.91
C PHE A 559 -18.59 12.06 -38.41
N LEU A 560 -19.45 11.21 -37.86
CA LEU A 560 -20.87 11.35 -38.11
C LEU A 560 -21.39 12.61 -37.43
N PRO A 561 -22.39 13.28 -38.00
CA PRO A 561 -22.77 14.60 -37.50
C PRO A 561 -23.56 14.57 -36.20
N PHE A 562 -23.16 13.72 -35.26
CA PHE A 562 -23.74 13.77 -33.92
C PHE A 562 -22.70 13.57 -32.81
N GLN A 563 -21.42 13.47 -33.15
CA GLN A 563 -20.37 13.22 -32.16
C GLN A 563 -19.52 14.46 -31.94
N GLN A 564 -18.85 14.49 -30.79
CA GLN A 564 -17.89 15.54 -30.47
C GLN A 564 -16.57 15.02 -29.92
N PHE A 565 -16.51 13.78 -29.44
CA PHE A 565 -15.32 13.22 -28.83
C PHE A 565 -14.86 11.98 -29.61
N GLY A 566 -13.56 11.71 -29.53
CA GLY A 566 -13.01 10.50 -30.08
C GLY A 566 -12.29 9.69 -29.02
N ARG A 567 -12.40 8.37 -29.13
CA ARG A 567 -11.80 7.47 -28.17
C ARG A 567 -11.12 6.31 -28.89
N ASP A 568 -10.14 5.74 -28.22
CA ASP A 568 -9.35 4.61 -28.73
C ASP A 568 -9.51 3.41 -27.81
N ILE A 569 -8.70 2.38 -28.06
CA ILE A 569 -8.71 1.19 -27.21
C ILE A 569 -8.35 1.56 -25.77
N ALA A 570 -7.39 2.48 -25.61
CA ALA A 570 -6.99 2.94 -24.29
C ALA A 570 -8.04 3.82 -23.62
N ASP A 571 -9.09 4.20 -24.35
CA ASP A 571 -10.17 5.03 -23.81
C ASP A 571 -9.66 6.39 -23.38
N THR A 572 -9.01 7.09 -24.31
CA THR A 572 -8.53 8.44 -24.09
C THR A 572 -8.92 9.31 -25.27
N THR A 573 -8.98 10.62 -25.04
CA THR A 573 -9.39 11.54 -26.08
C THR A 573 -8.37 11.56 -27.22
N ASP A 574 -8.86 11.40 -28.44
CA ASP A 574 -8.01 11.41 -29.63
C ASP A 574 -8.36 12.52 -30.61
N ALA A 575 -9.64 12.76 -30.86
CA ALA A 575 -10.07 13.80 -31.78
C ALA A 575 -11.25 14.55 -31.19
N VAL A 576 -11.38 15.82 -31.58
CA VAL A 576 -12.46 16.68 -31.12
C VAL A 576 -13.04 17.40 -32.33
N ARG A 577 -14.36 17.41 -32.44
CA ARG A 577 -15.03 18.17 -33.48
C ARG A 577 -15.11 19.63 -33.07
N ASP A 578 -14.76 20.52 -33.99
CA ASP A 578 -14.82 21.96 -33.71
C ASP A 578 -16.27 22.40 -33.64
N PRO A 579 -16.72 22.98 -32.51
CA PRO A 579 -18.15 23.35 -32.42
C PRO A 579 -18.51 24.58 -33.22
N GLN A 580 -17.55 25.47 -33.49
CA GLN A 580 -17.87 26.68 -34.26
C GLN A 580 -18.17 26.34 -35.70
N THR A 581 -17.20 25.75 -36.40
CA THR A 581 -17.38 25.31 -37.78
C THR A 581 -16.91 23.87 -37.90
N LEU A 582 -17.42 23.17 -38.92
CA LEU A 582 -17.33 21.71 -38.99
C LEU A 582 -15.95 21.28 -39.45
N GLU A 583 -15.17 20.75 -38.50
CA GLU A 583 -13.93 20.04 -38.78
C GLU A 583 -13.54 19.24 -37.55
N ILE A 584 -12.62 18.30 -37.74
CA ILE A 584 -12.14 17.42 -36.68
C ILE A 584 -10.66 17.66 -36.48
N LEU A 585 -10.25 17.89 -35.23
CA LEU A 585 -8.86 18.14 -34.89
C LEU A 585 -8.36 17.03 -33.99
N ASP A 586 -7.21 16.47 -34.34
CA ASP A 586 -6.58 15.42 -33.55
C ASP A 586 -5.65 16.03 -32.49
N ILE A 587 -5.63 15.41 -31.32
CA ILE A 587 -4.85 15.87 -30.19
C ILE A 587 -3.69 14.90 -29.98
N THR A 588 -2.48 15.44 -29.89
CA THR A 588 -1.29 14.63 -29.71
C THR A 588 -0.47 15.13 -28.53
N PRO A 589 0.27 14.25 -27.87
CA PRO A 589 1.20 14.70 -26.83
C PRO A 589 2.27 15.61 -27.42
N CYS A 590 2.54 16.72 -26.73
CA CYS A 590 3.35 17.79 -27.31
C CYS A 590 4.78 17.38 -27.60
N SER A 591 5.57 17.17 -26.54
CA SER A 591 6.99 16.84 -26.74
C SER A 591 7.53 15.87 -25.69
N PHE A 592 6.68 15.14 -24.97
CA PHE A 592 7.14 14.37 -23.82
C PHE A 592 8.16 13.32 -24.24
N GLY A 593 9.17 13.14 -23.39
CA GLY A 593 10.23 12.19 -23.67
C GLY A 593 11.35 12.34 -22.68
N GLY A 594 12.44 11.61 -22.94
CA GLY A 594 13.59 11.64 -22.07
C GLY A 594 14.83 12.20 -22.75
N VAL A 595 15.86 12.50 -21.96
CA VAL A 595 17.13 13.02 -22.47
C VAL A 595 18.25 12.11 -22.03
N SER A 596 19.17 11.82 -22.95
CA SER A 596 20.34 11.00 -22.69
C SER A 596 21.59 11.73 -23.14
N VAL A 597 22.70 11.46 -22.45
CA VAL A 597 23.97 12.12 -22.73
C VAL A 597 24.92 11.08 -23.31
N ILE A 598 25.42 11.35 -24.50
CA ILE A 598 26.41 10.49 -25.16
C ILE A 598 27.78 11.09 -24.90
N THR A 599 28.55 10.45 -24.04
CA THR A 599 29.86 10.96 -23.64
C THR A 599 30.89 9.85 -23.66
N PRO A 600 32.13 10.16 -24.03
CA PRO A 600 33.22 9.19 -23.88
C PRO A 600 33.77 9.20 -22.46
N GLY A 601 34.87 8.48 -22.23
CA GLY A 601 35.48 8.49 -20.92
C GLY A 601 35.95 9.89 -20.54
N THR A 602 35.88 10.18 -19.24
CA THR A 602 36.25 11.50 -18.76
C THR A 602 37.72 11.80 -19.02
N ASN A 603 38.59 10.82 -18.81
CA ASN A 603 40.01 11.01 -19.09
C ASN A 603 40.28 11.18 -20.57
N THR A 604 39.50 10.52 -21.43
CA THR A 604 39.72 10.62 -22.86
C THR A 604 39.44 12.01 -23.38
N SER A 605 38.27 12.58 -23.03
CA SER A 605 37.89 13.90 -23.50
C SER A 605 36.77 14.42 -22.63
N ASN A 606 36.44 15.70 -22.82
CA ASN A 606 35.37 16.35 -22.09
C ASN A 606 34.16 16.68 -22.95
N GLN A 607 34.29 16.65 -24.28
CA GLN A 607 33.17 16.93 -25.17
C GLN A 607 32.11 15.82 -25.03
N VAL A 608 30.84 16.24 -25.04
CA VAL A 608 29.72 15.34 -24.84
C VAL A 608 28.71 15.56 -25.97
N ALA A 609 27.78 14.62 -26.10
CA ALA A 609 26.69 14.72 -27.06
C ALA A 609 25.37 14.54 -26.33
N VAL A 610 24.32 15.16 -26.86
CA VAL A 610 23.01 15.21 -26.23
C VAL A 610 22.01 14.53 -27.14
N LEU A 611 21.21 13.62 -26.57
CA LEU A 611 20.15 12.92 -27.30
C LEU A 611 18.82 13.19 -26.61
N TYR A 612 17.86 13.70 -27.37
CA TYR A 612 16.49 13.91 -26.90
C TYR A 612 15.61 12.83 -27.52
N GLN A 613 15.06 11.96 -26.67
CA GLN A 613 14.32 10.81 -27.16
C GLN A 613 12.94 11.21 -27.68
N ASP A 614 12.60 10.74 -28.87
CA ASP A 614 11.27 10.86 -29.45
C ASP A 614 10.82 12.32 -29.54
N VAL A 615 11.57 13.09 -30.34
CA VAL A 615 11.22 14.48 -30.62
C VAL A 615 11.93 14.90 -31.89
N ASN A 616 11.30 15.78 -32.66
CA ASN A 616 11.91 16.34 -33.85
C ASN A 616 12.91 17.41 -33.47
N CYS A 617 13.86 17.68 -34.38
CA CYS A 617 14.88 18.68 -34.14
C CYS A 617 14.39 20.06 -34.56
N THR A 618 13.24 20.47 -34.07
CA THR A 618 12.66 21.77 -34.35
C THR A 618 12.23 22.52 -33.10
N GLU A 619 11.73 21.81 -32.08
CA GLU A 619 11.25 22.43 -30.86
C GLU A 619 12.22 22.29 -29.70
N VAL A 620 13.50 22.01 -29.99
CA VAL A 620 14.49 21.88 -28.92
C VAL A 620 14.62 23.16 -28.10
N PRO A 621 14.75 24.35 -28.68
CA PRO A 621 14.79 25.56 -27.85
C PRO A 621 13.54 25.77 -27.02
N VAL A 622 12.38 25.33 -27.51
CA VAL A 622 11.14 25.48 -26.77
C VAL A 622 11.15 24.62 -25.51
N ALA A 623 11.74 23.42 -25.58
CA ALA A 623 11.67 22.47 -24.49
C ALA A 623 12.57 22.88 -23.32
N ILE A 624 12.17 23.92 -22.60
CA ILE A 624 12.89 24.44 -21.44
C ILE A 624 14.35 24.68 -21.82
N HIS A 625 14.57 25.41 -22.91
CA HIS A 625 15.89 25.78 -23.36
C HIS A 625 15.94 27.28 -23.63
N ALA A 626 17.14 27.76 -23.97
CA ALA A 626 17.40 29.19 -24.21
C ALA A 626 17.14 30.02 -22.96
N ASP A 627 16.94 29.36 -21.82
CA ASP A 627 16.77 30.02 -20.54
C ASP A 627 17.77 29.57 -19.49
N GLN A 628 18.51 28.49 -19.75
CA GLN A 628 19.54 28.01 -18.84
C GLN A 628 20.81 28.82 -19.02
N LEU A 629 21.92 28.33 -18.47
CA LEU A 629 23.21 29.02 -18.59
C LEU A 629 23.57 29.23 -20.06
N THR A 630 23.58 30.50 -20.49
CA THR A 630 23.85 30.80 -21.90
C THR A 630 25.22 30.35 -22.39
N PRO A 631 26.34 30.58 -21.68
CA PRO A 631 27.64 30.25 -22.28
C PRO A 631 27.97 28.77 -22.27
N THR A 632 27.12 27.91 -21.70
CA THR A 632 27.43 26.50 -21.61
C THR A 632 26.34 25.64 -22.26
N TRP A 633 25.08 26.02 -22.09
CA TRP A 633 23.96 25.22 -22.57
C TRP A 633 23.46 25.63 -23.95
N ARG A 634 23.73 26.86 -24.39
CA ARG A 634 23.28 27.28 -25.71
C ARG A 634 24.00 26.50 -26.80
N VAL A 635 25.30 26.23 -26.62
CA VAL A 635 26.06 25.51 -27.62
C VAL A 635 25.58 24.06 -27.76
N TYR A 636 24.91 23.53 -26.75
CA TYR A 636 24.38 22.17 -26.80
C TYR A 636 22.90 22.09 -27.13
N SER A 637 22.13 23.13 -26.83
CA SER A 637 20.72 23.13 -27.20
C SER A 637 20.55 23.37 -28.69
N THR A 638 21.33 24.27 -29.27
CA THR A 638 21.25 24.56 -30.69
C THR A 638 22.63 24.45 -31.34
N GLY A 639 22.74 24.81 -32.62
CA GLY A 639 24.01 24.75 -33.31
C GLY A 639 23.98 23.91 -34.56
N SER A 640 25.16 23.48 -35.01
CA SER A 640 25.31 22.67 -36.20
C SER A 640 25.37 21.20 -35.81
N ASN A 641 25.71 20.35 -36.79
CA ASN A 641 25.82 18.89 -36.64
C ASN A 641 24.67 18.33 -35.81
N VAL A 642 23.44 18.57 -36.29
CA VAL A 642 22.24 18.02 -35.69
C VAL A 642 21.68 16.97 -36.64
N PHE A 643 21.61 15.73 -36.17
CA PHE A 643 21.17 14.60 -36.99
C PHE A 643 19.96 13.96 -36.35
N GLN A 644 18.93 13.70 -37.16
CA GLN A 644 17.66 13.15 -36.70
C GLN A 644 17.76 11.63 -36.69
N THR A 645 17.87 11.06 -35.50
CA THR A 645 17.86 9.61 -35.31
C THR A 645 16.43 9.14 -35.07
N ARG A 646 16.15 7.91 -35.50
CA ARG A 646 14.83 7.32 -35.25
C ARG A 646 14.53 7.25 -33.76
N ALA A 647 15.55 7.00 -32.94
CA ALA A 647 15.36 7.00 -31.50
C ALA A 647 14.99 8.39 -31.00
N GLY A 648 15.63 9.43 -31.54
CA GLY A 648 15.33 10.78 -31.13
C GLY A 648 16.30 11.76 -31.77
N CYS A 649 16.19 13.02 -31.34
CA CYS A 649 17.04 14.07 -31.87
C CYS A 649 18.37 14.09 -31.13
N LEU A 650 19.47 14.12 -31.91
CA LEU A 650 20.81 14.10 -31.36
C LEU A 650 21.54 15.37 -31.78
N ILE A 651 22.18 16.03 -30.81
CA ILE A 651 22.93 17.26 -31.05
C ILE A 651 24.33 17.08 -30.46
N GLY A 652 25.35 17.46 -31.23
CA GLY A 652 26.73 17.37 -30.79
C GLY A 652 27.59 16.40 -31.58
N ALA A 653 27.00 15.52 -32.39
CA ALA A 653 27.74 14.56 -33.17
C ALA A 653 27.48 14.80 -34.65
N GLU A 654 28.50 14.50 -35.46
CA GLU A 654 28.42 14.68 -36.91
C GLU A 654 28.06 13.35 -37.56
N HIS A 655 27.08 13.39 -38.47
CA HIS A 655 26.69 12.19 -39.18
C HIS A 655 27.80 11.71 -40.11
N VAL A 656 28.03 10.40 -40.10
CA VAL A 656 29.08 9.78 -40.91
C VAL A 656 28.45 8.69 -41.76
N ASN A 657 28.72 8.73 -43.06
CA ASN A 657 28.16 7.75 -43.99
C ASN A 657 28.87 6.39 -43.92
N ASN A 658 29.99 6.30 -43.18
CA ASN A 658 30.72 5.06 -43.07
C ASN A 658 30.02 4.11 -42.09
N SER A 659 30.66 2.98 -41.83
CA SER A 659 30.11 1.98 -40.90
C SER A 659 31.28 1.35 -40.15
N TYR A 660 31.43 1.70 -38.89
CA TYR A 660 32.52 1.22 -38.05
C TYR A 660 31.96 0.36 -36.91
N GLU A 661 32.86 -0.36 -36.25
CA GLU A 661 32.51 -1.12 -35.05
C GLU A 661 32.29 -0.12 -33.93
N CYS A 662 31.01 0.18 -33.66
CA CYS A 662 30.66 1.25 -32.75
C CYS A 662 30.82 0.81 -31.29
N ASP A 663 30.75 1.79 -30.39
CA ASP A 663 30.90 1.53 -28.97
C ASP A 663 29.83 2.22 -28.14
N ILE A 664 29.12 3.19 -28.71
CA ILE A 664 28.01 3.82 -27.99
C ILE A 664 26.73 3.65 -28.80
N PRO A 665 25.95 2.58 -28.60
CA PRO A 665 24.76 2.35 -29.42
C PRO A 665 23.60 3.23 -28.97
N ILE A 666 23.27 4.24 -29.80
CA ILE A 666 22.16 5.13 -29.47
C ILE A 666 20.84 4.40 -29.62
N GLY A 667 20.67 3.66 -30.69
CA GLY A 667 19.46 2.90 -30.96
C GLY A 667 19.09 2.94 -32.43
N ALA A 668 18.20 2.04 -32.83
CA ALA A 668 17.70 1.95 -34.20
C ALA A 668 18.85 1.76 -35.20
N GLY A 669 19.84 0.97 -34.81
CA GLY A 669 20.98 0.74 -35.67
C GLY A 669 21.94 1.90 -35.79
N ILE A 670 21.81 2.91 -34.93
CA ILE A 670 22.65 4.10 -34.98
C ILE A 670 23.61 4.07 -33.79
N CYS A 671 24.87 4.41 -34.05
CA CYS A 671 25.89 4.37 -33.02
C CYS A 671 26.67 5.67 -33.01
N ALA A 672 27.40 5.88 -31.93
CA ALA A 672 28.27 7.04 -31.76
C ALA A 672 29.59 6.56 -31.16
N SER A 673 30.66 7.25 -31.54
CA SER A 673 32.01 6.94 -31.07
C SER A 673 32.84 8.21 -31.06
N TYR A 674 33.81 8.25 -30.14
CA TYR A 674 34.68 9.43 -30.05
C TYR A 674 35.72 9.44 -31.16
N GLN A 675 36.15 8.27 -31.62
CA GLN A 675 37.15 8.20 -32.68
C GLN A 675 36.58 8.73 -33.99
N THR A 676 37.42 9.43 -34.74
CA THR A 676 37.02 10.00 -36.01
C THR A 676 36.94 8.93 -37.09
N SER A 689 41.83 17.17 -33.57
CA SER A 689 40.53 17.48 -34.14
C SER A 689 39.53 16.35 -33.87
N GLN A 690 39.84 15.51 -32.91
CA GLN A 690 38.95 14.41 -32.55
C GLN A 690 37.67 14.93 -31.91
N SER A 691 36.55 14.33 -32.29
CA SER A 691 35.26 14.74 -31.76
C SER A 691 34.30 13.56 -31.83
N ILE A 692 33.24 13.63 -31.01
CA ILE A 692 32.21 12.60 -31.02
C ILE A 692 31.50 12.64 -32.36
N ILE A 693 31.27 11.46 -32.95
CA ILE A 693 30.60 11.34 -34.23
C ILE A 693 29.56 10.23 -34.14
N ALA A 694 28.58 10.30 -35.05
CA ALA A 694 27.51 9.33 -35.12
C ALA A 694 27.43 8.76 -36.53
N TYR A 695 27.08 7.48 -36.61
CA TYR A 695 27.01 6.76 -37.88
C TYR A 695 26.12 5.54 -37.70
N THR A 696 26.16 4.63 -38.66
CA THR A 696 25.43 3.38 -38.60
C THR A 696 26.40 2.26 -38.26
N MET A 697 26.01 1.40 -37.31
CA MET A 697 26.89 0.34 -36.86
C MET A 697 27.16 -0.64 -37.99
N SER A 698 28.36 -1.21 -37.99
CA SER A 698 28.78 -2.19 -38.99
C SER A 698 28.74 -3.57 -38.36
N LEU A 699 28.20 -4.54 -39.09
CA LEU A 699 28.09 -5.90 -38.59
C LEU A 699 29.38 -6.67 -38.84
N GLY A 700 30.51 -6.12 -38.40
CA GLY A 700 31.80 -6.74 -38.60
C GLY A 700 32.31 -6.60 -40.02
N ALA A 701 33.47 -7.19 -40.26
CA ALA A 701 34.07 -7.13 -41.59
C ALA A 701 33.32 -8.02 -42.56
N GLU A 702 33.13 -7.52 -43.78
CA GLU A 702 32.47 -8.31 -44.81
C GLU A 702 33.39 -9.42 -45.31
N ASN A 703 32.84 -10.62 -45.47
CA ASN A 703 33.61 -11.77 -45.91
C ASN A 703 32.86 -12.47 -47.04
N SER A 704 33.64 -13.08 -47.94
CA SER A 704 33.09 -13.80 -49.10
C SER A 704 33.93 -15.05 -49.30
N VAL A 705 33.37 -16.20 -48.93
CA VAL A 705 34.06 -17.48 -49.05
C VAL A 705 33.69 -18.10 -50.40
N ALA A 706 34.70 -18.42 -51.20
CA ALA A 706 34.46 -19.04 -52.49
C ALA A 706 33.91 -20.44 -52.32
N TYR A 707 32.93 -20.80 -53.15
CA TYR A 707 32.28 -22.10 -53.10
C TYR A 707 32.39 -22.79 -54.45
N SER A 708 32.66 -24.09 -54.41
CA SER A 708 32.71 -24.90 -55.63
C SER A 708 32.31 -26.32 -55.28
N ASN A 709 31.86 -27.05 -56.31
CA ASN A 709 31.40 -28.42 -56.11
C ASN A 709 32.55 -29.39 -55.85
N ASN A 710 33.81 -28.98 -56.09
CA ASN A 710 34.93 -29.88 -55.88
C ASN A 710 36.12 -29.19 -55.21
N SER A 711 35.91 -28.06 -54.55
CA SER A 711 36.97 -27.32 -53.88
C SER A 711 36.79 -27.41 -52.38
N ILE A 712 37.85 -27.83 -51.68
CA ILE A 712 37.82 -28.00 -50.24
C ILE A 712 39.01 -27.27 -49.64
N ALA A 713 38.91 -26.96 -48.35
CA ALA A 713 39.97 -26.31 -47.60
C ALA A 713 40.32 -27.17 -46.39
N ILE A 714 41.59 -27.51 -46.27
CA ILE A 714 42.10 -28.32 -45.16
C ILE A 714 43.13 -27.49 -44.43
N PRO A 715 42.99 -27.29 -43.11
CA PRO A 715 43.97 -26.45 -42.40
C PRO A 715 45.34 -27.08 -42.36
N THR A 716 46.37 -26.23 -42.34
CA THR A 716 47.75 -26.67 -42.29
C THR A 716 48.42 -26.37 -40.95
N ASN A 717 47.86 -25.46 -40.16
CA ASN A 717 48.44 -25.13 -38.86
C ASN A 717 47.31 -24.89 -37.87
N PHE A 718 47.61 -25.09 -36.59
CA PHE A 718 46.62 -25.00 -35.54
C PHE A 718 47.16 -24.15 -34.39
N THR A 719 46.24 -23.75 -33.50
CA THR A 719 46.58 -22.95 -32.34
C THR A 719 45.77 -23.43 -31.14
N ILE A 720 46.36 -23.28 -29.97
CA ILE A 720 45.72 -23.58 -28.69
C ILE A 720 45.29 -22.25 -28.10
N SER A 721 43.98 -22.03 -27.97
CA SER A 721 43.44 -20.75 -27.55
C SER A 721 42.75 -20.89 -26.20
N VAL A 722 43.02 -19.96 -25.30
CA VAL A 722 42.39 -19.91 -23.98
C VAL A 722 41.35 -18.80 -23.99
N THR A 723 40.10 -19.16 -23.74
CA THR A 723 38.99 -18.22 -23.69
C THR A 723 38.48 -18.08 -22.27
N THR A 724 38.18 -16.85 -21.87
CA THR A 724 37.76 -16.54 -20.51
C THR A 724 36.25 -16.47 -20.43
N GLU A 725 35.70 -17.08 -19.38
CA GLU A 725 34.27 -16.99 -19.09
C GLU A 725 34.10 -16.71 -17.60
N ILE A 726 33.52 -15.55 -17.28
CA ILE A 726 33.28 -15.15 -15.90
C ILE A 726 31.80 -15.39 -15.59
N LEU A 727 31.52 -16.04 -14.46
CA LEU A 727 30.14 -16.28 -14.07
C LEU A 727 29.95 -15.92 -12.62
N PRO A 728 28.83 -15.29 -12.27
CA PRO A 728 28.53 -15.05 -10.85
C PRO A 728 27.89 -16.26 -10.19
N VAL A 729 28.55 -16.83 -9.18
CA VAL A 729 28.04 -18.00 -8.50
C VAL A 729 27.02 -17.63 -7.43
N SER A 730 27.37 -16.67 -6.57
CA SER A 730 26.47 -16.21 -5.52
C SER A 730 26.71 -14.72 -5.30
N MET A 731 26.14 -14.20 -4.21
CA MET A 731 26.31 -12.81 -3.84
C MET A 731 26.38 -12.73 -2.32
N THR A 732 26.52 -11.49 -1.82
CA THR A 732 26.56 -11.27 -0.38
C THR A 732 25.20 -11.58 0.23
N LYS A 733 25.19 -12.40 1.28
CA LYS A 733 23.94 -12.81 1.94
C LYS A 733 23.67 -11.88 3.11
N THR A 734 22.96 -10.79 2.82
CA THR A 734 22.58 -9.81 3.82
C THR A 734 21.15 -10.07 4.30
N SER A 735 20.96 -10.01 5.61
CA SER A 735 19.66 -10.22 6.22
C SER A 735 19.32 -9.02 7.08
N VAL A 736 18.01 -8.73 7.17
CA VAL A 736 17.52 -7.61 7.96
C VAL A 736 16.27 -8.05 8.72
N ASP A 737 16.21 -7.67 9.99
CA ASP A 737 15.01 -7.91 10.78
C ASP A 737 13.97 -6.86 10.42
N CYS A 738 12.78 -7.31 9.99
CA CYS A 738 11.77 -6.39 9.50
C CYS A 738 11.28 -5.47 10.61
N THR A 739 10.93 -6.04 11.77
CA THR A 739 10.40 -5.23 12.86
C THR A 739 11.44 -4.24 13.36
N MET A 740 12.68 -4.70 13.54
CA MET A 740 13.73 -3.82 14.05
C MET A 740 14.10 -2.74 13.06
N TYR A 741 14.03 -3.06 11.76
CA TYR A 741 14.34 -2.06 10.74
C TYR A 741 13.24 -1.00 10.66
N ILE A 742 11.98 -1.42 10.67
CA ILE A 742 10.89 -0.47 10.54
C ILE A 742 10.76 0.38 11.79
N CYS A 743 10.83 -0.24 12.97
CA CYS A 743 10.69 0.47 14.24
C CYS A 743 12.01 0.41 14.99
N GLY A 744 12.52 1.59 15.35
CA GLY A 744 13.75 1.67 16.11
C GLY A 744 13.52 1.75 17.61
N ASP A 745 13.66 0.61 18.30
CA ASP A 745 13.46 0.46 19.74
C ASP A 745 12.26 1.25 20.25
N SER A 746 11.15 1.18 19.53
CA SER A 746 9.92 1.87 19.91
C SER A 746 8.86 0.82 20.22
N THR A 747 8.45 0.74 21.49
CA THR A 747 7.46 -0.24 21.89
C THR A 747 6.12 0.01 21.23
N GLU A 748 5.70 1.28 21.15
CA GLU A 748 4.44 1.61 20.51
C GLU A 748 4.48 1.25 19.02
N CYS A 749 5.59 1.54 18.35
CA CYS A 749 5.73 1.20 16.95
C CYS A 749 5.68 -0.32 16.75
N SER A 750 6.36 -1.07 17.61
CA SER A 750 6.34 -2.53 17.51
C SER A 750 4.92 -3.06 17.73
N ASN A 751 4.20 -2.51 18.71
CA ASN A 751 2.83 -2.95 18.96
C ASN A 751 1.93 -2.66 17.78
N LEU A 752 2.07 -1.47 17.18
CA LEU A 752 1.27 -1.13 16.01
C LEU A 752 1.60 -2.03 14.82
N LEU A 753 2.88 -2.35 14.63
CA LEU A 753 3.28 -3.25 13.56
C LEU A 753 2.78 -4.67 13.80
N LEU A 754 2.64 -5.07 15.07
CA LEU A 754 2.17 -6.42 15.37
C LEU A 754 0.74 -6.65 14.89
N GLN A 755 -0.06 -5.59 14.80
CA GLN A 755 -1.45 -5.72 14.36
C GLN A 755 -1.56 -6.16 12.89
N TYR A 756 -0.51 -5.96 12.09
CA TYR A 756 -0.55 -6.31 10.68
C TYR A 756 -0.50 -7.81 10.44
N GLY A 757 -0.09 -8.60 11.43
CA GLY A 757 -0.03 -10.04 11.28
C GLY A 757 1.40 -10.55 11.29
N SER A 758 1.78 -11.25 10.22
CA SER A 758 3.10 -11.87 10.10
C SER A 758 3.78 -11.51 8.79
N PHE A 759 3.70 -10.25 8.38
CA PHE A 759 4.42 -9.81 7.19
C PHE A 759 5.93 -9.94 7.38
N CYS A 760 6.43 -9.50 8.54
CA CYS A 760 7.87 -9.53 8.78
C CYS A 760 8.40 -10.96 8.88
N THR A 761 7.60 -11.88 9.42
CA THR A 761 8.02 -13.27 9.48
C THR A 761 8.22 -13.85 8.09
N GLN A 762 7.31 -13.55 7.16
CA GLN A 762 7.44 -14.03 5.79
C GLN A 762 8.68 -13.45 5.13
N LEU A 763 8.95 -12.16 5.35
CA LEU A 763 10.13 -11.52 4.77
C LEU A 763 11.41 -12.13 5.32
N ASN A 764 11.47 -12.37 6.63
CA ASN A 764 12.65 -12.99 7.22
C ASN A 764 12.84 -14.41 6.70
N ARG A 765 11.75 -15.17 6.57
CA ARG A 765 11.85 -16.51 6.01
C ARG A 765 12.34 -16.48 4.57
N ALA A 766 11.86 -15.52 3.78
CA ALA A 766 12.33 -15.38 2.40
C ALA A 766 13.81 -15.05 2.35
N LEU A 767 14.27 -14.15 3.22
CA LEU A 767 15.69 -13.80 3.25
C LEU A 767 16.54 -15.01 3.65
N THR A 768 16.09 -15.77 4.65
CA THR A 768 16.82 -16.97 5.04
C THR A 768 16.85 -17.99 3.89
N GLY A 769 15.73 -18.13 3.18
CA GLY A 769 15.71 -19.02 2.03
C GLY A 769 16.66 -18.59 0.93
N ILE A 770 16.76 -17.28 0.69
CA ILE A 770 17.71 -16.78 -0.30
C ILE A 770 19.14 -17.06 0.14
N ALA A 771 19.44 -16.88 1.43
CA ALA A 771 20.78 -17.17 1.93
C ALA A 771 21.11 -18.65 1.76
N VAL A 772 20.17 -19.52 2.10
CA VAL A 772 20.39 -20.96 1.95
C VAL A 772 20.56 -21.32 0.48
N GLU A 773 19.80 -20.66 -0.40
CA GLU A 773 19.92 -20.90 -1.83
C GLU A 773 21.29 -20.49 -2.34
N GLN A 774 21.80 -19.35 -1.88
CA GLN A 774 23.14 -18.92 -2.28
C GLN A 774 24.20 -19.91 -1.79
N ASP A 775 24.08 -20.38 -0.55
CA ASP A 775 25.03 -21.34 -0.04
C ASP A 775 24.98 -22.64 -0.83
N LYS A 776 23.78 -23.13 -1.15
CA LYS A 776 23.64 -24.35 -1.93
C LYS A 776 24.20 -24.18 -3.34
N ASN A 777 23.97 -23.02 -3.95
CA ASN A 777 24.52 -22.76 -5.28
C ASN A 777 26.04 -22.77 -5.26
N THR A 778 26.64 -22.12 -4.26
CA THR A 778 28.09 -22.12 -4.15
C THR A 778 28.62 -23.53 -3.94
N GLN A 779 27.96 -24.31 -3.08
CA GLN A 779 28.40 -25.68 -2.81
C GLN A 779 28.32 -26.53 -4.07
N GLU A 780 27.21 -26.42 -4.81
CA GLU A 780 27.05 -27.19 -6.04
C GLU A 780 28.07 -26.78 -7.09
N VAL A 781 28.36 -25.49 -7.20
CA VAL A 781 29.30 -25.02 -8.21
C VAL A 781 30.71 -25.50 -7.90
N PHE A 782 31.15 -25.35 -6.64
CA PHE A 782 32.54 -25.60 -6.29
C PHE A 782 32.80 -27.03 -5.80
N ALA A 783 32.10 -27.45 -4.73
CA ALA A 783 32.34 -28.76 -4.13
C ALA A 783 31.73 -29.85 -5.03
N GLN A 784 32.55 -30.33 -5.96
CA GLN A 784 32.13 -31.38 -6.88
C GLN A 784 32.85 -32.71 -6.65
N VAL A 785 34.13 -32.67 -6.30
CA VAL A 785 34.90 -33.89 -6.09
C VAL A 785 34.82 -34.29 -4.61
N LYS A 786 34.84 -35.59 -4.36
CA LYS A 786 34.78 -36.11 -3.00
C LYS A 786 36.15 -36.33 -2.37
N GLN A 787 37.23 -36.15 -3.13
CA GLN A 787 38.58 -36.32 -2.60
C GLN A 787 39.44 -35.12 -3.01
N ILE A 788 40.37 -34.76 -2.12
CA ILE A 788 41.30 -33.67 -2.38
C ILE A 788 42.42 -34.20 -3.27
N TYR A 789 42.66 -33.53 -4.39
CA TYR A 789 43.70 -33.91 -5.33
C TYR A 789 44.78 -32.85 -5.37
N LYS A 790 46.04 -33.28 -5.25
CA LYS A 790 47.18 -32.38 -5.28
C LYS A 790 48.20 -32.88 -6.28
N THR A 791 48.83 -31.96 -7.00
CA THR A 791 49.84 -32.32 -7.98
C THR A 791 51.10 -32.81 -7.28
N PRO A 792 51.82 -33.77 -7.89
CA PRO A 792 53.07 -34.21 -7.30
C PRO A 792 54.11 -33.11 -7.34
N PRO A 793 55.09 -33.13 -6.43
CA PRO A 793 56.12 -32.07 -6.45
C PRO A 793 56.90 -32.00 -7.75
N ILE A 794 57.14 -33.14 -8.41
CA ILE A 794 57.84 -33.14 -9.69
C ILE A 794 56.90 -32.64 -10.77
N LYS A 795 57.38 -31.69 -11.57
CA LYS A 795 56.60 -31.07 -12.63
C LYS A 795 57.09 -31.64 -13.97
N ASP A 796 56.50 -32.75 -14.38
CA ASP A 796 56.83 -33.42 -15.65
C ASP A 796 55.55 -33.50 -16.48
N PHE A 797 55.27 -32.43 -17.24
CA PHE A 797 54.07 -32.36 -18.06
C PHE A 797 54.40 -32.26 -19.55
N GLY A 798 55.63 -32.56 -19.95
CA GLY A 798 56.01 -32.47 -21.35
C GLY A 798 56.02 -31.05 -21.90
N GLY A 799 56.54 -30.09 -21.13
CA GLY A 799 56.61 -28.71 -21.55
C GLY A 799 55.43 -27.86 -21.15
N PHE A 800 54.36 -28.45 -20.62
CA PHE A 800 53.20 -27.70 -20.17
C PHE A 800 53.52 -27.03 -18.85
N ASN A 801 53.25 -25.73 -18.76
CA ASN A 801 53.53 -24.96 -17.55
C ASN A 801 52.23 -24.70 -16.80
N PHE A 802 52.20 -25.10 -15.53
CA PHE A 802 51.03 -24.91 -14.68
C PHE A 802 51.32 -24.04 -13.46
N SER A 803 52.35 -23.19 -13.54
CA SER A 803 52.69 -22.32 -12.42
C SER A 803 51.58 -21.31 -12.15
N GLN A 804 51.00 -20.75 -13.22
CA GLN A 804 49.99 -19.71 -13.07
C GLN A 804 48.68 -20.24 -12.48
N ILE A 805 48.47 -21.55 -12.50
CA ILE A 805 47.22 -22.13 -12.02
C ILE A 805 47.38 -22.88 -10.70
N LEU A 806 48.55 -23.43 -10.42
CA LEU A 806 48.75 -24.08 -9.14
C LEU A 806 48.95 -23.05 -8.04
N PRO A 807 48.48 -23.33 -6.82
CA PRO A 807 48.67 -22.38 -5.72
C PRO A 807 50.15 -22.13 -5.45
N ASP A 808 50.47 -20.88 -5.13
CA ASP A 808 51.84 -20.48 -4.90
C ASP A 808 52.14 -20.54 -3.40
N PRO A 809 53.04 -21.42 -2.95
CA PRO A 809 53.38 -21.44 -1.52
C PRO A 809 54.00 -20.15 -1.02
N SER A 810 54.65 -19.38 -1.91
CA SER A 810 55.26 -18.12 -1.48
C SER A 810 54.22 -17.13 -0.99
N LYS A 811 53.08 -17.05 -1.69
CA LYS A 811 52.02 -16.14 -1.29
C LYS A 811 51.41 -16.58 0.04
N PRO A 812 50.98 -15.64 0.88
CA PRO A 812 50.35 -16.02 2.16
C PRO A 812 49.11 -16.88 1.98
N SER A 813 48.33 -16.64 0.93
CA SER A 813 47.13 -17.42 0.67
C SER A 813 47.45 -18.58 -0.27
N LYS A 814 46.73 -19.69 -0.07
CA LYS A 814 46.93 -20.90 -0.87
C LYS A 814 46.12 -20.82 -2.17
N ARG A 815 46.44 -19.80 -2.97
CA ARG A 815 45.78 -19.58 -4.24
C ARG A 815 46.83 -19.24 -5.29
N SER A 816 46.48 -19.50 -6.55
CA SER A 816 47.39 -19.28 -7.66
C SER A 816 47.52 -17.79 -7.95
N PHE A 817 48.42 -17.47 -8.88
CA PHE A 817 48.60 -16.08 -9.28
C PHE A 817 47.36 -15.52 -9.96
N ILE A 818 46.73 -16.31 -10.84
CA ILE A 818 45.51 -15.87 -11.50
C ILE A 818 44.39 -15.69 -10.49
N GLU A 819 44.27 -16.62 -9.54
CA GLU A 819 43.25 -16.50 -8.50
C GLU A 819 43.47 -15.27 -7.64
N ASP A 820 44.73 -14.98 -7.29
CA ASP A 820 45.03 -13.78 -6.51
C ASP A 820 44.71 -12.52 -7.30
N LEU A 821 45.02 -12.51 -8.60
CA LEU A 821 44.72 -11.35 -9.43
C LEU A 821 43.21 -11.13 -9.53
N LEU A 822 42.44 -12.22 -9.63
CA LEU A 822 40.99 -12.09 -9.64
C LEU A 822 40.46 -11.61 -8.29
N PHE A 823 41.04 -12.10 -7.20
CA PHE A 823 40.53 -11.78 -5.87
C PHE A 823 40.80 -10.32 -5.50
N ASN A 824 42.03 -9.86 -5.72
CA ASN A 824 42.37 -8.49 -5.33
C ASN A 824 41.89 -7.46 -6.35
N LYS A 825 41.36 -7.89 -7.49
CA LYS A 825 40.83 -6.96 -8.47
C LYS A 825 39.63 -6.20 -7.90
N VAL A 826 38.76 -6.88 -7.18
CA VAL A 826 37.58 -6.28 -6.58
C VAL A 826 37.81 -6.20 -5.08
N THR A 827 37.76 -4.99 -4.53
CA THR A 827 37.97 -4.77 -3.11
C THR A 827 36.91 -3.85 -2.53
N LYS A 854 25.20 -2.88 9.63
CA LYS A 854 24.65 -2.93 10.98
C LYS A 854 24.08 -1.58 11.39
N PHE A 855 24.10 -0.63 10.45
CA PHE A 855 23.58 0.70 10.73
C PHE A 855 22.08 0.66 11.04
N ASN A 856 21.33 -0.13 10.28
CA ASN A 856 19.89 -0.25 10.43
C ASN A 856 19.48 -1.72 10.49
N GLY A 857 20.18 -2.48 11.32
CA GLY A 857 19.87 -3.90 11.46
C GLY A 857 20.17 -4.75 10.26
N LEU A 858 21.29 -4.51 9.59
CA LEU A 858 21.72 -5.33 8.46
C LEU A 858 22.89 -6.20 8.89
N THR A 859 22.75 -7.51 8.73
CA THR A 859 23.78 -8.47 9.12
C THR A 859 24.21 -9.25 7.89
N VAL A 860 25.52 -9.29 7.65
CA VAL A 860 26.09 -10.03 6.53
C VAL A 860 26.44 -11.42 7.05
N LEU A 861 25.61 -12.40 6.70
CA LEU A 861 25.87 -13.76 7.15
C LEU A 861 27.10 -14.33 6.45
N PRO A 862 27.87 -15.19 7.13
CA PRO A 862 29.06 -15.76 6.50
C PRO A 862 28.69 -16.98 5.67
N PRO A 863 29.27 -17.11 4.48
CA PRO A 863 28.96 -18.27 3.63
C PRO A 863 29.50 -19.55 4.24
N LEU A 864 28.83 -20.67 3.91
CA LEU A 864 29.28 -21.96 4.40
C LEU A 864 30.68 -22.30 3.89
N LEU A 865 30.94 -22.03 2.62
CA LEU A 865 32.26 -22.23 2.02
C LEU A 865 32.90 -20.86 1.83
N THR A 866 33.99 -20.62 2.55
CA THR A 866 34.67 -19.34 2.46
C THR A 866 35.79 -19.39 1.42
N ASP A 867 36.58 -18.30 1.38
CA ASP A 867 37.50 -18.08 0.27
C ASP A 867 38.60 -19.13 0.19
N GLU A 868 39.25 -19.44 1.31
CA GLU A 868 40.39 -20.36 1.26
C GLU A 868 39.97 -21.76 0.89
N MET A 869 38.83 -22.23 1.42
CA MET A 869 38.36 -23.56 1.04
C MET A 869 37.77 -23.60 -0.37
N ILE A 870 37.20 -22.50 -0.85
CA ILE A 870 36.78 -22.44 -2.24
C ILE A 870 38.00 -22.54 -3.15
N ALA A 871 39.08 -21.82 -2.82
CA ALA A 871 40.31 -21.93 -3.59
C ALA A 871 40.88 -23.34 -3.51
N GLN A 872 40.81 -23.97 -2.34
CA GLN A 872 41.26 -25.35 -2.19
C GLN A 872 40.46 -26.29 -3.08
N TYR A 873 39.13 -26.10 -3.14
CA TYR A 873 38.30 -26.94 -4.00
C TYR A 873 38.66 -26.73 -5.47
N THR A 874 38.86 -25.48 -5.88
CA THR A 874 39.24 -25.22 -7.27
C THR A 874 40.58 -25.87 -7.60
N SER A 875 41.54 -25.78 -6.68
CA SER A 875 42.84 -26.40 -6.89
C SER A 875 42.71 -27.92 -6.96
N ALA A 876 41.84 -28.50 -6.12
CA ALA A 876 41.64 -29.94 -6.12
C ALA A 876 41.05 -30.42 -7.45
N LEU A 877 40.02 -29.72 -7.93
CA LEU A 877 39.45 -30.07 -9.23
C LEU A 877 40.47 -29.91 -10.34
N LEU A 878 41.25 -28.82 -10.32
CA LEU A 878 42.25 -28.61 -11.35
C LEU A 878 43.32 -29.70 -11.34
N ALA A 879 43.81 -30.06 -10.16
CA ALA A 879 44.82 -31.11 -10.06
C ALA A 879 44.27 -32.46 -10.49
N GLY A 880 43.03 -32.77 -10.09
CA GLY A 880 42.41 -34.01 -10.52
C GLY A 880 42.26 -34.08 -12.03
N THR A 881 41.83 -32.96 -12.65
CA THR A 881 41.72 -32.93 -14.10
C THR A 881 43.07 -33.14 -14.75
N ILE A 882 44.09 -32.42 -14.29
CA ILE A 882 45.43 -32.51 -14.88
C ILE A 882 45.97 -33.93 -14.76
N THR A 883 45.78 -34.56 -13.60
CA THR A 883 46.35 -35.88 -13.36
C THR A 883 45.58 -36.97 -14.10
N SER A 884 44.28 -37.10 -13.81
CA SER A 884 43.50 -38.24 -14.27
C SER A 884 42.74 -38.00 -15.57
N GLY A 885 42.90 -36.83 -16.19
CA GLY A 885 42.15 -36.57 -17.40
C GLY A 885 40.70 -36.24 -17.09
N TRP A 886 39.80 -37.18 -17.36
CA TRP A 886 38.39 -37.01 -17.04
C TRP A 886 37.79 -38.22 -16.32
N THR A 887 38.58 -39.23 -15.98
CA THR A 887 38.07 -40.40 -15.30
C THR A 887 37.80 -40.17 -13.82
N PHE A 888 38.41 -39.13 -13.22
CA PHE A 888 38.16 -38.85 -11.82
C PHE A 888 36.79 -38.23 -11.61
N GLY A 889 36.23 -37.60 -12.65
CA GLY A 889 34.88 -37.08 -12.62
C GLY A 889 33.81 -38.09 -12.96
N ALA A 890 34.18 -39.33 -13.25
CA ALA A 890 33.22 -40.38 -13.59
C ALA A 890 33.52 -41.71 -12.92
N GLY A 891 34.51 -41.78 -12.05
CA GLY A 891 34.81 -43.03 -11.36
C GLY A 891 36.11 -42.94 -10.59
N ALA A 892 36.74 -44.09 -10.41
CA ALA A 892 38.01 -44.14 -9.70
C ALA A 892 39.08 -43.39 -10.49
N ALA A 893 39.92 -42.66 -9.76
CA ALA A 893 40.97 -41.87 -10.40
C ALA A 893 42.03 -42.79 -11.01
N LEU A 894 42.42 -42.48 -12.24
CA LEU A 894 43.42 -43.25 -12.97
C LEU A 894 44.51 -42.31 -13.45
N GLN A 895 45.75 -42.60 -13.07
CA GLN A 895 46.86 -41.74 -13.45
C GLN A 895 47.08 -41.77 -14.95
N ILE A 896 47.01 -40.60 -15.58
CA ILE A 896 47.18 -40.47 -17.03
C ILE A 896 48.21 -39.39 -17.28
N PRO A 897 49.31 -39.68 -17.99
CA PRO A 897 50.24 -38.61 -18.36
C PRO A 897 49.57 -37.56 -19.22
N PHE A 898 50.00 -36.31 -19.04
CA PHE A 898 49.35 -35.20 -19.75
C PHE A 898 49.50 -35.34 -21.25
N ALA A 899 50.59 -35.94 -21.73
CA ALA A 899 50.77 -36.12 -23.17
C ALA A 899 49.67 -36.98 -23.77
N MET A 900 49.43 -38.16 -23.19
CA MET A 900 48.36 -39.01 -23.72
C MET A 900 46.98 -38.47 -23.38
N GLN A 901 46.86 -37.69 -22.29
CA GLN A 901 45.59 -37.03 -22.03
C GLN A 901 45.23 -36.04 -23.14
N MET A 902 46.21 -35.24 -23.57
CA MET A 902 45.97 -34.31 -24.66
C MET A 902 45.81 -35.05 -25.99
N ALA A 903 46.48 -36.19 -26.14
CA ALA A 903 46.25 -37.03 -27.31
C ALA A 903 44.81 -37.53 -27.37
N TYR A 904 44.28 -37.96 -26.23
CA TYR A 904 42.88 -38.37 -26.17
C TYR A 904 41.95 -37.20 -26.44
N ARG A 905 42.29 -36.01 -25.94
CA ARG A 905 41.49 -34.83 -26.23
C ARG A 905 41.48 -34.52 -27.72
N PHE A 906 42.63 -34.65 -28.39
CA PHE A 906 42.68 -34.48 -29.83
C PHE A 906 41.86 -35.54 -30.55
N ASN A 907 41.91 -36.79 -30.05
CA ASN A 907 41.12 -37.86 -30.65
C ASN A 907 39.63 -37.58 -30.53
N GLY A 908 39.20 -36.99 -29.41
CA GLY A 908 37.79 -36.72 -29.21
C GLY A 908 37.23 -35.71 -30.19
N ILE A 909 38.01 -34.72 -30.59
CA ILE A 909 37.54 -33.66 -31.47
C ILE A 909 37.70 -34.09 -32.92
N GLY A 910 38.06 -35.35 -33.14
CA GLY A 910 38.19 -35.88 -34.49
C GLY A 910 39.55 -35.71 -35.13
N VAL A 911 40.59 -35.44 -34.34
CA VAL A 911 41.95 -35.28 -34.85
C VAL A 911 42.77 -36.49 -34.41
N THR A 912 43.47 -37.10 -35.35
CA THR A 912 44.31 -38.25 -35.04
C THR A 912 45.36 -37.87 -34.00
N GLN A 913 45.57 -38.77 -33.04
CA GLN A 913 46.42 -38.48 -31.88
C GLN A 913 47.90 -38.61 -32.20
N ASN A 914 48.35 -37.98 -33.29
CA ASN A 914 49.76 -37.98 -33.65
C ASN A 914 50.37 -36.59 -33.71
N VAL A 915 49.67 -35.62 -34.30
CA VAL A 915 50.24 -34.29 -34.51
C VAL A 915 50.75 -33.71 -33.20
N LEU A 916 50.09 -34.02 -32.09
CA LEU A 916 50.61 -33.63 -30.78
C LEU A 916 51.95 -34.29 -30.49
N TYR A 917 52.07 -35.59 -30.81
CA TYR A 917 53.31 -36.30 -30.51
C TYR A 917 54.47 -35.78 -31.36
N GLU A 918 54.25 -35.61 -32.67
CA GLU A 918 55.31 -35.04 -33.49
C GLU A 918 55.46 -33.53 -33.35
N ASN A 919 54.60 -32.84 -32.59
CA ASN A 919 54.82 -31.44 -32.29
C ASN A 919 55.11 -31.18 -30.82
N GLN A 920 54.18 -31.55 -29.93
CA GLN A 920 54.37 -31.46 -28.47
C GLN A 920 54.87 -30.10 -28.00
N LYS A 921 56.12 -29.76 -28.38
CA LYS A 921 56.71 -28.50 -27.95
C LYS A 921 55.93 -27.30 -28.48
N LEU A 922 55.45 -27.39 -29.73
CA LEU A 922 54.66 -26.30 -30.28
C LEU A 922 53.37 -26.09 -29.49
N ILE A 923 52.67 -27.18 -29.16
CA ILE A 923 51.45 -27.06 -28.36
C ILE A 923 51.76 -26.48 -26.99
N ALA A 924 52.84 -26.95 -26.36
CA ALA A 924 53.20 -26.44 -25.04
C ALA A 924 53.50 -24.95 -25.08
N ASN A 925 54.27 -24.52 -26.09
CA ASN A 925 54.59 -23.09 -26.22
C ASN A 925 53.34 -22.26 -26.48
N GLN A 926 52.45 -22.76 -27.34
CA GLN A 926 51.21 -22.04 -27.61
C GLN A 926 50.35 -21.93 -26.36
N PHE A 927 50.27 -23.00 -25.58
CA PHE A 927 49.50 -22.97 -24.34
C PHE A 927 50.10 -21.99 -23.34
N ASN A 928 51.42 -21.99 -23.21
CA ASN A 928 52.07 -21.05 -22.29
C ASN A 928 51.84 -19.61 -22.73
N SER A 929 51.95 -19.33 -24.03
CA SER A 929 51.70 -17.99 -24.53
C SER A 929 50.26 -17.57 -24.30
N ALA A 930 49.32 -18.50 -24.51
CA ALA A 930 47.91 -18.20 -24.26
C ALA A 930 47.65 -17.88 -22.79
N ILE A 931 48.23 -18.66 -21.88
CA ILE A 931 48.08 -18.38 -20.46
C ILE A 931 48.67 -17.02 -20.11
N GLY A 932 49.85 -16.71 -20.67
CA GLY A 932 50.46 -15.41 -20.40
C GLY A 932 49.62 -14.26 -20.90
N LYS A 933 49.04 -14.40 -22.10
CA LYS A 933 48.23 -13.32 -22.65
C LYS A 933 46.91 -13.18 -21.89
N ILE A 934 46.35 -14.29 -21.40
CA ILE A 934 45.16 -14.21 -20.57
C ILE A 934 45.48 -13.51 -19.26
N GLN A 935 46.62 -13.82 -18.65
CA GLN A 935 47.03 -13.14 -17.42
C GLN A 935 47.22 -11.64 -17.67
N ASP A 936 47.85 -11.28 -18.79
CA ASP A 936 48.04 -9.87 -19.11
C ASP A 936 46.71 -9.16 -19.34
N SER A 937 45.77 -9.82 -20.02
CA SER A 937 44.46 -9.23 -20.24
C SER A 937 43.71 -9.04 -18.92
N LEU A 938 43.82 -10.02 -18.02
CA LEU A 938 43.18 -9.91 -16.71
C LEU A 938 43.79 -8.78 -15.90
N SER A 939 45.11 -8.61 -15.96
CA SER A 939 45.81 -7.62 -15.15
C SER A 939 45.62 -6.19 -15.70
N SER A 940 46.04 -5.95 -16.94
CA SER A 940 46.05 -4.60 -17.48
C SER A 940 44.66 -4.02 -17.66
N THR A 941 43.63 -4.85 -17.80
CA THR A 941 42.27 -4.39 -18.03
C THR A 941 41.46 -4.55 -16.75
N ALA A 942 40.79 -3.47 -16.34
CA ALA A 942 39.97 -3.48 -15.13
C ALA A 942 38.52 -3.86 -15.37
N SER A 943 38.14 -4.10 -16.62
CA SER A 943 36.76 -4.47 -16.97
C SER A 943 36.60 -5.97 -17.15
N ALA A 944 37.62 -6.76 -16.78
CA ALA A 944 37.55 -8.20 -16.94
C ALA A 944 36.50 -8.82 -16.01
N LEU A 945 36.30 -8.24 -14.84
CA LEU A 945 35.32 -8.72 -13.87
C LEU A 945 34.06 -7.88 -13.88
N GLY A 946 33.61 -7.48 -15.07
CA GLY A 946 32.47 -6.59 -15.18
C GLY A 946 31.20 -7.17 -14.60
N LYS A 947 30.99 -8.48 -14.78
CA LYS A 947 29.76 -9.10 -14.28
C LYS A 947 29.71 -9.05 -12.76
N LEU A 948 30.80 -9.46 -12.09
CA LEU A 948 30.84 -9.43 -10.63
C LEU A 948 30.77 -8.00 -10.12
N GLN A 949 31.44 -7.07 -10.81
CA GLN A 949 31.38 -5.66 -10.41
C GLN A 949 29.95 -5.13 -10.50
N ASP A 950 29.23 -5.47 -11.57
CA ASP A 950 27.85 -5.03 -11.70
C ASP A 950 26.98 -5.67 -10.62
N VAL A 951 27.21 -6.94 -10.31
CA VAL A 951 26.41 -7.60 -9.28
C VAL A 951 26.61 -6.93 -7.93
N VAL A 952 27.87 -6.68 -7.56
CA VAL A 952 28.14 -6.06 -6.26
C VAL A 952 27.65 -4.61 -6.24
N ASN A 953 27.74 -3.92 -7.38
CA ASN A 953 27.21 -2.55 -7.44
C ASN A 953 25.70 -2.54 -7.27
N GLN A 954 25.00 -3.49 -7.88
CA GLN A 954 23.55 -3.59 -7.70
C GLN A 954 23.20 -3.91 -6.26
N ASN A 955 23.96 -4.81 -5.63
CA ASN A 955 23.73 -5.12 -4.23
C ASN A 955 23.91 -3.88 -3.35
N ALA A 956 24.98 -3.13 -3.57
CA ALA A 956 25.23 -1.92 -2.79
C ALA A 956 24.15 -0.88 -3.03
N GLN A 957 23.70 -0.74 -4.29
CA GLN A 957 22.64 0.21 -4.60
C GLN A 957 21.35 -0.15 -3.90
N ALA A 958 20.97 -1.44 -3.93
CA ALA A 958 19.77 -1.86 -3.22
C ALA A 958 19.90 -1.60 -1.72
N LEU A 959 21.06 -1.94 -1.15
CA LEU A 959 21.24 -1.80 0.29
C LEU A 959 21.16 -0.33 0.72
N ASN A 960 21.89 0.55 0.04
CA ASN A 960 21.89 1.94 0.49
C ASN A 960 20.61 2.65 0.11
N THR A 961 19.92 2.23 -0.96
CA THR A 961 18.60 2.77 -1.23
C THR A 961 17.62 2.39 -0.13
N LEU A 962 17.65 1.13 0.32
CA LEU A 962 16.79 0.72 1.43
C LEU A 962 17.14 1.48 2.70
N VAL A 963 18.43 1.71 2.94
CA VAL A 963 18.84 2.47 4.13
C VAL A 963 18.32 3.90 4.05
N LYS A 964 18.47 4.54 2.89
CA LYS A 964 18.03 5.92 2.72
C LYS A 964 16.51 6.05 2.69
N GLN A 965 15.79 4.95 2.44
CA GLN A 965 14.33 5.00 2.45
C GLN A 965 13.78 5.35 3.82
N LEU A 966 14.55 5.11 4.89
CA LEU A 966 14.10 5.45 6.23
C LEU A 966 13.99 6.97 6.43
N SER A 967 14.79 7.75 5.71
CA SER A 967 14.75 9.20 5.84
C SER A 967 13.53 9.84 5.20
N SER A 968 12.80 9.10 4.37
CA SER A 968 11.60 9.64 3.74
C SER A 968 10.49 9.82 4.75
N ASN A 969 9.74 10.92 4.60
CA ASN A 969 8.65 11.19 5.53
C ASN A 969 7.48 10.22 5.33
N PHE A 970 7.27 9.76 4.09
CA PHE A 970 6.17 8.86 3.75
C PHE A 970 4.82 9.45 4.13
N GLY A 971 4.66 10.76 3.95
CA GLY A 971 3.43 11.44 4.28
C GLY A 971 3.32 11.92 5.72
N ALA A 972 4.29 11.60 6.57
CA ALA A 972 4.27 12.05 7.95
C ALA A 972 5.02 13.37 8.09
N ILE A 973 4.88 13.98 9.28
CA ILE A 973 5.55 15.25 9.53
C ILE A 973 7.06 15.07 9.59
N SER A 974 7.53 13.96 10.17
CA SER A 974 8.96 13.72 10.31
C SER A 974 9.22 12.23 10.14
N SER A 975 10.47 11.91 9.79
CA SER A 975 10.89 10.53 9.60
C SER A 975 11.53 9.92 10.84
N VAL A 976 11.58 10.65 11.95
CA VAL A 976 12.17 10.16 13.19
C VAL A 976 11.05 9.70 14.11
N LEU A 977 11.08 8.42 14.49
CA LEU A 977 10.01 7.87 15.31
C LEU A 977 9.97 8.53 16.69
N ASN A 978 11.13 8.72 17.31
CA ASN A 978 11.15 9.36 18.63
C ASN A 978 10.66 10.79 18.54
N ASP A 979 11.08 11.53 17.51
CA ASP A 979 10.67 12.91 17.36
C ASP A 979 9.16 13.01 17.13
N ILE A 980 8.60 12.12 16.30
CA ILE A 980 7.18 12.22 16.00
C ILE A 980 6.35 11.73 17.19
N LEU A 981 6.89 10.81 17.99
CA LEU A 981 6.15 10.33 19.16
C LEU A 981 6.18 11.36 20.29
N SER A 982 7.31 12.04 20.48
CA SER A 982 7.41 13.02 21.55
C SER A 982 6.63 14.29 21.23
N ARG A 983 6.68 14.76 19.99
CA ARG A 983 6.04 16.02 19.63
C ARG A 983 4.53 15.89 19.53
N LEU A 984 4.01 14.72 19.17
CA LEU A 984 2.59 14.53 18.94
C LEU A 984 2.01 13.57 19.96
N ASP A 985 0.79 13.87 20.38
CA ASP A 985 0.06 13.05 21.34
C ASP A 985 -0.49 11.79 20.65
N PRO A 986 -0.87 10.78 21.44
CA PRO A 986 -1.27 9.48 20.86
C PRO A 986 -2.37 9.55 19.81
N PRO A 987 -3.45 10.34 20.00
CA PRO A 987 -4.60 10.16 19.09
C PRO A 987 -4.32 10.38 17.61
N GLU A 988 -3.32 11.18 17.24
CA GLU A 988 -2.88 11.19 15.85
C GLU A 988 -1.46 10.68 15.67
N ALA A 989 -0.68 10.56 16.75
CA ALA A 989 0.59 9.87 16.65
C ALA A 989 0.40 8.43 16.19
N GLU A 990 -0.71 7.81 16.58
CA GLU A 990 -0.99 6.44 16.16
C GLU A 990 -1.16 6.34 14.65
N VAL A 991 -1.94 7.25 14.07
CA VAL A 991 -2.15 7.19 12.62
C VAL A 991 -0.89 7.59 11.87
N GLN A 992 -0.11 8.53 12.41
CA GLN A 992 1.17 8.88 11.79
C GLN A 992 2.12 7.69 11.78
N ILE A 993 2.21 6.99 12.91
CA ILE A 993 3.06 5.81 12.98
C ILE A 993 2.55 4.72 12.06
N ASP A 994 1.23 4.56 11.93
CA ASP A 994 0.68 3.57 11.03
C ASP A 994 1.04 3.89 9.57
N ARG A 995 0.97 5.16 9.20
CA ARG A 995 1.38 5.57 7.86
C ARG A 995 2.87 5.27 7.63
N LEU A 996 3.69 5.54 8.65
CA LEU A 996 5.11 5.20 8.55
C LEU A 996 5.31 3.69 8.38
N ILE A 997 4.52 2.89 9.12
CA ILE A 997 4.59 1.44 8.99
C ILE A 997 4.26 1.02 7.56
N THR A 998 3.18 1.58 7.00
CA THR A 998 2.79 1.22 5.65
C THR A 998 3.89 1.56 4.64
N GLY A 999 4.45 2.77 4.75
CA GLY A 999 5.50 3.17 3.81
C GLY A 999 6.73 2.31 3.91
N ARG A 1000 7.21 2.08 5.14
CA ARG A 1000 8.41 1.28 5.32
C ARG A 1000 8.18 -0.17 4.91
N LEU A 1001 6.99 -0.71 5.21
CA LEU A 1001 6.69 -2.09 4.83
C LEU A 1001 6.64 -2.25 3.32
N GLN A 1002 6.02 -1.30 2.60
CA GLN A 1002 5.99 -1.44 1.15
C GLN A 1002 7.37 -1.23 0.54
N SER A 1003 8.18 -0.32 1.10
CA SER A 1003 9.55 -0.17 0.60
C SER A 1003 10.36 -1.45 0.80
N LEU A 1004 10.25 -2.06 1.99
CA LEU A 1004 11.00 -3.28 2.25
C LEU A 1004 10.47 -4.44 1.41
N GLN A 1005 9.16 -4.46 1.13
CA GLN A 1005 8.60 -5.47 0.25
C GLN A 1005 9.16 -5.32 -1.16
N THR A 1006 9.27 -4.09 -1.66
CA THR A 1006 9.89 -3.88 -2.96
C THR A 1006 11.34 -4.34 -2.96
N TYR A 1007 12.08 -4.03 -1.89
CA TYR A 1007 13.46 -4.48 -1.78
C TYR A 1007 13.54 -6.01 -1.80
N VAL A 1008 12.64 -6.68 -1.09
CA VAL A 1008 12.64 -8.14 -1.05
C VAL A 1008 12.31 -8.72 -2.41
N THR A 1009 11.35 -8.14 -3.12
CA THR A 1009 11.03 -8.63 -4.47
C THR A 1009 12.22 -8.48 -5.40
N GLN A 1010 12.91 -7.34 -5.34
CA GLN A 1010 14.11 -7.16 -6.15
C GLN A 1010 15.18 -8.17 -5.77
N GLN A 1011 15.35 -8.42 -4.47
CA GLN A 1011 16.34 -9.38 -4.02
C GLN A 1011 16.02 -10.78 -4.51
N LEU A 1012 14.75 -11.18 -4.49
CA LEU A 1012 14.37 -12.50 -4.98
C LEU A 1012 14.54 -12.61 -6.49
N ILE A 1013 14.26 -11.54 -7.23
CA ILE A 1013 14.50 -11.56 -8.68
C ILE A 1013 15.98 -11.76 -8.97
N ARG A 1014 16.83 -10.98 -8.28
CA ARG A 1014 18.27 -11.11 -8.48
C ARG A 1014 18.76 -12.47 -8.02
N ALA A 1015 18.13 -13.03 -6.98
CA ALA A 1015 18.51 -14.36 -6.50
C ALA A 1015 18.14 -15.44 -7.50
N ALA A 1016 16.99 -15.30 -8.16
CA ALA A 1016 16.64 -16.24 -9.22
C ALA A 1016 17.63 -16.15 -10.38
N GLU A 1017 18.00 -14.93 -10.77
CA GLU A 1017 19.01 -14.78 -11.82
C GLU A 1017 20.34 -15.39 -11.41
N ILE A 1018 20.76 -15.18 -10.16
CA ILE A 1018 22.00 -15.74 -9.67
C ILE A 1018 21.93 -17.26 -9.61
N ARG A 1019 20.76 -17.80 -9.25
CA ARG A 1019 20.59 -19.25 -9.23
C ARG A 1019 20.71 -19.85 -10.63
N ALA A 1020 20.11 -19.18 -11.62
CA ALA A 1020 20.26 -19.64 -13.00
C ALA A 1020 21.71 -19.60 -13.44
N SER A 1021 22.41 -18.51 -13.11
CA SER A 1021 23.82 -18.40 -13.48
C SER A 1021 24.66 -19.47 -12.77
N ALA A 1022 24.33 -19.76 -11.51
CA ALA A 1022 25.08 -20.77 -10.77
C ALA A 1022 24.80 -22.17 -11.31
N ASN A 1023 23.57 -22.44 -11.74
CA ASN A 1023 23.28 -23.71 -12.39
C ASN A 1023 24.06 -23.85 -13.69
N LEU A 1024 24.14 -22.77 -14.47
CA LEU A 1024 24.94 -22.79 -15.68
C LEU A 1024 26.41 -23.05 -15.37
N ALA A 1025 26.94 -22.38 -14.33
CA ALA A 1025 28.34 -22.59 -13.95
C ALA A 1025 28.57 -24.02 -13.47
N ALA A 1026 27.63 -24.58 -12.71
CA ALA A 1026 27.77 -25.94 -12.23
C ALA A 1026 27.75 -26.95 -13.38
N THR A 1027 26.86 -26.78 -14.34
CA THR A 1027 26.82 -27.70 -15.47
C THR A 1027 28.06 -27.53 -16.35
N LYS A 1028 28.58 -26.29 -16.45
CA LYS A 1028 29.83 -26.08 -17.16
C LYS A 1028 30.99 -26.79 -16.48
N MET A 1029 31.06 -26.70 -15.15
CA MET A 1029 32.11 -27.41 -14.43
C MET A 1029 31.97 -28.91 -14.59
N SER A 1030 30.74 -29.42 -14.57
CA SER A 1030 30.52 -30.85 -14.74
C SER A 1030 30.93 -31.31 -16.14
N GLU A 1031 30.63 -30.53 -17.17
CA GLU A 1031 30.85 -30.98 -18.54
C GLU A 1031 32.26 -30.65 -19.05
N CYS A 1032 32.61 -29.36 -19.08
CA CYS A 1032 33.85 -28.94 -19.71
C CYS A 1032 35.07 -29.37 -18.89
N VAL A 1033 34.99 -29.30 -17.57
CA VAL A 1033 36.14 -29.56 -16.70
C VAL A 1033 36.28 -31.04 -16.39
N LEU A 1034 35.17 -31.71 -16.05
CA LEU A 1034 35.20 -33.11 -15.67
C LEU A 1034 35.14 -34.05 -16.87
N GLY A 1035 35.08 -33.51 -18.09
CA GLY A 1035 35.03 -34.35 -19.27
C GLY A 1035 35.20 -33.51 -20.51
N GLN A 1036 34.96 -34.15 -21.65
CA GLN A 1036 35.02 -33.48 -22.95
C GLN A 1036 33.60 -33.34 -23.48
N SER A 1037 33.19 -32.12 -23.76
CA SER A 1037 31.83 -31.81 -24.21
C SER A 1037 31.81 -31.65 -25.72
N LYS A 1038 30.90 -32.37 -26.38
CA LYS A 1038 30.73 -32.24 -27.83
C LYS A 1038 29.87 -31.06 -28.22
N ARG A 1039 29.28 -30.35 -27.26
CA ARG A 1039 28.48 -29.17 -27.56
C ARG A 1039 29.35 -28.07 -28.12
N VAL A 1040 28.82 -27.34 -29.11
CA VAL A 1040 29.57 -26.30 -29.78
C VAL A 1040 29.34 -24.98 -29.07
N ASP A 1041 30.42 -24.25 -28.79
CA ASP A 1041 30.46 -22.91 -28.21
C ASP A 1041 30.06 -22.96 -26.73
N PHE A 1042 29.65 -24.13 -26.21
CA PHE A 1042 29.33 -24.24 -24.80
C PHE A 1042 30.56 -24.05 -23.93
N CYS A 1043 31.62 -24.80 -24.22
CA CYS A 1043 32.89 -24.65 -23.51
C CYS A 1043 33.85 -23.76 -24.30
N GLY A 1044 33.40 -22.55 -24.59
CA GLY A 1044 34.20 -21.59 -25.32
C GLY A 1044 34.11 -21.79 -26.83
N LYS A 1045 34.59 -20.79 -27.55
CA LYS A 1045 34.56 -20.81 -29.00
C LYS A 1045 35.58 -21.81 -29.54
N GLY A 1046 35.21 -22.49 -30.64
CA GLY A 1046 36.10 -23.42 -31.29
C GLY A 1046 35.97 -24.83 -30.76
N TYR A 1047 36.78 -25.72 -31.33
CA TYR A 1047 36.82 -27.11 -30.90
C TYR A 1047 37.36 -27.19 -29.48
N HIS A 1048 36.49 -27.44 -28.52
CA HIS A 1048 36.89 -27.46 -27.12
C HIS A 1048 37.80 -28.64 -26.83
N LEU A 1049 38.92 -28.37 -26.18
CA LEU A 1049 39.84 -29.42 -25.74
C LEU A 1049 39.66 -29.76 -24.27
N MET A 1050 39.75 -28.76 -23.39
CA MET A 1050 39.62 -28.99 -21.96
C MET A 1050 39.44 -27.65 -21.26
N SER A 1051 39.43 -27.66 -19.93
CA SER A 1051 39.02 -26.46 -19.20
C SER A 1051 39.84 -26.30 -17.92
N PHE A 1052 39.86 -25.06 -17.43
CA PHE A 1052 40.54 -24.65 -16.21
C PHE A 1052 39.53 -23.97 -15.29
N PRO A 1053 39.26 -24.53 -14.10
CA PRO A 1053 38.40 -23.83 -13.14
C PRO A 1053 39.20 -22.95 -12.20
N GLN A 1054 38.68 -21.75 -11.95
CA GLN A 1054 39.31 -20.79 -11.07
C GLN A 1054 38.26 -20.11 -10.21
N SER A 1055 38.66 -19.68 -9.01
CA SER A 1055 37.76 -18.98 -8.12
C SER A 1055 37.84 -17.48 -8.33
N ALA A 1056 36.82 -16.77 -7.83
CA ALA A 1056 36.75 -15.33 -7.90
C ALA A 1056 35.79 -14.86 -6.82
N PRO A 1057 35.88 -13.58 -6.40
CA PRO A 1057 34.94 -13.09 -5.38
C PRO A 1057 33.50 -13.34 -5.77
N HIS A 1058 32.84 -14.22 -5.02
CA HIS A 1058 31.49 -14.73 -5.31
C HIS A 1058 31.31 -14.99 -6.79
N GLY A 1059 32.24 -15.74 -7.38
CA GLY A 1059 32.16 -16.03 -8.79
C GLY A 1059 33.14 -17.11 -9.21
N VAL A 1060 32.94 -17.61 -10.43
CA VAL A 1060 33.78 -18.64 -11.00
C VAL A 1060 34.34 -18.15 -12.33
N VAL A 1061 35.52 -18.65 -12.67
CA VAL A 1061 36.21 -18.32 -13.91
C VAL A 1061 36.52 -19.62 -14.63
N PHE A 1062 36.16 -19.69 -15.91
CA PHE A 1062 36.45 -20.84 -16.75
C PHE A 1062 37.43 -20.41 -17.82
N LEU A 1063 38.58 -21.06 -17.86
CA LEU A 1063 39.58 -20.86 -18.91
C LEU A 1063 39.46 -22.06 -19.85
N HIS A 1064 38.74 -21.89 -20.95
CA HIS A 1064 38.50 -22.96 -21.91
C HIS A 1064 39.68 -23.02 -22.87
N VAL A 1065 40.42 -24.13 -22.84
CA VAL A 1065 41.50 -24.40 -23.78
C VAL A 1065 40.90 -25.13 -24.97
N THR A 1066 41.04 -24.54 -26.15
CA THR A 1066 40.35 -24.99 -27.35
C THR A 1066 41.32 -25.06 -28.52
N TYR A 1067 40.92 -25.82 -29.54
CA TYR A 1067 41.70 -26.08 -30.74
C TYR A 1067 41.14 -25.23 -31.87
N VAL A 1068 42.00 -24.43 -32.51
CA VAL A 1068 41.57 -23.51 -33.56
C VAL A 1068 42.49 -23.64 -34.78
N PRO A 1069 41.98 -24.08 -35.93
CA PRO A 1069 42.79 -24.02 -37.15
C PRO A 1069 43.07 -22.58 -37.55
N ALA A 1070 44.26 -22.34 -38.11
CA ALA A 1070 44.68 -20.98 -38.45
C ALA A 1070 44.92 -20.82 -39.94
N GLN A 1071 45.75 -21.66 -40.56
CA GLN A 1071 46.16 -21.49 -41.94
C GLN A 1071 45.58 -22.60 -42.80
N GLU A 1072 44.94 -22.25 -43.90
CA GLU A 1072 44.35 -23.21 -44.83
C GLU A 1072 44.66 -22.79 -46.24
N LYS A 1073 44.63 -23.76 -47.16
CA LYS A 1073 44.91 -23.54 -48.57
C LYS A 1073 43.81 -24.16 -49.42
N ASN A 1074 43.62 -23.61 -50.62
CA ASN A 1074 42.62 -24.13 -51.53
C ASN A 1074 43.08 -25.43 -52.15
N PHE A 1075 42.24 -26.47 -52.03
CA PHE A 1075 42.56 -27.81 -52.47
C PHE A 1075 41.42 -28.31 -53.36
N THR A 1076 41.55 -29.53 -53.86
CA THR A 1076 40.52 -30.15 -54.67
C THR A 1076 40.05 -31.44 -54.01
N THR A 1077 38.74 -31.68 -54.03
CA THR A 1077 38.16 -32.85 -53.40
C THR A 1077 37.29 -33.61 -54.38
N ALA A 1078 37.17 -34.92 -54.15
CA ALA A 1078 36.34 -35.80 -54.96
C ALA A 1078 35.51 -36.68 -54.05
N PRO A 1079 34.27 -36.96 -54.43
CA PRO A 1079 33.41 -37.80 -53.57
C PRO A 1079 33.94 -39.22 -53.37
N ALA A 1080 34.56 -39.80 -54.39
CA ALA A 1080 35.01 -41.19 -54.31
C ALA A 1080 36.10 -41.41 -55.35
N ILE A 1081 36.59 -42.64 -55.42
CA ILE A 1081 37.60 -43.05 -56.39
C ILE A 1081 37.08 -44.25 -57.16
N CYS A 1082 37.19 -44.21 -58.49
CA CYS A 1082 36.82 -45.33 -59.34
C CYS A 1082 38.10 -45.90 -59.96
N HIS A 1083 38.49 -47.09 -59.51
CA HIS A 1083 39.71 -47.74 -59.97
C HIS A 1083 39.42 -49.02 -60.75
N ASP A 1084 38.69 -49.96 -60.15
CA ASP A 1084 38.38 -51.24 -60.77
C ASP A 1084 36.88 -51.33 -61.10
N GLY A 1085 36.29 -50.23 -61.54
CA GLY A 1085 34.88 -50.20 -61.82
C GLY A 1085 33.99 -50.13 -60.60
N LYS A 1086 34.56 -49.89 -59.41
CA LYS A 1086 33.80 -49.82 -58.17
C LYS A 1086 34.18 -48.55 -57.42
N ALA A 1087 33.21 -48.02 -56.67
CA ALA A 1087 33.43 -46.79 -55.93
C ALA A 1087 34.13 -47.07 -54.61
N HIS A 1088 35.11 -46.22 -54.28
CA HIS A 1088 35.84 -46.31 -53.02
C HIS A 1088 35.71 -44.99 -52.28
N PHE A 1089 35.30 -45.07 -51.01
CA PHE A 1089 35.08 -43.93 -50.14
C PHE A 1089 36.06 -43.95 -48.98
N PRO A 1090 36.55 -42.78 -48.53
CA PRO A 1090 37.53 -42.76 -47.43
C PRO A 1090 36.87 -43.19 -46.12
N ARG A 1091 37.53 -44.13 -45.42
CA ARG A 1091 37.02 -44.59 -44.15
C ARG A 1091 37.05 -43.48 -43.11
N GLU A 1092 38.14 -42.72 -43.06
CA GLU A 1092 38.26 -41.60 -42.12
C GLU A 1092 39.19 -40.57 -42.75
N GLY A 1093 38.61 -39.52 -43.32
CA GLY A 1093 39.36 -38.47 -43.97
C GLY A 1093 38.66 -38.03 -45.23
N VAL A 1094 39.34 -37.19 -46.00
CA VAL A 1094 38.82 -36.67 -47.26
C VAL A 1094 39.89 -36.78 -48.33
N PHE A 1095 39.44 -36.85 -49.58
CA PHE A 1095 40.35 -36.89 -50.73
C PHE A 1095 40.82 -35.49 -51.05
N VAL A 1096 42.13 -35.34 -51.21
CA VAL A 1096 42.77 -34.04 -51.42
C VAL A 1096 43.68 -34.12 -52.62
N SER A 1097 43.58 -33.12 -53.50
CA SER A 1097 44.47 -32.96 -54.63
C SER A 1097 44.98 -31.53 -54.68
N ASN A 1098 46.28 -31.39 -54.93
CA ASN A 1098 46.90 -30.09 -55.17
C ASN A 1098 47.00 -29.76 -56.65
N GLY A 1099 46.52 -30.64 -57.52
CA GLY A 1099 46.56 -30.40 -58.95
C GLY A 1099 47.07 -31.59 -59.74
N THR A 1100 47.91 -32.42 -59.12
CA THR A 1100 48.50 -33.56 -59.81
C THR A 1100 48.30 -34.88 -59.09
N HIS A 1101 48.35 -34.89 -57.76
CA HIS A 1101 48.31 -36.12 -56.98
C HIS A 1101 47.10 -36.14 -56.05
N TRP A 1102 46.56 -37.33 -55.85
CA TRP A 1102 45.41 -37.55 -54.97
C TRP A 1102 45.86 -38.28 -53.72
N PHE A 1103 45.45 -37.79 -52.56
CA PHE A 1103 45.76 -38.39 -51.28
C PHE A 1103 44.50 -38.39 -50.41
N VAL A 1104 44.59 -39.05 -49.26
CA VAL A 1104 43.53 -39.07 -48.26
C VAL A 1104 44.08 -38.50 -46.96
N THR A 1105 43.38 -37.55 -46.37
CA THR A 1105 43.86 -36.87 -45.17
C THR A 1105 42.80 -36.92 -44.08
N GLN A 1106 43.17 -36.42 -42.91
CA GLN A 1106 42.26 -36.34 -41.78
C GLN A 1106 41.20 -35.27 -42.01
N ARG A 1107 40.08 -35.39 -41.29
CA ARG A 1107 38.97 -34.47 -41.47
C ARG A 1107 39.27 -33.07 -40.94
N ASN A 1108 40.25 -32.90 -40.06
CA ASN A 1108 40.52 -31.61 -39.43
C ASN A 1108 41.97 -31.15 -39.54
N PHE A 1109 42.81 -31.86 -40.29
CA PHE A 1109 44.19 -31.43 -40.46
C PHE A 1109 44.70 -31.98 -41.79
N TYR A 1110 45.77 -31.35 -42.29
CA TYR A 1110 46.35 -31.72 -43.57
C TYR A 1110 47.50 -32.70 -43.31
N GLU A 1111 47.17 -33.99 -43.38
CA GLU A 1111 48.15 -35.08 -43.27
C GLU A 1111 47.90 -36.04 -44.42
N PRO A 1112 48.33 -35.67 -45.63
CA PRO A 1112 48.05 -36.52 -46.80
C PRO A 1112 48.70 -37.89 -46.68
N GLN A 1113 48.00 -38.90 -47.15
CA GLN A 1113 48.49 -40.27 -47.17
C GLN A 1113 48.08 -40.92 -48.48
N ILE A 1114 48.88 -41.89 -48.93
CA ILE A 1114 48.60 -42.57 -50.19
C ILE A 1114 47.33 -43.41 -50.03
N ILE A 1115 46.56 -43.50 -51.12
CA ILE A 1115 45.32 -44.27 -51.09
C ILE A 1115 45.66 -45.75 -51.03
N THR A 1116 45.16 -46.44 -50.02
CA THR A 1116 45.42 -47.86 -49.83
C THR A 1116 44.10 -48.60 -49.63
N THR A 1117 44.19 -49.93 -49.60
CA THR A 1117 43.00 -50.75 -49.39
C THR A 1117 42.42 -50.53 -47.99
N ASP A 1118 43.28 -50.39 -46.99
CA ASP A 1118 42.80 -50.17 -45.62
C ASP A 1118 42.30 -48.75 -45.42
N ASN A 1119 42.87 -47.77 -46.13
CA ASN A 1119 42.46 -46.39 -45.96
C ASN A 1119 41.02 -46.16 -46.40
N THR A 1120 40.59 -46.77 -47.49
CA THR A 1120 39.26 -46.57 -48.04
C THR A 1120 38.47 -47.88 -47.96
N PHE A 1121 37.19 -47.80 -48.32
CA PHE A 1121 36.33 -48.98 -48.40
C PHE A 1121 35.51 -48.92 -49.67
N VAL A 1122 35.24 -50.08 -50.24
CA VAL A 1122 34.53 -50.21 -51.51
C VAL A 1122 33.04 -50.32 -51.23
N SER A 1123 32.24 -49.70 -52.10
CA SER A 1123 30.78 -49.76 -51.96
C SER A 1123 30.16 -49.53 -53.34
N GLY A 1124 29.72 -50.60 -53.97
CA GLY A 1124 28.99 -50.50 -55.23
C GLY A 1124 29.89 -50.10 -56.40
N ASN A 1125 29.23 -49.83 -57.52
CA ASN A 1125 29.92 -49.41 -58.73
C ASN A 1125 30.31 -47.95 -58.65
N CYS A 1126 31.19 -47.54 -59.56
CA CYS A 1126 31.72 -46.18 -59.60
C CYS A 1126 31.01 -45.30 -60.62
N ASP A 1127 29.73 -45.59 -60.89
CA ASP A 1127 28.95 -44.79 -61.82
C ASP A 1127 27.77 -44.08 -61.17
N VAL A 1128 27.20 -44.63 -60.09
CA VAL A 1128 26.08 -43.97 -59.43
C VAL A 1128 26.52 -42.69 -58.76
N VAL A 1129 27.73 -42.64 -58.22
CA VAL A 1129 28.21 -41.46 -57.52
C VAL A 1129 28.43 -40.33 -58.51
N ILE A 1130 27.90 -39.15 -58.18
CA ILE A 1130 28.02 -37.98 -59.03
C ILE A 1130 29.29 -37.24 -58.68
N GLY A 1131 30.08 -36.90 -59.70
CA GLY A 1131 31.34 -36.21 -59.49
C GLY A 1131 32.52 -37.11 -59.17
N ILE A 1132 32.34 -38.43 -59.19
CA ILE A 1132 33.44 -39.34 -58.88
C ILE A 1132 34.54 -39.21 -59.93
N VAL A 1133 35.78 -39.43 -59.50
CA VAL A 1133 36.94 -39.30 -60.37
C VAL A 1133 37.63 -40.65 -60.47
N ASN A 1134 38.43 -40.80 -61.52
CA ASN A 1134 39.17 -42.02 -61.80
C ASN A 1134 40.59 -41.90 -61.27
N ASN A 1135 41.01 -42.91 -60.52
CA ASN A 1135 42.36 -42.96 -59.96
C ASN A 1135 42.70 -44.41 -59.65
N THR A 1136 43.83 -44.62 -58.98
CA THR A 1136 44.28 -45.95 -58.60
C THR A 1136 44.41 -46.03 -57.08
N VAL A 1137 44.12 -47.21 -56.54
CA VAL A 1137 44.23 -47.48 -55.11
C VAL A 1137 45.41 -48.42 -54.94
N TYR A 1138 46.46 -47.95 -54.28
CA TYR A 1138 47.65 -48.77 -54.08
C TYR A 1138 47.35 -49.92 -53.13
N ASP A 1139 47.84 -51.11 -53.49
CA ASP A 1139 47.65 -52.29 -52.66
C ASP A 1139 48.92 -52.57 -51.88
N PRO A 1140 48.89 -52.52 -50.55
CA PRO A 1140 50.10 -52.80 -49.76
C PRO A 1140 50.38 -54.28 -49.54
N LEU A 1141 49.71 -55.17 -50.26
CA LEU A 1141 49.91 -56.60 -50.14
C LEU A 1141 50.71 -57.20 -51.28
N GLN A 1142 50.58 -56.64 -52.49
CA GLN A 1142 51.39 -57.11 -53.61
C GLN A 1142 52.89 -56.92 -53.40
N PRO A 1143 53.39 -55.84 -52.77
CA PRO A 1143 54.84 -55.81 -52.48
C PRO A 1143 55.29 -56.93 -51.56
N GLU A 1144 54.43 -57.34 -50.63
CA GLU A 1144 54.78 -58.46 -49.75
C GLU A 1144 54.75 -59.78 -50.50
N LEU A 1145 53.75 -59.97 -51.38
CA LEU A 1145 53.71 -61.18 -52.19
C LEU A 1145 54.86 -61.26 -53.18
N ASP A 1146 55.35 -60.12 -53.67
CA ASP A 1146 56.48 -60.14 -54.59
C ASP A 1146 57.73 -60.70 -53.93
N SER A 1147 57.98 -60.30 -52.68
CA SER A 1147 59.15 -60.77 -51.95
C SER A 1147 58.88 -62.12 -51.29
N SER B 13 -18.65 -20.13 65.40
CA SER B 13 -18.46 -19.19 64.30
C SER B 13 -17.72 -17.94 64.77
N GLN B 14 -17.31 -17.94 66.04
CA GLN B 14 -16.61 -16.81 66.60
C GLN B 14 -15.18 -16.74 66.08
N CYS B 15 -14.61 -15.53 66.09
CA CYS B 15 -13.24 -15.31 65.66
C CYS B 15 -12.31 -15.48 66.85
N VAL B 16 -11.49 -16.53 66.83
CA VAL B 16 -10.55 -16.83 67.91
C VAL B 16 -9.18 -17.05 67.30
N ASN B 17 -8.15 -16.47 67.91
CA ASN B 17 -6.79 -16.66 67.44
C ASN B 17 -6.34 -18.09 67.75
N LEU B 18 -5.58 -18.68 66.82
CA LEU B 18 -5.09 -20.04 66.97
C LEU B 18 -3.69 -20.02 67.58
N THR B 19 -3.54 -20.64 68.74
CA THR B 19 -2.28 -20.69 69.45
C THR B 19 -1.51 -21.94 69.05
N THR B 20 -0.45 -22.24 69.81
CA THR B 20 0.44 -23.40 69.62
C THR B 20 0.70 -23.68 68.14
N ARG B 21 1.21 -22.66 67.45
CA ARG B 21 1.59 -22.75 66.05
C ARG B 21 3.11 -22.85 65.97
N THR B 22 3.60 -23.87 65.28
CA THR B 22 5.03 -24.12 65.16
C THR B 22 5.56 -23.51 63.87
N GLN B 23 6.57 -22.65 63.99
CA GLN B 23 7.18 -22.04 62.82
C GLN B 23 8.09 -23.03 62.11
N LEU B 24 7.96 -23.11 60.79
CA LEU B 24 8.75 -24.02 59.97
C LEU B 24 9.04 -23.32 58.65
N PRO B 25 10.28 -23.36 58.18
CA PRO B 25 10.65 -22.63 56.96
C PRO B 25 9.86 -23.11 55.76
N PRO B 26 9.49 -22.20 54.86
CA PRO B 26 8.70 -22.62 53.68
C PRO B 26 9.48 -23.59 52.81
N ALA B 27 8.75 -24.55 52.24
CA ALA B 27 9.32 -25.57 51.37
C ALA B 27 8.81 -25.39 49.95
N TYR B 28 9.68 -25.64 48.99
CA TYR B 28 9.34 -25.51 47.57
C TYR B 28 9.68 -26.81 46.85
N THR B 29 8.91 -27.12 45.81
CA THR B 29 9.11 -28.32 45.01
C THR B 29 8.93 -27.97 43.54
N ASN B 30 9.09 -28.98 42.69
CA ASN B 30 9.02 -28.81 41.25
C ASN B 30 7.63 -29.20 40.75
N SER B 31 7.03 -28.31 39.94
CA SER B 31 5.72 -28.57 39.37
C SER B 31 5.77 -29.44 38.13
N PHE B 32 6.96 -29.72 37.60
CA PHE B 32 7.13 -30.54 36.40
C PHE B 32 6.37 -29.97 35.22
N THR B 33 5.46 -30.77 34.65
CA THR B 33 4.67 -30.35 33.49
C THR B 33 3.22 -30.09 33.84
N ARG B 34 2.88 -30.01 35.12
CA ARG B 34 1.51 -29.79 35.53
C ARG B 34 1.12 -28.32 35.37
N GLY B 35 -0.18 -28.06 35.46
CA GLY B 35 -0.69 -26.71 35.36
C GLY B 35 -1.21 -26.31 33.99
N VAL B 36 -1.37 -27.24 33.07
CA VAL B 36 -1.84 -26.95 31.73
C VAL B 36 -3.36 -27.13 31.68
N TYR B 37 -4.06 -26.11 31.19
CA TYR B 37 -5.50 -26.13 31.09
C TYR B 37 -5.92 -25.70 29.69
N TYR B 38 -7.19 -25.89 29.39
CA TYR B 38 -7.73 -25.49 28.09
C TYR B 38 -7.84 -23.98 28.01
N PRO B 39 -7.16 -23.32 27.07
CA PRO B 39 -7.28 -21.86 26.97
C PRO B 39 -8.69 -21.38 26.67
N ASP B 40 -9.46 -22.15 25.91
CA ASP B 40 -10.82 -21.76 25.53
C ASP B 40 -11.65 -23.02 25.37
N LYS B 41 -12.81 -22.88 24.73
CA LYS B 41 -13.75 -23.97 24.53
C LYS B 41 -13.80 -24.40 23.06
N VAL B 42 -12.66 -24.40 22.40
CA VAL B 42 -12.57 -24.80 21.00
C VAL B 42 -12.16 -26.26 20.93
N PHE B 43 -12.41 -26.87 19.76
CA PHE B 43 -12.12 -28.28 19.53
C PHE B 43 -11.09 -28.40 18.42
N ARG B 44 -10.05 -29.20 18.67
CA ARG B 44 -9.01 -29.45 17.68
C ARG B 44 -8.71 -30.95 17.67
N SER B 45 -8.47 -31.49 16.48
CA SER B 45 -8.21 -32.92 16.30
C SER B 45 -6.82 -33.09 15.72
N SER B 46 -5.90 -33.64 16.53
CA SER B 46 -4.52 -33.88 16.13
C SER B 46 -3.87 -32.59 15.60
N VAL B 47 -4.09 -31.50 16.33
CA VAL B 47 -3.63 -30.18 15.92
C VAL B 47 -2.76 -29.59 17.01
N LEU B 48 -1.63 -29.01 16.63
CA LEU B 48 -0.78 -28.25 17.53
C LEU B 48 -1.19 -26.79 17.40
N HIS B 49 -1.26 -26.09 18.53
CA HIS B 49 -1.69 -24.69 18.56
C HIS B 49 -0.90 -23.92 19.60
N SER B 50 -0.47 -22.72 19.25
CA SER B 50 0.28 -21.85 20.15
C SER B 50 -0.66 -20.83 20.76
N THR B 51 -0.78 -20.85 22.08
CA THR B 51 -1.68 -19.96 22.81
C THR B 51 -0.88 -19.14 23.80
N GLN B 52 -1.05 -17.81 23.75
CA GLN B 52 -0.45 -16.91 24.72
C GLN B 52 -1.48 -16.62 25.80
N ASP B 53 -1.17 -16.99 27.04
CA ASP B 53 -2.13 -16.87 28.13
C ASP B 53 -1.38 -17.01 29.45
N LEU B 54 -2.13 -16.95 30.54
CA LEU B 54 -1.59 -17.13 31.89
C LEU B 54 -1.43 -18.61 32.16
N PHE B 55 -0.20 -19.12 32.04
CA PHE B 55 0.10 -20.52 32.24
C PHE B 55 1.19 -20.68 33.28
N LEU B 56 1.16 -21.80 33.98
CA LEU B 56 2.18 -22.11 34.97
C LEU B 56 3.45 -22.56 34.25
N PRO B 57 4.60 -21.92 34.50
CA PRO B 57 5.84 -22.34 33.83
C PRO B 57 6.21 -23.77 34.20
N PHE B 58 6.78 -24.48 33.22
CA PHE B 58 7.20 -25.85 33.45
C PHE B 58 8.38 -25.92 34.40
N PHE B 59 8.36 -26.91 35.28
CA PHE B 59 9.41 -27.12 36.29
C PHE B 59 9.60 -25.87 37.14
N SER B 60 8.50 -25.21 37.47
CA SER B 60 8.56 -24.01 38.31
C SER B 60 8.65 -24.40 39.79
N ASN B 61 9.14 -23.46 40.59
CA ASN B 61 9.25 -23.66 42.04
C ASN B 61 7.93 -23.32 42.68
N VAL B 62 7.15 -24.34 43.02
CA VAL B 62 5.84 -24.18 43.63
C VAL B 62 5.97 -24.38 45.14
N THR B 63 5.36 -23.49 45.90
CA THR B 63 5.45 -23.55 47.35
C THR B 63 4.70 -24.75 47.88
N TRP B 64 5.31 -25.45 48.85
CA TRP B 64 4.75 -26.66 49.43
C TRP B 64 4.33 -26.37 50.86
N PHE B 65 3.09 -26.70 51.20
CA PHE B 65 2.55 -26.52 52.54
C PHE B 65 2.12 -27.87 53.09
N HIS B 66 2.55 -28.16 54.31
CA HIS B 66 2.29 -29.43 54.97
C HIS B 66 1.12 -29.30 55.93
N ALA B 67 0.51 -30.45 56.24
CA ALA B 67 -0.57 -30.53 57.23
C ALA B 67 -0.49 -31.90 57.89
N ILE B 68 0.17 -31.94 59.05
CA ILE B 68 0.36 -33.19 59.79
C ILE B 68 0.70 -32.83 61.23
N HIS B 69 0.47 -33.77 62.14
CA HIS B 69 0.78 -33.57 63.56
C HIS B 69 1.23 -34.90 64.14
N VAL B 70 2.54 -35.10 64.24
CA VAL B 70 3.09 -36.29 64.88
C VAL B 70 3.04 -36.10 66.39
N SER B 71 3.21 -37.19 67.14
CA SER B 71 3.11 -37.14 68.59
C SER B 71 4.25 -37.84 69.31
N GLY B 72 5.15 -38.51 68.61
CA GLY B 72 6.21 -39.25 69.27
C GLY B 72 7.26 -38.36 69.92
N THR B 73 8.09 -37.72 69.12
CA THR B 73 9.09 -36.80 69.67
C THR B 73 9.27 -35.51 68.89
N ASN B 74 8.79 -35.42 67.65
CA ASN B 74 9.05 -34.23 66.85
C ASN B 74 8.16 -33.06 67.25
N GLY B 75 6.88 -33.32 67.52
CA GLY B 75 5.96 -32.26 67.85
C GLY B 75 5.77 -31.26 66.72
N THR B 76 5.55 -31.77 65.50
CA THR B 76 5.46 -30.92 64.33
C THR B 76 4.29 -29.95 64.44
N LYS B 77 3.07 -30.47 64.51
CA LYS B 77 1.84 -29.66 64.55
C LYS B 77 1.79 -28.68 63.37
N ARG B 78 1.70 -29.26 62.18
CA ARG B 78 1.71 -28.50 60.94
C ARG B 78 0.27 -28.19 60.53
N PHE B 79 -0.05 -26.90 60.42
CA PHE B 79 -1.37 -26.46 59.97
C PHE B 79 -1.19 -25.08 59.35
N ASP B 80 -1.23 -25.02 58.02
CA ASP B 80 -0.94 -23.81 57.27
C ASP B 80 -2.22 -23.29 56.61
N ASN B 81 -2.59 -22.06 56.95
CA ASN B 81 -3.66 -21.33 56.28
C ASN B 81 -3.16 -19.93 55.94
N PRO B 82 -2.22 -19.83 55.00
CA PRO B 82 -1.54 -18.53 54.76
C PRO B 82 -2.36 -17.55 53.93
N VAL B 83 -1.72 -16.44 53.57
CA VAL B 83 -2.38 -15.25 53.06
C VAL B 83 -1.89 -14.97 51.64
N LEU B 84 -1.75 -16.03 50.84
CA LEU B 84 -0.97 -15.92 49.61
C LEU B 84 -1.56 -14.88 48.67
N PRO B 85 -0.76 -13.94 48.16
CA PRO B 85 -1.27 -13.01 47.14
C PRO B 85 -1.74 -13.75 45.90
N PHE B 86 -2.85 -13.28 45.32
CA PHE B 86 -3.45 -13.96 44.19
C PHE B 86 -2.65 -13.75 42.91
N ASN B 87 -2.18 -12.53 42.68
CA ASN B 87 -1.45 -12.15 41.45
C ASN B 87 -2.37 -12.40 40.25
N ASP B 88 -1.78 -12.70 39.09
CA ASP B 88 -2.58 -12.86 37.88
C ASP B 88 -3.39 -14.15 37.91
N GLY B 89 -2.77 -15.25 38.30
CA GLY B 89 -3.44 -16.53 38.33
C GLY B 89 -2.86 -17.43 39.40
N VAL B 90 -3.63 -18.44 39.76
CA VAL B 90 -3.26 -19.35 40.85
C VAL B 90 -3.41 -20.79 40.38
N TYR B 91 -2.42 -21.62 40.73
CA TYR B 91 -2.50 -23.06 40.52
C TYR B 91 -2.39 -23.75 41.88
N PHE B 92 -3.31 -24.67 42.15
CA PHE B 92 -3.38 -25.34 43.44
C PHE B 92 -3.45 -26.84 43.21
N ALA B 93 -2.47 -27.57 43.73
CA ALA B 93 -2.45 -29.03 43.70
C ALA B 93 -2.69 -29.55 45.10
N SER B 94 -3.84 -30.21 45.30
CA SER B 94 -4.25 -30.69 46.61
C SER B 94 -4.23 -32.21 46.60
N THR B 95 -3.36 -32.80 47.41
CA THR B 95 -3.29 -34.25 47.56
C THR B 95 -3.86 -34.64 48.92
N GLU B 96 -4.75 -35.62 48.92
CA GLU B 96 -5.44 -36.00 50.14
C GLU B 96 -6.03 -37.40 49.98
N LYS B 97 -6.56 -37.93 51.08
CA LYS B 97 -7.17 -39.24 51.12
C LYS B 97 -8.62 -39.23 51.55
N SER B 98 -8.97 -38.41 52.54
CA SER B 98 -10.31 -38.38 53.11
C SER B 98 -10.87 -36.96 53.12
N ASN B 99 -10.63 -36.22 52.05
CA ASN B 99 -11.17 -34.86 51.88
C ASN B 99 -10.76 -33.96 53.04
N ILE B 100 -9.45 -33.93 53.32
CA ILE B 100 -8.93 -33.07 54.38
C ILE B 100 -9.03 -31.61 53.99
N ILE B 101 -8.66 -31.29 52.74
CA ILE B 101 -8.77 -29.91 52.26
C ILE B 101 -10.23 -29.61 51.93
N ARG B 102 -10.75 -28.53 52.50
CA ARG B 102 -12.18 -28.28 52.50
C ARG B 102 -12.63 -27.17 51.57
N GLY B 103 -11.82 -26.13 51.37
CA GLY B 103 -12.22 -25.06 50.46
C GLY B 103 -11.20 -23.95 50.40
N TRP B 104 -11.60 -22.85 49.79
CA TRP B 104 -10.74 -21.69 49.61
C TRP B 104 -11.55 -20.42 49.82
N ILE B 105 -10.84 -19.34 50.16
CA ILE B 105 -11.43 -18.01 50.25
C ILE B 105 -10.51 -17.04 49.52
N PHE B 106 -11.10 -16.07 48.84
CA PHE B 106 -10.39 -15.07 48.06
C PHE B 106 -10.92 -13.69 48.41
N GLY B 107 -10.07 -12.68 48.26
CA GLY B 107 -10.49 -11.33 48.52
C GLY B 107 -9.32 -10.38 48.49
N THR B 108 -9.65 -9.08 48.58
CA THR B 108 -8.62 -8.05 48.59
C THR B 108 -8.14 -7.75 50.00
N THR B 109 -9.05 -7.34 50.88
CA THR B 109 -8.72 -7.08 52.28
C THR B 109 -9.27 -8.13 53.23
N LEU B 110 -10.08 -9.07 52.74
CA LEU B 110 -10.58 -10.20 53.53
C LEU B 110 -11.36 -9.71 54.76
N ASP B 111 -12.14 -8.65 54.58
CA ASP B 111 -12.98 -8.13 55.65
C ASP B 111 -14.29 -7.64 55.04
N SER B 112 -15.08 -6.91 55.84
CA SER B 112 -16.33 -6.36 55.35
C SER B 112 -16.16 -5.09 54.54
N LYS B 113 -14.98 -4.46 54.59
CA LYS B 113 -14.75 -3.25 53.81
C LYS B 113 -14.79 -3.53 52.31
N THR B 114 -14.20 -4.64 51.86
CA THR B 114 -14.18 -5.01 50.47
C THR B 114 -15.01 -6.26 50.25
N GLN B 115 -15.11 -6.67 48.99
CA GLN B 115 -15.91 -7.84 48.64
C GLN B 115 -15.04 -9.10 48.68
N SER B 116 -15.63 -10.18 49.18
CA SER B 116 -14.89 -11.43 49.35
C SER B 116 -15.68 -12.57 48.72
N LEU B 117 -14.95 -13.63 48.37
CA LEU B 117 -15.52 -14.82 47.76
C LEU B 117 -15.08 -16.06 48.54
N LEU B 118 -15.97 -17.05 48.59
CA LEU B 118 -15.72 -18.28 49.33
C LEU B 118 -16.24 -19.46 48.54
N ILE B 119 -15.48 -20.54 48.52
CA ILE B 119 -15.92 -21.83 48.00
C ILE B 119 -15.56 -22.87 49.06
N VAL B 120 -16.50 -23.74 49.41
CA VAL B 120 -16.20 -24.74 50.42
C VAL B 120 -17.16 -25.91 50.28
N ASN B 121 -16.69 -27.10 50.65
CA ASN B 121 -17.53 -28.28 50.78
C ASN B 121 -17.97 -28.38 52.24
N ASN B 122 -19.28 -28.35 52.47
CA ASN B 122 -19.81 -28.37 53.84
C ASN B 122 -20.07 -29.78 54.34
N ALA B 123 -19.36 -30.78 53.82
CA ALA B 123 -19.50 -32.20 54.11
C ALA B 123 -20.84 -32.75 53.62
N THR B 124 -21.69 -31.93 53.03
CA THR B 124 -22.94 -32.34 52.42
C THR B 124 -23.07 -31.87 50.98
N ASN B 125 -22.58 -30.67 50.66
CA ASN B 125 -22.61 -30.16 49.31
C ASN B 125 -21.55 -29.07 49.18
N VAL B 126 -21.21 -28.75 47.94
CA VAL B 126 -20.26 -27.67 47.65
C VAL B 126 -21.04 -26.38 47.48
N VAL B 127 -20.56 -25.31 48.13
CA VAL B 127 -21.25 -24.03 48.14
C VAL B 127 -20.26 -22.94 47.74
N ILE B 128 -20.74 -22.01 46.90
CA ILE B 128 -19.96 -20.88 46.43
C ILE B 128 -20.71 -19.59 46.75
N LYS B 129 -20.11 -18.74 47.57
CA LYS B 129 -20.73 -17.49 47.98
C LYS B 129 -19.82 -16.34 47.62
N VAL B 130 -20.41 -15.18 47.33
CA VAL B 130 -19.67 -13.94 47.17
C VAL B 130 -20.33 -12.92 48.10
N CYS B 131 -19.86 -12.86 49.34
CA CYS B 131 -20.46 -12.03 50.37
C CYS B 131 -19.37 -11.19 51.02
N GLU B 132 -19.77 -10.07 51.63
CA GLU B 132 -18.86 -9.25 52.42
C GLU B 132 -18.70 -9.92 53.78
N PHE B 133 -17.77 -10.89 53.82
CA PHE B 133 -17.62 -11.75 54.96
C PHE B 133 -16.82 -11.08 56.07
N GLN B 134 -16.66 -11.80 57.18
CA GLN B 134 -15.92 -11.33 58.34
C GLN B 134 -14.87 -12.36 58.73
N PHE B 135 -14.07 -12.80 57.76
CA PHE B 135 -13.11 -13.86 57.99
C PHE B 135 -12.14 -13.53 59.11
N CYS B 136 -11.87 -14.53 59.96
CA CYS B 136 -10.95 -14.36 61.07
C CYS B 136 -9.50 -14.47 60.57
N ASN B 137 -8.57 -14.37 61.53
CA ASN B 137 -7.16 -14.49 61.19
C ASN B 137 -6.81 -15.89 60.69
N ASP B 138 -7.35 -16.92 61.32
CA ASP B 138 -7.09 -18.31 60.93
C ASP B 138 -8.42 -19.06 60.83
N PRO B 139 -9.21 -18.78 59.79
CA PRO B 139 -10.45 -19.54 59.61
C PRO B 139 -10.15 -21.00 59.25
N PHE B 140 -11.00 -21.90 59.73
CA PHE B 140 -10.80 -23.33 59.51
C PHE B 140 -12.11 -24.05 59.77
N LEU B 141 -12.09 -25.36 59.55
CA LEU B 141 -13.22 -26.23 59.80
C LEU B 141 -12.75 -27.47 60.54
N GLY B 142 -13.67 -28.07 61.30
CA GLY B 142 -13.33 -29.21 62.13
C GLY B 142 -14.34 -30.33 61.96
N VAL B 143 -13.88 -31.55 62.20
CA VAL B 143 -14.72 -32.75 62.16
C VAL B 143 -14.56 -33.48 63.48
N TYR B 144 -15.69 -33.94 64.03
CA TYR B 144 -15.70 -34.62 65.33
C TYR B 144 -15.99 -36.10 65.14
N TYR B 145 -15.17 -36.94 65.77
CA TYR B 145 -15.33 -38.39 65.71
C TYR B 145 -15.99 -38.85 67.01
N HIS B 146 -17.32 -38.79 67.02
CA HIS B 146 -18.08 -39.23 68.19
C HIS B 146 -18.02 -40.75 68.32
N LYS B 147 -17.70 -41.22 69.53
CA LYS B 147 -17.59 -42.64 69.77
C LYS B 147 -18.95 -43.33 69.86
N ASN B 148 -19.97 -42.62 70.35
CA ASN B 148 -21.29 -43.23 70.50
C ASN B 148 -21.90 -43.60 69.16
N ASN B 149 -21.77 -42.75 68.15
CA ASN B 149 -22.31 -43.02 66.83
C ASN B 149 -21.37 -43.83 65.95
N LYS B 150 -20.09 -43.93 66.31
CA LYS B 150 -19.09 -44.68 65.54
C LYS B 150 -19.05 -44.19 64.09
N SER B 151 -19.09 -42.88 63.94
CA SER B 151 -19.08 -42.25 62.62
C SER B 151 -18.51 -40.84 62.77
N TRP B 152 -18.11 -40.27 61.64
CA TRP B 152 -17.52 -38.94 61.59
C TRP B 152 -18.58 -37.96 61.09
N MET B 153 -18.86 -36.92 61.87
CA MET B 153 -19.84 -35.91 61.53
C MET B 153 -19.19 -34.53 61.57
N GLU B 154 -19.66 -33.64 60.70
CA GLU B 154 -19.15 -32.28 60.62
C GLU B 154 -20.02 -31.38 61.49
N SER B 155 -19.47 -30.89 62.60
CA SER B 155 -20.18 -30.03 63.53
C SER B 155 -19.29 -28.90 64.00
N GLU B 156 -18.56 -28.28 63.08
CA GLU B 156 -17.65 -27.18 63.42
C GLU B 156 -17.54 -26.26 62.21
N PHE B 157 -17.97 -25.01 62.37
CA PHE B 157 -17.93 -24.03 61.29
C PHE B 157 -17.58 -22.67 61.92
N ARG B 158 -16.33 -22.24 61.75
CA ARG B 158 -15.85 -20.98 62.30
C ARG B 158 -15.08 -20.19 61.24
N VAL B 159 -15.51 -20.28 59.99
CA VAL B 159 -14.83 -19.56 58.92
C VAL B 159 -15.05 -18.06 59.06
N TYR B 160 -16.30 -17.65 59.30
CA TYR B 160 -16.65 -16.24 59.39
C TYR B 160 -17.71 -16.06 60.46
N SER B 161 -18.15 -14.80 60.64
CA SER B 161 -19.17 -14.47 61.61
C SER B 161 -20.36 -13.72 61.03
N SER B 162 -20.22 -13.09 59.87
CA SER B 162 -21.31 -12.35 59.26
C SER B 162 -21.17 -12.40 57.75
N ALA B 163 -22.31 -12.24 57.07
CA ALA B 163 -22.35 -12.25 55.61
C ALA B 163 -23.26 -11.14 55.09
N ASN B 164 -23.16 -9.97 55.70
CA ASN B 164 -23.99 -8.83 55.28
C ASN B 164 -23.53 -8.28 53.94
N ASN B 165 -24.45 -7.64 53.23
CA ASN B 165 -24.19 -7.03 51.93
C ASN B 165 -23.61 -8.05 50.94
N CYS B 166 -24.40 -9.06 50.65
CA CYS B 166 -23.99 -10.15 49.78
C CYS B 166 -24.76 -10.10 48.46
N THR B 167 -24.08 -10.48 47.38
CA THR B 167 -24.62 -10.40 46.03
C THR B 167 -24.85 -11.77 45.41
N PHE B 168 -23.82 -12.62 45.34
CA PHE B 168 -23.90 -13.91 44.68
C PHE B 168 -24.05 -15.03 45.70
N GLU B 169 -24.66 -16.13 45.26
CA GLU B 169 -24.96 -17.26 46.13
C GLU B 169 -25.23 -18.48 45.26
N TYR B 170 -24.63 -19.62 45.61
CA TYR B 170 -24.87 -20.85 44.87
C TYR B 170 -24.67 -22.04 45.79
N VAL B 171 -25.69 -22.89 45.88
CA VAL B 171 -25.65 -24.13 46.64
C VAL B 171 -26.02 -25.27 45.71
N SER B 172 -25.17 -26.28 45.64
CA SER B 172 -25.45 -27.44 44.80
C SER B 172 -26.29 -28.46 45.55
N GLN B 173 -26.69 -29.52 44.83
CA GLN B 173 -27.46 -30.58 45.45
C GLN B 173 -26.60 -31.36 46.43
N PRO B 174 -27.19 -31.93 47.48
CA PRO B 174 -26.41 -32.63 48.50
C PRO B 174 -25.61 -33.80 47.93
N PHE B 175 -24.41 -33.98 48.46
CA PHE B 175 -23.53 -35.08 48.10
C PHE B 175 -23.43 -36.06 49.27
N LEU B 176 -22.56 -37.05 49.11
CA LEU B 176 -22.30 -38.01 50.17
C LEU B 176 -20.86 -38.51 50.03
N MET B 177 -20.17 -38.64 51.16
CA MET B 177 -18.78 -39.08 51.16
C MET B 177 -18.43 -39.62 52.54
N ASP B 178 -17.30 -40.33 52.60
CA ASP B 178 -16.82 -40.91 53.85
C ASP B 178 -15.74 -40.02 54.44
N LEU B 179 -15.93 -39.61 55.69
CA LEU B 179 -14.98 -38.75 56.38
C LEU B 179 -13.99 -39.52 57.23
N GLU B 180 -14.03 -40.85 57.21
CA GLU B 180 -13.10 -41.65 58.00
C GLU B 180 -11.67 -41.45 57.49
N GLY B 181 -10.75 -41.24 58.42
CA GLY B 181 -9.36 -41.01 58.06
C GLY B 181 -8.70 -42.29 57.57
N LYS B 182 -8.17 -42.27 56.35
CA LYS B 182 -7.50 -43.43 55.79
C LYS B 182 -6.03 -43.44 56.19
N GLN B 183 -5.48 -44.65 56.27
CA GLN B 183 -4.08 -44.85 56.64
C GLN B 183 -3.31 -45.39 55.44
N GLY B 184 -2.22 -44.72 55.10
CA GLY B 184 -1.38 -45.11 53.98
C GLY B 184 -1.02 -43.90 53.15
N ASN B 185 -0.59 -44.16 51.92
CA ASN B 185 -0.22 -43.09 51.01
C ASN B 185 -1.46 -42.37 50.49
N PHE B 186 -1.23 -41.21 49.88
CA PHE B 186 -2.33 -40.42 49.34
C PHE B 186 -3.03 -41.17 48.21
N LYS B 187 -4.35 -40.99 48.11
CA LYS B 187 -5.15 -41.69 47.10
C LYS B 187 -6.02 -40.75 46.28
N ASN B 188 -5.81 -39.45 46.38
CA ASN B 188 -6.62 -38.48 45.63
C ASN B 188 -5.79 -37.24 45.34
N LEU B 189 -5.83 -36.77 44.09
CA LEU B 189 -5.16 -35.53 43.71
C LEU B 189 -6.14 -34.66 42.93
N ARG B 190 -6.22 -33.39 43.31
CA ARG B 190 -7.09 -32.44 42.65
C ARG B 190 -6.26 -31.25 42.21
N GLU B 191 -6.28 -30.95 40.91
CA GLU B 191 -5.58 -29.80 40.36
C GLU B 191 -6.60 -28.73 39.99
N PHE B 192 -6.33 -27.50 40.44
CA PHE B 192 -7.22 -26.37 40.20
C PHE B 192 -6.42 -25.19 39.66
N VAL B 193 -7.04 -24.47 38.73
CA VAL B 193 -6.47 -23.24 38.18
C VAL B 193 -7.53 -22.16 38.32
N PHE B 194 -7.18 -21.07 39.00
CA PHE B 194 -8.06 -19.94 39.23
C PHE B 194 -7.53 -18.72 38.49
N LYS B 195 -8.39 -18.11 37.67
CA LYS B 195 -8.05 -16.89 36.95
C LYS B 195 -9.13 -15.86 37.18
N ASN B 196 -8.73 -14.59 37.16
CA ASN B 196 -9.60 -13.45 37.43
C ASN B 196 -9.53 -12.46 36.27
N ILE B 197 -9.74 -12.96 35.07
CA ILE B 197 -9.42 -12.23 33.85
C ILE B 197 -10.68 -11.58 33.29
N ASP B 198 -10.57 -10.30 32.93
CA ASP B 198 -11.66 -9.55 32.30
C ASP B 198 -12.92 -9.56 33.15
N GLY B 199 -12.75 -9.41 34.47
CA GLY B 199 -13.89 -9.45 35.36
C GLY B 199 -14.59 -10.78 35.42
N TYR B 200 -13.92 -11.85 34.98
CA TYR B 200 -14.49 -13.19 34.98
C TYR B 200 -13.59 -14.11 35.79
N PHE B 201 -14.20 -14.83 36.73
CA PHE B 201 -13.49 -15.80 37.57
C PHE B 201 -13.65 -17.18 36.95
N LYS B 202 -12.56 -17.70 36.40
CA LYS B 202 -12.55 -18.97 35.70
C LYS B 202 -11.83 -20.02 36.54
N ILE B 203 -12.47 -21.18 36.70
CA ILE B 203 -11.94 -22.28 37.50
C ILE B 203 -11.80 -23.50 36.62
N TYR B 204 -10.59 -24.05 36.57
CA TYR B 204 -10.31 -25.29 35.85
C TYR B 204 -9.97 -26.37 36.87
N SER B 205 -10.57 -27.55 36.72
CA SER B 205 -10.41 -28.64 37.66
C SER B 205 -9.97 -29.91 36.95
N LYS B 206 -9.25 -30.76 37.69
CA LYS B 206 -8.84 -32.06 37.22
C LYS B 206 -8.67 -32.98 38.41
N HIS B 207 -9.04 -34.25 38.23
CA HIS B 207 -9.01 -35.26 39.28
C HIS B 207 -8.10 -36.41 38.88
N THR B 208 -7.38 -36.98 39.85
CA THR B 208 -6.45 -38.05 39.54
C THR B 208 -6.32 -39.05 40.70
N PRO B 209 -6.47 -40.35 40.44
CA PRO B 209 -6.15 -41.35 41.46
C PRO B 209 -4.64 -41.57 41.51
N ILE B 210 -4.09 -41.50 42.73
CA ILE B 210 -2.64 -41.54 42.93
C ILE B 210 -2.32 -42.45 44.11
N ASN B 211 -1.04 -42.79 44.24
CA ASN B 211 -0.55 -43.58 45.38
C ASN B 211 0.90 -43.17 45.65
N LEU B 212 1.07 -42.19 46.54
CA LEU B 212 2.38 -41.65 46.88
C LEU B 212 2.26 -40.62 47.98
N VAL B 213 3.38 -40.04 48.42
CA VAL B 213 3.36 -39.06 49.51
C VAL B 213 4.01 -37.74 49.15
N ARG B 214 4.95 -37.70 48.20
CA ARG B 214 5.64 -36.47 47.84
C ARG B 214 6.01 -36.56 46.36
N ASP B 215 6.94 -35.71 45.93
CA ASP B 215 7.60 -35.74 44.62
C ASP B 215 6.67 -36.16 43.48
N LEU B 216 5.64 -35.34 43.22
CA LEU B 216 4.53 -35.59 42.29
C LEU B 216 4.99 -36.32 41.02
N PRO B 217 4.24 -37.33 40.57
CA PRO B 217 4.74 -38.20 39.51
C PRO B 217 4.83 -37.50 38.17
N GLN B 218 5.74 -37.99 37.33
CA GLN B 218 5.86 -37.50 35.97
C GLN B 218 4.63 -37.89 35.15
N GLY B 219 4.13 -36.95 34.37
CA GLY B 219 2.96 -37.18 33.54
C GLY B 219 2.34 -35.87 33.12
N PHE B 220 1.28 -35.99 32.32
CA PHE B 220 0.57 -34.84 31.80
C PHE B 220 -0.93 -34.99 32.05
N SER B 221 -1.57 -33.89 32.43
CA SER B 221 -3.01 -33.88 32.66
C SER B 221 -3.56 -32.52 32.27
N ALA B 222 -4.76 -32.53 31.69
CA ALA B 222 -5.42 -31.31 31.25
C ALA B 222 -6.56 -30.97 32.20
N LEU B 223 -6.59 -29.70 32.64
CA LEU B 223 -7.59 -29.23 33.59
C LEU B 223 -8.80 -28.73 32.81
N GLU B 224 -9.93 -29.44 32.93
CA GLU B 224 -11.13 -29.04 32.22
C GLU B 224 -11.83 -27.90 32.95
N PRO B 225 -12.36 -26.91 32.23
CA PRO B 225 -13.05 -25.80 32.91
C PRO B 225 -14.30 -26.27 33.62
N LEU B 226 -14.31 -26.20 34.95
CA LEU B 226 -15.41 -26.75 35.73
C LEU B 226 -16.59 -25.77 35.79
N VAL B 227 -16.38 -24.61 36.39
CA VAL B 227 -17.42 -23.60 36.53
C VAL B 227 -16.83 -22.23 36.20
N ASP B 228 -17.71 -21.30 35.83
CA ASP B 228 -17.34 -19.92 35.56
C ASP B 228 -18.14 -19.01 36.48
N LEU B 229 -17.45 -18.13 37.20
CA LEU B 229 -18.10 -17.24 38.14
C LEU B 229 -18.14 -15.84 37.55
N PRO B 230 -19.32 -15.31 37.18
CA PRO B 230 -19.39 -13.95 36.62
C PRO B 230 -19.36 -12.87 37.69
N ILE B 231 -18.22 -12.76 38.36
CA ILE B 231 -18.01 -11.79 39.43
C ILE B 231 -16.91 -10.84 38.97
N GLY B 232 -17.22 -9.54 38.94
CA GLY B 232 -16.28 -8.55 38.46
C GLY B 232 -15.48 -7.88 39.56
N ILE B 233 -15.45 -8.48 40.74
CA ILE B 233 -14.72 -7.92 41.88
C ILE B 233 -13.23 -8.14 41.70
N ASN B 234 -12.43 -7.45 42.50
CA ASN B 234 -10.98 -7.54 42.43
C ASN B 234 -10.47 -8.49 43.50
N ILE B 235 -9.60 -9.43 43.11
CA ILE B 235 -9.03 -10.41 44.02
C ILE B 235 -7.53 -10.26 44.01
N THR B 236 -6.93 -10.13 45.19
CA THR B 236 -5.49 -10.00 45.32
C THR B 236 -4.86 -10.93 46.33
N ARG B 237 -5.63 -11.56 47.22
CA ARG B 237 -5.10 -12.47 48.22
C ARG B 237 -6.08 -13.62 48.42
N PHE B 238 -5.56 -14.74 48.92
CA PHE B 238 -6.38 -15.93 49.12
C PHE B 238 -5.81 -16.79 50.23
N GLN B 239 -6.72 -17.52 50.88
CA GLN B 239 -6.43 -18.42 51.99
C GLN B 239 -7.12 -19.74 51.74
N THR B 240 -6.60 -20.81 52.35
CA THR B 240 -7.13 -22.16 52.18
C THR B 240 -7.82 -22.60 53.46
N LEU B 241 -9.09 -22.99 53.35
CA LEU B 241 -9.84 -23.53 54.47
C LEU B 241 -9.60 -25.02 54.56
N LEU B 242 -8.93 -25.44 55.63
CA LEU B 242 -8.52 -26.82 55.84
C LEU B 242 -9.28 -27.42 57.02
N ALA B 243 -9.56 -28.71 56.93
CA ALA B 243 -10.29 -29.43 57.97
C ALA B 243 -9.33 -30.27 58.80
N LEU B 244 -9.74 -30.52 60.05
CA LEU B 244 -8.95 -31.33 60.97
C LEU B 244 -9.89 -31.93 62.00
N HIS B 245 -9.40 -32.94 62.73
CA HIS B 245 -10.16 -33.63 63.74
C HIS B 245 -9.64 -33.25 65.12
N ARG B 246 -10.56 -32.88 66.01
CA ARG B 246 -10.18 -32.46 67.37
C ARG B 246 -9.53 -33.63 68.10
N SER B 247 -8.38 -33.37 68.72
CA SER B 247 -7.63 -34.41 69.42
C SER B 247 -7.86 -34.44 70.91
N TYR B 248 -8.83 -33.67 71.42
CA TYR B 248 -9.05 -33.60 72.86
C TYR B 248 -10.15 -34.54 73.34
N LEU B 249 -11.04 -35.00 72.46
CA LEU B 249 -12.16 -35.84 72.89
C LEU B 249 -11.72 -37.30 73.03
N THR B 250 -11.37 -37.94 71.93
CA THR B 250 -10.94 -39.34 71.97
C THR B 250 -9.47 -39.47 72.38
N PRO B 251 -8.50 -38.84 71.64
CA PRO B 251 -7.08 -39.04 71.95
C PRO B 251 -6.51 -38.01 72.92
N GLY B 252 -7.15 -37.86 74.08
CA GLY B 252 -6.67 -36.91 75.05
C GLY B 252 -7.60 -36.72 76.25
N ASP B 253 -7.02 -36.46 77.41
CA ASP B 253 -7.79 -36.19 78.62
C ASP B 253 -7.24 -35.05 79.46
N SER B 254 -6.14 -34.42 79.04
CA SER B 254 -5.53 -33.36 79.84
C SER B 254 -6.25 -32.03 79.63
N SER B 255 -6.25 -31.54 78.39
CA SER B 255 -6.85 -30.24 78.08
C SER B 255 -7.30 -30.26 76.62
N SER B 256 -7.74 -29.10 76.13
CA SER B 256 -8.21 -28.97 74.76
C SER B 256 -7.04 -29.12 73.79
N GLY B 257 -7.32 -29.72 72.62
CA GLY B 257 -6.30 -29.90 71.61
C GLY B 257 -6.92 -30.31 70.29
N TRP B 258 -6.11 -30.23 69.24
CA TRP B 258 -6.56 -30.57 67.90
C TRP B 258 -5.40 -31.11 67.10
N THR B 259 -5.69 -32.03 66.18
CA THR B 259 -4.70 -32.62 65.31
C THR B 259 -5.20 -32.62 63.87
N ALA B 260 -4.25 -32.65 62.93
CA ALA B 260 -4.57 -32.63 61.51
C ALA B 260 -4.12 -33.93 60.86
N GLY B 261 -4.99 -34.50 60.03
CA GLY B 261 -4.64 -35.70 59.31
C GLY B 261 -3.58 -35.43 58.24
N ALA B 262 -2.95 -36.52 57.80
CA ALA B 262 -1.86 -36.42 56.84
C ALA B 262 -2.34 -35.81 55.53
N ALA B 263 -1.89 -34.58 55.23
CA ALA B 263 -2.28 -33.89 54.02
C ALA B 263 -1.24 -32.83 53.70
N ALA B 264 -1.24 -32.39 52.45
CA ALA B 264 -0.32 -31.35 51.99
C ALA B 264 -0.85 -30.79 50.69
N TYR B 265 -0.31 -29.63 50.28
CA TYR B 265 -0.72 -29.03 49.02
C TYR B 265 0.42 -28.17 48.47
N TYR B 266 0.26 -27.79 47.20
CA TYR B 266 1.23 -27.02 46.46
C TYR B 266 0.55 -25.84 45.80
N VAL B 267 1.20 -24.67 45.87
CA VAL B 267 0.67 -23.43 45.31
C VAL B 267 1.67 -22.87 44.32
N GLY B 268 1.20 -22.54 43.11
CA GLY B 268 2.05 -21.99 42.09
C GLY B 268 1.40 -20.77 41.44
N TYR B 269 2.24 -19.95 40.82
CA TYR B 269 1.82 -18.68 40.26
C TYR B 269 1.86 -18.76 38.74
N LEU B 270 0.77 -18.33 38.10
CA LEU B 270 0.71 -18.30 36.65
C LEU B 270 1.49 -17.11 36.10
N GLN B 271 2.00 -17.28 34.88
CA GLN B 271 2.78 -16.26 34.22
C GLN B 271 2.28 -16.09 32.79
N PRO B 272 2.33 -14.87 32.25
CA PRO B 272 1.96 -14.69 30.84
C PRO B 272 2.99 -15.29 29.90
N ARG B 273 2.64 -16.40 29.25
CA ARG B 273 3.58 -17.11 28.41
C ARG B 273 2.83 -17.76 27.24
N THR B 274 3.60 -18.15 26.23
CA THR B 274 3.07 -18.85 25.06
C THR B 274 3.36 -20.33 25.20
N PHE B 275 2.32 -21.14 25.13
CA PHE B 275 2.41 -22.59 25.26
C PHE B 275 1.93 -23.26 23.98
N LEU B 276 2.60 -24.35 23.61
CA LEU B 276 2.25 -25.14 22.44
C LEU B 276 1.48 -26.37 22.90
N LEU B 277 0.17 -26.38 22.64
CA LEU B 277 -0.71 -27.45 23.09
C LEU B 277 -1.03 -28.36 21.92
N LYS B 278 -0.94 -29.67 22.14
CA LYS B 278 -1.23 -30.68 21.13
C LYS B 278 -2.55 -31.35 21.48
N TYR B 279 -3.46 -31.40 20.50
CA TYR B 279 -4.76 -32.06 20.66
C TYR B 279 -4.78 -33.31 19.80
N ASN B 280 -5.17 -34.43 20.41
CA ASN B 280 -5.24 -35.71 19.71
C ASN B 280 -6.53 -35.79 18.91
N GLU B 281 -6.84 -36.98 18.36
CA GLU B 281 -8.05 -37.16 17.59
C GLU B 281 -9.31 -37.06 18.44
N ASN B 282 -9.19 -37.22 19.75
CA ASN B 282 -10.34 -37.14 20.65
C ASN B 282 -10.63 -35.73 21.14
N GLY B 283 -9.78 -34.76 20.76
CA GLY B 283 -10.00 -33.38 21.14
C GLY B 283 -9.40 -32.97 22.47
N THR B 284 -8.84 -33.90 23.22
CA THR B 284 -8.21 -33.57 24.49
C THR B 284 -6.74 -33.26 24.30
N ILE B 285 -6.16 -32.58 25.29
CA ILE B 285 -4.75 -32.20 25.24
C ILE B 285 -3.90 -33.40 25.63
N THR B 286 -2.96 -33.76 24.75
CA THR B 286 -2.06 -34.88 25.00
C THR B 286 -0.73 -34.46 25.61
N ASP B 287 -0.14 -33.38 25.11
CA ASP B 287 1.12 -32.87 25.66
C ASP B 287 1.21 -31.38 25.36
N ALA B 288 1.98 -30.68 26.20
CA ALA B 288 2.19 -29.25 26.04
C ALA B 288 3.67 -28.94 26.18
N VAL B 289 4.13 -27.96 25.41
CA VAL B 289 5.51 -27.50 25.44
C VAL B 289 5.51 -25.98 25.54
N ASP B 290 6.20 -25.46 26.55
CA ASP B 290 6.30 -24.01 26.76
C ASP B 290 7.54 -23.50 26.04
N CYS B 291 7.35 -22.48 25.21
CA CYS B 291 8.45 -21.96 24.41
C CYS B 291 9.58 -21.38 25.27
N ALA B 292 9.24 -20.74 26.38
CA ALA B 292 10.23 -20.11 27.24
C ALA B 292 10.92 -21.10 28.19
N LEU B 293 10.77 -22.40 27.96
CA LEU B 293 11.41 -23.38 28.84
C LEU B 293 12.90 -23.44 28.59
N ASP B 294 13.30 -23.79 27.38
CA ASP B 294 14.71 -23.90 27.02
C ASP B 294 14.83 -23.64 25.52
N PRO B 295 16.05 -23.47 25.01
CA PRO B 295 16.21 -23.27 23.57
C PRO B 295 15.62 -24.39 22.72
N LEU B 296 15.65 -25.63 23.20
CA LEU B 296 15.01 -26.71 22.46
C LEU B 296 13.51 -26.47 22.32
N SER B 297 12.84 -26.07 23.40
CA SER B 297 11.42 -25.75 23.32
C SER B 297 11.17 -24.52 22.46
N GLU B 298 12.06 -23.55 22.51
CA GLU B 298 11.90 -22.36 21.67
C GLU B 298 11.97 -22.71 20.19
N THR B 299 12.92 -23.57 19.81
CA THR B 299 13.00 -23.97 18.41
C THR B 299 11.87 -24.92 18.04
N LYS B 300 11.34 -25.68 19.01
CA LYS B 300 10.14 -26.46 18.75
C LYS B 300 8.95 -25.57 18.44
N CYS B 301 8.80 -24.48 19.21
CA CYS B 301 7.73 -23.53 18.94
C CYS B 301 7.94 -22.85 17.59
N THR B 302 9.18 -22.49 17.28
CA THR B 302 9.47 -21.86 15.99
C THR B 302 9.14 -22.78 14.83
N LEU B 303 9.52 -24.06 14.93
CA LEU B 303 9.22 -25.03 13.89
C LEU B 303 7.78 -25.53 13.96
N LYS B 304 7.06 -25.24 15.04
CA LYS B 304 5.66 -25.62 15.19
C LYS B 304 5.50 -27.14 15.09
N SER B 305 6.24 -27.87 15.92
CA SER B 305 6.19 -29.32 15.94
C SER B 305 6.88 -29.83 17.20
N PHE B 306 6.47 -31.02 17.64
CA PHE B 306 7.08 -31.65 18.80
C PHE B 306 8.37 -32.39 18.48
N THR B 307 8.65 -32.61 17.20
CA THR B 307 9.88 -33.28 16.76
C THR B 307 10.67 -32.31 15.90
N VAL B 308 11.96 -32.16 16.23
CA VAL B 308 12.84 -31.24 15.53
C VAL B 308 13.88 -32.05 14.78
N GLU B 309 13.95 -31.85 13.47
CA GLU B 309 14.95 -32.53 12.66
C GLU B 309 16.33 -31.93 12.89
N LYS B 310 17.35 -32.72 12.60
CA LYS B 310 18.72 -32.27 12.78
C LYS B 310 19.03 -31.12 11.85
N GLY B 311 19.56 -30.04 12.39
CA GLY B 311 19.89 -28.87 11.61
C GLY B 311 19.97 -27.64 12.51
N ILE B 312 20.07 -26.48 11.86
CA ILE B 312 20.15 -25.19 12.54
C ILE B 312 18.90 -24.39 12.17
N TYR B 313 18.33 -23.71 13.16
CA TYR B 313 17.12 -22.93 12.97
C TYR B 313 17.24 -21.60 13.72
N GLN B 314 16.72 -20.54 13.11
CA GLN B 314 16.66 -19.24 13.74
C GLN B 314 15.37 -19.14 14.55
N THR B 315 15.49 -18.75 15.82
CA THR B 315 14.36 -18.77 16.74
C THR B 315 13.89 -17.37 17.11
N SER B 316 14.78 -16.52 17.64
CA SER B 316 14.38 -15.22 18.15
C SER B 316 15.49 -14.21 17.88
N ASN B 317 15.37 -13.04 18.49
CA ASN B 317 16.32 -11.95 18.33
C ASN B 317 16.60 -11.33 19.69
N PHE B 318 17.79 -10.74 19.82
CA PHE B 318 18.20 -10.10 21.06
C PHE B 318 18.74 -8.71 20.76
N ARG B 319 18.52 -7.79 21.71
CA ARG B 319 18.99 -6.42 21.60
C ARG B 319 19.56 -5.99 22.94
N VAL B 320 20.66 -5.22 22.89
CA VAL B 320 21.30 -4.71 24.09
C VAL B 320 20.65 -3.37 24.41
N GLN B 321 19.80 -3.35 25.43
CA GLN B 321 19.13 -2.11 25.82
C GLN B 321 20.13 -1.17 26.49
N PRO B 322 19.92 0.14 26.36
CA PRO B 322 20.82 1.10 27.00
C PRO B 322 20.75 1.01 28.52
N THR B 323 21.88 1.31 29.15
CA THR B 323 21.99 1.28 30.61
C THR B 323 21.64 2.62 31.24
N GLU B 324 22.28 3.69 30.79
CA GLU B 324 22.04 5.03 31.32
C GLU B 324 21.95 5.99 30.14
N SER B 325 21.91 7.29 30.44
CA SER B 325 21.77 8.33 29.44
C SER B 325 22.90 9.34 29.58
N ILE B 326 23.40 9.83 28.45
CA ILE B 326 24.46 10.82 28.40
C ILE B 326 23.89 12.10 27.78
N VAL B 327 24.11 13.22 28.45
CA VAL B 327 23.44 14.48 28.09
C VAL B 327 24.47 15.58 27.92
N ARG B 328 25.68 15.22 27.46
CA ARG B 328 26.77 16.18 27.28
C ARG B 328 26.31 17.42 26.52
N PHE B 329 26.55 18.58 27.12
CA PHE B 329 26.18 19.87 26.57
C PHE B 329 27.36 20.82 26.68
N PRO B 330 27.42 21.85 25.82
CA PRO B 330 28.54 22.79 25.90
C PRO B 330 28.59 23.50 27.24
N ASN B 331 29.81 23.72 27.74
CA ASN B 331 30.00 24.41 29.00
C ASN B 331 29.69 25.90 28.85
N ILE B 332 29.38 26.53 29.98
CA ILE B 332 29.08 27.96 29.99
C ILE B 332 30.39 28.72 29.79
N THR B 333 30.61 29.22 28.57
CA THR B 333 31.82 30.00 28.31
C THR B 333 31.83 31.30 29.09
N ASN B 334 30.69 31.98 29.15
CA ASN B 334 30.58 33.23 29.89
C ASN B 334 29.13 33.46 30.25
N LEU B 335 28.83 33.44 31.55
CA LEU B 335 27.47 33.66 32.00
C LEU B 335 27.10 35.14 31.90
N CYS B 336 25.81 35.42 32.08
CA CYS B 336 25.35 36.79 32.03
C CYS B 336 25.94 37.60 33.18
N PRO B 337 26.26 38.88 32.96
CA PRO B 337 26.85 39.68 34.05
C PRO B 337 25.84 40.06 35.10
N PHE B 338 25.30 39.07 35.81
CA PHE B 338 24.34 39.35 36.88
C PHE B 338 24.99 40.11 38.02
N GLY B 339 26.22 39.75 38.38
CA GLY B 339 26.88 40.40 39.49
C GLY B 339 27.18 41.86 39.23
N GLU B 340 27.58 42.19 38.00
CA GLU B 340 27.98 43.56 37.68
C GLU B 340 26.84 44.55 37.87
N VAL B 341 25.60 44.10 37.74
CA VAL B 341 24.44 44.97 37.89
C VAL B 341 23.80 44.80 39.27
N PHE B 342 23.82 43.59 39.82
CA PHE B 342 23.17 43.35 41.11
C PHE B 342 23.99 43.88 42.27
N ASN B 343 25.32 43.80 42.19
CA ASN B 343 26.20 44.19 43.28
C ASN B 343 26.83 45.57 43.06
N ALA B 344 26.34 46.33 42.10
CA ALA B 344 26.88 47.67 41.87
C ALA B 344 26.62 48.57 43.07
N THR B 345 27.64 49.33 43.46
CA THR B 345 27.52 50.17 44.65
C THR B 345 26.48 51.27 44.47
N ARG B 346 26.46 51.90 43.29
CA ARG B 346 25.58 53.03 43.01
C ARG B 346 24.50 52.62 42.03
N PHE B 347 23.25 52.94 42.36
CA PHE B 347 22.11 52.70 41.50
C PHE B 347 21.46 54.02 41.10
N ALA B 348 20.49 53.93 40.20
CA ALA B 348 19.79 55.10 39.70
C ALA B 348 18.55 55.36 40.58
N SER B 349 17.70 56.28 40.12
CA SER B 349 16.50 56.66 40.85
C SER B 349 15.26 56.04 40.20
N VAL B 350 14.16 56.03 40.97
CA VAL B 350 12.94 55.35 40.53
C VAL B 350 12.40 56.01 39.27
N TYR B 351 12.43 57.34 39.19
CA TYR B 351 11.98 58.02 37.99
C TYR B 351 13.00 57.95 36.86
N ALA B 352 14.24 57.56 37.17
CA ALA B 352 15.30 57.41 36.17
C ALA B 352 15.87 56.00 36.21
N TRP B 353 14.99 55.00 36.24
CA TRP B 353 15.41 53.62 36.32
C TRP B 353 16.30 53.26 35.13
N ASN B 354 17.39 52.55 35.41
CA ASN B 354 18.38 52.22 34.39
C ASN B 354 17.92 50.96 33.65
N ARG B 355 17.79 51.09 32.33
CA ARG B 355 17.38 49.97 31.48
C ARG B 355 18.60 49.46 30.70
N LYS B 356 18.85 48.16 30.80
CA LYS B 356 19.99 47.54 30.16
C LYS B 356 19.57 46.27 29.44
N ARG B 357 20.03 46.12 28.20
CA ARG B 357 19.82 44.88 27.46
C ARG B 357 20.93 43.89 27.82
N ILE B 358 20.55 42.77 28.44
CA ILE B 358 21.54 41.82 28.95
C ILE B 358 21.30 40.46 28.30
N SER B 359 20.80 40.48 27.06
CA SER B 359 20.55 39.24 26.33
C SER B 359 21.85 38.68 25.75
N ASN B 360 21.72 37.57 25.04
CA ASN B 360 22.84 36.88 24.39
C ASN B 360 23.91 36.47 25.40
N CYS B 361 23.50 35.61 26.32
CA CYS B 361 24.41 35.03 27.31
C CYS B 361 23.71 33.84 27.96
N VAL B 362 24.37 33.24 28.94
CA VAL B 362 23.84 32.11 29.68
C VAL B 362 23.39 32.61 31.05
N ALA B 363 22.10 32.45 31.33
CA ALA B 363 21.51 32.96 32.56
C ALA B 363 21.70 31.92 33.67
N ASP B 364 22.62 32.19 34.58
CA ASP B 364 22.91 31.32 35.71
C ASP B 364 22.34 31.88 37.01
N TYR B 365 21.15 32.48 36.93
CA TYR B 365 20.52 33.09 38.10
C TYR B 365 19.91 32.06 39.05
N SER B 366 19.88 30.77 38.65
CA SER B 366 19.25 29.76 39.50
C SER B 366 19.98 29.60 40.82
N VAL B 367 21.31 29.66 40.80
CA VAL B 367 22.09 29.52 42.04
C VAL B 367 21.75 30.66 43.00
N LEU B 368 21.72 31.90 42.48
CA LEU B 368 21.39 33.04 43.32
C LEU B 368 19.94 32.99 43.80
N TYR B 369 19.04 32.45 42.97
CA TYR B 369 17.64 32.34 43.38
C TYR B 369 17.47 31.34 44.52
N ASN B 370 18.07 30.15 44.38
CA ASN B 370 17.95 29.16 45.45
C ASN B 370 18.80 29.50 46.65
N SER B 371 19.76 30.42 46.51
CA SER B 371 20.54 30.87 47.66
C SER B 371 19.82 31.90 48.50
N ALA B 372 18.65 32.37 48.05
CA ALA B 372 17.88 33.40 48.77
C ALA B 372 18.73 34.63 49.04
N SER B 373 19.45 35.08 48.01
CA SER B 373 20.42 36.17 48.19
C SER B 373 19.75 37.53 48.09
N PHE B 374 18.91 37.74 47.07
CA PHE B 374 18.36 39.06 46.82
C PHE B 374 17.49 39.55 47.97
N SER B 375 16.34 38.91 48.15
CA SER B 375 15.31 39.20 49.15
C SER B 375 13.99 38.66 48.62
N THR B 376 13.58 39.08 47.42
CA THR B 376 12.40 38.50 46.80
C THR B 376 12.66 38.29 45.31
N PHE B 377 12.02 37.26 44.77
CA PHE B 377 12.21 36.83 43.38
C PHE B 377 10.86 36.50 42.74
N LYS B 378 9.89 37.40 42.87
CA LYS B 378 8.51 37.05 42.54
C LYS B 378 8.28 37.22 41.03
N CYS B 379 7.81 36.16 40.39
CA CYS B 379 7.54 36.21 38.96
C CYS B 379 6.06 36.48 38.70
N TYR B 380 5.76 36.85 37.46
CA TYR B 380 4.40 37.21 37.06
C TYR B 380 3.96 36.34 35.89
N GLY B 381 2.83 35.66 36.05
CA GLY B 381 2.23 34.88 35.00
C GLY B 381 2.75 33.46 34.85
N VAL B 382 3.87 33.12 35.49
CA VAL B 382 4.44 31.80 35.38
C VAL B 382 5.44 31.62 36.52
N SER B 383 5.57 30.39 37.00
CA SER B 383 6.50 30.10 38.08
C SER B 383 7.94 30.28 37.60
N PRO B 384 8.84 30.73 38.47
CA PRO B 384 10.24 30.92 38.06
C PRO B 384 10.91 29.64 37.59
N THR B 385 10.55 28.49 38.15
CA THR B 385 11.19 27.25 37.74
C THR B 385 10.75 26.82 36.35
N LYS B 386 9.55 27.22 35.92
CA LYS B 386 9.07 26.86 34.58
C LYS B 386 9.77 27.66 33.50
N LEU B 387 10.01 28.95 33.74
CA LEU B 387 10.65 29.79 32.74
C LEU B 387 12.16 29.59 32.68
N ASN B 388 12.74 28.95 33.69
CA ASN B 388 14.19 28.72 33.69
C ASN B 388 14.61 27.80 32.56
N ASP B 389 13.83 26.75 32.32
CA ASP B 389 14.16 25.77 31.27
C ASP B 389 13.46 26.14 29.96
N LEU B 390 13.77 27.35 29.48
CA LEU B 390 13.22 27.85 28.22
C LEU B 390 14.17 28.92 27.69
N CYS B 391 14.30 28.97 26.37
CA CYS B 391 15.25 29.86 25.72
C CYS B 391 14.58 31.16 25.30
N PHE B 392 15.19 32.29 25.65
CA PHE B 392 14.66 33.60 25.36
C PHE B 392 15.55 34.33 24.36
N THR B 393 14.98 35.30 23.65
CA THR B 393 15.71 36.08 22.66
C THR B 393 15.96 37.53 23.05
N ASN B 394 15.14 38.09 23.94
CA ASN B 394 15.37 39.45 24.42
C ASN B 394 15.28 39.46 25.94
N VAL B 395 16.30 40.02 26.59
CA VAL B 395 16.35 40.11 28.05
C VAL B 395 16.66 41.54 28.44
N TYR B 396 15.77 42.17 29.19
CA TYR B 396 15.92 43.53 29.65
C TYR B 396 15.94 43.56 31.17
N ALA B 397 16.74 44.46 31.73
CA ALA B 397 16.83 44.65 33.18
C ALA B 397 16.59 46.12 33.48
N ASP B 398 15.60 46.40 34.33
CA ASP B 398 15.26 47.75 34.75
C ASP B 398 15.55 47.88 36.24
N SER B 399 16.56 48.65 36.59
CA SER B 399 17.01 48.79 37.97
C SER B 399 16.56 50.12 38.55
N PHE B 400 16.01 50.08 39.76
CA PHE B 400 15.55 51.27 40.47
C PHE B 400 15.45 50.94 41.95
N VAL B 401 14.94 51.89 42.73
CA VAL B 401 14.81 51.73 44.18
C VAL B 401 13.37 52.03 44.57
N ILE B 402 12.76 51.15 45.35
CA ILE B 402 11.39 51.32 45.80
C ILE B 402 11.34 51.35 47.32
N ARG B 403 10.16 51.65 47.88
CA ARG B 403 9.97 51.70 49.32
C ARG B 403 9.58 50.32 49.84
N GLY B 404 9.15 50.27 51.10
CA GLY B 404 8.83 49.02 51.74
C GLY B 404 7.58 48.32 51.22
N ASP B 405 6.42 48.92 51.45
CA ASP B 405 5.14 48.32 51.09
C ASP B 405 4.59 48.82 49.76
N GLU B 406 5.45 49.26 48.84
CA GLU B 406 5.01 49.73 47.54
C GLU B 406 5.18 48.67 46.45
N VAL B 407 5.50 47.43 46.81
CA VAL B 407 5.63 46.36 45.82
C VAL B 407 4.33 46.18 45.06
N ARG B 408 3.20 46.27 45.78
CA ARG B 408 1.89 46.18 45.13
C ARG B 408 1.73 47.25 44.06
N GLN B 409 2.37 48.41 44.23
CA GLN B 409 2.28 49.46 43.22
C GLN B 409 2.92 49.05 41.92
N ILE B 410 3.89 48.13 41.96
CA ILE B 410 4.59 47.68 40.76
C ILE B 410 3.74 46.60 40.12
N ALA B 411 2.82 46.99 39.24
CA ALA B 411 1.93 46.06 38.55
C ALA B 411 1.27 46.73 37.35
N PRO B 412 1.00 45.99 36.28
CA PRO B 412 0.35 46.59 35.10
C PRO B 412 -1.15 46.74 35.31
N GLY B 413 -1.59 47.99 35.40
CA GLY B 413 -3.01 48.26 35.58
C GLY B 413 -3.35 48.82 36.95
N GLN B 414 -2.42 49.58 37.53
CA GLN B 414 -2.62 50.19 38.84
C GLN B 414 -2.35 51.68 38.74
N THR B 415 -3.15 52.47 39.47
CA THR B 415 -3.03 53.91 39.48
C THR B 415 -2.56 54.38 40.86
N GLY B 416 -1.59 55.28 40.86
CA GLY B 416 -1.06 55.80 42.11
C GLY B 416 0.10 56.72 41.84
N LYS B 417 0.67 57.22 42.96
CA LYS B 417 1.82 58.12 42.86
C LYS B 417 3.05 57.41 42.32
N ILE B 418 3.16 56.10 42.53
CA ILE B 418 4.29 55.33 42.05
C ILE B 418 3.89 54.26 41.03
N ALA B 419 2.63 53.84 41.00
CA ALA B 419 2.22 52.74 40.13
C ALA B 419 2.32 53.13 38.66
N ASP B 420 1.56 54.15 38.25
CA ASP B 420 1.51 54.57 36.85
C ASP B 420 2.15 55.94 36.63
N TYR B 421 2.95 56.41 37.60
CA TYR B 421 3.61 57.70 37.48
C TYR B 421 5.13 57.60 37.47
N ASN B 422 5.72 56.48 37.89
CA ASN B 422 7.16 56.30 37.91
C ASN B 422 7.62 55.19 36.98
N TYR B 423 6.97 54.03 37.03
CA TYR B 423 7.37 52.89 36.19
C TYR B 423 6.09 52.12 35.84
N LYS B 424 5.61 52.30 34.62
CA LYS B 424 4.39 51.68 34.15
C LYS B 424 4.73 50.41 33.38
N LEU B 425 4.07 49.32 33.71
CA LEU B 425 4.26 48.04 33.03
C LEU B 425 3.27 47.90 31.89
N PRO B 426 3.73 47.58 30.68
CA PRO B 426 2.82 47.51 29.52
C PRO B 426 1.84 46.35 29.61
N ASP B 427 0.95 46.26 28.61
CA ASP B 427 -0.02 45.17 28.58
C ASP B 427 0.62 43.81 28.41
N ASP B 428 1.78 43.74 27.75
CA ASP B 428 2.47 42.48 27.51
C ASP B 428 3.57 42.24 28.54
N PHE B 429 3.34 42.71 29.77
CA PHE B 429 4.30 42.52 30.86
C PHE B 429 4.33 41.05 31.24
N THR B 430 5.40 40.36 30.86
CA THR B 430 5.60 38.95 31.17
C THR B 430 6.96 38.75 31.83
N GLY B 431 7.25 39.59 32.83
CA GLY B 431 8.53 39.53 33.50
C GLY B 431 8.44 39.18 34.97
N CYS B 432 9.55 39.36 35.69
CA CYS B 432 9.62 39.06 37.11
C CYS B 432 10.23 40.24 37.86
N VAL B 433 9.80 40.42 39.11
CA VAL B 433 10.31 41.47 39.98
C VAL B 433 11.25 40.82 40.99
N ILE B 434 12.52 41.22 40.94
CA ILE B 434 13.55 40.75 41.85
C ILE B 434 14.00 41.95 42.68
N ALA B 435 14.06 41.77 44.00
CA ALA B 435 14.42 42.85 44.90
C ALA B 435 15.49 42.39 45.87
N TRP B 436 16.58 43.15 45.93
CA TRP B 436 17.56 43.11 47.02
C TRP B 436 17.06 43.91 48.20
N ASN B 437 17.26 43.36 49.41
CA ASN B 437 16.95 44.06 50.65
C ASN B 437 18.18 44.86 51.05
N SER B 438 18.14 46.17 50.79
CA SER B 438 19.27 47.03 51.12
C SER B 438 19.41 47.23 52.62
N ASN B 439 18.37 47.78 53.25
CA ASN B 439 18.34 48.05 54.68
C ASN B 439 19.54 48.90 55.10
N ASN B 440 20.56 48.27 55.66
CA ASN B 440 21.73 49.01 56.15
C ASN B 440 22.61 49.52 55.02
N LEU B 441 22.42 49.01 53.79
CA LEU B 441 23.25 49.48 52.68
C LEU B 441 23.00 50.95 52.38
N ASP B 442 21.74 51.38 52.42
CA ASP B 442 21.38 52.77 52.19
C ASP B 442 20.93 53.47 53.46
N SER B 443 21.53 53.10 54.59
CA SER B 443 21.19 53.66 55.90
C SER B 443 22.46 54.11 56.62
N LYS B 444 23.31 54.85 55.91
CA LYS B 444 24.55 55.34 56.50
C LYS B 444 24.26 56.41 57.54
N VAL B 445 25.27 56.70 58.36
CA VAL B 445 25.15 57.68 59.42
C VAL B 445 25.05 59.07 58.80
N GLY B 446 23.87 59.66 58.86
CA GLY B 446 23.66 60.99 58.30
C GLY B 446 22.46 61.06 57.38
N GLY B 447 22.24 60.00 56.61
CA GLY B 447 21.09 59.94 55.72
C GLY B 447 21.33 60.59 54.38
N ASN B 448 21.07 59.84 53.31
CA ASN B 448 21.20 60.38 51.96
C ASN B 448 19.92 61.09 51.55
N TYR B 449 20.06 62.20 50.82
CA TYR B 449 18.91 62.96 50.37
C TYR B 449 19.04 63.45 48.93
N ASN B 450 20.09 63.04 48.21
CA ASN B 450 20.27 63.50 46.84
C ASN B 450 19.28 62.85 45.87
N TYR B 451 18.77 61.67 46.21
CA TYR B 451 17.84 60.97 45.33
C TYR B 451 16.51 61.70 45.26
N LEU B 452 15.88 61.66 44.08
CA LEU B 452 14.61 62.31 43.84
C LEU B 452 13.61 61.31 43.29
N TYR B 453 12.33 61.59 43.51
CA TYR B 453 11.24 60.78 42.97
C TYR B 453 10.14 61.68 42.46
N ARG B 454 9.37 61.16 41.51
CA ARG B 454 8.34 61.92 40.82
C ARG B 454 6.96 61.57 41.35
N LEU B 455 6.16 62.60 41.64
CA LEU B 455 4.79 62.40 42.10
C LEU B 455 3.77 63.28 41.40
N PHE B 456 4.18 64.35 40.72
CA PHE B 456 3.27 65.24 40.02
C PHE B 456 3.42 65.03 38.51
N ARG B 457 2.30 64.81 37.83
CA ARG B 457 2.30 64.64 36.38
C ARG B 457 0.90 64.93 35.86
N LYS B 458 0.84 65.58 34.68
CA LYS B 458 -0.43 65.93 34.07
C LYS B 458 -1.15 64.73 33.45
N SER B 459 -0.44 63.65 33.18
CA SER B 459 -1.03 62.48 32.54
C SER B 459 -0.31 61.24 33.05
N ASN B 460 -0.48 60.12 32.35
CA ASN B 460 0.15 58.85 32.71
C ASN B 460 1.35 58.62 31.80
N LEU B 461 2.49 58.27 32.40
CA LEU B 461 3.70 58.02 31.63
C LEU B 461 3.53 56.78 30.77
N LYS B 462 4.07 56.83 29.56
CA LYS B 462 3.98 55.69 28.64
C LYS B 462 4.79 54.52 29.20
N PRO B 463 4.24 53.30 29.19
CA PRO B 463 4.98 52.16 29.73
C PRO B 463 6.22 51.84 28.90
N PHE B 464 7.25 51.36 29.59
CA PHE B 464 8.52 51.00 28.97
C PHE B 464 9.11 52.16 28.17
N GLU B 465 8.96 53.37 28.70
CA GLU B 465 9.47 54.56 28.03
C GLU B 465 9.61 55.67 29.07
N ARG B 466 10.84 56.13 29.28
CA ARG B 466 11.12 57.24 30.19
C ARG B 466 11.54 58.44 29.35
N ASP B 467 10.88 59.57 29.56
CA ASP B 467 11.15 60.78 28.80
C ASP B 467 11.87 61.85 29.60
N ILE B 468 12.17 61.60 30.88
CA ILE B 468 12.82 62.56 31.76
C ILE B 468 12.02 63.86 31.76
N SER B 469 10.85 63.83 32.43
CA SER B 469 9.95 64.97 32.44
C SER B 469 10.49 66.09 33.33
N THR B 470 11.43 66.86 32.81
CA THR B 470 12.00 67.98 33.57
C THR B 470 11.15 69.24 33.49
N GLU B 471 10.05 69.20 32.73
CA GLU B 471 9.18 70.36 32.62
C GLU B 471 8.54 70.69 33.97
N ILE B 472 8.43 71.99 34.26
CA ILE B 472 7.88 72.44 35.53
C ILE B 472 6.39 72.11 35.60
N TYR B 473 5.98 71.57 36.75
CA TYR B 473 4.57 71.23 36.97
C TYR B 473 3.80 72.53 37.23
N GLN B 474 3.41 73.17 36.13
CA GLN B 474 2.72 74.45 36.18
C GLN B 474 1.21 74.22 36.10
N ALA B 475 0.49 74.74 37.08
CA ALA B 475 -0.97 74.62 37.08
C ALA B 475 -1.58 75.45 35.96
N GLY B 476 -2.73 75.01 35.47
CA GLY B 476 -3.41 75.70 34.39
C GLY B 476 -4.14 76.95 34.79
N SER B 477 -4.27 77.23 36.09
CA SER B 477 -4.96 78.43 36.54
C SER B 477 -4.06 79.65 36.45
N THR B 478 -2.95 79.65 37.17
CA THR B 478 -2.00 80.77 37.18
C THR B 478 -0.58 80.22 37.00
N PRO B 479 -0.23 79.82 35.77
CA PRO B 479 1.13 79.33 35.53
C PRO B 479 2.17 80.41 35.72
N CYS B 480 3.35 79.99 36.19
CA CYS B 480 4.44 80.92 36.44
C CYS B 480 5.28 81.20 35.19
N ASN B 481 5.51 80.18 34.37
CA ASN B 481 6.25 80.31 33.10
C ASN B 481 7.65 80.89 33.36
N GLY B 482 8.46 80.07 34.01
CA GLY B 482 9.80 80.51 34.39
C GLY B 482 10.22 80.10 35.80
N VAL B 483 10.44 81.10 36.66
CA VAL B 483 11.01 80.84 37.98
C VAL B 483 10.12 79.89 38.79
N GLU B 484 10.71 79.32 39.84
CA GLU B 484 10.10 78.27 40.66
C GLU B 484 9.34 78.85 41.86
N GLY B 485 8.78 80.04 41.72
CA GLY B 485 8.12 80.69 42.85
C GLY B 485 6.63 80.43 42.93
N PHE B 486 5.83 81.42 42.55
CA PHE B 486 4.39 81.36 42.74
C PHE B 486 3.77 80.28 41.84
N ASN B 487 3.00 79.38 42.46
CA ASN B 487 2.21 78.36 41.77
C ASN B 487 3.09 77.51 40.86
N CYS B 488 4.29 77.19 41.32
CA CYS B 488 5.22 76.32 40.61
C CYS B 488 6.13 75.63 41.61
N TYR B 489 6.17 74.31 41.56
CA TYR B 489 7.03 73.50 42.42
C TYR B 489 7.75 72.45 41.59
N PHE B 490 8.89 72.00 42.10
CA PHE B 490 9.67 70.99 41.40
C PHE B 490 8.90 69.67 41.37
N PRO B 491 8.74 69.05 40.20
CA PRO B 491 8.01 67.77 40.15
C PRO B 491 8.70 66.66 40.92
N LEU B 492 9.99 66.76 41.18
CA LEU B 492 10.75 65.74 41.88
C LEU B 492 10.98 66.15 43.33
N GLN B 493 10.57 65.30 44.26
CA GLN B 493 10.76 65.54 45.68
C GLN B 493 11.86 64.62 46.22
N SER B 494 12.36 64.97 47.40
CA SER B 494 13.47 64.24 48.02
C SER B 494 13.03 62.83 48.38
N TYR B 495 13.54 61.84 47.64
CA TYR B 495 13.25 60.44 47.88
C TYR B 495 14.17 59.80 48.91
N GLY B 496 15.16 60.55 49.41
CA GLY B 496 16.09 59.98 50.37
C GLY B 496 15.41 59.62 51.67
N PHE B 497 15.96 58.62 52.33
CA PHE B 497 15.41 58.09 53.57
C PHE B 497 16.34 58.39 54.74
N GLN B 498 15.93 57.94 55.92
CA GLN B 498 16.66 58.15 57.16
C GLN B 498 16.80 56.84 57.90
N PRO B 499 17.90 56.65 58.64
CA PRO B 499 18.02 55.45 59.47
C PRO B 499 16.92 55.31 60.51
N THR B 500 16.33 56.42 60.96
CA THR B 500 15.25 56.38 61.93
C THR B 500 13.96 55.80 61.36
N ASN B 501 13.86 55.64 60.04
CA ASN B 501 12.66 55.08 59.44
C ASN B 501 12.48 53.63 59.85
N GLY B 502 11.23 53.20 59.88
CA GLY B 502 10.90 51.85 60.29
C GLY B 502 11.15 50.84 59.18
N VAL B 503 10.84 49.57 59.50
CA VAL B 503 11.04 48.50 58.55
C VAL B 503 10.14 48.66 57.33
N GLY B 504 9.00 49.34 57.50
CA GLY B 504 8.08 49.57 56.40
C GLY B 504 8.42 50.73 55.50
N TYR B 505 9.51 51.43 55.78
CA TYR B 505 9.96 52.56 54.99
C TYR B 505 11.44 52.43 54.64
N GLN B 506 11.86 51.22 54.27
CA GLN B 506 13.25 50.96 53.93
C GLN B 506 13.41 50.82 52.42
N PRO B 507 14.55 51.25 51.87
CA PRO B 507 14.75 51.16 50.42
C PRO B 507 15.06 49.74 49.99
N TYR B 508 14.42 49.31 48.91
CA TYR B 508 14.64 48.00 48.31
C TYR B 508 15.14 48.20 46.88
N ARG B 509 16.23 47.52 46.53
CA ARG B 509 16.84 47.67 45.22
C ARG B 509 16.16 46.69 44.26
N VAL B 510 15.27 47.19 43.42
CA VAL B 510 14.46 46.35 42.56
C VAL B 510 15.05 46.36 41.15
N VAL B 511 15.49 45.20 40.68
CA VAL B 511 15.93 45.03 39.31
C VAL B 511 14.95 44.10 38.61
N VAL B 512 13.94 44.69 37.96
CA VAL B 512 12.92 43.91 37.28
C VAL B 512 13.50 43.33 35.99
N LEU B 513 13.34 42.02 35.81
CA LEU B 513 13.80 41.34 34.60
C LEU B 513 12.61 41.09 33.69
N SER B 514 12.83 41.25 32.39
CA SER B 514 11.78 41.06 31.39
C SER B 514 12.35 40.24 30.24
N PHE B 515 11.71 39.11 29.95
CA PHE B 515 12.10 38.26 28.84
C PHE B 515 11.03 38.34 27.75
N GLU B 516 11.46 38.69 26.54
CA GLU B 516 10.58 38.85 25.40
C GLU B 516 11.01 37.90 24.29
N LEU B 517 10.04 37.26 23.65
CA LEU B 517 10.27 36.31 22.58
C LEU B 517 9.74 36.88 21.27
N LEU B 518 10.53 36.74 20.21
CA LEU B 518 10.17 37.21 18.88
C LEU B 518 10.53 36.14 17.86
N HIS B 519 10.26 36.43 16.58
CA HIS B 519 10.58 35.49 15.52
C HIS B 519 12.08 35.24 15.40
N ALA B 520 12.90 36.13 15.93
CA ALA B 520 14.34 35.92 15.91
C ALA B 520 14.70 34.74 16.82
N PRO B 521 15.75 33.99 16.46
CA PRO B 521 16.15 32.85 17.29
C PRO B 521 16.55 33.29 18.69
N ALA B 522 16.25 32.43 19.67
CA ALA B 522 16.55 32.74 21.05
C ALA B 522 18.06 32.73 21.30
N THR B 523 18.50 33.60 22.21
CA THR B 523 19.91 33.74 22.52
C THR B 523 20.26 33.46 23.99
N VAL B 524 19.29 33.47 24.89
CA VAL B 524 19.53 33.25 26.32
C VAL B 524 18.85 31.96 26.72
N CYS B 525 19.63 31.03 27.28
CA CYS B 525 19.12 29.76 27.76
C CYS B 525 19.73 29.45 29.11
N GLY B 526 19.01 28.62 29.89
CA GLY B 526 19.46 28.27 31.21
C GLY B 526 20.56 27.24 31.18
N PRO B 527 21.14 26.98 32.36
CA PRO B 527 22.20 25.98 32.46
C PRO B 527 21.71 24.59 32.08
N LYS B 528 22.60 23.82 31.47
CA LYS B 528 22.29 22.46 31.03
C LYS B 528 23.00 21.45 31.92
N LYS B 529 22.47 20.23 31.91
CA LYS B 529 23.04 19.16 32.73
C LYS B 529 24.43 18.78 32.23
N SER B 530 25.24 18.27 33.15
CA SER B 530 26.64 17.92 32.89
C SER B 530 26.94 16.52 33.38
N THR B 531 26.09 15.56 33.01
CA THR B 531 26.31 14.17 33.38
C THR B 531 27.62 13.66 32.79
N ASN B 532 28.34 12.85 33.57
CA ASN B 532 29.65 12.38 33.17
C ASN B 532 29.56 11.49 31.93
N LEU B 533 30.55 11.63 31.04
CA LEU B 533 30.61 10.84 29.83
C LEU B 533 31.04 9.41 30.14
N VAL B 534 30.48 8.45 29.41
CA VAL B 534 30.83 7.05 29.54
C VAL B 534 31.39 6.56 28.21
N LYS B 535 32.18 5.50 28.28
CA LYS B 535 32.85 4.93 27.11
C LYS B 535 32.65 3.43 27.08
N ASN B 536 32.60 2.89 25.86
CA ASN B 536 32.46 1.45 25.63
C ASN B 536 31.23 0.88 26.32
N LYS B 537 30.13 1.63 26.29
CA LYS B 537 28.88 1.19 26.90
C LYS B 537 27.73 1.60 26.00
N CYS B 538 26.68 0.79 26.01
CA CYS B 538 25.47 1.07 25.23
C CYS B 538 24.61 2.07 25.98
N VAL B 539 24.55 3.30 25.49
CA VAL B 539 23.79 4.37 26.13
C VAL B 539 23.05 5.18 25.08
N ASN B 540 22.13 6.00 25.55
CA ASN B 540 21.41 6.97 24.72
C ASN B 540 22.03 8.34 24.94
N PHE B 541 22.48 8.96 23.86
CA PHE B 541 23.16 10.24 23.92
C PHE B 541 22.26 11.36 23.40
N ASN B 542 22.44 12.54 24.00
CA ASN B 542 21.66 13.75 23.72
C ASN B 542 22.60 14.90 23.38
N PHE B 543 23.51 14.63 22.44
CA PHE B 543 24.64 15.54 22.20
C PHE B 543 24.15 16.83 21.56
N ASN B 544 24.30 17.93 22.29
CA ASN B 544 24.10 19.29 21.79
C ASN B 544 22.91 19.38 20.84
N GLY B 545 21.75 18.97 21.36
CA GLY B 545 20.63 18.76 20.48
C GLY B 545 20.49 17.30 20.08
N LEU B 546 21.09 16.92 18.96
CA LEU B 546 20.88 15.64 18.28
C LEU B 546 20.94 14.47 19.25
N THR B 547 19.95 13.58 19.14
CA THR B 547 19.80 12.45 20.03
C THR B 547 19.96 11.14 19.27
N GLY B 548 20.43 10.12 19.98
CA GLY B 548 20.58 8.80 19.38
C GLY B 548 20.92 7.78 20.44
N THR B 549 21.22 6.57 19.97
CA THR B 549 21.58 5.47 20.87
C THR B 549 22.75 4.70 20.26
N GLY B 550 23.54 4.08 21.12
CA GLY B 550 24.63 3.25 20.65
C GLY B 550 25.76 3.22 21.67
N VAL B 551 26.91 2.77 21.20
CA VAL B 551 28.12 2.65 22.02
C VAL B 551 29.10 3.71 21.58
N LEU B 552 29.64 4.46 22.55
CA LEU B 552 30.57 5.56 22.28
C LEU B 552 31.99 5.05 22.49
N THR B 553 32.84 5.25 21.48
CA THR B 553 34.23 4.80 21.52
C THR B 553 35.17 5.93 21.12
N GLU B 554 36.42 5.80 21.56
CA GLU B 554 37.47 6.75 21.25
C GLU B 554 38.18 6.30 19.98
N SER B 555 38.02 7.06 18.91
CA SER B 555 38.67 6.77 17.63
C SER B 555 38.57 8.01 16.75
N ASN B 556 38.99 7.86 15.49
CA ASN B 556 38.93 8.90 14.46
C ASN B 556 39.87 10.07 14.76
N LYS B 557 40.36 10.71 13.69
CA LYS B 557 41.27 11.84 13.82
C LYS B 557 40.94 12.86 12.74
N LYS B 558 41.33 14.11 13.00
CA LYS B 558 41.14 15.23 12.07
C LYS B 558 39.66 15.39 11.71
N PHE B 559 38.87 15.68 12.74
CA PHE B 559 37.43 15.86 12.61
C PHE B 559 37.03 17.28 12.28
N LEU B 560 37.94 18.07 11.70
CA LEU B 560 37.77 19.48 11.34
C LEU B 560 37.66 20.34 12.60
N PRO B 561 38.19 21.56 12.58
CA PRO B 561 38.16 22.41 13.77
C PRO B 561 36.94 23.32 13.89
N PHE B 562 35.90 23.14 13.08
CA PHE B 562 34.76 24.04 13.12
C PHE B 562 33.42 23.34 13.35
N GLN B 563 33.20 22.18 12.74
CA GLN B 563 31.88 21.57 12.78
C GLN B 563 31.97 20.10 13.15
N GLN B 564 31.01 19.67 13.98
CA GLN B 564 30.85 18.30 14.42
C GLN B 564 29.87 17.56 13.50
N PHE B 565 29.36 16.42 13.95
CA PHE B 565 28.30 15.68 13.27
C PHE B 565 28.74 15.16 11.91
N GLY B 566 29.73 14.27 11.90
CA GLY B 566 30.26 13.70 10.68
C GLY B 566 29.50 12.50 10.13
N ARG B 567 28.39 12.74 9.46
CA ARG B 567 27.60 11.67 8.87
C ARG B 567 28.43 10.87 7.87
N ASP B 568 28.05 9.61 7.67
CA ASP B 568 28.74 8.72 6.75
C ASP B 568 28.13 8.83 5.36
N ILE B 569 28.49 7.90 4.46
CA ILE B 569 27.95 7.92 3.10
C ILE B 569 26.44 7.68 3.12
N ALA B 570 25.97 6.81 4.02
CA ALA B 570 24.55 6.50 4.13
C ALA B 570 23.80 7.50 5.00
N ASP B 571 24.40 8.66 5.27
CA ASP B 571 23.83 9.76 6.07
C ASP B 571 23.58 9.38 7.52
N THR B 572 23.94 8.17 7.95
CA THR B 572 23.76 7.79 9.34
C THR B 572 24.79 8.47 10.22
N THR B 573 24.37 8.84 11.43
CA THR B 573 25.25 9.49 12.38
C THR B 573 26.19 8.48 13.01
N ASP B 574 27.50 8.67 12.81
CA ASP B 574 28.49 7.77 13.38
C ASP B 574 29.67 8.48 14.02
N ALA B 575 29.82 9.79 13.87
CA ALA B 575 30.94 10.50 14.45
C ALA B 575 30.47 11.82 15.02
N VAL B 576 30.73 12.03 16.32
CA VAL B 576 30.32 13.25 17.01
C VAL B 576 31.54 13.84 17.71
N ARG B 577 31.39 15.06 18.19
CA ARG B 577 32.43 15.77 18.92
C ARG B 577 31.92 16.17 20.29
N ASP B 578 32.76 15.98 21.30
CA ASP B 578 32.38 16.34 22.66
C ASP B 578 32.20 17.85 22.77
N PRO B 579 31.07 18.35 23.28
CA PRO B 579 30.88 19.80 23.38
C PRO B 579 31.85 20.47 24.34
N GLN B 580 32.40 19.75 25.30
CA GLN B 580 33.31 20.34 26.28
C GLN B 580 34.78 20.20 25.85
N THR B 581 35.22 18.96 25.63
CA THR B 581 36.60 18.70 25.26
C THR B 581 36.73 18.68 23.73
N LEU B 582 37.90 18.29 23.24
CA LEU B 582 38.14 18.17 21.80
C LEU B 582 38.14 16.73 21.32
N GLU B 583 37.75 15.79 22.17
CA GLU B 583 37.74 14.38 21.79
C GLU B 583 36.63 14.11 20.76
N ILE B 584 36.91 13.16 19.87
CA ILE B 584 35.98 12.76 18.83
C ILE B 584 35.49 11.36 19.14
N LEU B 585 34.16 11.18 19.14
CA LEU B 585 33.53 9.95 19.58
C LEU B 585 32.90 9.23 18.39
N ASP B 586 33.23 7.94 18.25
CA ASP B 586 32.64 7.10 17.23
C ASP B 586 31.48 6.32 17.81
N ILE B 587 30.48 6.07 16.98
CA ILE B 587 29.23 5.45 17.41
C ILE B 587 29.15 4.05 16.81
N THR B 588 28.87 3.07 17.66
CA THR B 588 28.73 1.68 17.26
C THR B 588 27.29 1.24 17.51
N PRO B 589 26.67 0.51 16.59
CA PRO B 589 25.29 0.07 16.80
C PRO B 589 25.16 -0.82 18.03
N CYS B 590 23.93 -0.95 18.51
CA CYS B 590 23.66 -1.64 19.77
C CYS B 590 23.74 -3.16 19.62
N SER B 591 24.90 -3.66 19.21
CA SER B 591 25.18 -5.09 19.15
C SER B 591 24.17 -5.83 18.30
N PHE B 592 23.15 -6.42 18.94
CA PHE B 592 22.01 -7.11 18.33
C PHE B 592 22.46 -8.24 17.41
N GLY B 593 21.49 -8.93 16.80
CA GLY B 593 21.80 -10.04 15.92
C GLY B 593 20.83 -11.18 16.17
N GLY B 594 20.77 -12.07 15.18
CA GLY B 594 19.86 -13.20 15.26
C GLY B 594 20.31 -14.26 16.23
N VAL B 595 19.38 -15.15 16.57
CA VAL B 595 19.63 -16.27 17.47
C VAL B 595 19.42 -17.56 16.68
N SER B 596 20.44 -18.41 16.65
CA SER B 596 20.39 -19.68 15.96
C SER B 596 20.64 -20.81 16.95
N VAL B 597 19.82 -21.86 16.88
CA VAL B 597 19.90 -22.99 17.78
C VAL B 597 20.37 -24.19 16.98
N ILE B 598 21.46 -24.81 17.43
CA ILE B 598 22.03 -26.00 16.80
C ILE B 598 21.65 -27.20 17.64
N THR B 599 20.83 -28.09 17.08
CA THR B 599 20.39 -29.28 17.78
C THR B 599 20.32 -30.45 16.79
N PRO B 600 20.60 -31.66 17.25
CA PRO B 600 20.37 -32.84 16.41
C PRO B 600 18.90 -33.25 16.44
N GLY B 601 18.58 -34.39 15.82
CA GLY B 601 17.21 -34.87 15.86
C GLY B 601 16.78 -35.17 17.28
N THR B 602 15.50 -34.93 17.56
CA THR B 602 14.97 -35.17 18.90
C THR B 602 15.06 -36.63 19.31
N ASN B 603 15.05 -37.55 18.36
CA ASN B 603 15.20 -38.97 18.68
C ASN B 603 16.63 -39.31 19.07
N THR B 604 17.60 -38.45 18.76
CA THR B 604 18.99 -38.74 19.06
C THR B 604 19.33 -38.42 20.52
N SER B 605 19.19 -37.16 20.91
CA SER B 605 19.55 -36.76 22.26
C SER B 605 18.77 -35.49 22.62
N ASN B 606 19.18 -34.88 23.73
CA ASN B 606 18.52 -33.68 24.25
C ASN B 606 19.43 -32.46 24.25
N GLN B 607 20.75 -32.65 24.21
CA GLN B 607 21.67 -31.52 24.24
C GLN B 607 21.54 -30.67 23.00
N VAL B 608 21.60 -29.34 23.19
CA VAL B 608 21.46 -28.38 22.11
C VAL B 608 22.59 -27.37 22.21
N ALA B 609 22.76 -26.59 21.13
CA ALA B 609 23.74 -25.51 21.09
C ALA B 609 23.05 -24.26 20.58
N VAL B 610 23.48 -23.11 21.09
CA VAL B 610 22.90 -21.81 20.77
C VAL B 610 23.98 -20.93 20.15
N LEU B 611 23.66 -20.31 19.03
CA LEU B 611 24.57 -19.41 18.33
C LEU B 611 23.96 -18.02 18.28
N TYR B 612 24.74 -17.02 18.70
CA TYR B 612 24.35 -15.62 18.60
C TYR B 612 25.17 -14.97 17.51
N GLN B 613 24.49 -14.37 16.53
CA GLN B 613 25.16 -13.84 15.35
C GLN B 613 26.01 -12.63 15.69
N ASP B 614 27.20 -12.55 15.08
CA ASP B 614 28.12 -11.41 15.05
C ASP B 614 28.15 -10.58 16.32
N VAL B 615 28.35 -11.23 17.46
CA VAL B 615 28.46 -10.54 18.74
C VAL B 615 29.65 -11.12 19.50
N ASN B 616 30.37 -10.25 20.21
CA ASN B 616 31.49 -10.69 21.03
C ASN B 616 30.97 -11.50 22.21
N CYS B 617 31.72 -12.56 22.57
CA CYS B 617 31.31 -13.44 23.66
C CYS B 617 31.44 -12.79 25.02
N THR B 618 32.16 -11.66 25.14
CA THR B 618 32.33 -10.99 26.42
C THR B 618 31.13 -10.14 26.80
N GLU B 619 30.20 -9.89 25.88
CA GLU B 619 29.04 -9.05 26.15
C GLU B 619 27.73 -9.80 25.95
N VAL B 620 27.78 -11.14 25.94
CA VAL B 620 26.54 -11.92 25.73
C VAL B 620 25.50 -11.73 26.81
N PRO B 621 25.82 -11.74 28.12
CA PRO B 621 24.74 -11.74 29.11
C PRO B 621 24.02 -10.41 29.25
N VAL B 622 24.57 -9.32 28.69
CA VAL B 622 23.93 -8.02 28.81
C VAL B 622 22.63 -7.98 28.03
N ALA B 623 22.55 -8.68 26.90
CA ALA B 623 21.40 -8.59 26.01
C ALA B 623 20.19 -9.33 26.57
N ILE B 624 19.65 -8.84 27.70
CA ILE B 624 18.44 -9.37 28.32
C ILE B 624 18.57 -10.87 28.56
N HIS B 625 19.55 -11.25 29.37
CA HIS B 625 19.71 -12.62 29.85
C HIS B 625 19.79 -12.61 31.37
N ALA B 626 20.06 -13.79 31.93
CA ALA B 626 20.10 -14.00 33.38
C ALA B 626 18.78 -13.62 34.05
N ASP B 627 17.67 -13.74 33.33
CA ASP B 627 16.35 -13.45 33.87
C ASP B 627 15.36 -14.58 33.67
N GLN B 628 15.64 -15.54 32.79
CA GLN B 628 14.78 -16.68 32.56
C GLN B 628 15.12 -17.79 33.56
N LEU B 629 14.60 -18.98 33.32
CA LEU B 629 14.86 -20.10 34.21
C LEU B 629 16.34 -20.42 34.28
N THR B 630 16.86 -20.55 35.51
CA THR B 630 18.29 -20.79 35.69
C THR B 630 18.78 -22.11 35.09
N PRO B 631 18.16 -23.26 35.36
CA PRO B 631 18.76 -24.52 34.91
C PRO B 631 18.54 -24.83 33.43
N THR B 632 17.87 -23.96 32.68
CA THR B 632 17.60 -24.25 31.28
C THR B 632 18.06 -23.13 30.35
N TRP B 633 18.05 -21.89 30.85
CA TRP B 633 18.48 -20.74 30.07
C TRP B 633 19.83 -20.19 30.49
N ARG B 634 20.05 -20.01 31.80
CA ARG B 634 21.33 -19.48 32.26
C ARG B 634 22.49 -20.43 31.97
N VAL B 635 22.21 -21.72 31.80
CA VAL B 635 23.26 -22.66 31.41
C VAL B 635 23.78 -22.35 30.02
N TYR B 636 22.88 -22.05 29.09
CA TYR B 636 23.24 -21.73 27.72
C TYR B 636 23.52 -20.24 27.52
N SER B 637 23.36 -19.42 28.56
CA SER B 637 23.65 -17.99 28.43
C SER B 637 25.15 -17.74 28.53
N THR B 638 25.76 -18.12 29.65
CA THR B 638 27.21 -17.97 29.86
C THR B 638 27.72 -19.30 30.43
N GLY B 639 28.09 -20.22 29.54
CA GLY B 639 28.58 -21.51 29.92
C GLY B 639 30.08 -21.61 29.84
N SER B 640 30.58 -22.85 29.87
CA SER B 640 32.01 -23.10 29.77
C SER B 640 32.46 -23.39 28.35
N ASN B 641 31.60 -23.99 27.52
CA ASN B 641 31.93 -24.28 26.14
C ASN B 641 31.51 -23.10 25.26
N VAL B 642 32.26 -22.01 25.40
CA VAL B 642 32.01 -20.78 24.66
C VAL B 642 33.06 -20.68 23.56
N PHE B 643 32.60 -20.63 22.31
CA PHE B 643 33.47 -20.54 21.15
C PHE B 643 33.12 -19.29 20.36
N GLN B 644 34.14 -18.49 20.05
CA GLN B 644 33.97 -17.25 19.29
C GLN B 644 34.34 -17.53 17.85
N THR B 645 33.34 -17.57 16.97
CA THR B 645 33.54 -17.82 15.55
C THR B 645 33.27 -16.55 14.76
N ARG B 646 33.51 -16.64 13.44
CA ARG B 646 33.21 -15.52 12.55
C ARG B 646 31.73 -15.23 12.50
N ALA B 647 30.89 -16.27 12.52
CA ALA B 647 29.44 -16.06 12.55
C ALA B 647 29.02 -15.35 13.82
N GLY B 648 29.61 -15.73 14.95
CA GLY B 648 29.28 -15.10 16.22
C GLY B 648 29.81 -15.86 17.42
N CYS B 649 28.97 -16.02 18.44
CA CYS B 649 29.35 -16.72 19.66
C CYS B 649 28.58 -18.03 19.75
N LEU B 650 29.29 -19.12 19.98
CA LEU B 650 28.70 -20.45 20.07
C LEU B 650 28.80 -20.95 21.50
N ILE B 651 27.65 -21.34 22.07
CA ILE B 651 27.57 -21.86 23.43
C ILE B 651 26.93 -23.24 23.38
N GLY B 652 27.55 -24.21 24.05
CA GLY B 652 27.06 -25.56 24.07
C GLY B 652 27.81 -26.52 23.18
N ALA B 653 28.67 -26.02 22.30
CA ALA B 653 29.46 -26.85 21.40
C ALA B 653 30.93 -26.75 21.78
N GLU B 654 31.59 -27.89 21.97
CA GLU B 654 32.99 -27.93 22.36
C GLU B 654 33.86 -27.87 21.12
N HIS B 655 34.75 -26.89 21.06
CA HIS B 655 35.65 -26.75 19.93
C HIS B 655 36.70 -27.85 19.94
N VAL B 656 36.92 -28.47 18.79
CA VAL B 656 37.90 -29.54 18.63
C VAL B 656 38.76 -29.24 17.41
N ASN B 657 40.01 -29.69 17.46
CA ASN B 657 40.93 -29.46 16.36
C ASN B 657 40.78 -30.48 15.24
N ASN B 658 40.09 -31.59 15.48
CA ASN B 658 39.89 -32.61 14.46
C ASN B 658 38.78 -32.18 13.52
N SER B 659 38.88 -32.61 12.27
CA SER B 659 37.93 -32.25 11.22
C SER B 659 37.21 -33.50 10.73
N TYR B 660 35.89 -33.42 10.61
CA TYR B 660 35.06 -34.50 10.10
C TYR B 660 34.21 -33.96 8.95
N GLU B 661 33.33 -34.83 8.43
CA GLU B 661 32.36 -34.38 7.44
C GLU B 661 31.37 -33.42 8.08
N CYS B 662 31.06 -32.34 7.36
CA CYS B 662 30.20 -31.30 7.92
C CYS B 662 28.77 -31.82 8.08
N ASP B 663 28.17 -31.51 9.23
CA ASP B 663 26.78 -31.86 9.51
C ASP B 663 25.89 -30.63 9.66
N ILE B 664 26.24 -29.71 10.55
CA ILE B 664 25.46 -28.50 10.77
C ILE B 664 26.31 -27.28 10.43
N PRO B 665 26.05 -26.58 9.34
CA PRO B 665 26.81 -25.38 9.01
C PRO B 665 26.56 -24.27 10.02
N ILE B 666 27.58 -23.41 10.20
CA ILE B 666 27.50 -22.24 11.06
C ILE B 666 27.81 -20.96 10.28
N GLY B 667 28.89 -20.96 9.53
CA GLY B 667 29.31 -19.81 8.77
C GLY B 667 30.82 -19.72 8.74
N ALA B 668 31.36 -19.29 7.58
CA ALA B 668 32.80 -19.16 7.37
C ALA B 668 33.53 -20.48 7.63
N GLY B 669 32.91 -21.58 7.22
CA GLY B 669 33.53 -22.89 7.32
C GLY B 669 33.33 -23.60 8.64
N ILE B 670 32.73 -22.97 9.63
CA ILE B 670 32.50 -23.60 10.92
C ILE B 670 31.37 -24.61 10.79
N CYS B 671 31.58 -25.79 11.37
CA CYS B 671 30.60 -26.85 11.32
C CYS B 671 30.42 -27.43 12.71
N ALA B 672 29.25 -28.04 12.94
CA ALA B 672 28.91 -28.63 14.23
C ALA B 672 28.34 -30.02 14.01
N SER B 673 28.51 -30.87 15.03
CA SER B 673 28.06 -32.25 14.96
C SER B 673 27.71 -32.72 16.38
N TYR B 674 27.02 -33.85 16.43
CA TYR B 674 26.61 -34.43 17.72
C TYR B 674 27.63 -35.43 18.25
N GLN B 675 28.01 -36.41 17.43
CA GLN B 675 28.98 -37.41 17.87
C GLN B 675 30.36 -36.78 18.02
N THR B 676 31.06 -37.15 19.09
CA THR B 676 32.39 -36.63 19.37
C THR B 676 33.42 -37.21 18.40
N SER B 689 29.42 -38.50 27.90
CA SER B 689 30.14 -39.08 26.78
C SER B 689 29.94 -38.25 25.51
N GLN B 690 28.83 -38.51 24.82
CA GLN B 690 28.53 -37.79 23.59
C GLN B 690 28.06 -36.37 23.90
N SER B 691 28.63 -35.39 23.21
CA SER B 691 28.26 -34.00 23.39
C SER B 691 28.45 -33.25 22.07
N ILE B 692 27.70 -32.16 21.91
CA ILE B 692 27.79 -31.38 20.69
C ILE B 692 29.17 -30.76 20.57
N ILE B 693 29.77 -30.89 19.39
CA ILE B 693 31.11 -30.39 19.14
C ILE B 693 31.08 -29.49 17.90
N ALA B 694 32.05 -28.58 17.84
CA ALA B 694 32.20 -27.67 16.72
C ALA B 694 33.65 -27.68 16.25
N TYR B 695 33.84 -27.50 14.95
CA TYR B 695 35.16 -27.60 14.33
C TYR B 695 35.12 -26.92 12.97
N THR B 696 36.17 -27.12 12.19
CA THR B 696 36.23 -26.67 10.80
C THR B 696 35.91 -27.84 9.89
N MET B 697 35.00 -27.61 8.93
CA MET B 697 34.55 -28.68 8.06
C MET B 697 35.71 -29.18 7.20
N SER B 698 35.69 -30.48 6.91
CA SER B 698 36.71 -31.09 6.08
C SER B 698 36.23 -31.16 4.64
N LEU B 699 37.05 -30.68 3.71
CA LEU B 699 36.69 -30.65 2.30
C LEU B 699 36.99 -31.98 1.62
N GLY B 700 36.45 -33.06 2.19
CA GLY B 700 36.69 -34.39 1.62
C GLY B 700 37.89 -35.08 2.24
N ALA B 701 38.46 -36.03 1.50
CA ALA B 701 39.61 -36.80 1.97
C ALA B 701 40.83 -36.49 1.11
N GLU B 702 41.97 -36.33 1.76
CA GLU B 702 43.21 -36.04 1.03
C GLU B 702 43.63 -37.23 0.18
N ASN B 703 44.09 -36.94 -1.03
CA ASN B 703 44.51 -37.98 -1.96
C ASN B 703 45.65 -37.45 -2.80
N SER B 704 46.51 -38.36 -3.25
CA SER B 704 47.67 -38.00 -4.09
C SER B 704 47.92 -39.17 -5.04
N VAL B 705 47.40 -39.07 -6.25
CA VAL B 705 47.57 -40.13 -7.24
C VAL B 705 48.99 -40.08 -7.78
N ALA B 706 49.66 -41.23 -7.80
CA ALA B 706 51.02 -41.32 -8.30
C ALA B 706 51.05 -41.06 -9.80
N TYR B 707 51.58 -39.91 -10.20
CA TYR B 707 51.61 -39.49 -11.60
C TYR B 707 53.05 -39.33 -12.05
N SER B 708 53.35 -39.86 -13.24
CA SER B 708 54.68 -39.73 -13.83
C SER B 708 54.52 -39.66 -15.34
N ASN B 709 55.65 -39.51 -16.03
CA ASN B 709 55.63 -39.38 -17.49
C ASN B 709 55.36 -40.71 -18.19
N ASN B 710 55.48 -41.83 -17.48
CA ASN B 710 55.29 -43.14 -18.11
C ASN B 710 54.48 -44.08 -17.21
N SER B 711 53.57 -43.55 -16.42
CA SER B 711 52.72 -44.35 -15.53
C SER B 711 51.27 -44.19 -15.93
N ILE B 712 50.58 -45.31 -16.12
CA ILE B 712 49.17 -45.31 -16.51
C ILE B 712 48.43 -46.34 -15.67
N ALA B 713 47.20 -45.99 -15.28
CA ALA B 713 46.32 -46.89 -14.54
C ALA B 713 45.19 -47.32 -15.47
N ILE B 714 45.15 -48.61 -15.80
CA ILE B 714 44.15 -49.18 -16.69
C ILE B 714 43.14 -49.94 -15.84
N PRO B 715 41.86 -49.57 -15.85
CA PRO B 715 40.87 -50.31 -15.05
C PRO B 715 40.74 -51.75 -15.51
N THR B 716 40.54 -52.64 -14.55
CA THR B 716 40.38 -54.07 -14.83
C THR B 716 39.00 -54.60 -14.47
N ASN B 717 38.25 -53.89 -13.62
CA ASN B 717 36.92 -54.33 -13.23
C ASN B 717 36.00 -53.12 -13.20
N PHE B 718 34.71 -53.39 -13.42
CA PHE B 718 33.72 -52.33 -13.55
C PHE B 718 32.51 -52.64 -12.69
N THR B 719 31.72 -51.60 -12.43
CA THR B 719 30.49 -51.70 -11.67
C THR B 719 29.36 -51.01 -12.42
N ILE B 720 28.19 -51.63 -12.41
CA ILE B 720 26.98 -51.06 -12.97
C ILE B 720 26.25 -50.38 -11.81
N SER B 721 26.29 -49.04 -11.78
CA SER B 721 25.78 -48.28 -10.67
C SER B 721 24.45 -47.62 -11.04
N VAL B 722 23.44 -47.82 -10.20
CA VAL B 722 22.13 -47.21 -10.38
C VAL B 722 21.97 -46.11 -9.34
N THR B 723 21.64 -44.91 -9.80
CA THR B 723 21.44 -43.76 -8.93
C THR B 723 20.06 -43.16 -9.16
N THR B 724 19.48 -42.65 -8.09
CA THR B 724 18.14 -42.08 -8.12
C THR B 724 18.23 -40.57 -8.03
N GLU B 725 17.57 -39.87 -8.96
CA GLU B 725 17.55 -38.42 -8.97
C GLU B 725 16.10 -37.95 -9.06
N ILE B 726 15.78 -36.87 -8.35
CA ILE B 726 14.40 -36.38 -8.22
C ILE B 726 14.33 -34.98 -8.79
N LEU B 727 13.32 -34.73 -9.63
CA LEU B 727 13.10 -33.40 -10.20
C LEU B 727 11.64 -33.00 -10.03
N PRO B 728 11.35 -31.87 -9.37
CA PRO B 728 9.97 -31.39 -9.34
C PRO B 728 9.48 -31.08 -10.74
N VAL B 729 8.20 -31.39 -10.99
CA VAL B 729 7.59 -31.23 -12.30
C VAL B 729 6.59 -30.08 -12.33
N SER B 730 5.54 -30.16 -11.51
CA SER B 730 4.50 -29.14 -11.52
C SER B 730 3.77 -29.13 -10.19
N MET B 731 3.85 -28.01 -9.49
CA MET B 731 3.08 -27.83 -8.26
C MET B 731 1.59 -27.75 -8.58
N THR B 732 0.77 -28.18 -7.62
CA THR B 732 -0.67 -28.25 -7.84
C THR B 732 -1.24 -26.86 -8.08
N LYS B 733 -2.16 -26.77 -9.04
CA LYS B 733 -2.69 -25.47 -9.48
C LYS B 733 -3.90 -25.11 -8.64
N THR B 734 -3.68 -24.21 -7.68
CA THR B 734 -4.74 -23.71 -6.82
C THR B 734 -5.34 -22.44 -7.41
N SER B 735 -6.58 -22.17 -7.04
CA SER B 735 -7.28 -20.98 -7.51
C SER B 735 -7.91 -20.27 -6.32
N VAL B 736 -7.74 -18.95 -6.26
CA VAL B 736 -8.36 -18.12 -5.23
C VAL B 736 -9.03 -16.94 -5.90
N ASP B 737 -10.24 -16.63 -5.47
CA ASP B 737 -10.96 -15.47 -5.98
C ASP B 737 -10.56 -14.23 -5.21
N CYS B 738 -10.07 -13.22 -5.93
CA CYS B 738 -9.59 -12.00 -5.26
C CYS B 738 -10.72 -11.29 -4.53
N THR B 739 -11.86 -11.11 -5.19
CA THR B 739 -12.98 -10.40 -4.58
C THR B 739 -13.52 -11.17 -3.38
N MET B 740 -13.70 -12.49 -3.52
CA MET B 740 -14.21 -13.28 -2.42
C MET B 740 -13.23 -13.30 -1.24
N TYR B 741 -11.93 -13.38 -1.53
CA TYR B 741 -10.94 -13.38 -0.45
C TYR B 741 -10.91 -12.05 0.28
N ILE B 742 -10.95 -10.94 -0.46
CA ILE B 742 -10.88 -9.63 0.17
C ILE B 742 -12.16 -9.33 0.95
N CYS B 743 -13.32 -9.60 0.35
CA CYS B 743 -14.61 -9.32 0.97
C CYS B 743 -15.44 -10.59 1.00
N GLY B 744 -15.94 -10.95 2.18
CA GLY B 744 -16.79 -12.11 2.32
C GLY B 744 -18.27 -11.77 2.22
N ASP B 745 -18.86 -12.01 1.05
CA ASP B 745 -20.27 -11.76 0.75
C ASP B 745 -20.77 -10.43 1.29
N SER B 746 -19.93 -9.40 1.21
CA SER B 746 -20.28 -8.06 1.68
C SER B 746 -20.44 -7.15 0.46
N THR B 747 -21.66 -6.68 0.24
CA THR B 747 -21.93 -5.83 -0.91
C THR B 747 -21.19 -4.50 -0.81
N GLU B 748 -21.18 -3.88 0.37
CA GLU B 748 -20.46 -2.62 0.54
C GLU B 748 -18.96 -2.80 0.32
N CYS B 749 -18.39 -3.89 0.85
CA CYS B 749 -16.97 -4.14 0.64
C CYS B 749 -16.66 -4.39 -0.83
N SER B 750 -17.53 -5.13 -1.52
CA SER B 750 -17.32 -5.37 -2.94
C SER B 750 -17.39 -4.07 -3.74
N ASN B 751 -18.35 -3.20 -3.39
CA ASN B 751 -18.46 -1.92 -4.07
C ASN B 751 -17.22 -1.05 -3.82
N LEU B 752 -16.71 -1.06 -2.59
CA LEU B 752 -15.50 -0.30 -2.29
C LEU B 752 -14.30 -0.86 -3.04
N LEU B 753 -14.20 -2.19 -3.14
CA LEU B 753 -13.10 -2.81 -3.86
C LEU B 753 -13.20 -2.53 -5.36
N LEU B 754 -14.41 -2.36 -5.88
CA LEU B 754 -14.58 -2.07 -7.31
C LEU B 754 -13.93 -0.75 -7.68
N GLN B 755 -13.83 0.19 -6.74
CA GLN B 755 -13.20 1.48 -7.00
C GLN B 755 -11.69 1.38 -7.14
N TYR B 756 -11.09 0.24 -6.81
CA TYR B 756 -9.64 0.07 -6.86
C TYR B 756 -9.14 -0.32 -8.25
N GLY B 757 -10.03 -0.53 -9.21
CA GLY B 757 -9.61 -0.83 -10.55
C GLY B 757 -9.62 -2.31 -10.89
N SER B 758 -8.62 -2.76 -11.66
CA SER B 758 -8.54 -4.13 -12.15
C SER B 758 -7.45 -4.93 -11.44
N PHE B 759 -7.20 -4.65 -10.17
CA PHE B 759 -6.22 -5.41 -9.41
C PHE B 759 -6.65 -6.88 -9.27
N CYS B 760 -7.93 -7.11 -8.97
CA CYS B 760 -8.40 -8.49 -8.80
C CYS B 760 -8.31 -9.27 -10.10
N THR B 761 -8.63 -8.63 -11.23
CA THR B 761 -8.55 -9.31 -12.52
C THR B 761 -7.11 -9.68 -12.85
N GLN B 762 -6.15 -8.82 -12.49
CA GLN B 762 -4.74 -9.13 -12.72
C GLN B 762 -4.32 -10.38 -11.94
N LEU B 763 -4.74 -10.48 -10.67
CA LEU B 763 -4.40 -11.64 -9.88
C LEU B 763 -5.09 -12.89 -10.41
N ASN B 764 -6.34 -12.76 -10.85
CA ASN B 764 -7.05 -13.90 -11.42
C ASN B 764 -6.37 -14.41 -12.69
N ARG B 765 -5.97 -13.49 -13.58
CA ARG B 765 -5.29 -13.92 -14.80
C ARG B 765 -3.90 -14.48 -14.50
N ALA B 766 -3.22 -13.95 -13.48
CA ALA B 766 -1.94 -14.53 -13.08
C ALA B 766 -2.11 -15.95 -12.58
N LEU B 767 -3.14 -16.20 -11.76
CA LEU B 767 -3.40 -17.55 -11.27
C LEU B 767 -3.77 -18.48 -12.41
N THR B 768 -4.58 -18.01 -13.36
CA THR B 768 -4.94 -18.84 -14.52
C THR B 768 -3.70 -19.17 -15.34
N GLY B 769 -2.82 -18.19 -15.54
CA GLY B 769 -1.58 -18.46 -16.25
C GLY B 769 -0.69 -19.44 -15.52
N ILE B 770 -0.64 -19.34 -14.19
CA ILE B 770 0.14 -20.30 -13.41
C ILE B 770 -0.43 -21.70 -13.59
N ALA B 771 -1.76 -21.83 -13.57
CA ALA B 771 -2.39 -23.13 -13.77
C ALA B 771 -2.06 -23.70 -15.14
N VAL B 772 -2.20 -22.89 -16.19
CA VAL B 772 -1.96 -23.41 -17.54
C VAL B 772 -0.48 -23.71 -17.75
N GLU B 773 0.43 -22.99 -17.09
CA GLU B 773 1.84 -23.30 -17.28
C GLU B 773 2.27 -24.51 -16.46
N GLN B 774 1.61 -24.76 -15.31
CA GLN B 774 1.75 -26.07 -14.67
C GLN B 774 1.30 -27.19 -15.60
N ASP B 775 0.16 -27.00 -16.27
CA ASP B 775 -0.33 -28.02 -17.21
C ASP B 775 0.66 -28.23 -18.34
N LYS B 776 1.17 -27.14 -18.92
CA LYS B 776 2.15 -27.25 -20.00
C LYS B 776 3.43 -27.93 -19.52
N ASN B 777 3.88 -27.61 -18.30
CA ASN B 777 5.10 -28.19 -17.77
C ASN B 777 4.95 -29.71 -17.61
N THR B 778 3.85 -30.16 -17.01
CA THR B 778 3.68 -31.59 -16.82
C THR B 778 3.48 -32.30 -18.15
N GLN B 779 2.78 -31.67 -19.10
CA GLN B 779 2.62 -32.26 -20.42
C GLN B 779 3.97 -32.41 -21.12
N GLU B 780 4.81 -31.38 -21.05
CA GLU B 780 6.12 -31.45 -21.69
C GLU B 780 7.02 -32.47 -21.01
N VAL B 781 6.89 -32.62 -19.68
CA VAL B 781 7.73 -33.57 -18.97
C VAL B 781 7.33 -35.00 -19.30
N PHE B 782 6.04 -35.30 -19.31
CA PHE B 782 5.59 -36.68 -19.47
C PHE B 782 5.25 -37.06 -20.90
N ALA B 783 4.35 -36.34 -21.55
CA ALA B 783 3.88 -36.70 -22.90
C ALA B 783 4.91 -36.34 -23.95
N GLN B 784 5.94 -37.19 -24.07
CA GLN B 784 6.97 -37.06 -25.10
C GLN B 784 7.06 -38.29 -25.98
N VAL B 785 6.10 -39.21 -25.89
CA VAL B 785 6.11 -40.44 -26.65
C VAL B 785 4.83 -40.52 -27.47
N LYS B 786 4.97 -40.89 -28.75
CA LYS B 786 3.83 -40.86 -29.65
C LYS B 786 2.86 -42.01 -29.39
N GLN B 787 3.39 -43.21 -29.12
CA GLN B 787 2.57 -44.40 -28.99
C GLN B 787 2.85 -45.10 -27.68
N ILE B 788 1.86 -45.88 -27.22
CA ILE B 788 1.98 -46.65 -26.00
C ILE B 788 2.69 -47.96 -26.32
N TYR B 789 3.79 -48.23 -25.63
CA TYR B 789 4.54 -49.47 -25.80
C TYR B 789 4.24 -50.40 -24.64
N LYS B 790 4.00 -51.67 -24.97
CA LYS B 790 3.65 -52.69 -24.00
C LYS B 790 4.69 -53.80 -24.02
N THR B 791 5.13 -54.21 -22.83
CA THR B 791 6.09 -55.29 -22.72
C THR B 791 5.45 -56.62 -23.11
N PRO B 792 6.22 -57.54 -23.68
CA PRO B 792 5.68 -58.86 -24.04
C PRO B 792 5.32 -59.64 -22.78
N PRO B 793 4.35 -60.55 -22.88
CA PRO B 793 3.98 -61.35 -21.69
C PRO B 793 5.13 -62.16 -21.11
N ILE B 794 6.04 -62.65 -21.95
CA ILE B 794 7.20 -63.38 -21.47
C ILE B 794 8.28 -62.40 -21.05
N LYS B 795 9.00 -62.73 -19.99
CA LYS B 795 10.05 -61.88 -19.45
C LYS B 795 11.40 -62.55 -19.68
N ASP B 796 12.10 -62.14 -20.73
CA ASP B 796 13.41 -62.68 -21.05
C ASP B 796 14.22 -61.57 -21.73
N PHE B 797 15.07 -60.90 -20.95
CA PHE B 797 15.90 -59.81 -21.46
C PHE B 797 17.38 -60.10 -21.23
N GLY B 798 17.81 -61.33 -21.49
CA GLY B 798 19.20 -61.70 -21.27
C GLY B 798 19.58 -61.90 -19.82
N GLY B 799 18.61 -62.18 -18.95
CA GLY B 799 18.85 -62.37 -17.54
C GLY B 799 18.58 -61.15 -16.68
N PHE B 800 18.49 -59.97 -17.29
CA PHE B 800 18.19 -58.75 -16.55
C PHE B 800 16.76 -58.79 -16.04
N ASN B 801 16.55 -58.26 -14.84
CA ASN B 801 15.24 -58.24 -14.19
C ASN B 801 14.71 -56.82 -14.16
N PHE B 802 13.52 -56.62 -14.73
CA PHE B 802 12.86 -55.33 -14.72
C PHE B 802 11.52 -55.36 -13.97
N SER B 803 11.35 -56.34 -13.09
CA SER B 803 10.09 -56.45 -12.34
C SER B 803 9.87 -55.24 -11.44
N GLN B 804 10.93 -54.77 -10.79
CA GLN B 804 10.82 -53.61 -9.90
C GLN B 804 10.58 -52.31 -10.66
N ILE B 805 10.72 -52.31 -11.99
CA ILE B 805 10.50 -51.11 -12.79
C ILE B 805 9.22 -51.22 -13.61
N LEU B 806 8.78 -52.42 -13.98
CA LEU B 806 7.55 -52.60 -14.73
C LEU B 806 6.34 -52.58 -13.79
N PRO B 807 5.17 -52.18 -14.29
CA PRO B 807 3.97 -52.18 -13.45
C PRO B 807 3.60 -53.57 -12.99
N ASP B 808 3.00 -53.64 -11.80
CA ASP B 808 2.58 -54.91 -11.23
C ASP B 808 1.12 -55.18 -11.59
N PRO B 809 0.82 -56.24 -12.34
CA PRO B 809 -0.59 -56.54 -12.65
C PRO B 809 -1.43 -56.84 -11.43
N SER B 810 -0.84 -57.40 -10.36
CA SER B 810 -1.62 -57.75 -9.17
C SER B 810 -2.15 -56.52 -8.45
N LYS B 811 -1.41 -55.41 -8.48
CA LYS B 811 -1.85 -54.21 -7.79
C LYS B 811 -3.10 -53.65 -8.46
N PRO B 812 -4.01 -53.04 -7.69
CA PRO B 812 -5.21 -52.45 -8.29
C PRO B 812 -4.92 -51.36 -9.30
N SER B 813 -3.85 -50.59 -9.09
CA SER B 813 -3.45 -49.54 -10.00
C SER B 813 -2.26 -49.97 -10.85
N LYS B 814 -2.17 -49.42 -12.06
CA LYS B 814 -1.11 -49.76 -12.99
C LYS B 814 0.15 -48.94 -12.68
N ARG B 815 0.71 -49.20 -11.51
CA ARG B 815 1.90 -48.51 -11.03
C ARG B 815 2.98 -49.52 -10.68
N SER B 816 4.23 -49.20 -11.02
CA SER B 816 5.35 -50.07 -10.73
C SER B 816 5.66 -50.06 -9.23
N PHE B 817 6.61 -50.91 -8.83
CA PHE B 817 7.00 -50.96 -7.42
C PHE B 817 7.58 -49.63 -6.96
N ILE B 818 8.45 -49.03 -7.77
CA ILE B 818 9.06 -47.75 -7.41
C ILE B 818 7.99 -46.69 -7.21
N GLU B 819 7.09 -46.56 -8.19
CA GLU B 819 6.05 -45.53 -8.10
C GLU B 819 5.12 -45.78 -6.92
N ASP B 820 4.73 -47.04 -6.70
CA ASP B 820 3.80 -47.35 -5.62
C ASP B 820 4.42 -47.08 -4.25
N LEU B 821 5.62 -47.61 -4.01
CA LEU B 821 6.25 -47.41 -2.71
C LEU B 821 6.84 -46.01 -2.54
N LEU B 822 6.77 -45.21 -3.61
CA LEU B 822 7.28 -43.82 -3.57
C LEU B 822 6.12 -42.82 -3.51
N PHE B 823 5.27 -42.77 -4.54
CA PHE B 823 4.14 -41.82 -4.40
C PHE B 823 3.50 -42.08 -3.03
N ASN B 824 3.34 -43.35 -2.66
CA ASN B 824 2.84 -43.67 -1.30
C ASN B 824 3.63 -42.83 -0.30
N LYS B 825 4.89 -43.20 -0.07
CA LYS B 825 5.75 -42.46 0.87
C LYS B 825 5.28 -41.01 0.92
N VAL B 826 5.34 -40.27 -0.20
CA VAL B 826 4.96 -38.82 -0.11
C VAL B 826 3.49 -38.70 0.29
N THR B 827 3.23 -38.40 1.57
CA THR B 827 1.83 -38.15 2.01
C THR B 827 1.32 -36.92 1.27
N LEU B 828 0.01 -36.80 1.11
CA LEU B 828 -0.55 -35.67 0.30
C LEU B 828 -1.88 -35.22 0.90
N ALA B 829 -1.89 -34.81 2.17
CA ALA B 829 -3.18 -34.48 2.83
C ALA B 829 -3.27 -32.97 3.08
N ASP B 830 -3.36 -32.57 4.35
CA ASP B 830 -3.49 -31.14 4.72
C ASP B 830 -4.84 -30.62 4.20
N ALA B 831 -5.81 -30.47 5.09
CA ALA B 831 -7.18 -30.02 4.69
C ALA B 831 -7.76 -31.05 3.71
N GLY B 832 -7.35 -30.99 2.44
CA GLY B 832 -7.86 -31.93 1.43
C GLY B 832 -9.30 -32.34 1.70
N LYS B 854 -11.51 -23.40 2.54
CA LYS B 854 -12.33 -23.22 1.35
C LYS B 854 -13.38 -22.14 1.56
N PHE B 855 -13.22 -21.38 2.65
CA PHE B 855 -14.17 -20.32 2.99
C PHE B 855 -13.92 -19.04 2.21
N ASN B 856 -12.76 -18.90 1.57
CA ASN B 856 -12.40 -17.70 0.83
C ASN B 856 -11.80 -18.08 -0.52
N GLY B 857 -12.47 -19.00 -1.22
CA GLY B 857 -11.97 -19.49 -2.49
C GLY B 857 -11.49 -20.92 -2.38
N LEU B 858 -10.20 -21.14 -2.62
CA LEU B 858 -9.57 -22.46 -2.51
C LEU B 858 -10.27 -23.47 -3.43
N THR B 859 -10.15 -23.21 -4.72
CA THR B 859 -10.78 -24.03 -5.74
C THR B 859 -9.68 -24.71 -6.54
N VAL B 860 -8.71 -25.31 -5.83
CA VAL B 860 -7.59 -25.98 -6.47
C VAL B 860 -8.11 -27.04 -7.43
N LEU B 861 -7.53 -27.08 -8.64
CA LEU B 861 -7.99 -27.98 -9.67
C LEU B 861 -7.13 -29.23 -9.73
N PRO B 862 -7.68 -30.35 -10.19
CA PRO B 862 -6.85 -31.53 -10.41
C PRO B 862 -5.80 -31.25 -11.47
N PRO B 863 -4.65 -31.93 -11.39
CA PRO B 863 -3.53 -31.59 -12.29
C PRO B 863 -3.80 -31.85 -13.77
N LEU B 864 -5.00 -32.28 -14.14
CA LEU B 864 -5.42 -32.48 -15.53
C LEU B 864 -4.73 -33.71 -16.12
N LEU B 865 -3.79 -34.28 -15.38
CA LEU B 865 -3.08 -35.49 -15.78
C LEU B 865 -3.19 -36.48 -14.63
N THR B 866 -4.15 -37.40 -14.72
CA THR B 866 -4.39 -38.35 -13.66
C THR B 866 -3.19 -39.29 -13.49
N ASP B 867 -2.98 -39.70 -12.23
CA ASP B 867 -1.83 -40.54 -11.91
C ASP B 867 -1.85 -41.86 -12.67
N GLU B 868 -3.04 -42.41 -12.92
CA GLU B 868 -3.14 -43.68 -13.64
C GLU B 868 -2.53 -43.57 -15.03
N MET B 869 -2.96 -42.56 -15.81
CA MET B 869 -2.43 -42.41 -17.16
C MET B 869 -1.02 -41.82 -17.18
N ILE B 870 -0.61 -41.10 -16.13
CA ILE B 870 0.79 -40.70 -16.03
C ILE B 870 1.67 -41.94 -15.85
N ALA B 871 1.27 -42.85 -14.98
CA ALA B 871 1.98 -44.11 -14.84
C ALA B 871 1.91 -44.93 -16.13
N GLN B 872 0.80 -44.83 -16.86
CA GLN B 872 0.72 -45.49 -18.16
C GLN B 872 1.74 -44.93 -19.14
N TYR B 873 1.90 -43.60 -19.16
CA TYR B 873 2.92 -42.98 -20.01
C TYR B 873 4.32 -43.44 -19.63
N THR B 874 4.61 -43.46 -18.32
CA THR B 874 5.94 -43.90 -17.89
C THR B 874 6.18 -45.37 -18.22
N SER B 875 5.16 -46.20 -18.06
CA SER B 875 5.29 -47.62 -18.40
C SER B 875 5.51 -47.79 -19.90
N ALA B 876 4.81 -47.01 -20.72
CA ALA B 876 5.03 -47.07 -22.16
C ALA B 876 6.45 -46.65 -22.52
N LEU B 877 6.95 -45.59 -21.87
CA LEU B 877 8.32 -45.16 -22.11
C LEU B 877 9.32 -46.23 -21.72
N LEU B 878 9.11 -46.88 -20.57
CA LEU B 878 10.00 -47.94 -20.13
C LEU B 878 9.96 -49.13 -21.09
N ALA B 879 8.77 -49.53 -21.52
CA ALA B 879 8.65 -50.63 -22.46
C ALA B 879 9.34 -50.29 -23.78
N GLY B 880 9.19 -49.05 -24.23
CA GLY B 880 9.88 -48.65 -25.45
C GLY B 880 11.39 -48.69 -25.31
N THR B 881 11.91 -48.13 -24.21
CA THR B 881 13.36 -48.08 -24.05
C THR B 881 13.96 -49.44 -23.75
N ILE B 882 13.16 -50.41 -23.33
CA ILE B 882 13.67 -51.77 -23.16
C ILE B 882 13.56 -52.58 -24.45
N THR B 883 12.45 -52.46 -25.18
CA THR B 883 12.22 -53.30 -26.35
C THR B 883 12.77 -52.70 -27.64
N SER B 884 13.21 -51.44 -27.63
CA SER B 884 13.77 -50.85 -28.85
C SER B 884 14.99 -49.97 -28.59
N GLY B 885 15.44 -49.85 -27.34
CA GLY B 885 16.59 -49.02 -27.06
C GLY B 885 16.28 -47.54 -27.04
N TRP B 886 16.73 -46.83 -28.08
CA TRP B 886 16.50 -45.39 -28.17
C TRP B 886 16.03 -44.96 -29.56
N THR B 887 15.71 -45.90 -30.44
CA THR B 887 15.29 -45.58 -31.79
C THR B 887 13.89 -44.98 -31.86
N PHE B 888 13.05 -45.19 -30.84
CA PHE B 888 11.71 -44.63 -30.87
C PHE B 888 11.71 -43.12 -30.67
N GLY B 889 12.69 -42.58 -29.95
CA GLY B 889 12.80 -41.15 -29.77
C GLY B 889 13.38 -40.41 -30.95
N ALA B 890 13.90 -41.13 -31.94
CA ALA B 890 14.43 -40.53 -33.15
C ALA B 890 13.69 -40.97 -34.41
N GLY B 891 12.78 -41.94 -34.29
CA GLY B 891 12.01 -42.42 -35.42
C GLY B 891 11.02 -43.48 -35.04
N ALA B 892 10.94 -44.56 -35.83
CA ALA B 892 10.02 -45.64 -35.53
C ALA B 892 10.61 -46.57 -34.46
N ALA B 893 9.78 -47.47 -33.95
CA ALA B 893 10.21 -48.41 -32.92
C ALA B 893 10.77 -49.66 -33.59
N LEU B 894 12.06 -49.94 -33.31
CA LEU B 894 12.78 -51.03 -33.93
C LEU B 894 13.13 -52.06 -32.86
N GLN B 895 12.57 -53.26 -32.97
CA GLN B 895 12.84 -54.30 -31.99
C GLN B 895 14.31 -54.69 -32.02
N ILE B 896 14.87 -54.93 -30.83
CA ILE B 896 16.29 -55.25 -30.68
C ILE B 896 16.49 -55.93 -29.34
N PRO B 897 17.31 -56.98 -29.25
CA PRO B 897 17.59 -57.59 -27.94
C PRO B 897 18.20 -56.59 -26.97
N PHE B 898 17.79 -56.69 -25.71
CA PHE B 898 18.23 -55.73 -24.71
C PHE B 898 19.73 -55.83 -24.46
N ALA B 899 20.27 -57.05 -24.49
CA ALA B 899 21.71 -57.21 -24.32
C ALA B 899 22.49 -56.53 -25.44
N MET B 900 22.03 -56.69 -26.68
CA MET B 900 22.68 -56.02 -27.81
C MET B 900 22.56 -54.51 -27.69
N GLN B 901 21.38 -54.01 -27.29
CA GLN B 901 21.22 -52.58 -27.11
C GLN B 901 22.15 -52.05 -26.03
N MET B 902 22.31 -52.80 -24.94
CA MET B 902 23.21 -52.37 -23.89
C MET B 902 24.66 -52.41 -24.38
N ALA B 903 24.98 -53.35 -25.25
CA ALA B 903 26.31 -53.37 -25.88
C ALA B 903 26.53 -52.13 -26.73
N TYR B 904 25.51 -51.69 -27.47
CA TYR B 904 25.62 -50.41 -28.16
C TYR B 904 25.81 -49.27 -27.18
N ARG B 905 25.15 -49.32 -26.02
CA ARG B 905 25.31 -48.27 -25.02
C ARG B 905 26.76 -48.20 -24.53
N PHE B 906 27.37 -49.36 -24.27
CA PHE B 906 28.81 -49.35 -23.95
C PHE B 906 29.65 -48.88 -25.13
N ASN B 907 29.26 -49.22 -26.36
CA ASN B 907 29.98 -48.70 -27.52
C ASN B 907 29.91 -47.17 -27.57
N GLY B 908 28.84 -46.59 -27.02
CA GLY B 908 28.75 -45.14 -26.96
C GLY B 908 29.79 -44.52 -26.05
N ILE B 909 30.15 -45.20 -24.97
CA ILE B 909 31.12 -44.68 -24.01
C ILE B 909 32.50 -45.24 -24.33
N GLY B 910 32.63 -45.92 -25.46
CA GLY B 910 33.92 -46.41 -25.90
C GLY B 910 34.37 -47.72 -25.30
N VAL B 911 33.45 -48.67 -25.10
CA VAL B 911 33.78 -50.00 -24.58
C VAL B 911 33.30 -51.03 -25.59
N THR B 912 34.19 -51.96 -25.93
CA THR B 912 33.86 -52.99 -26.91
C THR B 912 32.76 -53.90 -26.38
N GLN B 913 31.95 -54.43 -27.31
CA GLN B 913 30.80 -55.26 -26.96
C GLN B 913 31.20 -56.67 -26.51
N ASN B 914 32.44 -57.08 -26.71
CA ASN B 914 32.87 -58.40 -26.25
C ASN B 914 32.84 -58.52 -24.73
N VAL B 915 33.00 -57.41 -24.01
CA VAL B 915 32.94 -57.44 -22.54
C VAL B 915 31.57 -57.94 -22.09
N LEU B 916 30.51 -57.52 -22.78
CA LEU B 916 29.17 -57.94 -22.41
C LEU B 916 29.04 -59.46 -22.46
N TYR B 917 29.38 -60.05 -23.59
CA TYR B 917 29.25 -61.50 -23.75
C TYR B 917 30.26 -62.25 -22.90
N GLU B 918 31.35 -61.59 -22.48
CA GLU B 918 32.23 -62.19 -21.50
C GLU B 918 31.61 -62.15 -20.10
N ASN B 919 30.72 -61.20 -19.83
CA ASN B 919 30.16 -61.01 -18.50
C ASN B 919 28.65 -60.78 -18.55
N GLN B 920 27.94 -61.58 -19.36
CA GLN B 920 26.47 -61.54 -19.33
C GLN B 920 25.93 -61.71 -17.92
N LYS B 921 26.24 -62.84 -17.29
CA LYS B 921 25.69 -63.14 -15.97
C LYS B 921 26.16 -62.14 -14.93
N LEU B 922 27.45 -61.78 -14.98
CA LEU B 922 27.99 -60.84 -14.00
C LEU B 922 27.31 -59.48 -14.09
N ILE B 923 27.13 -58.97 -15.32
CA ILE B 923 26.51 -57.66 -15.49
C ILE B 923 25.04 -57.71 -15.11
N ALA B 924 24.35 -58.80 -15.47
CA ALA B 924 22.94 -58.93 -15.09
C ALA B 924 22.78 -58.98 -13.57
N ASN B 925 23.64 -59.74 -12.89
CA ASN B 925 23.58 -59.82 -11.44
C ASN B 925 23.91 -58.46 -10.81
N GLN B 926 24.89 -57.75 -11.36
CA GLN B 926 25.22 -56.42 -10.83
C GLN B 926 24.04 -55.47 -10.99
N PHE B 927 23.38 -55.49 -12.15
CA PHE B 927 22.23 -54.63 -12.37
C PHE B 927 21.09 -54.96 -11.42
N ASN B 928 20.81 -56.26 -11.24
CA ASN B 928 19.76 -56.67 -10.32
C ASN B 928 20.07 -56.26 -8.88
N SER B 929 21.33 -56.44 -8.47
CA SER B 929 21.73 -56.05 -7.12
C SER B 929 21.62 -54.54 -6.93
N ALA B 930 22.00 -53.76 -7.94
CA ALA B 930 21.87 -52.31 -7.85
C ALA B 930 20.41 -51.90 -7.75
N ILE B 931 19.53 -52.54 -8.53
CA ILE B 931 18.10 -52.22 -8.46
C ILE B 931 17.55 -52.56 -7.09
N GLY B 932 17.92 -53.72 -6.54
CA GLY B 932 17.47 -54.07 -5.20
C GLY B 932 18.00 -53.13 -4.14
N LYS B 933 19.25 -52.70 -4.28
CA LYS B 933 19.82 -51.75 -3.32
C LYS B 933 19.10 -50.42 -3.38
N ILE B 934 18.75 -49.96 -4.58
CA ILE B 934 17.98 -48.72 -4.71
C ILE B 934 16.61 -48.88 -4.08
N GLN B 935 15.97 -50.03 -4.30
CA GLN B 935 14.68 -50.31 -3.67
C GLN B 935 14.79 -50.21 -2.16
N ASP B 936 15.79 -50.88 -1.58
CA ASP B 936 15.96 -50.88 -0.13
C ASP B 936 16.27 -49.48 0.39
N SER B 937 17.12 -48.74 -0.31
CA SER B 937 17.46 -47.39 0.12
C SER B 937 16.25 -46.47 0.08
N LEU B 938 15.44 -46.56 -0.98
CA LEU B 938 14.23 -45.74 -1.06
C LEU B 938 13.24 -46.12 0.04
N SER B 939 13.10 -47.42 0.32
CA SER B 939 12.18 -47.85 1.37
C SER B 939 12.64 -47.37 2.74
N SER B 940 13.95 -47.46 3.03
CA SER B 940 14.45 -47.14 4.35
C SER B 940 14.54 -45.63 4.59
N THR B 941 14.94 -44.87 3.57
CA THR B 941 15.21 -43.45 3.70
C THR B 941 14.08 -42.64 3.10
N ALA B 942 13.55 -41.70 3.88
CA ALA B 942 12.47 -40.82 3.44
C ALA B 942 12.92 -39.41 3.12
N SER B 943 14.21 -39.12 3.24
CA SER B 943 14.72 -37.78 2.98
C SER B 943 15.21 -37.60 1.54
N ALA B 944 15.10 -38.63 0.69
CA ALA B 944 15.51 -38.52 -0.69
C ALA B 944 14.59 -37.65 -1.53
N LEU B 945 13.41 -37.31 -1.01
CA LEU B 945 12.44 -36.47 -1.71
C LEU B 945 12.49 -35.03 -1.24
N GLY B 946 13.70 -34.53 -0.97
CA GLY B 946 13.82 -33.20 -0.38
C GLY B 946 13.22 -32.11 -1.25
N LYS B 947 13.44 -32.17 -2.56
CA LYS B 947 12.94 -31.12 -3.45
C LYS B 947 11.41 -31.07 -3.43
N LEU B 948 10.77 -32.22 -3.64
CA LEU B 948 9.31 -32.26 -3.65
C LEU B 948 8.73 -31.87 -2.30
N GLN B 949 9.34 -32.38 -1.22
CA GLN B 949 8.84 -32.07 0.12
C GLN B 949 8.95 -30.58 0.42
N ASP B 950 10.09 -29.97 0.07
CA ASP B 950 10.26 -28.54 0.30
C ASP B 950 9.30 -27.72 -0.54
N VAL B 951 9.09 -28.10 -1.80
CA VAL B 951 8.17 -27.36 -2.65
C VAL B 951 6.76 -27.43 -2.09
N VAL B 952 6.31 -28.62 -1.71
CA VAL B 952 4.97 -28.80 -1.18
C VAL B 952 4.80 -28.03 0.13
N ASN B 953 5.81 -28.12 1.01
CA ASN B 953 5.74 -27.42 2.29
C ASN B 953 5.70 -25.91 2.10
N GLN B 954 6.50 -25.38 1.18
CA GLN B 954 6.48 -23.95 0.91
C GLN B 954 5.14 -23.51 0.34
N ASN B 955 4.58 -24.30 -0.58
CA ASN B 955 3.28 -23.95 -1.14
C ASN B 955 2.21 -23.95 -0.06
N ALA B 956 2.20 -24.97 0.80
CA ALA B 956 1.21 -25.04 1.88
C ALA B 956 1.39 -23.91 2.87
N GLN B 957 2.64 -23.55 3.18
CA GLN B 957 2.90 -22.45 4.10
C GLN B 957 2.41 -21.13 3.52
N ALA B 958 2.68 -20.88 2.24
CA ALA B 958 2.17 -19.67 1.61
C ALA B 958 0.64 -19.66 1.63
N LEU B 959 0.02 -20.79 1.30
CA LEU B 959 -1.43 -20.85 1.23
C LEU B 959 -2.07 -20.58 2.59
N ASN B 960 -1.62 -21.28 3.63
CA ASN B 960 -2.28 -21.11 4.92
C ASN B 960 -1.89 -19.79 5.58
N THR B 961 -0.71 -19.24 5.27
CA THR B 961 -0.39 -17.89 5.72
C THR B 961 -1.33 -16.87 5.08
N LEU B 962 -1.60 -17.02 3.78
CA LEU B 962 -2.56 -16.14 3.13
C LEU B 962 -3.95 -16.28 3.73
N VAL B 963 -4.36 -17.52 4.03
CA VAL B 963 -5.68 -17.74 4.63
C VAL B 963 -5.75 -17.08 6.01
N LYS B 964 -4.71 -17.26 6.83
CA LYS B 964 -4.70 -16.72 8.18
C LYS B 964 -4.45 -15.21 8.21
N GLN B 965 -4.02 -14.62 7.09
CA GLN B 965 -3.82 -13.17 7.06
C GLN B 965 -5.11 -12.39 7.22
N LEU B 966 -6.26 -13.04 7.00
CA LEU B 966 -7.55 -12.37 7.17
C LEU B 966 -7.83 -11.98 8.61
N SER B 967 -7.19 -12.63 9.57
CA SER B 967 -7.40 -12.33 10.99
C SER B 967 -6.71 -11.05 11.43
N SER B 968 -5.80 -10.51 10.62
CA SER B 968 -5.08 -9.30 10.96
C SER B 968 -6.02 -8.10 10.94
N ASN B 969 -5.85 -7.21 11.92
CA ASN B 969 -6.70 -6.03 12.00
C ASN B 969 -6.39 -5.03 10.90
N PHE B 970 -5.12 -4.93 10.49
CA PHE B 970 -4.68 -3.97 9.48
C PHE B 970 -5.03 -2.53 9.85
N GLY B 971 -4.94 -2.21 11.14
CA GLY B 971 -5.23 -0.89 11.64
C GLY B 971 -6.67 -0.69 12.07
N ALA B 972 -7.58 -1.58 11.66
CA ALA B 972 -8.97 -1.46 12.04
C ALA B 972 -9.19 -2.01 13.44
N ILE B 973 -10.32 -1.62 14.05
CA ILE B 973 -10.65 -2.10 15.38
C ILE B 973 -10.95 -3.60 15.37
N SER B 974 -11.58 -4.09 14.29
CA SER B 974 -11.92 -5.50 14.18
C SER B 974 -11.57 -5.99 12.78
N SER B 975 -11.34 -7.31 12.67
CA SER B 975 -11.01 -7.95 11.42
C SER B 975 -12.21 -8.66 10.80
N VAL B 976 -13.41 -8.42 11.31
CA VAL B 976 -14.63 -9.07 10.82
C VAL B 976 -15.48 -8.02 10.12
N LEU B 977 -15.81 -8.29 8.85
CA LEU B 977 -16.56 -7.32 8.05
C LEU B 977 -17.95 -7.11 8.60
N ASN B 978 -18.66 -8.20 8.92
CA ASN B 978 -20.01 -8.07 9.44
C ASN B 978 -20.01 -7.40 10.82
N ASP B 979 -19.02 -7.72 11.65
CA ASP B 979 -18.92 -7.08 12.96
C ASP B 979 -18.69 -5.58 12.80
N ILE B 980 -17.82 -5.19 11.86
CA ILE B 980 -17.58 -3.77 11.62
C ILE B 980 -18.85 -3.08 11.12
N LEU B 981 -19.55 -3.70 10.17
CA LEU B 981 -20.73 -3.08 9.59
C LEU B 981 -21.84 -2.94 10.63
N SER B 982 -22.08 -3.98 11.43
CA SER B 982 -23.19 -3.93 12.38
C SER B 982 -22.89 -3.01 13.56
N ARG B 983 -21.69 -3.10 14.11
CA ARG B 983 -21.38 -2.33 15.32
C ARG B 983 -21.14 -0.86 15.01
N LEU B 984 -20.54 -0.56 13.85
CA LEU B 984 -20.02 0.77 13.59
C LEU B 984 -20.81 1.45 12.49
N ASP B 985 -20.91 2.78 12.60
CA ASP B 985 -21.69 3.57 11.67
C ASP B 985 -21.03 3.62 10.29
N PRO B 986 -21.84 3.77 9.24
CA PRO B 986 -21.31 3.77 7.86
C PRO B 986 -20.26 4.84 7.60
N PRO B 987 -20.43 6.09 8.08
CA PRO B 987 -19.56 7.16 7.56
C PRO B 987 -18.07 6.90 7.70
N GLU B 988 -17.62 6.27 8.79
CA GLU B 988 -16.21 5.87 8.84
C GLU B 988 -16.05 4.37 8.96
N ALA B 989 -17.16 3.62 9.03
CA ALA B 989 -17.06 2.20 8.71
C ALA B 989 -16.58 1.99 7.30
N GLU B 990 -16.88 2.94 6.40
CA GLU B 990 -16.36 2.88 5.04
C GLU B 990 -14.83 2.92 5.03
N VAL B 991 -14.24 3.82 5.81
CA VAL B 991 -12.77 3.90 5.81
C VAL B 991 -12.16 2.73 6.57
N GLN B 992 -12.86 2.20 7.58
CA GLN B 992 -12.39 0.98 8.23
C GLN B 992 -12.36 -0.18 7.23
N ILE B 993 -13.41 -0.32 6.43
CA ILE B 993 -13.44 -1.35 5.40
C ILE B 993 -12.37 -1.09 4.35
N ASP B 994 -12.10 0.18 4.04
CA ASP B 994 -11.04 0.50 3.10
C ASP B 994 -9.68 0.07 3.63
N ARG B 995 -9.43 0.30 4.93
CA ARG B 995 -8.18 -0.17 5.52
C ARG B 995 -8.07 -1.68 5.48
N LEU B 996 -9.16 -2.38 5.80
CA LEU B 996 -9.14 -3.84 5.70
C LEU B 996 -8.87 -4.28 4.26
N ILE B 997 -9.50 -3.60 3.29
CA ILE B 997 -9.34 -3.95 1.89
C ILE B 997 -7.91 -3.76 1.46
N THR B 998 -7.29 -2.64 1.83
CA THR B 998 -5.91 -2.38 1.38
C THR B 998 -4.93 -3.34 2.06
N GLY B 999 -5.18 -3.70 3.32
CA GLY B 999 -4.33 -4.69 3.96
C GLY B 999 -4.43 -6.05 3.30
N ARG B 1000 -5.65 -6.50 3.04
CA ARG B 1000 -5.83 -7.78 2.35
C ARG B 1000 -5.27 -7.74 0.95
N LEU B 1001 -5.38 -6.59 0.28
CA LEU B 1001 -4.83 -6.45 -1.07
C LEU B 1001 -3.32 -6.53 -1.07
N GLN B 1002 -2.66 -5.89 -0.09
CA GLN B 1002 -1.21 -6.02 0.02
C GLN B 1002 -0.81 -7.47 0.29
N SER B 1003 -1.53 -8.15 1.19
CA SER B 1003 -1.22 -9.54 1.47
C SER B 1003 -1.38 -10.40 0.22
N LEU B 1004 -2.46 -10.20 -0.53
CA LEU B 1004 -2.70 -10.99 -1.73
C LEU B 1004 -1.67 -10.67 -2.82
N GLN B 1005 -1.25 -9.41 -2.91
CA GLN B 1005 -0.20 -9.04 -3.87
C GLN B 1005 1.10 -9.75 -3.54
N THR B 1006 1.49 -9.77 -2.26
CA THR B 1006 2.69 -10.49 -1.86
C THR B 1006 2.57 -11.98 -2.16
N TYR B 1007 1.40 -12.55 -1.87
CA TYR B 1007 1.18 -13.98 -2.17
C TYR B 1007 1.30 -14.24 -3.67
N VAL B 1008 0.76 -13.36 -4.50
CA VAL B 1008 0.81 -13.55 -5.95
C VAL B 1008 2.25 -13.45 -6.45
N THR B 1009 3.02 -12.49 -5.92
CA THR B 1009 4.42 -12.40 -6.32
C THR B 1009 5.21 -13.65 -5.92
N GLN B 1010 4.99 -14.15 -4.70
CA GLN B 1010 5.66 -15.38 -4.28
C GLN B 1010 5.26 -16.55 -5.15
N GLN B 1011 3.97 -16.64 -5.49
CA GLN B 1011 3.50 -17.72 -6.35
C GLN B 1011 4.10 -17.63 -7.75
N LEU B 1012 4.28 -16.41 -8.26
CA LEU B 1012 4.91 -16.25 -9.56
C LEU B 1012 6.38 -16.64 -9.53
N ILE B 1013 7.08 -16.30 -8.44
CA ILE B 1013 8.47 -16.73 -8.30
C ILE B 1013 8.55 -18.25 -8.24
N ARG B 1014 7.68 -18.88 -7.47
CA ARG B 1014 7.65 -20.34 -7.41
C ARG B 1014 7.29 -20.94 -8.77
N ALA B 1015 6.41 -20.27 -9.52
CA ALA B 1015 6.06 -20.74 -10.86
C ALA B 1015 7.26 -20.68 -11.80
N ALA B 1016 8.05 -19.61 -11.71
CA ALA B 1016 9.27 -19.53 -12.51
C ALA B 1016 10.25 -20.64 -12.14
N GLU B 1017 10.41 -20.88 -10.82
CA GLU B 1017 11.32 -21.92 -10.38
C GLU B 1017 10.86 -23.29 -10.85
N ILE B 1018 9.56 -23.59 -10.73
CA ILE B 1018 9.06 -24.88 -11.18
C ILE B 1018 9.11 -24.98 -12.70
N ARG B 1019 8.99 -23.86 -13.41
CA ARG B 1019 9.17 -23.88 -14.86
C ARG B 1019 10.59 -24.28 -15.23
N ALA B 1020 11.58 -23.70 -14.54
CA ALA B 1020 12.97 -24.08 -14.79
C ALA B 1020 13.20 -25.55 -14.46
N SER B 1021 12.66 -26.01 -13.32
CA SER B 1021 12.81 -27.41 -12.93
C SER B 1021 12.18 -28.35 -13.94
N ALA B 1022 10.98 -27.99 -14.45
CA ALA B 1022 10.30 -28.83 -15.42
C ALA B 1022 11.01 -28.82 -16.77
N ASN B 1023 11.60 -27.68 -17.16
CA ASN B 1023 12.40 -27.65 -18.38
C ASN B 1023 13.61 -28.57 -18.24
N LEU B 1024 14.28 -28.53 -17.09
CA LEU B 1024 15.40 -29.44 -16.86
C LEU B 1024 14.95 -30.89 -16.87
N ALA B 1025 13.79 -31.18 -16.28
CA ALA B 1025 13.26 -32.53 -16.27
C ALA B 1025 12.93 -33.01 -17.68
N ALA B 1026 12.34 -32.14 -18.50
CA ALA B 1026 12.04 -32.50 -19.88
C ALA B 1026 13.32 -32.75 -20.67
N THR B 1027 14.34 -31.91 -20.47
CA THR B 1027 15.62 -32.13 -21.14
C THR B 1027 16.23 -33.47 -20.73
N LYS B 1028 16.19 -33.78 -19.43
CA LYS B 1028 16.70 -35.07 -18.97
C LYS B 1028 15.90 -36.23 -19.55
N MET B 1029 14.58 -36.08 -19.61
CA MET B 1029 13.74 -37.13 -20.20
C MET B 1029 14.10 -37.35 -21.66
N SER B 1030 14.33 -36.26 -22.41
CA SER B 1030 14.64 -36.38 -23.82
C SER B 1030 16.06 -36.89 -24.07
N GLU B 1031 16.99 -36.67 -23.15
CA GLU B 1031 18.38 -37.06 -23.37
C GLU B 1031 18.74 -38.40 -22.72
N CYS B 1032 18.58 -38.50 -21.41
CA CYS B 1032 19.04 -39.70 -20.69
C CYS B 1032 18.18 -40.91 -21.03
N VAL B 1033 16.86 -40.71 -21.16
CA VAL B 1033 15.96 -41.85 -21.36
C VAL B 1033 15.85 -42.18 -22.85
N LEU B 1034 15.74 -41.17 -23.70
CA LEU B 1034 15.55 -41.38 -25.13
C LEU B 1034 16.87 -41.56 -25.88
N GLY B 1035 17.98 -41.66 -25.16
CA GLY B 1035 19.26 -41.86 -25.82
C GLY B 1035 20.38 -41.92 -24.81
N GLN B 1036 21.61 -41.92 -25.32
CA GLN B 1036 22.81 -41.94 -24.50
C GLN B 1036 23.46 -40.56 -24.57
N SER B 1037 23.75 -40.00 -23.41
CA SER B 1037 24.29 -38.65 -23.30
C SER B 1037 25.77 -38.70 -22.97
N LYS B 1038 26.58 -37.96 -23.73
CA LYS B 1038 28.01 -37.86 -23.46
C LYS B 1038 28.34 -36.86 -22.37
N ARG B 1039 27.35 -36.12 -21.87
CA ARG B 1039 27.58 -35.15 -20.82
C ARG B 1039 27.97 -35.85 -19.51
N VAL B 1040 28.77 -35.17 -18.71
CA VAL B 1040 29.26 -35.69 -17.44
C VAL B 1040 28.41 -35.13 -16.32
N ASP B 1041 27.98 -36.01 -15.41
CA ASP B 1041 27.14 -35.72 -14.25
C ASP B 1041 25.73 -35.28 -14.64
N PHE B 1042 25.35 -35.38 -15.92
CA PHE B 1042 23.99 -35.06 -16.32
C PHE B 1042 23.03 -36.18 -15.95
N CYS B 1043 23.29 -37.39 -16.45
CA CYS B 1043 22.49 -38.56 -16.10
C CYS B 1043 23.17 -39.37 -15.00
N GLY B 1044 23.27 -38.74 -13.83
CA GLY B 1044 23.90 -39.37 -12.69
C GLY B 1044 25.41 -39.30 -12.75
N LYS B 1045 26.03 -39.89 -11.72
CA LYS B 1045 27.49 -39.91 -11.61
C LYS B 1045 28.05 -41.07 -12.42
N GLY B 1046 29.16 -40.81 -13.11
CA GLY B 1046 29.81 -41.82 -13.92
C GLY B 1046 29.42 -41.72 -15.38
N TYR B 1047 30.02 -42.60 -16.16
CA TYR B 1047 29.74 -42.67 -17.60
C TYR B 1047 28.31 -43.14 -17.81
N HIS B 1048 27.45 -42.25 -18.30
CA HIS B 1048 26.05 -42.58 -18.46
C HIS B 1048 25.86 -43.72 -19.45
N LEU B 1049 25.00 -44.67 -19.10
CA LEU B 1049 24.66 -45.78 -19.96
C LEU B 1049 23.18 -45.76 -20.34
N MET B 1050 22.28 -45.66 -19.37
CA MET B 1050 20.86 -45.61 -19.68
C MET B 1050 20.11 -45.01 -18.50
N SER B 1051 18.80 -44.87 -18.66
CA SER B 1051 17.95 -44.26 -17.64
C SER B 1051 16.56 -44.88 -17.65
N PHE B 1052 15.91 -44.82 -16.49
CA PHE B 1052 14.54 -45.28 -16.29
C PHE B 1052 13.69 -44.14 -15.73
N PRO B 1053 12.59 -43.77 -16.41
CA PRO B 1053 11.69 -42.77 -15.85
C PRO B 1053 10.64 -43.36 -14.92
N GLN B 1054 10.33 -42.63 -13.85
CA GLN B 1054 9.29 -43.02 -12.91
C GLN B 1054 8.55 -41.77 -12.45
N SER B 1055 7.33 -41.96 -11.98
CA SER B 1055 6.48 -40.87 -11.53
C SER B 1055 6.54 -40.73 -10.01
N ALA B 1056 6.12 -39.56 -9.54
CA ALA B 1056 5.98 -39.26 -8.12
C ALA B 1056 5.02 -38.09 -7.99
N PRO B 1057 4.38 -37.92 -6.84
CA PRO B 1057 3.47 -36.77 -6.67
C PRO B 1057 4.15 -35.45 -6.99
N HIS B 1058 3.72 -34.82 -8.09
CA HIS B 1058 4.30 -33.57 -8.57
C HIS B 1058 5.81 -33.68 -8.74
N GLY B 1059 6.27 -34.80 -9.30
CA GLY B 1059 7.71 -34.98 -9.50
C GLY B 1059 8.01 -36.15 -10.39
N VAL B 1060 9.23 -36.14 -10.93
CA VAL B 1060 9.74 -37.21 -11.78
C VAL B 1060 10.99 -37.78 -11.14
N VAL B 1061 11.20 -39.07 -11.34
CA VAL B 1061 12.33 -39.80 -10.78
C VAL B 1061 13.11 -40.41 -11.94
N PHE B 1062 14.41 -40.19 -11.96
CA PHE B 1062 15.29 -40.76 -12.97
C PHE B 1062 16.22 -41.77 -12.30
N LEU B 1063 16.15 -43.02 -12.78
CA LEU B 1063 17.07 -44.07 -12.33
C LEU B 1063 18.16 -44.17 -13.40
N HIS B 1064 19.31 -43.57 -13.10
CA HIS B 1064 20.42 -43.52 -14.04
C HIS B 1064 21.32 -44.74 -13.81
N VAL B 1065 21.49 -45.55 -14.85
CA VAL B 1065 22.39 -46.70 -14.83
C VAL B 1065 23.66 -46.29 -15.56
N THR B 1066 24.78 -46.35 -14.85
CA THR B 1066 26.05 -45.83 -15.33
C THR B 1066 27.17 -46.85 -15.09
N TYR B 1067 28.32 -46.58 -15.72
CA TYR B 1067 29.49 -47.43 -15.73
C TYR B 1067 30.56 -46.80 -14.85
N VAL B 1068 31.10 -47.57 -13.91
CA VAL B 1068 32.13 -47.03 -13.01
C VAL B 1068 33.30 -48.00 -12.92
N PRO B 1069 34.49 -47.62 -13.38
CA PRO B 1069 35.67 -48.46 -13.12
C PRO B 1069 35.96 -48.54 -11.62
N ALA B 1070 36.35 -49.73 -11.15
CA ALA B 1070 36.60 -49.94 -9.74
C ALA B 1070 38.03 -50.36 -9.44
N GLN B 1071 38.54 -51.38 -10.11
CA GLN B 1071 39.87 -51.93 -9.83
C GLN B 1071 40.83 -51.40 -10.89
N GLU B 1072 41.92 -50.79 -10.43
CA GLU B 1072 42.93 -50.24 -11.33
C GLU B 1072 44.28 -50.91 -11.09
N LYS B 1073 45.07 -51.00 -12.16
CA LYS B 1073 46.39 -51.62 -12.09
C LYS B 1073 47.40 -50.71 -12.79
N ASN B 1074 48.53 -50.50 -12.13
CA ASN B 1074 49.59 -49.67 -12.70
C ASN B 1074 50.33 -50.42 -13.80
N PHE B 1075 50.68 -49.69 -14.86
CA PHE B 1075 51.42 -50.26 -15.98
C PHE B 1075 52.35 -49.20 -16.53
N THR B 1076 53.47 -49.66 -17.10
CA THR B 1076 54.38 -48.78 -17.83
C THR B 1076 53.79 -48.52 -19.21
N THR B 1077 54.08 -47.36 -19.78
CA THR B 1077 53.45 -46.94 -21.02
C THR B 1077 54.39 -46.06 -21.82
N ALA B 1078 54.13 -46.02 -23.14
CA ALA B 1078 54.86 -45.19 -24.07
C ALA B 1078 53.88 -44.61 -25.09
N PRO B 1079 54.13 -43.40 -25.59
CA PRO B 1079 53.23 -42.82 -26.60
C PRO B 1079 53.17 -43.61 -27.89
N ALA B 1080 54.27 -44.25 -28.29
CA ALA B 1080 54.32 -44.97 -29.56
C ALA B 1080 55.36 -46.08 -29.46
N ILE B 1081 55.47 -46.87 -30.52
CA ILE B 1081 56.40 -47.99 -30.57
C ILE B 1081 57.25 -47.85 -31.82
N CYS B 1082 58.56 -47.96 -31.67
CA CYS B 1082 59.49 -47.93 -32.79
C CYS B 1082 59.96 -49.34 -33.09
N HIS B 1083 59.62 -49.84 -34.29
CA HIS B 1083 59.98 -51.20 -34.69
C HIS B 1083 61.10 -51.21 -35.72
N ASP B 1084 60.92 -50.57 -36.87
CA ASP B 1084 61.96 -50.46 -37.89
C ASP B 1084 61.95 -49.03 -38.43
N GLY B 1085 62.66 -48.14 -37.76
CA GLY B 1085 62.81 -46.77 -38.20
C GLY B 1085 61.50 -46.04 -38.43
N LYS B 1086 60.46 -46.42 -37.70
CA LYS B 1086 59.14 -45.82 -37.87
C LYS B 1086 58.41 -45.84 -36.54
N ALA B 1087 57.39 -44.99 -36.45
CA ALA B 1087 56.59 -44.85 -35.24
C ALA B 1087 55.21 -45.44 -35.46
N HIS B 1088 54.76 -46.27 -34.53
CA HIS B 1088 53.45 -46.88 -34.55
C HIS B 1088 52.64 -46.36 -33.36
N PHE B 1089 51.45 -45.85 -33.64
CA PHE B 1089 50.54 -45.36 -32.62
C PHE B 1089 49.29 -46.22 -32.57
N PRO B 1090 48.72 -46.44 -31.37
CA PRO B 1090 47.51 -47.26 -31.28
C PRO B 1090 46.35 -46.66 -32.06
N ARG B 1091 45.55 -47.53 -32.67
CA ARG B 1091 44.42 -47.06 -33.46
C ARG B 1091 43.34 -46.48 -32.56
N GLU B 1092 42.80 -47.29 -31.66
CA GLU B 1092 41.77 -46.85 -30.72
C GLU B 1092 42.06 -47.40 -29.32
N GLY B 1093 43.33 -47.35 -28.92
CA GLY B 1093 43.72 -47.87 -27.62
C GLY B 1093 44.93 -47.18 -27.03
N VAL B 1094 45.62 -47.87 -26.12
CA VAL B 1094 46.80 -47.33 -25.46
C VAL B 1094 47.80 -48.47 -25.27
N PHE B 1095 49.08 -48.12 -25.33
CA PHE B 1095 50.16 -49.08 -25.13
C PHE B 1095 50.42 -49.27 -23.64
N VAL B 1096 50.44 -50.52 -23.19
CA VAL B 1096 50.67 -50.86 -21.80
C VAL B 1096 51.73 -51.94 -21.72
N SER B 1097 52.35 -52.05 -20.55
CA SER B 1097 53.32 -53.11 -20.30
C SER B 1097 53.42 -53.35 -18.81
N ASN B 1098 53.64 -54.61 -18.44
CA ASN B 1098 53.84 -55.02 -17.06
C ASN B 1098 55.31 -55.23 -16.72
N GLY B 1099 56.22 -54.81 -17.60
CA GLY B 1099 57.64 -55.01 -17.40
C GLY B 1099 58.24 -56.17 -18.17
N THR B 1100 57.40 -57.05 -18.73
CA THR B 1100 57.86 -58.20 -19.50
C THR B 1100 57.50 -58.11 -20.98
N HIS B 1101 56.22 -57.88 -21.28
CA HIS B 1101 55.74 -57.80 -22.66
C HIS B 1101 54.90 -56.55 -22.84
N TRP B 1102 54.92 -56.00 -24.05
CA TRP B 1102 54.14 -54.81 -24.38
C TRP B 1102 52.90 -55.19 -25.18
N PHE B 1103 51.76 -54.64 -24.78
CA PHE B 1103 50.49 -54.91 -25.44
C PHE B 1103 49.79 -53.60 -25.74
N VAL B 1104 48.73 -53.69 -26.55
CA VAL B 1104 47.87 -52.56 -26.84
C VAL B 1104 46.46 -52.92 -26.39
N THR B 1105 45.81 -52.00 -25.69
CA THR B 1105 44.49 -52.29 -25.13
C THR B 1105 43.55 -51.11 -25.29
N GLN B 1106 42.39 -51.17 -24.63
CA GLN B 1106 41.43 -50.09 -24.59
C GLN B 1106 41.55 -49.34 -23.26
N ARG B 1107 41.21 -48.06 -23.30
CA ARG B 1107 41.36 -47.21 -22.11
C ARG B 1107 40.42 -47.61 -20.98
N ASN B 1108 39.18 -48.01 -21.29
CA ASN B 1108 38.17 -48.24 -20.28
C ASN B 1108 38.19 -49.65 -19.70
N PHE B 1109 38.99 -50.56 -20.24
CA PHE B 1109 39.01 -51.93 -19.74
C PHE B 1109 40.37 -52.54 -20.03
N TYR B 1110 40.72 -53.55 -19.23
CA TYR B 1110 42.01 -54.24 -19.39
C TYR B 1110 41.83 -55.41 -20.33
N GLU B 1111 42.08 -55.17 -21.62
CA GLU B 1111 42.01 -56.20 -22.66
C GLU B 1111 43.29 -56.13 -23.47
N PRO B 1112 44.40 -56.66 -22.95
CA PRO B 1112 45.66 -56.60 -23.69
C PRO B 1112 45.59 -57.38 -24.99
N GLN B 1113 46.23 -56.84 -26.02
CA GLN B 1113 46.28 -57.45 -27.34
C GLN B 1113 47.68 -57.33 -27.91
N ILE B 1114 48.06 -58.29 -28.74
CA ILE B 1114 49.37 -58.29 -29.36
C ILE B 1114 49.48 -57.13 -30.33
N ILE B 1115 50.65 -56.48 -30.35
CA ILE B 1115 50.88 -55.36 -31.24
C ILE B 1115 50.94 -55.88 -32.68
N THR B 1116 49.90 -55.58 -33.45
CA THR B 1116 49.81 -56.01 -34.84
C THR B 1116 49.45 -54.81 -35.71
N THR B 1117 49.63 -54.98 -37.03
CA THR B 1117 49.33 -53.90 -37.96
C THR B 1117 47.84 -53.59 -37.99
N ASP B 1118 47.00 -54.51 -37.51
CA ASP B 1118 45.55 -54.30 -37.52
C ASP B 1118 45.07 -53.42 -36.37
N ASN B 1119 45.89 -53.18 -35.36
CA ASN B 1119 45.50 -52.35 -34.23
C ASN B 1119 46.36 -51.12 -34.04
N THR B 1120 47.38 -50.92 -34.87
CA THR B 1120 48.22 -49.73 -34.79
C THR B 1120 48.43 -49.18 -36.20
N PHE B 1121 48.75 -47.90 -36.27
CA PHE B 1121 48.99 -47.23 -37.53
C PHE B 1121 50.35 -46.54 -37.49
N VAL B 1122 51.03 -46.54 -38.64
CA VAL B 1122 52.37 -45.98 -38.77
C VAL B 1122 52.27 -44.52 -39.17
N SER B 1123 53.04 -43.68 -38.47
CA SER B 1123 53.06 -42.24 -38.77
C SER B 1123 54.45 -41.71 -38.44
N GLY B 1124 55.28 -41.56 -39.47
CA GLY B 1124 56.59 -40.98 -39.31
C GLY B 1124 57.59 -41.94 -38.71
N ASN B 1125 58.81 -41.42 -38.52
CA ASN B 1125 59.89 -42.20 -37.92
C ASN B 1125 59.81 -42.14 -36.40
N CYS B 1126 60.76 -42.78 -35.73
CA CYS B 1126 60.75 -42.93 -34.28
C CYS B 1126 61.91 -42.17 -33.64
N ASP B 1127 62.19 -40.96 -34.15
CA ASP B 1127 63.22 -40.11 -33.58
C ASP B 1127 62.70 -38.76 -33.10
N VAL B 1128 61.42 -38.46 -33.33
CA VAL B 1128 60.85 -37.19 -32.92
C VAL B 1128 59.90 -37.33 -31.73
N VAL B 1129 59.16 -38.43 -31.63
CA VAL B 1129 58.23 -38.62 -30.52
C VAL B 1129 59.03 -38.88 -29.25
N ILE B 1130 58.73 -38.10 -28.20
CA ILE B 1130 59.43 -38.22 -26.93
C ILE B 1130 58.80 -39.32 -26.10
N GLY B 1131 59.61 -40.24 -25.62
CA GLY B 1131 59.14 -41.34 -24.80
C GLY B 1131 58.83 -42.62 -25.56
N ILE B 1132 59.15 -42.69 -26.85
CA ILE B 1132 58.87 -43.88 -27.63
C ILE B 1132 59.83 -45.00 -27.21
N VAL B 1133 59.32 -46.22 -27.14
CA VAL B 1133 60.11 -47.38 -26.77
C VAL B 1133 60.18 -48.32 -27.96
N ASN B 1134 61.14 -49.23 -27.91
CA ASN B 1134 61.39 -50.19 -28.99
C ASN B 1134 60.67 -51.50 -28.68
N ASN B 1135 59.93 -52.00 -29.67
CA ASN B 1135 59.22 -53.26 -29.52
C ASN B 1135 59.02 -53.86 -30.91
N THR B 1136 58.67 -55.15 -30.93
CA THR B 1136 58.46 -55.89 -32.15
C THR B 1136 56.97 -55.89 -32.50
N VAL B 1137 56.63 -55.38 -33.68
CA VAL B 1137 55.24 -55.35 -34.14
C VAL B 1137 55.03 -56.63 -34.94
N TYR B 1138 54.38 -57.60 -34.30
CA TYR B 1138 54.14 -58.89 -34.95
C TYR B 1138 53.17 -58.73 -36.10
N ASP B 1139 53.49 -59.36 -37.23
CA ASP B 1139 52.67 -59.27 -38.43
C ASP B 1139 51.63 -60.38 -38.43
N PRO B 1140 50.34 -60.06 -38.48
CA PRO B 1140 49.31 -61.12 -38.50
C PRO B 1140 49.10 -61.70 -39.89
N LEU B 1141 50.06 -61.46 -40.79
CA LEU B 1141 49.91 -61.88 -42.18
C LEU B 1141 51.11 -62.72 -42.64
N GLN B 1142 52.30 -62.40 -42.12
CA GLN B 1142 53.51 -63.09 -42.56
C GLN B 1142 53.49 -64.59 -42.25
N PRO B 1143 53.17 -65.05 -41.03
CA PRO B 1143 53.11 -66.51 -40.82
C PRO B 1143 52.08 -67.21 -41.67
N GLU B 1144 50.93 -66.57 -41.92
CA GLU B 1144 49.91 -67.19 -42.77
C GLU B 1144 50.39 -67.31 -44.20
N LEU B 1145 51.08 -66.29 -44.72
CA LEU B 1145 51.66 -66.41 -46.05
C LEU B 1145 52.78 -67.45 -46.09
N ASP B 1146 53.56 -67.56 -45.01
CA ASP B 1146 54.61 -68.58 -44.97
C ASP B 1146 54.01 -69.98 -44.99
N SER B 1147 52.94 -70.20 -44.26
CA SER B 1147 52.29 -71.51 -44.21
C SER B 1147 50.83 -71.42 -44.66
N SER C 13 -63.07 18.42 -29.74
CA SER C 13 -62.13 18.53 -28.62
C SER C 13 -62.79 18.07 -27.32
N GLN C 14 -63.98 17.49 -27.44
CA GLN C 14 -64.69 17.03 -26.27
C GLN C 14 -64.13 15.68 -25.78
N CYS C 15 -64.47 15.33 -24.55
CA CYS C 15 -64.02 14.09 -23.93
C CYS C 15 -65.16 13.08 -23.98
N VAL C 16 -64.92 11.96 -24.65
CA VAL C 16 -65.89 10.87 -24.75
C VAL C 16 -65.15 9.55 -24.62
N ASN C 17 -65.75 8.62 -23.87
CA ASN C 17 -65.17 7.30 -23.70
C ASN C 17 -65.25 6.53 -25.01
N LEU C 18 -64.21 5.76 -25.32
CA LEU C 18 -64.16 4.99 -26.55
C LEU C 18 -64.97 3.70 -26.38
N THR C 19 -66.07 3.59 -27.09
CA THR C 19 -66.97 2.46 -26.98
C THR C 19 -66.59 1.38 -27.99
N THR C 20 -67.47 0.38 -28.14
CA THR C 20 -67.31 -0.77 -29.04
C THR C 20 -65.86 -1.25 -29.10
N ARG C 21 -65.33 -1.59 -27.93
CA ARG C 21 -63.96 -2.08 -27.80
C ARG C 21 -63.96 -3.60 -27.78
N THR C 22 -63.06 -4.18 -28.57
CA THR C 22 -62.92 -5.64 -28.66
C THR C 22 -61.83 -6.10 -27.70
N GLN C 23 -62.17 -7.10 -26.88
CA GLN C 23 -61.23 -7.64 -25.89
C GLN C 23 -60.43 -8.76 -26.56
N LEU C 24 -59.11 -8.55 -26.69
CA LEU C 24 -58.22 -9.52 -27.30
C LEU C 24 -56.94 -9.53 -26.49
N PRO C 25 -56.46 -10.69 -26.08
CA PRO C 25 -55.26 -10.77 -25.22
C PRO C 25 -54.05 -10.18 -25.93
N PRO C 26 -53.17 -9.51 -25.19
CA PRO C 26 -51.97 -8.94 -25.81
C PRO C 26 -51.09 -10.02 -26.42
N ALA C 27 -50.46 -9.67 -27.54
CA ALA C 27 -49.60 -10.58 -28.28
C ALA C 27 -48.14 -10.18 -28.13
N TYR C 28 -47.29 -11.15 -27.81
CA TYR C 28 -45.86 -10.93 -27.64
C TYR C 28 -45.10 -11.78 -28.64
N THR C 29 -44.05 -11.20 -29.22
CA THR C 29 -43.22 -11.89 -30.20
C THR C 29 -41.75 -11.65 -29.87
N ASN C 30 -40.88 -12.09 -30.78
CA ASN C 30 -39.44 -12.00 -30.60
C ASN C 30 -38.90 -10.74 -31.25
N SER C 31 -38.13 -9.96 -30.51
CA SER C 31 -37.54 -8.73 -31.04
C SER C 31 -36.26 -8.99 -31.82
N PHE C 32 -35.75 -10.22 -31.81
CA PHE C 32 -34.52 -10.60 -32.54
C PHE C 32 -33.39 -9.73 -31.99
N THR C 33 -32.54 -9.17 -32.83
CA THR C 33 -31.44 -8.30 -32.41
C THR C 33 -31.67 -6.87 -32.89
N ARG C 34 -32.92 -6.40 -32.81
CA ARG C 34 -33.32 -5.13 -33.37
C ARG C 34 -33.33 -4.05 -32.30
N GLY C 35 -32.69 -2.92 -32.60
CA GLY C 35 -32.69 -1.76 -31.72
C GLY C 35 -31.42 -1.59 -30.93
N VAL C 36 -30.52 -0.73 -31.41
CA VAL C 36 -29.27 -0.39 -30.73
C VAL C 36 -29.04 1.10 -30.87
N TYR C 37 -28.80 1.78 -29.75
CA TYR C 37 -28.56 3.21 -29.73
C TYR C 37 -27.14 3.50 -29.26
N TYR C 38 -26.67 4.71 -29.55
CA TYR C 38 -25.34 5.14 -29.13
C TYR C 38 -25.39 5.54 -27.66
N PRO C 39 -24.60 4.91 -26.79
CA PRO C 39 -24.61 5.31 -25.37
C PRO C 39 -24.19 6.75 -25.14
N ASP C 40 -23.28 7.28 -25.96
CA ASP C 40 -22.81 8.65 -25.80
C ASP C 40 -22.29 9.15 -27.15
N LYS C 41 -22.12 10.47 -27.23
CA LYS C 41 -21.66 11.12 -28.47
C LYS C 41 -20.14 11.07 -28.51
N VAL C 42 -19.62 9.89 -28.81
CA VAL C 42 -18.19 9.68 -28.96
C VAL C 42 -17.93 8.93 -30.26
N PHE C 43 -16.75 9.13 -30.82
CA PHE C 43 -16.35 8.51 -32.08
C PHE C 43 -15.38 7.38 -31.81
N ARG C 44 -15.66 6.20 -32.37
CA ARG C 44 -14.80 5.04 -32.25
C ARG C 44 -14.59 4.45 -33.63
N SER C 45 -13.35 4.06 -33.94
CA SER C 45 -12.99 3.58 -35.26
C SER C 45 -12.49 2.14 -35.15
N SER C 46 -13.32 1.20 -35.61
CA SER C 46 -12.95 -0.22 -35.69
C SER C 46 -12.47 -0.75 -34.35
N VAL C 47 -13.36 -0.72 -33.36
CA VAL C 47 -13.03 -1.16 -32.01
C VAL C 47 -14.27 -1.77 -31.37
N LEU C 48 -14.05 -2.68 -30.44
CA LEU C 48 -15.12 -3.32 -29.68
C LEU C 48 -15.15 -2.70 -28.28
N HIS C 49 -16.22 -1.98 -27.98
CA HIS C 49 -16.35 -1.25 -26.71
C HIS C 49 -17.48 -1.86 -25.90
N SER C 50 -17.15 -2.29 -24.67
CA SER C 50 -18.17 -2.93 -23.79
C SER C 50 -18.79 -1.86 -22.91
N THR C 51 -20.08 -1.58 -23.11
CA THR C 51 -20.70 -0.48 -22.34
C THR C 51 -21.85 -1.01 -21.51
N GLN C 52 -22.14 -0.35 -20.39
CA GLN C 52 -23.32 -0.74 -19.58
C GLN C 52 -24.29 0.45 -19.58
N ASP C 53 -25.43 0.32 -20.26
CA ASP C 53 -26.45 1.38 -20.25
C ASP C 53 -27.82 0.71 -20.34
N LEU C 54 -28.90 1.47 -20.18
CA LEU C 54 -30.25 0.86 -20.34
C LEU C 54 -30.37 0.35 -21.77
N PHE C 55 -30.12 -0.92 -22.01
CA PHE C 55 -30.30 -1.44 -23.36
C PHE C 55 -31.47 -2.41 -23.40
N LEU C 56 -31.97 -2.63 -24.62
CA LEU C 56 -33.03 -3.61 -24.83
C LEU C 56 -32.43 -5.02 -24.87
N PRO C 57 -32.90 -5.95 -24.04
CA PRO C 57 -32.35 -7.31 -24.07
C PRO C 57 -32.57 -7.96 -25.43
N PHE C 58 -31.59 -8.74 -25.87
CA PHE C 58 -31.67 -9.40 -27.16
C PHE C 58 -32.67 -10.54 -27.10
N PHE C 59 -33.44 -10.70 -28.19
CA PHE C 59 -34.47 -11.73 -28.31
C PHE C 59 -35.45 -11.67 -27.14
N SER C 60 -35.83 -10.46 -26.75
CA SER C 60 -36.76 -10.25 -25.65
C SER C 60 -38.20 -10.26 -26.15
N ASN C 61 -39.12 -10.62 -25.27
CA ASN C 61 -40.54 -10.66 -25.59
C ASN C 61 -41.04 -9.23 -25.77
N VAL C 62 -41.25 -8.82 -27.02
CA VAL C 62 -41.73 -7.49 -27.35
C VAL C 62 -43.24 -7.57 -27.59
N THR C 63 -43.97 -6.67 -26.95
CA THR C 63 -45.43 -6.68 -27.07
C THR C 63 -45.86 -6.12 -28.41
N TRP C 64 -46.88 -6.74 -29.00
CA TRP C 64 -47.38 -6.37 -30.32
C TRP C 64 -48.79 -5.81 -30.17
N PHE C 65 -49.00 -4.60 -30.68
CA PHE C 65 -50.32 -3.97 -30.69
C PHE C 65 -50.72 -3.73 -32.14
N HIS C 66 -51.89 -4.23 -32.53
CA HIS C 66 -52.37 -4.16 -33.90
C HIS C 66 -53.68 -3.39 -33.92
N ALA C 67 -53.82 -2.49 -34.90
CA ALA C 67 -55.04 -1.71 -35.10
C ALA C 67 -55.48 -1.91 -36.55
N ILE C 68 -56.29 -2.93 -36.78
CA ILE C 68 -56.78 -3.28 -38.10
C ILE C 68 -58.30 -3.42 -38.03
N HIS C 69 -58.97 -3.13 -39.14
CA HIS C 69 -60.42 -3.21 -39.24
C HIS C 69 -60.77 -4.30 -40.25
N VAL C 70 -61.29 -5.42 -39.75
CA VAL C 70 -61.74 -6.51 -40.62
C VAL C 70 -63.09 -6.14 -41.19
N SER C 71 -63.50 -6.82 -42.26
CA SER C 71 -64.74 -6.50 -42.95
C SER C 71 -65.60 -7.72 -43.24
N GLY C 72 -65.03 -8.92 -43.22
CA GLY C 72 -65.79 -10.10 -43.60
C GLY C 72 -66.88 -10.49 -42.62
N THR C 73 -66.49 -11.07 -41.49
CA THR C 73 -67.47 -11.46 -40.48
C THR C 73 -67.08 -11.13 -39.05
N ASN C 74 -65.81 -10.84 -38.76
CA ASN C 74 -65.40 -10.66 -37.37
C ASN C 74 -65.90 -9.33 -36.81
N GLY C 75 -65.73 -8.25 -37.55
CA GLY C 75 -66.12 -6.94 -37.06
C GLY C 75 -65.41 -6.54 -35.78
N THR C 76 -64.10 -6.81 -35.69
CA THR C 76 -63.36 -6.53 -34.47
C THR C 76 -63.31 -5.03 -34.17
N LYS C 77 -63.04 -4.22 -35.18
CA LYS C 77 -62.88 -2.77 -35.02
C LYS C 77 -61.85 -2.46 -33.94
N ARG C 78 -60.71 -3.15 -34.01
CA ARG C 78 -59.70 -3.04 -32.97
C ARG C 78 -59.04 -1.67 -32.96
N PHE C 79 -58.98 -1.05 -31.79
CA PHE C 79 -58.23 0.18 -31.58
C PHE C 79 -57.36 -0.05 -30.35
N ASP C 80 -56.06 0.23 -30.47
CA ASP C 80 -55.09 -0.10 -29.43
C ASP C 80 -54.53 1.17 -28.81
N ASN C 81 -54.49 1.20 -27.48
CA ASN C 81 -53.93 2.31 -26.71
C ASN C 81 -53.32 1.76 -25.44
N PRO C 82 -51.98 1.75 -25.35
CA PRO C 82 -51.31 1.12 -24.21
C PRO C 82 -51.59 1.80 -22.88
N VAL C 83 -51.56 1.02 -21.80
CA VAL C 83 -51.71 1.54 -20.44
C VAL C 83 -50.37 1.31 -19.72
N LEU C 84 -49.32 1.09 -20.50
CA LEU C 84 -48.06 0.64 -19.94
C LEU C 84 -47.31 1.79 -19.26
N PRO C 85 -46.53 1.49 -18.21
CA PRO C 85 -45.73 2.52 -17.56
C PRO C 85 -44.35 2.66 -18.18
N PHE C 86 -43.79 3.85 -18.04
CA PHE C 86 -42.49 4.19 -18.61
C PHE C 86 -41.34 3.41 -17.97
N ASN C 87 -41.33 3.30 -16.64
CA ASN C 87 -40.24 2.68 -15.88
C ASN C 87 -38.95 3.46 -16.22
N ASP C 88 -37.97 2.84 -16.89
CA ASP C 88 -36.73 3.52 -17.21
C ASP C 88 -36.66 4.02 -18.66
N GLY C 89 -36.83 3.14 -19.64
CA GLY C 89 -36.82 3.55 -21.04
C GLY C 89 -37.71 2.66 -21.87
N VAL C 90 -38.12 3.13 -23.05
CA VAL C 90 -39.07 2.40 -23.89
C VAL C 90 -38.53 2.35 -25.31
N TYR C 91 -38.78 1.23 -25.99
CA TYR C 91 -38.44 1.05 -27.39
C TYR C 91 -39.72 0.86 -28.18
N PHE C 92 -39.89 1.66 -29.24
CA PHE C 92 -41.12 1.69 -30.02
C PHE C 92 -40.75 1.44 -31.49
N ALA C 93 -41.31 0.38 -32.07
CA ALA C 93 -41.08 0.06 -33.47
C ALA C 93 -42.40 0.07 -34.23
N SER C 94 -42.53 1.03 -35.16
CA SER C 94 -43.77 1.20 -35.89
C SER C 94 -43.55 0.90 -37.36
N THR C 95 -44.27 -0.09 -37.89
CA THR C 95 -44.24 -0.43 -39.30
C THR C 95 -45.55 0.01 -39.93
N GLU C 96 -45.47 0.76 -41.03
CA GLU C 96 -46.65 1.32 -41.67
C GLU C 96 -46.27 1.78 -43.07
N LYS C 97 -47.24 2.38 -43.76
CA LYS C 97 -47.02 2.88 -45.11
C LYS C 97 -47.41 4.35 -45.22
N SER C 98 -48.35 4.78 -44.37
CA SER C 98 -48.88 6.14 -44.40
C SER C 98 -48.85 6.77 -43.02
N ASN C 99 -47.69 6.64 -42.35
CA ASN C 99 -47.36 7.29 -41.09
C ASN C 99 -48.54 7.43 -40.12
N ILE C 100 -49.19 6.32 -39.80
CA ILE C 100 -50.36 6.36 -38.93
C ILE C 100 -49.98 6.87 -37.55
N ILE C 101 -48.85 6.42 -37.01
CA ILE C 101 -48.43 6.86 -35.68
C ILE C 101 -48.12 8.35 -35.74
N ARG C 102 -48.70 9.11 -34.79
CA ARG C 102 -48.57 10.55 -34.77
C ARG C 102 -47.68 11.08 -33.65
N GLY C 103 -47.55 10.35 -32.55
CA GLY C 103 -46.72 10.83 -31.46
C GLY C 103 -46.97 10.02 -30.19
N TRP C 104 -46.48 10.57 -29.09
CA TRP C 104 -46.56 9.89 -27.80
C TRP C 104 -46.71 10.90 -26.68
N ILE C 105 -47.34 10.44 -25.60
CA ILE C 105 -47.45 11.18 -24.34
C ILE C 105 -46.73 10.41 -23.25
N PHE C 106 -45.90 11.11 -22.49
CA PHE C 106 -45.19 10.54 -21.35
C PHE C 106 -45.57 11.31 -20.10
N GLY C 107 -46.00 10.58 -19.06
CA GLY C 107 -46.40 11.22 -17.84
C GLY C 107 -46.72 10.20 -16.77
N THR C 108 -47.02 10.71 -15.58
CA THR C 108 -47.38 9.87 -14.43
C THR C 108 -48.88 9.62 -14.32
N THR C 109 -49.70 10.67 -14.40
CA THR C 109 -51.15 10.53 -14.32
C THR C 109 -51.89 10.99 -15.56
N LEU C 110 -51.27 11.79 -16.43
CA LEU C 110 -51.88 12.27 -17.66
C LEU C 110 -53.19 13.01 -17.38
N ASP C 111 -53.07 14.11 -16.63
CA ASP C 111 -54.20 14.96 -16.28
C ASP C 111 -53.66 16.35 -15.97
N SER C 112 -54.51 17.18 -15.37
CA SER C 112 -54.12 18.53 -14.98
C SER C 112 -53.41 18.56 -13.63
N LYS C 113 -53.31 17.43 -12.93
CA LYS C 113 -52.69 17.42 -11.62
C LYS C 113 -51.16 17.54 -11.70
N THR C 114 -50.55 16.86 -12.66
CA THR C 114 -49.10 16.79 -12.75
C THR C 114 -48.63 17.17 -14.15
N GLN C 115 -47.38 17.62 -14.23
CA GLN C 115 -46.79 17.99 -15.51
C GLN C 115 -46.60 16.76 -16.38
N SER C 116 -46.81 16.92 -17.69
CA SER C 116 -46.69 15.82 -18.63
C SER C 116 -46.03 16.31 -19.92
N LEU C 117 -45.40 15.38 -20.63
CA LEU C 117 -44.74 15.67 -21.90
C LEU C 117 -45.56 15.10 -23.04
N LEU C 118 -45.71 15.88 -24.11
CA LEU C 118 -46.47 15.45 -25.29
C LEU C 118 -45.65 15.76 -26.54
N ILE C 119 -45.59 14.80 -27.45
CA ILE C 119 -44.97 15.02 -28.77
C ILE C 119 -45.97 14.54 -29.81
N VAL C 120 -46.33 15.42 -30.74
CA VAL C 120 -47.36 15.11 -31.74
C VAL C 120 -47.01 15.80 -33.06
N ASN C 121 -47.09 15.04 -34.15
CA ASN C 121 -47.01 15.61 -35.49
C ASN C 121 -48.44 15.81 -35.99
N ASN C 122 -48.81 17.07 -36.24
CA ASN C 122 -50.19 17.41 -36.57
C ASN C 122 -50.43 17.51 -38.07
N ALA C 123 -49.71 16.72 -38.87
CA ALA C 123 -49.76 16.70 -40.33
C ALA C 123 -49.23 17.99 -40.95
N THR C 124 -48.82 18.96 -40.14
CA THR C 124 -48.20 20.19 -40.60
C THR C 124 -46.85 20.44 -39.95
N ASN C 125 -46.71 20.12 -38.67
CA ASN C 125 -45.44 20.28 -37.97
C ASN C 125 -45.45 19.36 -36.75
N VAL C 126 -44.26 19.14 -36.19
CA VAL C 126 -44.08 18.34 -34.99
C VAL C 126 -43.95 19.30 -33.82
N VAL C 127 -44.85 19.16 -32.84
CA VAL C 127 -44.91 20.04 -31.68
C VAL C 127 -44.63 19.22 -30.43
N ILE C 128 -43.77 19.74 -29.56
CA ILE C 128 -43.48 19.14 -28.27
C ILE C 128 -43.89 20.15 -27.19
N LYS C 129 -44.55 19.64 -26.16
CA LYS C 129 -45.26 20.51 -25.22
C LYS C 129 -45.16 19.94 -23.82
N VAL C 130 -45.08 20.82 -22.83
CA VAL C 130 -45.12 20.44 -21.41
C VAL C 130 -46.17 21.32 -20.74
N CYS C 131 -47.20 20.69 -20.18
CA CYS C 131 -48.28 21.41 -19.51
C CYS C 131 -49.11 20.41 -18.72
N GLU C 132 -50.08 20.95 -17.98
CA GLU C 132 -51.09 20.15 -17.28
C GLU C 132 -52.35 20.24 -18.12
N PHE C 133 -52.60 19.21 -18.93
CA PHE C 133 -53.64 19.24 -19.94
C PHE C 133 -54.96 18.70 -19.38
N GLN C 134 -55.90 18.43 -20.27
CA GLN C 134 -57.22 17.89 -19.97
C GLN C 134 -57.46 16.63 -20.79
N PHE C 135 -56.50 15.70 -20.73
CA PHE C 135 -56.59 14.46 -21.47
C PHE C 135 -57.86 13.70 -21.16
N CYS C 136 -58.50 13.19 -22.21
CA CYS C 136 -59.71 12.38 -22.08
C CYS C 136 -59.34 10.96 -21.69
N ASN C 137 -60.36 10.11 -21.57
CA ASN C 137 -60.12 8.69 -21.29
C ASN C 137 -59.36 8.03 -22.44
N ASP C 138 -59.73 8.36 -23.68
CA ASP C 138 -59.13 7.78 -24.88
C ASP C 138 -58.76 8.89 -25.85
N PRO C 139 -57.67 9.61 -25.60
CA PRO C 139 -57.24 10.65 -26.55
C PRO C 139 -56.84 10.04 -27.89
N PHE C 140 -57.11 10.78 -28.96
CA PHE C 140 -56.81 10.30 -30.31
C PHE C 140 -56.77 11.49 -31.25
N LEU C 141 -56.22 11.26 -32.44
CA LEU C 141 -56.22 12.21 -33.54
C LEU C 141 -56.90 11.58 -34.75
N GLY C 142 -57.82 12.34 -35.35
CA GLY C 142 -58.59 11.82 -36.47
C GLY C 142 -58.37 12.56 -37.77
N VAL C 143 -58.13 11.81 -38.85
CA VAL C 143 -57.99 12.36 -40.19
C VAL C 143 -59.10 11.79 -41.06
N TYR C 144 -59.75 12.66 -41.83
CA TYR C 144 -60.91 12.29 -42.64
C TYR C 144 -60.65 12.61 -44.10
N TYR C 145 -61.05 11.69 -44.98
CA TYR C 145 -60.90 11.86 -46.43
C TYR C 145 -62.12 12.60 -46.95
N HIS C 146 -62.09 13.93 -46.83
CA HIS C 146 -63.18 14.75 -47.31
C HIS C 146 -63.22 14.74 -48.83
N LYS C 147 -64.43 14.56 -49.40
CA LYS C 147 -64.59 14.50 -50.84
C LYS C 147 -64.63 15.88 -51.49
N ASN C 148 -64.83 16.95 -50.71
CA ASN C 148 -64.86 18.29 -51.29
C ASN C 148 -63.51 18.68 -51.86
N ASN C 149 -62.43 18.40 -51.12
CA ASN C 149 -61.08 18.72 -51.57
C ASN C 149 -60.41 17.56 -52.30
N LYS C 150 -61.06 16.40 -52.37
CA LYS C 150 -60.51 15.21 -53.04
C LYS C 150 -59.16 14.82 -52.45
N SER C 151 -59.01 14.99 -51.15
CA SER C 151 -57.77 14.64 -50.46
C SER C 151 -58.05 14.48 -48.98
N TRP C 152 -57.14 13.77 -48.30
CA TRP C 152 -57.25 13.59 -46.87
C TRP C 152 -56.90 14.87 -46.13
N MET C 153 -57.63 15.16 -45.06
CA MET C 153 -57.39 16.36 -44.27
C MET C 153 -57.67 16.03 -42.81
N GLU C 154 -56.78 16.47 -41.91
CA GLU C 154 -56.92 16.22 -40.49
C GLU C 154 -57.51 17.45 -39.82
N SER C 155 -58.69 17.29 -39.21
CA SER C 155 -59.40 18.39 -38.59
C SER C 155 -59.63 18.20 -37.10
N GLU C 156 -60.05 17.01 -36.67
CA GLU C 156 -60.36 16.76 -35.28
C GLU C 156 -59.08 16.62 -34.45
N PHE C 157 -58.95 17.44 -33.42
CA PHE C 157 -57.80 17.42 -32.51
C PHE C 157 -58.37 17.39 -31.08
N ARG C 158 -58.66 16.19 -30.59
CA ARG C 158 -59.29 16.07 -29.26
C ARG C 158 -58.25 16.20 -28.16
N VAL C 159 -57.31 15.25 -28.11
CA VAL C 159 -56.23 15.14 -27.12
C VAL C 159 -56.50 15.81 -25.78
N TYR C 160 -56.70 17.13 -25.78
CA TYR C 160 -56.93 17.87 -24.55
C TYR C 160 -57.63 19.18 -24.88
N SER C 161 -58.18 19.81 -23.85
CA SER C 161 -58.91 21.07 -24.02
C SER C 161 -58.39 22.17 -23.12
N SER C 162 -57.96 21.86 -21.90
CA SER C 162 -57.47 22.85 -20.96
C SER C 162 -55.96 22.94 -21.00
N ALA C 163 -55.45 24.18 -21.02
CA ALA C 163 -54.02 24.45 -21.11
C ALA C 163 -53.58 25.36 -19.97
N ASN C 164 -54.00 25.04 -18.75
CA ASN C 164 -53.60 25.80 -17.59
C ASN C 164 -52.24 25.32 -17.09
N ASN C 165 -51.45 26.28 -16.56
CA ASN C 165 -50.10 26.03 -16.06
C ASN C 165 -49.22 25.41 -17.15
N CYS C 166 -49.11 26.14 -18.25
CA CYS C 166 -48.30 25.72 -19.39
C CYS C 166 -46.93 26.39 -19.33
N THR C 167 -45.88 25.58 -19.46
CA THR C 167 -44.52 26.07 -19.28
C THR C 167 -43.70 26.03 -20.56
N PHE C 168 -43.58 24.87 -21.21
CA PHE C 168 -42.64 24.67 -22.30
C PHE C 168 -43.37 24.54 -23.63
N GLU C 169 -42.82 25.18 -24.67
CA GLU C 169 -43.33 25.12 -26.03
C GLU C 169 -42.19 24.80 -26.98
N TYR C 170 -42.49 24.02 -28.03
CA TYR C 170 -41.61 24.00 -29.20
C TYR C 170 -42.40 23.48 -30.39
N VAL C 171 -42.31 24.17 -31.51
CA VAL C 171 -42.98 23.81 -32.75
C VAL C 171 -41.95 23.75 -33.87
N SER C 172 -41.96 22.65 -34.62
CA SER C 172 -41.03 22.48 -35.73
C SER C 172 -41.49 23.31 -36.93
N GLN C 173 -40.63 23.36 -37.95
CA GLN C 173 -40.95 24.09 -39.16
C GLN C 173 -42.12 23.44 -39.89
N PRO C 174 -43.03 24.23 -40.45
CA PRO C 174 -44.17 23.63 -41.16
C PRO C 174 -43.72 22.87 -42.40
N PHE C 175 -44.42 21.76 -42.67
CA PHE C 175 -44.14 20.93 -43.83
C PHE C 175 -45.37 20.08 -44.10
N LEU C 176 -45.45 19.55 -45.32
CA LEU C 176 -46.62 18.79 -45.75
C LEU C 176 -46.16 17.42 -46.23
N MET C 177 -46.91 16.38 -45.84
CA MET C 177 -46.62 15.01 -46.24
C MET C 177 -47.82 14.41 -46.96
N ASP C 178 -47.66 13.17 -47.43
CA ASP C 178 -48.72 12.48 -48.14
C ASP C 178 -49.63 11.79 -47.13
N LEU C 179 -50.84 12.33 -46.95
CA LEU C 179 -51.81 11.76 -46.02
C LEU C 179 -52.56 10.56 -46.59
N GLU C 180 -52.45 10.32 -47.90
CA GLU C 180 -53.16 9.21 -48.51
C GLU C 180 -52.64 7.88 -48.01
N GLY C 181 -53.55 6.94 -47.77
CA GLY C 181 -53.19 5.62 -47.27
C GLY C 181 -52.88 4.65 -48.38
N LYS C 182 -51.64 4.16 -48.42
CA LYS C 182 -51.24 3.21 -49.44
C LYS C 182 -51.81 1.83 -49.15
N GLN C 183 -51.81 0.99 -50.18
CA GLN C 183 -52.30 -0.38 -50.08
C GLN C 183 -51.22 -1.35 -50.54
N GLY C 184 -50.99 -2.39 -49.74
CA GLY C 184 -49.99 -3.40 -50.02
C GLY C 184 -49.17 -3.71 -48.79
N ASN C 185 -48.01 -4.33 -49.01
CA ASN C 185 -47.12 -4.66 -47.91
C ASN C 185 -46.51 -3.39 -47.31
N PHE C 186 -46.15 -3.49 -46.03
CA PHE C 186 -45.58 -2.34 -45.33
C PHE C 186 -44.26 -1.92 -45.98
N LYS C 187 -44.11 -0.63 -46.22
CA LYS C 187 -42.94 -0.08 -46.89
C LYS C 187 -42.08 0.79 -45.99
N ASN C 188 -42.57 1.21 -44.83
CA ASN C 188 -41.87 2.17 -43.98
C ASN C 188 -41.79 1.62 -42.55
N LEU C 189 -40.65 1.83 -41.90
CA LEU C 189 -40.44 1.38 -40.54
C LEU C 189 -39.70 2.46 -39.76
N ARG C 190 -40.17 2.72 -38.53
CA ARG C 190 -39.58 3.70 -37.64
C ARG C 190 -39.20 3.03 -36.34
N GLU C 191 -38.01 3.37 -35.83
CA GLU C 191 -37.52 2.84 -34.56
C GLU C 191 -37.23 4.02 -33.65
N PHE C 192 -37.70 3.95 -32.41
CA PHE C 192 -37.51 5.01 -31.44
C PHE C 192 -37.12 4.43 -30.09
N VAL C 193 -36.18 5.10 -29.42
CA VAL C 193 -35.74 4.72 -28.09
C VAL C 193 -35.81 5.97 -27.22
N PHE C 194 -36.57 5.88 -26.13
CA PHE C 194 -36.76 6.99 -25.20
C PHE C 194 -36.19 6.63 -23.83
N LYS C 195 -35.34 7.52 -23.31
CA LYS C 195 -34.70 7.31 -22.02
C LYS C 195 -34.81 8.59 -21.20
N ASN C 196 -34.80 8.43 -19.87
CA ASN C 196 -35.02 9.53 -18.95
C ASN C 196 -33.99 9.49 -17.81
N ILE C 197 -32.72 9.36 -18.16
CA ILE C 197 -31.66 9.34 -17.16
C ILE C 197 -31.22 10.76 -16.85
N ASP C 198 -31.06 11.06 -15.56
CA ASP C 198 -30.51 12.33 -15.07
C ASP C 198 -31.31 13.51 -15.61
N GLY C 199 -32.63 13.35 -15.63
CA GLY C 199 -33.51 14.40 -16.09
C GLY C 199 -33.32 14.79 -17.54
N TYR C 200 -32.67 13.95 -18.33
CA TYR C 200 -32.42 14.20 -19.74
C TYR C 200 -33.28 13.26 -20.57
N PHE C 201 -34.10 13.83 -21.46
CA PHE C 201 -34.99 13.04 -22.31
C PHE C 201 -34.23 12.67 -23.57
N LYS C 202 -33.57 11.53 -23.53
CA LYS C 202 -32.80 11.03 -24.67
C LYS C 202 -33.74 10.38 -25.67
N ILE C 203 -33.72 10.88 -26.90
CA ILE C 203 -34.54 10.36 -27.99
C ILE C 203 -33.62 9.87 -29.10
N TYR C 204 -33.81 8.62 -29.51
CA TYR C 204 -33.05 8.04 -30.61
C TYR C 204 -34.02 7.55 -31.67
N SER C 205 -33.77 7.92 -32.93
CA SER C 205 -34.66 7.60 -34.03
C SER C 205 -33.89 6.92 -35.15
N LYS C 206 -34.61 6.08 -35.90
CA LYS C 206 -34.08 5.42 -37.08
C LYS C 206 -35.21 5.18 -38.05
N HIS C 207 -34.92 5.34 -39.35
CA HIS C 207 -35.91 5.19 -40.40
C HIS C 207 -35.41 4.16 -41.41
N THR C 208 -36.32 3.27 -41.86
CA THR C 208 -35.90 2.22 -42.76
C THR C 208 -36.99 1.82 -43.75
N PRO C 209 -36.69 1.76 -45.05
CA PRO C 209 -37.63 1.15 -46.00
C PRO C 209 -37.57 -0.37 -45.90
N ILE C 210 -38.74 -1.00 -45.79
CA ILE C 210 -38.85 -2.43 -45.58
C ILE C 210 -39.86 -3.00 -46.56
N ASN C 211 -39.99 -4.33 -46.56
CA ASN C 211 -40.98 -5.02 -47.39
C ASN C 211 -41.42 -6.26 -46.62
N LEU C 212 -42.52 -6.12 -45.86
CA LEU C 212 -43.02 -7.21 -45.03
C LEU C 212 -44.42 -6.82 -44.55
N VAL C 213 -45.04 -7.73 -43.81
CA VAL C 213 -46.33 -7.45 -43.19
C VAL C 213 -46.32 -7.68 -41.68
N ARG C 214 -45.43 -8.52 -41.16
CA ARG C 214 -45.31 -8.77 -39.73
C ARG C 214 -43.97 -9.48 -39.50
N ASP C 215 -43.73 -9.86 -38.25
CA ASP C 215 -42.60 -10.69 -37.82
C ASP C 215 -41.31 -10.34 -38.58
N LEU C 216 -40.89 -9.08 -38.42
CA LEU C 216 -39.75 -8.50 -39.11
C LEU C 216 -38.52 -9.40 -38.98
N PRO C 217 -37.73 -9.54 -40.04
CA PRO C 217 -36.60 -10.47 -40.03
C PRO C 217 -35.44 -9.96 -39.18
N GLN C 218 -34.50 -10.86 -38.93
CA GLN C 218 -33.32 -10.53 -38.15
C GLN C 218 -32.48 -9.49 -38.86
N GLY C 219 -31.89 -8.58 -38.09
CA GLY C 219 -31.05 -7.56 -38.66
C GLY C 219 -30.48 -6.67 -37.57
N PHE C 220 -29.69 -5.69 -38.01
CA PHE C 220 -29.05 -4.74 -37.11
C PHE C 220 -29.27 -3.33 -37.62
N SER C 221 -29.42 -2.40 -36.68
CA SER C 221 -29.60 -0.99 -37.02
C SER C 221 -29.03 -0.13 -35.91
N ALA C 222 -28.70 1.11 -36.26
CA ALA C 222 -28.16 2.09 -35.32
C ALA C 222 -29.18 3.19 -35.10
N LEU C 223 -29.47 3.48 -33.83
CA LEU C 223 -30.44 4.50 -33.47
C LEU C 223 -29.71 5.84 -33.35
N GLU C 224 -30.01 6.75 -34.27
CA GLU C 224 -29.35 8.06 -34.27
C GLU C 224 -29.99 8.96 -33.22
N PRO C 225 -29.22 9.51 -32.28
CA PRO C 225 -29.81 10.43 -31.30
C PRO C 225 -30.24 11.73 -31.98
N LEU C 226 -31.45 12.18 -31.65
CA LEU C 226 -32.02 13.37 -32.26
C LEU C 226 -31.92 14.59 -31.35
N VAL C 227 -32.52 14.53 -30.17
CA VAL C 227 -32.59 15.66 -29.25
C VAL C 227 -32.40 15.17 -27.83
N ASP C 228 -32.24 16.13 -26.90
CA ASP C 228 -32.08 15.86 -25.47
C ASP C 228 -32.83 16.98 -24.76
N LEU C 229 -34.09 16.74 -24.41
CA LEU C 229 -34.89 17.75 -23.72
C LEU C 229 -34.45 17.83 -22.25
N PRO C 230 -34.11 19.03 -21.76
CA PRO C 230 -33.72 19.19 -20.35
C PRO C 230 -34.94 19.37 -19.44
N ILE C 231 -35.77 18.34 -19.36
CA ILE C 231 -36.97 18.35 -18.53
C ILE C 231 -36.80 17.34 -17.42
N GLY C 232 -36.92 17.79 -16.17
CA GLY C 232 -36.68 16.95 -15.02
C GLY C 232 -37.93 16.30 -14.45
N ILE C 233 -39.01 16.27 -15.23
CA ILE C 233 -40.25 15.68 -14.75
C ILE C 233 -40.12 14.17 -14.67
N ASN C 234 -40.78 13.58 -13.67
CA ASN C 234 -40.77 12.13 -13.49
C ASN C 234 -41.83 11.50 -14.39
N ILE C 235 -41.45 10.43 -15.07
CA ILE C 235 -42.31 9.78 -16.05
C ILE C 235 -42.45 8.31 -15.67
N THR C 236 -43.70 7.84 -15.50
CA THR C 236 -43.99 6.46 -15.21
C THR C 236 -45.19 5.91 -15.97
N ARG C 237 -45.45 6.40 -17.18
CA ARG C 237 -46.62 6.00 -17.96
C ARG C 237 -46.48 6.57 -19.36
N PHE C 238 -46.81 5.77 -20.37
CA PHE C 238 -46.70 6.26 -21.74
C PHE C 238 -47.89 5.80 -22.57
N GLN C 239 -48.24 6.64 -23.55
CA GLN C 239 -49.29 6.35 -24.51
C GLN C 239 -48.82 6.77 -25.89
N THR C 240 -49.38 6.13 -26.91
CA THR C 240 -49.06 6.43 -28.31
C THR C 240 -50.31 6.96 -29.02
N LEU C 241 -50.10 7.45 -30.24
CA LEU C 241 -51.17 7.99 -31.06
C LEU C 241 -51.46 7.08 -32.25
N LEU C 242 -52.74 6.93 -32.57
CA LEU C 242 -53.18 6.17 -33.73
C LEU C 242 -54.12 7.04 -34.55
N ALA C 243 -54.23 6.71 -35.84
CA ALA C 243 -55.09 7.42 -36.77
C ALA C 243 -56.28 6.55 -37.14
N LEU C 244 -57.45 7.19 -37.25
CA LEU C 244 -58.69 6.48 -37.56
C LEU C 244 -59.50 7.35 -38.53
N HIS C 245 -60.69 6.86 -38.90
CA HIS C 245 -61.55 7.55 -39.84
C HIS C 245 -62.99 7.49 -39.35
N ARG C 246 -63.77 8.49 -39.75
CA ARG C 246 -65.17 8.55 -39.36
C ARG C 246 -65.99 7.50 -40.11
N SER C 247 -67.13 7.14 -39.53
CA SER C 247 -67.99 6.11 -40.10
C SER C 247 -68.89 6.68 -41.20
N TYR C 248 -69.72 7.67 -40.85
CA TYR C 248 -70.70 8.22 -41.77
C TYR C 248 -70.11 9.21 -42.76
N LEU C 249 -68.85 9.60 -42.60
CA LEU C 249 -68.23 10.53 -43.53
C LEU C 249 -67.88 9.86 -44.86
N THR C 250 -67.76 8.53 -44.87
CA THR C 250 -67.42 7.77 -46.06
C THR C 250 -68.52 6.76 -46.35
N PRO C 251 -68.85 6.55 -47.64
CA PRO C 251 -69.86 5.54 -47.99
C PRO C 251 -69.62 4.18 -47.36
N GLY C 252 -70.67 3.37 -47.27
CA GLY C 252 -70.61 2.11 -46.57
C GLY C 252 -71.06 2.23 -45.13
N ASP C 253 -70.42 3.12 -44.38
CA ASP C 253 -70.78 3.46 -43.01
C ASP C 253 -70.59 2.30 -42.03
N SER C 254 -70.50 2.61 -40.75
CA SER C 254 -70.39 1.61 -39.70
C SER C 254 -71.23 1.98 -38.48
N SER C 255 -72.35 2.67 -38.71
CA SER C 255 -73.25 3.16 -37.65
C SER C 255 -72.44 4.09 -36.76
N SER C 256 -72.57 4.02 -35.43
CA SER C 256 -71.80 4.89 -34.53
C SER C 256 -70.45 4.25 -34.21
N GLY C 257 -69.68 3.98 -35.26
CA GLY C 257 -68.39 3.34 -35.12
C GLY C 257 -67.27 4.11 -35.79
N TRP C 258 -66.15 3.44 -36.04
CA TRP C 258 -64.99 4.06 -36.67
C TRP C 258 -64.16 2.99 -37.35
N THR C 259 -63.31 3.44 -38.27
CA THR C 259 -62.42 2.54 -39.00
C THR C 259 -61.02 3.14 -39.05
N ALA C 260 -60.03 2.28 -39.17
CA ALA C 260 -58.63 2.69 -39.21
C ALA C 260 -57.88 1.88 -40.25
N GLY C 261 -56.77 2.43 -40.72
CA GLY C 261 -55.94 1.76 -41.70
C GLY C 261 -55.06 0.69 -41.08
N ALA C 262 -54.22 0.10 -41.93
CA ALA C 262 -53.31 -0.96 -41.49
C ALA C 262 -52.23 -0.35 -40.61
N ALA C 263 -52.36 -0.54 -39.30
CA ALA C 263 -51.41 0.00 -38.34
C ALA C 263 -51.09 -1.04 -37.29
N ALA C 264 -49.81 -1.19 -36.98
CA ALA C 264 -49.34 -2.11 -35.95
C ALA C 264 -47.99 -1.63 -35.45
N TYR C 265 -47.69 -1.90 -34.19
CA TYR C 265 -46.43 -1.47 -33.61
C TYR C 265 -46.01 -2.43 -32.51
N TYR C 266 -44.77 -2.25 -32.06
CA TYR C 266 -44.12 -3.13 -31.11
C TYR C 266 -43.53 -2.29 -29.99
N VAL C 267 -43.74 -2.73 -28.75
CA VAL C 267 -43.29 -2.00 -27.57
C VAL C 267 -42.39 -2.92 -26.74
N GLY C 268 -41.21 -2.42 -26.39
CA GLY C 268 -40.28 -3.17 -25.56
C GLY C 268 -39.74 -2.31 -24.44
N TYR C 269 -39.26 -2.99 -23.40
CA TYR C 269 -38.78 -2.33 -22.20
C TYR C 269 -37.25 -2.29 -22.21
N LEU C 270 -36.69 -1.33 -21.47
CA LEU C 270 -35.25 -1.14 -21.39
C LEU C 270 -34.74 -1.63 -20.05
N GLN C 271 -33.65 -2.41 -20.09
CA GLN C 271 -33.11 -3.02 -18.88
C GLN C 271 -31.62 -2.73 -18.76
N PRO C 272 -31.10 -2.63 -17.53
CA PRO C 272 -29.66 -2.40 -17.36
C PRO C 272 -28.87 -3.63 -17.75
N ARG C 273 -28.03 -3.49 -18.78
CA ARG C 273 -27.25 -4.60 -19.29
C ARG C 273 -25.94 -4.07 -19.85
N THR C 274 -25.03 -5.00 -20.11
CA THR C 274 -23.74 -4.70 -20.72
C THR C 274 -23.79 -5.10 -22.20
N PHE C 275 -23.48 -4.15 -23.07
CA PHE C 275 -23.42 -4.41 -24.51
C PHE C 275 -22.02 -4.16 -25.02
N LEU C 276 -21.57 -5.03 -25.93
CA LEU C 276 -20.27 -4.91 -26.58
C LEU C 276 -20.53 -4.47 -28.03
N LEU C 277 -20.38 -3.18 -28.28
CA LEU C 277 -20.68 -2.60 -29.58
C LEU C 277 -19.42 -2.59 -30.45
N LYS C 278 -19.61 -2.87 -31.74
CA LYS C 278 -18.53 -2.84 -32.71
C LYS C 278 -18.64 -1.56 -33.54
N TYR C 279 -17.56 -0.80 -33.57
CA TYR C 279 -17.50 0.43 -34.35
C TYR C 279 -16.58 0.21 -35.54
N ASN C 280 -17.06 0.51 -36.73
CA ASN C 280 -16.28 0.33 -37.95
C ASN C 280 -15.35 1.54 -38.15
N GLU C 281 -14.65 1.55 -39.28
CA GLU C 281 -13.75 2.65 -39.58
C GLU C 281 -14.48 3.97 -39.75
N ASN C 282 -15.73 3.92 -40.19
CA ASN C 282 -16.52 5.14 -40.37
C ASN C 282 -17.12 5.66 -39.06
N GLY C 283 -17.13 4.86 -38.00
CA GLY C 283 -17.67 5.26 -36.73
C GLY C 283 -19.10 4.85 -36.46
N THR C 284 -19.68 4.01 -37.31
CA THR C 284 -21.06 3.56 -37.15
C THR C 284 -21.08 2.18 -36.51
N ILE C 285 -22.08 1.95 -35.65
CA ILE C 285 -22.21 0.65 -34.99
C ILE C 285 -22.60 -0.39 -36.01
N THR C 286 -21.87 -1.50 -36.03
CA THR C 286 -22.10 -2.58 -36.99
C THR C 286 -22.74 -3.81 -36.37
N ASP C 287 -22.29 -4.24 -35.20
CA ASP C 287 -22.85 -5.42 -34.55
C ASP C 287 -22.71 -5.27 -33.05
N ALA C 288 -23.54 -6.02 -32.32
CA ALA C 288 -23.51 -6.03 -30.88
C ALA C 288 -24.02 -7.37 -30.37
N VAL C 289 -23.52 -7.77 -29.21
CA VAL C 289 -23.93 -9.02 -28.57
C VAL C 289 -24.28 -8.72 -27.12
N ASP C 290 -25.50 -9.08 -26.72
CA ASP C 290 -25.93 -8.91 -25.34
C ASP C 290 -25.26 -9.94 -24.45
N CYS C 291 -24.75 -9.50 -23.31
CA CYS C 291 -24.11 -10.41 -22.36
C CYS C 291 -25.13 -11.02 -21.41
N ALA C 292 -26.21 -11.56 -21.99
CA ALA C 292 -27.21 -12.31 -21.23
C ALA C 292 -27.73 -13.52 -21.98
N LEU C 293 -27.30 -13.74 -23.22
CA LEU C 293 -27.69 -14.89 -24.01
C LEU C 293 -26.87 -16.12 -23.64
N ASP C 294 -26.87 -17.13 -24.50
CA ASP C 294 -26.07 -18.35 -24.37
C ASP C 294 -24.65 -18.03 -23.93
N PRO C 295 -23.98 -18.94 -23.21
CA PRO C 295 -22.63 -18.63 -22.69
C PRO C 295 -21.63 -18.24 -23.77
N LEU C 296 -21.93 -18.48 -25.04
CA LEU C 296 -21.10 -17.93 -26.11
C LEU C 296 -21.08 -16.41 -26.05
N SER C 297 -22.23 -15.80 -25.75
CA SER C 297 -22.28 -14.35 -25.60
C SER C 297 -21.42 -13.88 -24.44
N GLU C 298 -21.47 -14.59 -23.31
CA GLU C 298 -20.63 -14.23 -22.17
C GLU C 298 -19.15 -14.37 -22.52
N THR C 299 -18.79 -15.43 -23.25
CA THR C 299 -17.40 -15.60 -23.68
C THR C 299 -16.96 -14.46 -24.59
N LYS C 300 -17.83 -14.06 -25.53
CA LYS C 300 -17.49 -12.94 -26.41
C LYS C 300 -17.33 -11.65 -25.61
N CYS C 301 -18.20 -11.42 -24.63
CA CYS C 301 -18.09 -10.21 -23.82
C CYS C 301 -16.80 -10.21 -23.01
N THR C 302 -16.44 -11.37 -22.44
CA THR C 302 -15.23 -11.45 -21.63
C THR C 302 -13.98 -11.29 -22.47
N LEU C 303 -13.91 -11.96 -23.62
CA LEU C 303 -12.75 -11.89 -24.48
C LEU C 303 -12.70 -10.63 -25.33
N LYS C 304 -13.77 -9.85 -25.35
CA LYS C 304 -13.85 -8.62 -26.14
C LYS C 304 -13.55 -8.90 -27.63
N SER C 305 -14.20 -9.93 -28.16
CA SER C 305 -14.03 -10.32 -29.55
C SER C 305 -15.23 -11.12 -30.00
N PHE C 306 -15.82 -10.74 -31.13
CA PHE C 306 -16.96 -11.48 -31.67
C PHE C 306 -16.57 -12.86 -32.17
N THR C 307 -15.29 -13.07 -32.51
CA THR C 307 -14.79 -14.37 -32.94
C THR C 307 -14.08 -15.02 -31.77
N VAL C 308 -14.51 -16.23 -31.43
CA VAL C 308 -13.95 -16.98 -30.30
C VAL C 308 -13.21 -18.19 -30.83
N GLU C 309 -11.94 -18.31 -30.48
CA GLU C 309 -11.14 -19.46 -30.89
C GLU C 309 -11.55 -20.70 -30.11
N LYS C 310 -11.20 -21.86 -30.67
CA LYS C 310 -11.51 -23.13 -30.03
C LYS C 310 -10.73 -23.29 -28.73
N GLY C 311 -11.46 -23.48 -27.64
CA GLY C 311 -10.83 -23.63 -26.34
C GLY C 311 -11.85 -23.43 -25.24
N ILE C 312 -11.33 -23.33 -24.02
CA ILE C 312 -12.15 -23.11 -22.82
C ILE C 312 -11.74 -21.77 -22.22
N TYR C 313 -12.74 -20.99 -21.80
CA TYR C 313 -12.52 -19.67 -21.23
C TYR C 313 -13.39 -19.49 -20.00
N GLN C 314 -12.81 -18.90 -18.95
CA GLN C 314 -13.56 -18.59 -17.73
C GLN C 314 -14.24 -17.24 -17.91
N THR C 315 -15.53 -17.17 -17.59
CA THR C 315 -16.32 -15.97 -17.82
C THR C 315 -16.73 -15.26 -16.54
N SER C 316 -17.36 -15.96 -15.60
CA SER C 316 -17.85 -15.32 -14.38
C SER C 316 -17.80 -16.35 -13.24
N ASN C 317 -18.47 -16.03 -12.14
CA ASN C 317 -18.50 -16.88 -10.97
C ASN C 317 -19.94 -16.97 -10.46
N PHE C 318 -20.23 -18.07 -9.76
CA PHE C 318 -21.54 -18.30 -9.17
C PHE C 318 -21.38 -18.62 -7.68
N ARG C 319 -22.36 -18.17 -6.90
CA ARG C 319 -22.34 -18.36 -5.45
C ARG C 319 -23.74 -18.71 -4.97
N VAL C 320 -23.81 -19.24 -3.76
CA VAL C 320 -25.06 -19.64 -3.13
C VAL C 320 -25.31 -18.71 -1.94
N GLN C 321 -26.51 -18.13 -1.89
CA GLN C 321 -26.83 -17.19 -0.82
C GLN C 321 -27.69 -17.85 0.25
N PRO C 322 -27.59 -17.38 1.49
CA PRO C 322 -28.47 -17.91 2.55
C PRO C 322 -29.94 -17.67 2.23
N THR C 323 -30.78 -18.64 2.59
CA THR C 323 -32.19 -18.54 2.26
C THR C 323 -32.85 -17.35 2.96
N GLU C 324 -33.02 -17.42 4.29
CA GLU C 324 -33.37 -16.24 5.07
C GLU C 324 -32.37 -15.96 6.20
N SER C 325 -32.24 -16.88 7.15
CA SER C 325 -31.36 -16.77 8.32
C SER C 325 -31.58 -18.01 9.18
N ILE C 326 -30.64 -18.25 10.09
CA ILE C 326 -30.79 -19.24 11.15
C ILE C 326 -30.14 -18.68 12.41
N VAL C 327 -30.85 -18.77 13.54
CA VAL C 327 -30.31 -18.36 14.83
C VAL C 327 -30.67 -19.43 15.85
N ARG C 328 -29.71 -19.77 16.72
CA ARG C 328 -29.93 -20.78 17.74
C ARG C 328 -29.32 -20.34 19.05
N PHE C 329 -29.90 -20.83 20.15
CA PHE C 329 -29.48 -20.47 21.49
C PHE C 329 -29.86 -21.61 22.44
N PRO C 330 -29.22 -21.70 23.60
CA PRO C 330 -29.53 -22.79 24.52
C PRO C 330 -30.95 -22.67 25.07
N ASN C 331 -31.49 -23.82 25.49
CA ASN C 331 -32.84 -23.85 26.03
C ASN C 331 -32.95 -22.96 27.26
N ILE C 332 -34.09 -22.28 27.37
CA ILE C 332 -34.33 -21.35 28.47
C ILE C 332 -34.89 -22.17 29.65
N THR C 333 -34.02 -22.43 30.64
CA THR C 333 -34.43 -23.20 31.81
C THR C 333 -33.99 -22.54 33.11
N ASN C 334 -33.71 -21.24 33.10
CA ASN C 334 -33.24 -20.49 34.27
C ASN C 334 -34.12 -19.28 34.51
N LEU C 335 -35.43 -19.49 34.49
CA LEU C 335 -36.38 -18.40 34.68
C LEU C 335 -36.22 -17.78 36.06
N CYS C 336 -36.30 -16.45 36.11
CA CYS C 336 -36.25 -15.77 37.39
C CYS C 336 -37.48 -16.10 38.22
N PRO C 337 -37.36 -16.19 39.54
CA PRO C 337 -38.51 -16.56 40.39
C PRO C 337 -39.52 -15.43 40.54
N PHE C 338 -40.06 -14.98 39.41
CA PHE C 338 -41.09 -13.95 39.44
C PHE C 338 -42.45 -14.51 39.81
N GLY C 339 -42.65 -15.83 39.68
CA GLY C 339 -43.92 -16.42 40.06
C GLY C 339 -44.20 -16.33 41.54
N GLU C 340 -43.16 -16.46 42.36
CA GLU C 340 -43.35 -16.33 43.81
C GLU C 340 -43.82 -14.93 44.18
N VAL C 341 -43.26 -13.90 43.54
CA VAL C 341 -43.71 -12.54 43.80
C VAL C 341 -45.12 -12.32 43.26
N PHE C 342 -45.41 -12.88 42.08
CA PHE C 342 -46.72 -12.70 41.47
C PHE C 342 -47.82 -13.34 42.32
N ASN C 343 -47.57 -14.53 42.86
CA ASN C 343 -48.55 -15.28 43.62
C ASN C 343 -48.12 -15.44 45.08
N ALA C 344 -47.62 -14.37 45.67
CA ALA C 344 -47.19 -14.41 47.06
C ALA C 344 -48.39 -14.59 47.99
N THR C 345 -48.28 -15.51 48.94
CA THR C 345 -49.37 -15.73 49.88
C THR C 345 -49.44 -14.61 50.91
N ARG C 346 -48.30 -14.13 51.39
CA ARG C 346 -48.23 -13.07 52.38
C ARG C 346 -47.60 -11.83 51.76
N PHE C 347 -48.11 -10.67 52.15
CA PHE C 347 -47.64 -9.38 51.65
C PHE C 347 -47.07 -8.56 52.80
N ALA C 348 -46.05 -7.78 52.49
CA ALA C 348 -45.34 -6.98 53.48
C ALA C 348 -45.89 -5.56 53.53
N SER C 349 -45.86 -4.98 54.73
CA SER C 349 -46.36 -3.63 54.93
C SER C 349 -45.37 -2.61 54.38
N VAL C 350 -45.86 -1.37 54.23
CA VAL C 350 -45.04 -0.30 53.65
C VAL C 350 -43.80 -0.07 54.49
N TYR C 351 -43.98 0.11 55.81
CA TYR C 351 -42.84 0.29 56.70
C TYR C 351 -41.91 -0.91 56.68
N ALA C 352 -42.39 -2.06 56.22
CA ALA C 352 -41.54 -3.22 56.04
C ALA C 352 -41.58 -3.67 54.58
N TRP C 353 -41.49 -2.72 53.65
CA TRP C 353 -41.49 -3.05 52.23
C TRP C 353 -40.37 -4.03 51.92
N ASN C 354 -40.69 -5.07 51.15
CA ASN C 354 -39.77 -6.19 50.97
C ASN C 354 -38.90 -5.97 49.74
N ARG C 355 -37.61 -6.23 49.91
CA ARG C 355 -36.62 -6.10 48.84
C ARG C 355 -36.12 -7.48 48.43
N LYS C 356 -36.10 -7.73 47.12
CA LYS C 356 -35.68 -9.01 46.56
C LYS C 356 -34.54 -8.79 45.58
N ARG C 357 -33.50 -9.62 45.72
CA ARG C 357 -32.36 -9.64 44.83
C ARG C 357 -32.64 -10.58 43.67
N ILE C 358 -32.37 -10.13 42.45
CA ILE C 358 -32.54 -10.95 41.26
C ILE C 358 -31.23 -10.90 40.47
N SER C 359 -30.68 -12.08 40.18
CA SER C 359 -29.43 -12.20 39.45
C SER C 359 -29.39 -13.54 38.76
N ASN C 360 -28.39 -13.70 37.89
CA ASN C 360 -28.06 -14.95 37.17
C ASN C 360 -29.31 -15.73 36.75
N CYS C 361 -30.27 -15.01 36.17
CA CYS C 361 -31.48 -15.63 35.63
C CYS C 361 -32.00 -14.77 34.50
N VAL C 362 -32.80 -15.39 33.64
CA VAL C 362 -33.38 -14.72 32.48
C VAL C 362 -34.69 -14.05 32.88
N ALA C 363 -34.82 -12.77 32.54
CA ALA C 363 -36.01 -11.99 32.89
C ALA C 363 -37.00 -12.06 31.73
N ASP C 364 -37.97 -12.96 31.85
CA ASP C 364 -39.02 -13.13 30.84
C ASP C 364 -40.27 -12.42 31.36
N TYR C 365 -40.40 -11.14 31.03
CA TYR C 365 -41.52 -10.35 31.47
C TYR C 365 -42.78 -10.55 30.63
N SER C 366 -42.68 -11.28 29.52
CA SER C 366 -43.83 -11.46 28.65
C SER C 366 -44.94 -12.24 29.33
N VAL C 367 -44.59 -13.15 30.24
CA VAL C 367 -45.61 -13.97 30.91
C VAL C 367 -46.56 -13.10 31.72
N LEU C 368 -46.07 -12.03 32.32
CA LEU C 368 -46.92 -11.07 33.02
C LEU C 368 -47.42 -9.96 32.12
N TYR C 369 -46.70 -9.64 31.05
CA TYR C 369 -47.15 -8.58 30.14
C TYR C 369 -48.39 -8.99 29.37
N ASN C 370 -48.46 -10.25 28.94
CA ASN C 370 -49.61 -10.71 28.16
C ASN C 370 -50.89 -10.75 29.00
N SER C 371 -50.77 -10.90 30.32
CA SER C 371 -51.96 -10.91 31.17
C SER C 371 -52.68 -9.57 31.14
N ALA C 372 -51.93 -8.47 31.19
CA ALA C 372 -52.48 -7.11 31.17
C ALA C 372 -53.50 -6.92 32.29
N SER C 373 -53.20 -7.47 33.46
CA SER C 373 -54.09 -7.37 34.62
C SER C 373 -53.62 -6.31 35.61
N PHE C 374 -52.65 -5.48 35.24
CA PHE C 374 -52.11 -4.44 36.11
C PHE C 374 -52.62 -3.09 35.65
N SER C 375 -53.23 -2.33 36.58
CA SER C 375 -53.76 -1.02 36.23
C SER C 375 -52.64 -0.05 35.88
N THR C 376 -51.56 -0.06 36.65
CA THR C 376 -50.44 0.85 36.46
C THR C 376 -49.25 0.04 35.93
N PHE C 377 -48.84 0.33 34.69
CA PHE C 377 -47.74 -0.35 34.03
C PHE C 377 -46.72 0.66 33.52
N LYS C 378 -46.34 1.59 34.39
CA LYS C 378 -45.40 2.64 34.05
C LYS C 378 -43.96 2.15 34.22
N CYS C 379 -43.10 2.56 33.28
CA CYS C 379 -41.69 2.18 33.31
C CYS C 379 -40.85 3.40 32.94
N TYR C 380 -39.60 3.41 33.43
CA TYR C 380 -38.67 4.48 33.15
C TYR C 380 -37.31 3.89 32.79
N GLY C 381 -36.55 4.63 31.98
CA GLY C 381 -35.23 4.19 31.56
C GLY C 381 -35.27 3.42 30.25
N VAL C 382 -36.05 2.35 30.22
CA VAL C 382 -36.25 1.55 29.02
C VAL C 382 -37.75 1.32 28.84
N SER C 383 -38.23 1.49 27.61
CA SER C 383 -39.64 1.28 27.34
C SER C 383 -40.00 -0.19 27.54
N PRO C 384 -41.23 -0.47 27.99
CA PRO C 384 -41.61 -1.88 28.24
C PRO C 384 -41.54 -2.76 27.01
N THR C 385 -41.81 -2.21 25.83
CA THR C 385 -41.85 -3.04 24.62
C THR C 385 -40.45 -3.31 24.06
N LYS C 386 -39.42 -2.67 24.59
CA LYS C 386 -38.06 -2.84 24.08
C LYS C 386 -37.03 -3.03 25.19
N LEU C 387 -37.41 -3.72 26.27
CA LEU C 387 -36.47 -4.02 27.35
C LEU C 387 -35.79 -5.37 27.18
N ASN C 388 -36.11 -6.10 26.11
CA ASN C 388 -35.52 -7.43 25.92
C ASN C 388 -34.10 -7.34 25.39
N ASP C 389 -33.82 -6.35 24.55
CA ASP C 389 -32.53 -6.28 23.84
C ASP C 389 -31.49 -5.47 24.62
N LEU C 390 -31.30 -5.80 25.89
CA LEU C 390 -30.24 -5.26 26.72
C LEU C 390 -30.21 -6.05 28.03
N CYS C 391 -29.00 -6.16 28.60
CA CYS C 391 -28.76 -7.01 29.75
C CYS C 391 -28.27 -6.17 30.93
N PHE C 392 -28.63 -6.61 32.14
CA PHE C 392 -28.23 -5.95 33.38
C PHE C 392 -27.62 -6.99 34.32
N THR C 393 -26.80 -6.52 35.26
CA THR C 393 -26.12 -7.43 36.15
C THR C 393 -26.89 -7.70 37.44
N ASN C 394 -27.84 -6.84 37.81
CA ASN C 394 -28.64 -7.12 39.00
C ASN C 394 -29.99 -6.43 38.87
N VAL C 395 -30.95 -6.95 39.63
CA VAL C 395 -32.32 -6.42 39.65
C VAL C 395 -32.78 -6.32 41.10
N TYR C 396 -33.33 -5.16 41.46
CA TYR C 396 -33.95 -4.97 42.76
C TYR C 396 -35.46 -4.98 42.60
N ALA C 397 -36.15 -5.76 43.43
CA ALA C 397 -37.61 -5.85 43.39
C ALA C 397 -38.15 -5.45 44.75
N ASP C 398 -38.72 -4.24 44.85
CA ASP C 398 -39.29 -3.75 46.09
C ASP C 398 -40.80 -3.81 46.00
N SER C 399 -41.41 -4.57 46.91
CA SER C 399 -42.85 -4.83 46.89
C SER C 399 -43.49 -4.36 48.19
N PHE C 400 -44.69 -3.81 48.07
CA PHE C 400 -45.47 -3.37 49.23
C PHE C 400 -46.93 -3.24 48.81
N VAL C 401 -47.77 -2.89 49.79
CA VAL C 401 -49.20 -2.68 49.56
C VAL C 401 -49.56 -1.32 50.14
N ILE C 402 -50.13 -0.44 49.31
CA ILE C 402 -50.46 0.92 49.73
C ILE C 402 -51.90 1.23 49.37
N ARG C 403 -52.32 2.48 49.57
CA ARG C 403 -53.65 2.89 49.14
C ARG C 403 -53.71 3.01 47.62
N GLY C 404 -54.94 3.04 47.10
CA GLY C 404 -55.12 3.13 45.66
C GLY C 404 -54.65 4.46 45.09
N ASP C 405 -54.90 5.55 45.82
CA ASP C 405 -54.50 6.87 45.35
C ASP C 405 -53.05 7.21 45.64
N GLU C 406 -52.35 6.37 46.39
CA GLU C 406 -50.96 6.62 46.76
C GLU C 406 -49.96 5.99 45.80
N VAL C 407 -50.43 5.36 44.72
CA VAL C 407 -49.52 4.74 43.76
C VAL C 407 -48.64 5.81 43.11
N ARG C 408 -49.21 6.99 42.83
CA ARG C 408 -48.43 8.09 42.28
C ARG C 408 -47.33 8.52 43.24
N GLN C 409 -47.49 8.24 44.53
CA GLN C 409 -46.44 8.54 45.51
C GLN C 409 -45.20 7.68 45.31
N ILE C 410 -45.27 6.63 44.50
CA ILE C 410 -44.13 5.76 44.25
C ILE C 410 -43.44 6.21 42.96
N ALA C 411 -43.87 7.34 42.42
CA ALA C 411 -43.24 7.88 41.22
C ALA C 411 -41.79 8.27 41.52
N PRO C 412 -40.88 8.07 40.57
CA PRO C 412 -39.46 8.37 40.81
C PRO C 412 -39.25 9.86 41.05
N GLY C 413 -38.44 10.18 42.06
CA GLY C 413 -38.04 11.54 42.33
C GLY C 413 -39.05 12.39 43.07
N GLN C 414 -40.21 11.84 43.43
CA GLN C 414 -41.23 12.63 44.12
C GLN C 414 -40.83 12.89 45.56
N THR C 415 -41.17 14.09 46.04
CA THR C 415 -40.97 14.47 47.43
C THR C 415 -42.33 14.70 48.08
N GLY C 416 -42.57 14.02 49.20
CA GLY C 416 -43.86 14.14 49.86
C GLY C 416 -43.89 13.35 51.14
N LYS C 417 -45.07 13.28 51.74
CA LYS C 417 -45.24 12.55 52.99
C LYS C 417 -44.96 11.05 52.80
N ILE C 418 -45.46 10.48 51.71
CA ILE C 418 -45.22 9.06 51.46
C ILE C 418 -44.02 8.85 50.54
N ALA C 419 -43.75 9.78 49.63
CA ALA C 419 -42.66 9.62 48.68
C ALA C 419 -41.29 9.91 49.28
N ASP C 420 -41.23 10.41 50.53
CA ASP C 420 -39.97 10.64 51.20
C ASP C 420 -39.82 9.89 52.52
N TYR C 421 -40.93 9.62 53.21
CA TYR C 421 -40.84 9.19 54.59
C TYR C 421 -41.01 7.68 54.72
N ASN C 422 -41.29 6.99 53.61
CA ASN C 422 -41.53 5.56 53.53
C ASN C 422 -40.61 4.86 52.55
N TYR C 423 -40.27 5.51 51.43
CA TYR C 423 -39.39 4.93 50.43
C TYR C 423 -38.71 6.06 49.66
N LYS C 424 -37.44 5.85 49.32
CA LYS C 424 -36.65 6.83 48.60
C LYS C 424 -35.95 6.15 47.42
N LEU C 425 -35.67 6.95 46.39
CA LEU C 425 -35.09 6.44 45.16
C LEU C 425 -33.89 7.29 44.75
N PRO C 426 -32.93 6.71 44.02
CA PRO C 426 -31.78 7.49 43.54
C PRO C 426 -32.15 8.44 42.41
N ASP C 427 -31.15 9.08 41.82
CA ASP C 427 -31.38 10.04 40.75
C ASP C 427 -31.48 9.39 39.37
N ASP C 428 -31.27 8.08 39.26
CA ASP C 428 -31.34 7.38 37.99
C ASP C 428 -32.17 6.11 38.14
N PHE C 429 -33.01 5.84 37.15
CA PHE C 429 -33.88 4.68 37.15
C PHE C 429 -33.85 4.00 35.79
N THR C 430 -33.86 2.68 35.81
CA THR C 430 -33.89 1.86 34.59
C THR C 430 -34.88 0.71 34.75
N GLY C 431 -36.05 0.99 35.30
CA GLY C 431 -37.01 -0.08 35.56
C GLY C 431 -38.47 0.31 35.44
N CYS C 432 -39.31 -0.30 36.27
CA CYS C 432 -40.75 -0.11 36.22
C CYS C 432 -41.28 0.08 37.65
N VAL C 433 -42.47 0.68 37.73
CA VAL C 433 -43.09 1.02 39.00
C VAL C 433 -44.45 0.34 39.11
N ILE C 434 -44.55 -0.90 38.62
CA ILE C 434 -45.84 -1.50 38.32
C ILE C 434 -46.71 -1.55 39.57
N ALA C 435 -48.01 -1.36 39.39
CA ALA C 435 -48.97 -1.42 40.48
C ALA C 435 -50.29 -1.97 39.96
N TRP C 436 -51.05 -2.61 40.85
CA TRP C 436 -52.34 -3.16 40.46
C TRP C 436 -53.25 -3.19 41.67
N ASN C 437 -54.54 -3.37 41.41
CA ASN C 437 -55.53 -3.41 42.48
C ASN C 437 -55.43 -4.71 43.25
N SER C 438 -55.61 -4.62 44.58
CA SER C 438 -55.53 -5.78 45.45
C SER C 438 -56.69 -5.81 46.45
N ASN C 439 -57.82 -5.19 46.10
CA ASN C 439 -58.97 -5.17 47.01
C ASN C 439 -59.65 -6.52 47.12
N ASN C 440 -59.49 -7.39 46.12
CA ASN C 440 -60.14 -8.70 46.15
C ASN C 440 -59.61 -9.55 47.30
N LEU C 441 -58.30 -9.52 47.55
CA LEU C 441 -57.67 -10.38 48.54
C LEU C 441 -57.36 -9.65 49.84
N ASP C 442 -56.96 -8.38 49.78
CA ASP C 442 -56.54 -7.66 50.98
C ASP C 442 -57.69 -7.10 51.79
N SER C 443 -58.92 -7.19 51.29
CA SER C 443 -60.08 -6.68 51.99
C SER C 443 -60.93 -7.85 52.49
N LYS C 444 -61.27 -7.82 53.78
CA LYS C 444 -62.05 -8.88 54.39
C LYS C 444 -62.99 -8.28 55.43
N VAL C 445 -63.99 -9.07 55.82
CA VAL C 445 -64.95 -8.61 56.81
C VAL C 445 -64.26 -8.45 58.16
N GLY C 446 -64.45 -7.30 58.79
CA GLY C 446 -63.84 -6.98 60.07
C GLY C 446 -62.63 -6.10 59.98
N GLY C 447 -62.01 -5.99 58.81
CA GLY C 447 -60.87 -5.11 58.62
C GLY C 447 -59.57 -5.71 59.11
N ASN C 448 -58.48 -5.02 58.79
CA ASN C 448 -57.14 -5.42 59.20
C ASN C 448 -56.40 -4.22 59.75
N TYR C 449 -55.54 -4.46 60.74
CA TYR C 449 -54.76 -3.41 61.37
C TYR C 449 -53.27 -3.74 61.44
N ASN C 450 -52.81 -4.68 60.62
CA ASN C 450 -51.41 -5.05 60.58
C ASN C 450 -50.59 -4.26 59.56
N TYR C 451 -51.22 -3.33 58.85
CA TYR C 451 -50.54 -2.50 57.87
C TYR C 451 -50.41 -1.08 58.42
N LEU C 452 -49.19 -0.57 58.46
CA LEU C 452 -48.90 0.75 59.02
C LEU C 452 -48.17 1.60 57.99
N TYR C 453 -48.43 2.90 58.04
CA TYR C 453 -47.74 3.86 57.18
C TYR C 453 -47.14 4.97 58.04
N ARG C 454 -46.01 5.51 57.58
CA ARG C 454 -45.29 6.57 58.28
C ARG C 454 -45.69 7.92 57.72
N LEU C 455 -45.98 8.88 58.60
CA LEU C 455 -46.37 10.21 58.19
C LEU C 455 -45.46 11.28 58.82
N PHE C 456 -44.98 11.02 60.04
CA PHE C 456 -44.16 11.97 60.79
C PHE C 456 -42.76 11.40 61.01
N ARG C 457 -41.75 12.21 60.67
CA ARG C 457 -40.35 11.85 60.81
C ARG C 457 -39.51 13.13 60.81
N LYS C 458 -38.26 13.01 61.28
CA LYS C 458 -37.40 14.17 61.40
C LYS C 458 -36.94 14.69 60.04
N SER C 459 -36.50 13.80 59.15
CA SER C 459 -35.96 14.23 57.86
C SER C 459 -36.17 13.13 56.83
N ASN C 460 -35.85 13.45 55.57
CA ASN C 460 -36.12 12.54 54.47
C ASN C 460 -35.26 11.28 54.58
N LEU C 461 -35.83 10.17 54.14
CA LEU C 461 -35.14 8.89 54.21
C LEU C 461 -34.00 8.83 53.21
N LYS C 462 -32.91 8.18 53.63
CA LYS C 462 -31.81 7.93 52.72
C LYS C 462 -32.24 6.94 51.64
N PRO C 463 -31.81 7.13 50.38
CA PRO C 463 -32.25 6.23 49.31
C PRO C 463 -31.87 4.78 49.58
N PHE C 464 -32.77 3.88 49.20
CA PHE C 464 -32.57 2.43 49.34
C PHE C 464 -32.32 2.04 50.79
N GLU C 465 -33.12 2.60 51.69
CA GLU C 465 -33.08 2.26 53.10
C GLU C 465 -34.49 1.98 53.61
N ARG C 466 -34.62 0.97 54.46
CA ARG C 466 -35.88 0.61 55.10
C ARG C 466 -35.72 0.83 56.60
N ASP C 467 -36.16 1.99 57.07
CA ASP C 467 -36.03 2.34 58.49
C ASP C 467 -37.23 1.81 59.25
N ILE C 468 -37.05 0.68 59.94
CA ILE C 468 -38.09 0.10 60.77
C ILE C 468 -37.81 0.55 62.20
N SER C 469 -38.38 1.70 62.57
CA SER C 469 -38.18 2.27 63.89
C SER C 469 -39.49 2.84 64.39
N THR C 470 -39.65 2.87 65.72
CA THR C 470 -40.84 3.40 66.36
C THR C 470 -40.55 4.64 67.19
N GLU C 471 -39.49 5.38 66.84
CA GLU C 471 -39.14 6.57 67.60
C GLU C 471 -40.20 7.66 67.41
N ILE C 472 -40.54 8.33 68.51
CA ILE C 472 -41.56 9.37 68.47
C ILE C 472 -40.92 10.66 67.98
N TYR C 473 -41.56 11.28 66.99
CA TYR C 473 -41.05 12.54 66.44
C TYR C 473 -41.12 13.64 67.50
N GLN C 474 -40.06 14.44 67.58
CA GLN C 474 -39.96 15.51 68.55
C GLN C 474 -39.64 16.82 67.83
N ALA C 475 -40.15 17.92 68.38
CA ALA C 475 -39.93 19.25 67.84
C ALA C 475 -39.17 20.10 68.83
N GLY C 476 -38.37 21.03 68.30
CA GLY C 476 -37.57 21.91 69.15
C GLY C 476 -38.38 22.91 69.95
N SER C 477 -39.58 23.24 69.48
CA SER C 477 -40.42 24.17 70.22
C SER C 477 -40.84 23.60 71.58
N THR C 478 -41.21 22.31 71.60
CA THR C 478 -41.61 21.65 72.84
C THR C 478 -41.17 20.19 72.78
N PRO C 479 -39.91 19.92 73.14
CA PRO C 479 -39.42 18.53 73.10
C PRO C 479 -39.94 17.73 74.28
N CYS C 480 -40.67 16.65 73.98
CA CYS C 480 -41.21 15.80 75.04
C CYS C 480 -40.10 15.13 75.83
N ASN C 481 -39.07 14.61 75.14
CA ASN C 481 -37.91 14.00 75.76
C ASN C 481 -38.30 12.83 76.68
N GLY C 482 -39.01 11.86 76.10
CA GLY C 482 -39.34 10.65 76.83
C GLY C 482 -40.80 10.27 76.82
N VAL C 483 -41.67 11.20 76.40
CA VAL C 483 -43.11 10.98 76.39
C VAL C 483 -43.65 11.33 75.01
N GLU C 484 -44.97 11.23 74.87
CA GLU C 484 -45.66 11.50 73.62
C GLU C 484 -46.62 12.68 73.78
N GLY C 485 -46.15 13.75 74.44
CA GLY C 485 -46.99 14.90 74.68
C GLY C 485 -47.16 15.80 73.47
N PHE C 486 -47.19 17.11 73.69
CA PHE C 486 -47.38 18.06 72.60
C PHE C 486 -46.22 17.98 71.61
N ASN C 487 -46.56 18.14 70.32
CA ASN C 487 -45.58 18.04 69.23
C ASN C 487 -44.90 16.68 69.20
N CYS C 488 -45.59 15.64 69.68
CA CYS C 488 -45.06 14.29 69.69
C CYS C 488 -46.20 13.33 69.36
N TYR C 489 -46.07 12.63 68.23
CA TYR C 489 -47.07 11.68 67.79
C TYR C 489 -46.39 10.46 67.19
N PHE C 490 -47.10 9.35 67.20
CA PHE C 490 -46.59 8.12 66.60
C PHE C 490 -46.46 8.29 65.10
N PRO C 491 -45.31 7.97 64.50
CA PRO C 491 -45.19 8.10 63.04
C PRO C 491 -46.13 7.21 62.26
N LEU C 492 -46.46 6.03 62.78
CA LEU C 492 -47.18 5.02 62.02
C LEU C 492 -48.67 5.07 62.36
N GLN C 493 -49.51 5.01 61.32
CA GLN C 493 -50.95 4.88 61.47
C GLN C 493 -51.42 3.65 60.68
N SER C 494 -52.51 3.06 61.14
CA SER C 494 -53.00 1.82 60.57
C SER C 494 -53.89 2.07 59.36
N TYR C 495 -53.77 1.20 58.37
CA TYR C 495 -54.64 1.25 57.21
C TYR C 495 -56.05 0.80 57.58
N GLY C 496 -57.03 1.27 56.79
CA GLY C 496 -58.40 0.86 56.95
C GLY C 496 -58.89 0.01 55.80
N PHE C 497 -59.12 -1.28 56.04
CA PHE C 497 -59.54 -2.22 55.02
C PHE C 497 -61.03 -2.50 55.18
N GLN C 498 -61.81 -2.22 54.14
CA GLN C 498 -63.24 -2.46 54.15
C GLN C 498 -63.76 -2.40 52.71
N PRO C 499 -64.78 -3.19 52.37
CA PRO C 499 -65.31 -3.15 51.00
C PRO C 499 -65.85 -1.78 50.59
N THR C 500 -66.34 -0.99 51.55
CA THR C 500 -66.92 0.31 51.24
C THR C 500 -65.88 1.34 50.82
N ASN C 501 -64.60 1.03 50.95
CA ASN C 501 -63.56 1.97 50.55
C ASN C 501 -63.62 2.23 49.04
N GLY C 502 -63.34 3.47 48.65
CA GLY C 502 -63.38 3.85 47.26
C GLY C 502 -62.14 3.40 46.51
N VAL C 503 -62.05 3.86 45.26
CA VAL C 503 -60.92 3.50 44.41
C VAL C 503 -59.62 4.02 45.00
N GLY C 504 -59.63 5.26 45.48
CA GLY C 504 -58.44 5.81 46.11
C GLY C 504 -58.05 5.09 47.40
N TYR C 505 -59.04 4.65 48.16
CA TYR C 505 -58.78 3.97 49.42
C TYR C 505 -58.65 2.45 49.26
N GLN C 506 -58.91 1.91 48.08
CA GLN C 506 -58.78 0.48 47.88
C GLN C 506 -57.30 0.07 47.95
N PRO C 507 -56.99 -1.04 48.61
CA PRO C 507 -55.60 -1.50 48.66
C PRO C 507 -55.06 -1.84 47.28
N TYR C 508 -53.80 -1.48 47.05
CA TYR C 508 -53.13 -1.70 45.78
C TYR C 508 -51.75 -2.31 46.05
N ARG C 509 -51.44 -3.38 45.33
CA ARG C 509 -50.12 -4.01 45.42
C ARG C 509 -49.19 -3.33 44.43
N VAL C 510 -48.06 -2.83 44.92
CA VAL C 510 -47.10 -2.09 44.11
C VAL C 510 -45.77 -2.83 44.17
N VAL C 511 -45.24 -3.18 43.00
CA VAL C 511 -43.92 -3.76 42.85
C VAL C 511 -43.11 -2.85 41.93
N VAL C 512 -42.00 -2.34 42.44
CA VAL C 512 -41.08 -1.51 41.66
C VAL C 512 -39.82 -2.33 41.41
N LEU C 513 -39.47 -2.45 40.14
CA LEU C 513 -38.28 -3.19 39.72
C LEU C 513 -37.26 -2.22 39.17
N SER C 514 -36.01 -2.39 39.58
CA SER C 514 -34.91 -1.52 39.17
C SER C 514 -33.81 -2.39 38.58
N PHE C 515 -33.55 -2.21 37.29
CA PHE C 515 -32.43 -2.88 36.64
C PHE C 515 -31.16 -2.10 36.87
N GLU C 516 -30.02 -2.81 36.94
CA GLU C 516 -28.76 -2.12 37.13
C GLU C 516 -27.63 -2.94 36.53
N LEU C 517 -26.68 -2.23 35.92
CA LEU C 517 -25.50 -2.85 35.32
C LEU C 517 -24.26 -2.11 35.80
N LEU C 518 -23.20 -2.88 36.11
CA LEU C 518 -21.94 -2.30 36.57
C LEU C 518 -20.78 -2.82 35.74
N HIS C 519 -19.54 -2.53 36.18
CA HIS C 519 -18.37 -3.07 35.52
C HIS C 519 -18.32 -4.59 35.58
N ALA C 520 -18.98 -5.19 36.57
CA ALA C 520 -19.06 -6.64 36.63
C ALA C 520 -19.90 -7.16 35.46
N PRO C 521 -19.63 -8.40 35.01
CA PRO C 521 -20.40 -8.95 33.89
C PRO C 521 -21.87 -9.04 34.21
N ALA C 522 -22.70 -8.77 33.20
CA ALA C 522 -24.14 -8.78 33.38
C ALA C 522 -24.64 -10.22 33.60
N THR C 523 -25.68 -10.34 34.45
CA THR C 523 -26.23 -11.64 34.80
C THR C 523 -27.71 -11.80 34.49
N VAL C 524 -28.46 -10.70 34.36
CA VAL C 524 -29.88 -10.79 34.06
C VAL C 524 -30.13 -10.32 32.63
N CYS C 525 -30.12 -11.27 31.69
CA CYS C 525 -30.33 -10.98 30.29
C CYS C 525 -31.75 -11.35 29.87
N GLY C 526 -32.25 -10.67 28.85
CA GLY C 526 -33.56 -10.96 28.32
C GLY C 526 -33.56 -12.24 27.52
N PRO C 527 -34.73 -12.84 27.35
CA PRO C 527 -34.82 -14.09 26.58
C PRO C 527 -34.49 -13.86 25.10
N LYS C 528 -33.85 -14.85 24.51
CA LYS C 528 -33.48 -14.84 23.10
C LYS C 528 -34.16 -16.01 22.40
N LYS C 529 -34.89 -15.72 21.35
CA LYS C 529 -35.62 -16.76 20.63
C LYS C 529 -34.68 -17.50 19.67
N SER C 530 -34.83 -18.82 19.63
CA SER C 530 -34.04 -19.68 18.74
C SER C 530 -34.98 -20.34 17.75
N THR C 531 -34.68 -20.22 16.46
CA THR C 531 -35.51 -20.81 15.43
C THR C 531 -35.14 -22.28 15.22
N ASN C 532 -35.91 -22.95 14.36
CA ASN C 532 -35.66 -24.34 14.06
C ASN C 532 -34.34 -24.50 13.31
N LEU C 533 -33.69 -25.64 13.53
CA LEU C 533 -32.41 -25.93 12.92
C LEU C 533 -32.60 -26.66 11.60
N VAL C 534 -31.96 -26.16 10.54
CA VAL C 534 -32.05 -26.77 9.22
C VAL C 534 -30.69 -27.38 8.87
N LYS C 535 -30.73 -28.39 8.02
CA LYS C 535 -29.53 -29.11 7.61
C LYS C 535 -29.54 -29.32 6.11
N ASN C 536 -28.34 -29.54 5.56
CA ASN C 536 -28.15 -29.77 4.12
C ASN C 536 -28.70 -28.61 3.29
N LYS C 537 -28.48 -27.39 3.77
CA LYS C 537 -28.94 -26.20 3.06
C LYS C 537 -28.07 -25.02 3.46
N CYS C 538 -27.62 -24.27 2.46
CA CYS C 538 -26.78 -23.10 2.73
C CYS C 538 -27.60 -22.01 3.41
N VAL C 539 -27.04 -21.44 4.48
CA VAL C 539 -27.75 -20.44 5.27
C VAL C 539 -26.71 -19.69 6.11
N ASN C 540 -27.09 -18.49 6.56
CA ASN C 540 -26.29 -17.71 7.49
C ASN C 540 -26.78 -18.02 8.90
N PHE C 541 -25.90 -18.61 9.70
CA PHE C 541 -26.23 -19.12 11.02
C PHE C 541 -25.57 -18.31 12.12
N ASN C 542 -26.29 -18.19 13.24
CA ASN C 542 -25.81 -17.50 14.44
C ASN C 542 -25.95 -18.47 15.61
N PHE C 543 -24.82 -19.05 16.03
CA PHE C 543 -24.79 -20.02 17.11
C PHE C 543 -24.06 -19.39 18.30
N ASN C 544 -24.82 -19.05 19.35
CA ASN C 544 -24.27 -18.51 20.59
C ASN C 544 -23.42 -17.27 20.33
N GLY C 545 -23.88 -16.41 19.43
CA GLY C 545 -23.14 -15.21 19.08
C GLY C 545 -22.08 -15.38 18.03
N LEU C 546 -21.82 -16.60 17.59
CA LEU C 546 -20.87 -16.87 16.52
C LEU C 546 -21.61 -16.85 15.18
N THR C 547 -21.19 -15.96 14.29
CA THR C 547 -21.84 -15.78 13.00
C THR C 547 -21.03 -16.45 11.91
N GLY C 548 -21.70 -17.26 11.09
CA GLY C 548 -21.05 -17.90 9.97
C GLY C 548 -22.04 -18.10 8.84
N THR C 549 -21.52 -18.53 7.69
CA THR C 549 -22.36 -18.79 6.53
C THR C 549 -21.91 -20.09 5.89
N GLY C 550 -22.85 -20.99 5.64
CA GLY C 550 -22.49 -22.26 5.02
C GLY C 550 -23.61 -23.27 5.16
N VAL C 551 -23.24 -24.54 4.99
CA VAL C 551 -24.17 -25.66 5.05
C VAL C 551 -23.85 -26.47 6.30
N LEU C 552 -24.85 -26.68 7.15
CA LEU C 552 -24.68 -27.46 8.37
C LEU C 552 -25.06 -28.91 8.08
N THR C 553 -24.11 -29.82 8.29
CA THR C 553 -24.33 -31.23 8.01
C THR C 553 -24.01 -32.07 9.23
N GLU C 554 -24.77 -33.15 9.42
CA GLU C 554 -24.55 -34.01 10.57
C GLU C 554 -23.19 -34.69 10.49
N SER C 555 -22.52 -34.77 11.63
CA SER C 555 -21.18 -35.33 11.72
C SER C 555 -21.12 -36.36 12.83
N ASN C 556 -19.94 -36.95 13.02
CA ASN C 556 -19.71 -37.94 14.07
C ASN C 556 -18.62 -37.52 15.04
N LYS C 557 -18.25 -36.25 15.05
CA LYS C 557 -17.20 -35.78 15.97
C LYS C 557 -17.68 -35.87 17.41
N LYS C 558 -16.78 -36.25 18.30
CA LYS C 558 -17.06 -36.40 19.73
C LYS C 558 -16.42 -35.22 20.46
N PHE C 559 -17.17 -34.14 20.60
CA PHE C 559 -16.68 -32.97 21.30
C PHE C 559 -16.60 -33.21 22.80
N LEU C 560 -15.75 -32.43 23.46
CA LEU C 560 -15.70 -32.47 24.91
C LEU C 560 -16.96 -31.81 25.49
N PRO C 561 -17.36 -32.21 26.69
CA PRO C 561 -18.57 -31.62 27.28
C PRO C 561 -18.49 -30.11 27.45
N PHE C 562 -17.32 -29.56 27.72
CA PHE C 562 -17.15 -28.13 27.90
C PHE C 562 -16.92 -27.38 26.59
N GLN C 563 -16.72 -28.09 25.49
CA GLN C 563 -16.42 -27.45 24.21
C GLN C 563 -17.72 -27.08 23.49
N GLN C 564 -17.77 -25.87 22.95
CA GLN C 564 -18.94 -25.37 22.24
C GLN C 564 -18.78 -25.52 20.73
N PHE C 565 -17.70 -24.98 20.17
CA PHE C 565 -17.42 -25.08 18.75
C PHE C 565 -15.99 -25.58 18.55
N GLY C 566 -15.61 -25.78 17.29
CA GLY C 566 -14.29 -26.29 16.98
C GLY C 566 -13.79 -25.81 15.63
N ARG C 567 -12.56 -25.30 15.60
CA ARG C 567 -11.96 -24.75 14.40
C ARG C 567 -10.99 -25.76 13.79
N ASP C 568 -10.29 -25.34 12.74
CA ASP C 568 -9.33 -26.17 12.04
C ASP C 568 -7.94 -25.54 12.12
N ILE C 569 -6.99 -26.10 11.36
CA ILE C 569 -5.63 -25.59 11.36
C ILE C 569 -5.60 -24.16 10.83
N ALA C 570 -6.42 -23.86 9.83
CA ALA C 570 -6.45 -22.54 9.21
C ALA C 570 -7.17 -21.50 10.06
N ASP C 571 -7.49 -21.81 11.31
CA ASP C 571 -8.16 -20.88 12.23
C ASP C 571 -9.49 -20.41 11.65
N THR C 572 -10.30 -21.36 11.19
CA THR C 572 -11.63 -21.10 10.69
C THR C 572 -12.60 -22.07 11.33
N THR C 573 -13.82 -21.61 11.59
CA THR C 573 -14.82 -22.45 12.23
C THR C 573 -15.14 -23.67 11.37
N ASP C 574 -15.13 -24.84 12.00
CA ASP C 574 -15.35 -26.10 11.30
C ASP C 574 -16.58 -26.86 11.78
N ALA C 575 -16.77 -26.96 13.10
CA ALA C 575 -17.90 -27.70 13.65
C ALA C 575 -18.52 -26.91 14.79
N VAL C 576 -19.83 -27.06 14.96
CA VAL C 576 -20.58 -26.38 16.00
C VAL C 576 -21.48 -27.37 16.70
N ARG C 577 -21.55 -27.27 18.03
CA ARG C 577 -22.48 -28.07 18.81
C ARG C 577 -23.80 -27.31 18.95
N ASP C 578 -24.90 -28.02 18.69
CA ASP C 578 -26.22 -27.41 18.79
C ASP C 578 -26.51 -27.05 20.25
N PRO C 579 -26.81 -25.79 20.56
CA PRO C 579 -27.00 -25.41 21.97
C PRO C 579 -28.15 -26.11 22.66
N GLN C 580 -29.23 -26.43 21.94
CA GLN C 580 -30.39 -27.02 22.58
C GLN C 580 -30.19 -28.51 22.85
N THR C 581 -29.96 -29.29 21.80
CA THR C 581 -29.74 -30.73 21.90
C THR C 581 -28.34 -31.07 21.43
N LEU C 582 -27.77 -32.12 22.02
CA LEU C 582 -26.33 -32.40 21.89
C LEU C 582 -26.05 -33.15 20.60
N GLU C 583 -25.48 -32.46 19.61
CA GLU C 583 -24.91 -33.08 18.42
C GLU C 583 -23.95 -32.09 17.80
N ILE C 584 -23.12 -32.61 16.89
CA ILE C 584 -22.06 -31.83 16.25
C ILE C 584 -22.37 -31.72 14.76
N LEU C 585 -22.36 -30.50 14.25
CA LEU C 585 -22.64 -30.23 12.84
C LEU C 585 -21.43 -29.56 12.20
N ASP C 586 -20.98 -30.11 11.08
CA ASP C 586 -19.89 -29.52 10.32
C ASP C 586 -20.42 -28.46 9.37
N ILE C 587 -19.60 -27.43 9.15
CA ILE C 587 -19.95 -26.32 8.28
C ILE C 587 -19.17 -26.46 6.99
N THR C 588 -19.88 -26.71 5.89
CA THR C 588 -19.29 -26.68 4.56
C THR C 588 -19.43 -25.27 4.00
N PRO C 589 -18.34 -24.61 3.61
CA PRO C 589 -18.45 -23.22 3.15
C PRO C 589 -19.11 -23.11 1.78
N CYS C 590 -20.41 -23.41 1.72
CA CYS C 590 -21.19 -23.36 0.49
C CYS C 590 -20.56 -24.20 -0.61
N SER C 591 -20.90 -23.92 -1.86
CA SER C 591 -20.31 -24.61 -3.01
C SER C 591 -19.50 -23.68 -3.88
N PHE C 592 -20.11 -22.59 -4.37
CA PHE C 592 -19.51 -21.60 -5.27
C PHE C 592 -18.61 -22.22 -6.34
N GLY C 593 -17.69 -21.43 -6.89
CA GLY C 593 -16.79 -21.92 -7.91
C GLY C 593 -16.70 -21.03 -9.13
N GLY C 594 -15.94 -21.46 -10.13
CA GLY C 594 -15.78 -20.71 -11.35
C GLY C 594 -16.67 -21.24 -12.47
N VAL C 595 -16.95 -20.37 -13.44
CA VAL C 595 -17.77 -20.72 -14.60
C VAL C 595 -16.89 -20.67 -15.82
N SER C 596 -16.80 -21.80 -16.53
CA SER C 596 -16.01 -21.90 -17.75
C SER C 596 -16.90 -22.38 -18.89
N VAL C 597 -16.69 -21.83 -20.07
CA VAL C 597 -17.50 -22.13 -21.25
C VAL C 597 -16.66 -22.97 -22.19
N ILE C 598 -17.21 -24.11 -22.61
CA ILE C 598 -16.56 -25.00 -23.56
C ILE C 598 -17.24 -24.85 -24.90
N THR C 599 -16.46 -24.47 -25.92
CA THR C 599 -17.01 -24.23 -27.25
C THR C 599 -15.89 -24.36 -28.26
N PRO C 600 -16.19 -24.83 -29.46
CA PRO C 600 -15.21 -24.79 -30.56
C PRO C 600 -15.16 -23.38 -31.14
N GLY C 601 -14.40 -23.25 -32.23
CA GLY C 601 -14.30 -21.97 -32.90
C GLY C 601 -15.66 -21.52 -33.43
N THR C 602 -15.90 -20.21 -33.39
CA THR C 602 -17.17 -19.67 -33.85
C THR C 602 -17.38 -19.93 -35.34
N ASN C 603 -16.30 -20.00 -36.11
CA ASN C 603 -16.43 -20.34 -37.52
C ASN C 603 -16.94 -21.77 -37.70
N THR C 604 -16.48 -22.69 -36.86
CA THR C 604 -16.91 -24.08 -36.98
C THR C 604 -18.39 -24.23 -36.67
N SER C 605 -18.85 -23.69 -35.54
CA SER C 605 -20.24 -23.82 -35.12
C SER C 605 -20.46 -22.84 -33.96
N ASN C 606 -21.68 -22.88 -33.41
CA ASN C 606 -22.05 -22.04 -32.28
C ASN C 606 -22.46 -22.83 -31.05
N GLN C 607 -22.41 -24.16 -31.10
CA GLN C 607 -22.77 -24.97 -29.94
C GLN C 607 -21.76 -24.75 -28.81
N VAL C 608 -22.27 -24.66 -27.58
CA VAL C 608 -21.45 -24.34 -26.43
C VAL C 608 -21.77 -25.31 -25.30
N ALA C 609 -20.85 -25.38 -24.34
CA ALA C 609 -21.02 -26.18 -23.14
C ALA C 609 -20.59 -25.35 -21.93
N VAL C 610 -21.16 -25.68 -20.78
CA VAL C 610 -20.94 -24.93 -19.54
C VAL C 610 -20.25 -25.84 -18.54
N LEU C 611 -19.18 -25.35 -17.94
CA LEU C 611 -18.44 -26.07 -16.90
C LEU C 611 -18.48 -25.27 -15.62
N TYR C 612 -18.84 -25.93 -14.51
CA TYR C 612 -18.82 -25.34 -13.18
C TYR C 612 -17.73 -26.01 -12.36
N GLN C 613 -16.98 -25.20 -11.61
CA GLN C 613 -15.83 -25.71 -10.87
C GLN C 613 -16.20 -25.97 -9.42
N ASP C 614 -15.87 -27.18 -8.95
CA ASP C 614 -16.01 -27.57 -7.55
C ASP C 614 -17.45 -27.42 -7.06
N VAL C 615 -18.34 -28.19 -7.69
CA VAL C 615 -19.74 -28.22 -7.30
C VAL C 615 -20.34 -29.53 -7.81
N ASN C 616 -21.30 -30.06 -7.05
CA ASN C 616 -22.04 -31.23 -7.49
C ASN C 616 -23.11 -30.84 -8.49
N CYS C 617 -23.58 -31.82 -9.26
CA CYS C 617 -24.60 -31.55 -10.27
C CYS C 617 -26.00 -31.56 -9.65
N THR C 618 -26.17 -30.81 -8.57
CA THR C 618 -27.49 -30.63 -7.95
C THR C 618 -27.80 -29.18 -7.56
N GLU C 619 -26.79 -28.34 -7.36
CA GLU C 619 -27.00 -26.96 -6.93
C GLU C 619 -27.03 -25.99 -8.10
N VAL C 620 -26.79 -26.47 -9.32
CA VAL C 620 -26.71 -25.57 -10.48
C VAL C 620 -27.99 -24.79 -10.74
N PRO C 621 -29.20 -25.36 -10.60
CA PRO C 621 -30.39 -24.54 -10.89
C PRO C 621 -30.71 -23.54 -9.79
N VAL C 622 -30.08 -23.64 -8.63
CA VAL C 622 -30.40 -22.75 -7.52
C VAL C 622 -29.36 -21.65 -7.34
N ALA C 623 -28.08 -21.94 -7.61
CA ALA C 623 -27.02 -20.98 -7.37
C ALA C 623 -27.05 -19.85 -8.39
N ILE C 624 -27.94 -18.88 -8.18
CA ILE C 624 -28.12 -17.73 -9.06
C ILE C 624 -28.39 -18.23 -10.47
N HIS C 625 -29.52 -18.92 -10.64
CA HIS C 625 -29.96 -19.44 -11.92
C HIS C 625 -31.48 -19.45 -11.98
N ALA C 626 -32.00 -19.93 -13.12
CA ALA C 626 -33.43 -20.00 -13.40
C ALA C 626 -34.11 -18.64 -13.34
N ASP C 627 -33.35 -17.55 -13.43
CA ASP C 627 -33.89 -16.21 -13.44
C ASP C 627 -33.47 -15.41 -14.67
N GLN C 628 -32.66 -15.99 -15.55
CA GLN C 628 -32.20 -15.31 -16.76
C GLN C 628 -33.20 -15.53 -17.89
N LEU C 629 -32.81 -15.16 -19.10
CA LEU C 629 -33.67 -15.36 -20.26
C LEU C 629 -33.84 -16.85 -20.53
N THR C 630 -35.09 -17.26 -20.78
CA THR C 630 -35.44 -18.68 -20.64
C THR C 630 -34.82 -19.55 -21.74
N PRO C 631 -35.11 -19.35 -23.02
CA PRO C 631 -34.64 -20.30 -24.05
C PRO C 631 -33.14 -20.29 -24.29
N THR C 632 -32.36 -19.51 -23.53
CA THR C 632 -30.91 -19.50 -23.70
C THR C 632 -30.17 -20.01 -22.48
N TRP C 633 -30.40 -19.44 -21.30
CA TRP C 633 -29.67 -19.82 -20.10
C TRP C 633 -30.33 -20.96 -19.33
N ARG C 634 -31.65 -20.98 -19.24
CA ARG C 634 -32.34 -22.04 -18.51
C ARG C 634 -32.17 -23.40 -19.17
N VAL C 635 -31.89 -23.44 -20.47
CA VAL C 635 -31.65 -24.71 -21.15
C VAL C 635 -30.25 -25.24 -20.90
N TYR C 636 -29.32 -24.37 -20.46
CA TYR C 636 -27.95 -24.79 -20.18
C TYR C 636 -27.70 -25.00 -18.69
N SER C 637 -28.76 -25.01 -17.87
CA SER C 637 -28.64 -25.34 -16.46
C SER C 637 -29.14 -26.73 -16.12
N THR C 638 -30.12 -27.25 -16.86
CA THR C 638 -30.65 -28.59 -16.65
C THR C 638 -30.73 -29.29 -17.99
N GLY C 639 -31.13 -30.57 -17.96
CA GLY C 639 -31.30 -31.37 -19.14
C GLY C 639 -30.65 -32.72 -18.99
N SER C 640 -30.59 -33.46 -20.09
CA SER C 640 -29.98 -34.79 -20.12
C SER C 640 -28.49 -34.76 -20.44
N ASN C 641 -27.92 -33.59 -20.66
CA ASN C 641 -26.51 -33.45 -20.98
C ASN C 641 -25.65 -33.15 -19.75
N VAL C 642 -26.24 -33.25 -18.56
CA VAL C 642 -25.52 -32.95 -17.32
C VAL C 642 -24.58 -34.12 -17.01
N PHE C 643 -23.29 -33.82 -16.91
CA PHE C 643 -22.28 -34.83 -16.61
C PHE C 643 -21.47 -34.39 -15.39
N GLN C 644 -21.16 -35.35 -14.52
CA GLN C 644 -20.41 -35.08 -13.30
C GLN C 644 -18.97 -35.53 -13.50
N THR C 645 -18.04 -34.62 -13.27
CA THR C 645 -16.61 -34.87 -13.41
C THR C 645 -15.89 -34.50 -12.13
N ARG C 646 -14.62 -34.94 -12.03
CA ARG C 646 -13.81 -34.60 -10.87
C ARG C 646 -13.53 -33.11 -10.77
N ALA C 647 -13.52 -32.39 -11.90
CA ALA C 647 -13.30 -30.95 -11.91
C ALA C 647 -14.59 -30.17 -11.68
N GLY C 648 -15.73 -30.84 -11.57
CA GLY C 648 -16.99 -30.16 -11.35
C GLY C 648 -18.14 -30.73 -12.16
N CYS C 649 -19.09 -29.87 -12.52
CA CYS C 649 -20.26 -30.27 -13.28
C CYS C 649 -20.20 -29.69 -14.68
N LEU C 650 -20.47 -30.52 -15.68
CA LEU C 650 -20.46 -30.12 -17.08
C LEU C 650 -21.85 -30.30 -17.67
N ILE C 651 -22.35 -29.25 -18.33
CA ILE C 651 -23.67 -29.26 -18.94
C ILE C 651 -23.53 -28.87 -20.41
N GLY C 652 -24.16 -29.63 -21.29
CA GLY C 652 -24.09 -29.38 -22.71
C GLY C 652 -23.22 -30.32 -23.49
N ALA C 653 -22.68 -31.36 -22.87
CA ALA C 653 -21.85 -32.34 -23.53
C ALA C 653 -22.33 -33.75 -23.18
N GLU C 654 -22.18 -34.66 -24.12
CA GLU C 654 -22.60 -36.05 -23.95
C GLU C 654 -21.42 -36.92 -23.57
N HIS C 655 -21.61 -37.74 -22.55
CA HIS C 655 -20.56 -38.66 -22.08
C HIS C 655 -20.55 -39.90 -22.97
N VAL C 656 -19.37 -40.23 -23.50
CA VAL C 656 -19.19 -41.39 -24.36
C VAL C 656 -18.09 -42.26 -23.79
N ASN C 657 -18.29 -43.58 -23.85
CA ASN C 657 -17.32 -44.51 -23.31
C ASN C 657 -16.06 -44.60 -24.17
N ASN C 658 -16.13 -44.18 -25.43
CA ASN C 658 -14.98 -44.24 -26.31
C ASN C 658 -13.96 -43.17 -25.93
N SER C 659 -12.74 -43.36 -26.41
CA SER C 659 -11.63 -42.45 -26.15
C SER C 659 -11.06 -41.94 -27.45
N TYR C 660 -10.79 -40.63 -27.50
CA TYR C 660 -10.22 -39.98 -28.68
C TYR C 660 -9.12 -39.03 -28.23
N GLU C 661 -8.45 -38.42 -29.21
CA GLU C 661 -7.45 -37.40 -28.91
C GLU C 661 -8.12 -36.18 -28.28
N CYS C 662 -7.45 -35.61 -27.28
CA CYS C 662 -8.00 -34.49 -26.55
C CYS C 662 -8.15 -33.27 -27.46
N ASP C 663 -9.29 -32.59 -27.34
CA ASP C 663 -9.54 -31.34 -28.06
C ASP C 663 -9.66 -30.16 -27.11
N ILE C 664 -10.57 -30.23 -26.15
CA ILE C 664 -10.73 -29.19 -25.14
C ILE C 664 -10.52 -29.81 -23.76
N PRO C 665 -9.37 -29.61 -23.13
CA PRO C 665 -9.15 -30.18 -21.80
C PRO C 665 -10.05 -29.55 -20.76
N ILE C 666 -10.40 -30.35 -19.74
CA ILE C 666 -11.22 -29.90 -18.63
C ILE C 666 -10.49 -30.10 -17.30
N GLY C 667 -9.94 -31.29 -17.09
CA GLY C 667 -9.22 -31.60 -15.86
C GLY C 667 -9.49 -33.05 -15.47
N ALA C 668 -8.51 -33.64 -14.78
CA ALA C 668 -8.58 -35.03 -14.31
C ALA C 668 -8.87 -35.99 -15.46
N GLY C 669 -8.17 -35.79 -16.57
CA GLY C 669 -8.32 -36.66 -17.73
C GLY C 669 -9.67 -36.60 -18.40
N ILE C 670 -10.22 -35.40 -18.58
CA ILE C 670 -11.50 -35.21 -19.24
C ILE C 670 -11.29 -34.23 -20.39
N CYS C 671 -11.83 -34.57 -21.56
CA CYS C 671 -11.71 -33.72 -22.74
C CYS C 671 -13.03 -33.69 -23.49
N ALA C 672 -13.38 -32.50 -23.98
CA ALA C 672 -14.58 -32.27 -24.76
C ALA C 672 -14.21 -31.97 -26.20
N SER C 673 -14.93 -32.61 -27.13
CA SER C 673 -14.70 -32.43 -28.56
C SER C 673 -16.02 -32.16 -29.26
N TYR C 674 -16.02 -31.21 -30.18
CA TYR C 674 -17.23 -30.90 -30.93
C TYR C 674 -17.57 -32.01 -31.93
N GLN C 675 -16.55 -32.59 -32.56
CA GLN C 675 -16.78 -33.64 -33.53
C GLN C 675 -17.35 -34.89 -32.86
N THR C 676 -18.30 -35.54 -33.54
CA THR C 676 -18.92 -36.74 -33.01
C THR C 676 -17.96 -37.91 -33.02
N SER C 689 -26.11 -33.25 -37.04
CA SER C 689 -25.92 -34.33 -36.09
C SER C 689 -24.71 -34.07 -35.20
N GLN C 690 -23.95 -33.02 -35.53
CA GLN C 690 -22.78 -32.66 -34.74
C GLN C 690 -23.20 -32.17 -33.36
N SER C 691 -22.49 -32.64 -32.33
CA SER C 691 -22.77 -32.26 -30.96
C SER C 691 -21.51 -32.42 -30.13
N ILE C 692 -21.32 -31.50 -29.18
CA ILE C 692 -20.16 -31.57 -28.30
C ILE C 692 -20.30 -32.76 -27.36
N ILE C 693 -19.24 -33.55 -27.24
CA ILE C 693 -19.24 -34.73 -26.39
C ILE C 693 -18.05 -34.67 -25.45
N ALA C 694 -18.20 -35.32 -24.30
CA ALA C 694 -17.15 -35.38 -23.28
C ALA C 694 -16.68 -36.82 -23.13
N TYR C 695 -15.38 -36.99 -22.89
CA TYR C 695 -14.79 -38.32 -22.82
C TYR C 695 -13.49 -38.26 -22.04
N THR C 696 -12.88 -39.43 -21.87
CA THR C 696 -11.52 -39.52 -21.34
C THR C 696 -10.56 -39.62 -22.52
N MET C 697 -9.60 -38.69 -22.59
CA MET C 697 -8.74 -38.62 -23.75
C MET C 697 -7.87 -39.88 -23.87
N SER C 698 -7.71 -40.35 -25.10
CA SER C 698 -6.85 -41.50 -25.34
C SER C 698 -5.40 -41.12 -25.11
N LEU C 699 -4.70 -41.92 -24.31
CA LEU C 699 -3.31 -41.64 -23.95
C LEU C 699 -2.34 -42.13 -25.03
N GLY C 700 -2.60 -41.76 -26.27
CA GLY C 700 -1.78 -42.18 -27.38
C GLY C 700 -2.25 -43.51 -27.98
N ALA C 701 -1.79 -43.77 -29.20
CA ALA C 701 -2.16 -44.99 -29.90
C ALA C 701 -1.49 -46.21 -29.25
N GLU C 702 -2.24 -47.30 -29.15
CA GLU C 702 -1.71 -48.52 -28.56
C GLU C 702 -0.78 -49.22 -29.55
N ASN C 703 0.39 -49.63 -29.07
CA ASN C 703 1.37 -50.33 -29.89
C ASN C 703 1.91 -51.51 -29.10
N SER C 704 2.20 -52.60 -29.81
CA SER C 704 2.74 -53.82 -29.21
C SER C 704 3.92 -54.29 -30.07
N VAL C 705 5.13 -53.88 -29.68
CA VAL C 705 6.31 -54.26 -30.42
C VAL C 705 6.71 -55.68 -30.04
N ALA C 706 6.84 -56.54 -31.05
CA ALA C 706 7.24 -57.93 -30.81
C ALA C 706 8.68 -57.98 -30.32
N TYR C 707 8.93 -58.82 -29.31
CA TYR C 707 10.25 -58.97 -28.73
C TYR C 707 10.64 -60.43 -28.69
N SER C 708 11.91 -60.71 -28.98
CA SER C 708 12.44 -62.07 -28.94
C SER C 708 13.93 -61.99 -28.70
N ASN C 709 14.50 -63.13 -28.27
CA ASN C 709 15.93 -63.16 -27.98
C ASN C 709 16.80 -63.08 -29.23
N ASN C 710 16.24 -63.35 -30.40
CA ASN C 710 16.99 -63.32 -31.64
C ASN C 710 16.20 -62.62 -32.74
N SER C 711 15.57 -61.50 -32.41
CA SER C 711 14.78 -60.73 -33.36
C SER C 711 15.27 -59.29 -33.37
N ILE C 712 15.52 -58.75 -34.56
CA ILE C 712 15.97 -57.37 -34.72
C ILE C 712 15.29 -56.79 -35.96
N ALA C 713 14.99 -55.50 -35.89
CA ALA C 713 14.42 -54.76 -37.01
C ALA C 713 15.37 -53.64 -37.41
N ILE C 714 15.75 -53.62 -38.67
CA ILE C 714 16.61 -52.57 -39.22
C ILE C 714 15.94 -51.98 -40.45
N PRO C 715 15.85 -50.66 -40.57
CA PRO C 715 15.11 -50.07 -41.69
C PRO C 715 15.85 -50.23 -43.01
N THR C 716 15.06 -50.17 -44.09
CA THR C 716 15.60 -50.20 -45.44
C THR C 716 15.33 -48.90 -46.19
N ASN C 717 14.51 -48.00 -45.65
CA ASN C 717 14.20 -46.74 -46.31
C ASN C 717 14.15 -45.64 -45.26
N PHE C 718 14.56 -44.44 -45.67
CA PHE C 718 14.67 -43.31 -44.75
C PHE C 718 14.02 -42.08 -45.37
N THR C 719 13.74 -41.10 -44.51
CA THR C 719 13.16 -39.83 -44.93
C THR C 719 13.86 -38.69 -44.19
N ILE C 720 13.82 -37.52 -44.81
CA ILE C 720 14.37 -36.29 -44.26
C ILE C 720 13.20 -35.41 -43.87
N SER C 721 13.06 -35.14 -42.58
CA SER C 721 11.93 -34.38 -42.05
C SER C 721 12.40 -33.03 -41.53
N VAL C 722 11.66 -31.98 -41.83
CA VAL C 722 11.96 -30.63 -41.35
C VAL C 722 10.94 -30.28 -40.28
N THR C 723 11.44 -29.96 -39.08
CA THR C 723 10.60 -29.64 -37.94
C THR C 723 10.81 -28.19 -37.53
N THR C 724 9.74 -27.59 -37.00
CA THR C 724 9.72 -26.17 -36.68
C THR C 724 9.78 -25.98 -35.16
N GLU C 725 10.62 -25.04 -34.72
CA GLU C 725 10.63 -24.60 -33.33
C GLU C 725 10.64 -23.09 -33.32
N ILE C 726 9.90 -22.48 -32.39
CA ILE C 726 9.81 -21.03 -32.27
C ILE C 726 10.18 -20.64 -30.85
N LEU C 727 11.08 -19.66 -30.72
CA LEU C 727 11.55 -19.23 -29.41
C LEU C 727 11.55 -17.71 -29.34
N PRO C 728 10.88 -17.11 -28.36
CA PRO C 728 10.96 -15.65 -28.20
C PRO C 728 12.37 -15.22 -27.85
N VAL C 729 12.75 -14.03 -28.31
CA VAL C 729 14.08 -13.48 -28.10
C VAL C 729 14.05 -12.29 -27.16
N SER C 730 13.20 -11.30 -27.45
CA SER C 730 13.11 -10.10 -26.64
C SER C 730 11.65 -9.63 -26.62
N MET C 731 11.44 -8.42 -26.13
CA MET C 731 10.11 -7.80 -26.10
C MET C 731 10.24 -6.36 -26.55
N THR C 732 9.13 -5.63 -26.51
CA THR C 732 9.15 -4.21 -26.82
C THR C 732 9.88 -3.44 -25.73
N LYS C 733 10.70 -2.48 -26.14
CA LYS C 733 11.48 -1.68 -25.20
C LYS C 733 10.62 -0.51 -24.74
N THR C 734 9.74 -0.81 -23.78
CA THR C 734 8.81 0.17 -23.24
C THR C 734 9.33 0.74 -21.93
N SER C 735 9.01 2.01 -21.66
CA SER C 735 9.39 2.67 -20.44
C SER C 735 8.31 3.67 -20.05
N VAL C 736 8.25 3.96 -18.75
CA VAL C 736 7.28 4.90 -18.19
C VAL C 736 8.02 5.94 -17.36
N ASP C 737 7.59 7.19 -17.47
CA ASP C 737 8.09 8.25 -16.61
C ASP C 737 7.24 8.25 -15.34
N CYS C 738 7.88 7.95 -14.21
CA CYS C 738 7.13 7.79 -12.95
C CYS C 738 6.43 9.08 -12.55
N THR C 739 7.13 10.21 -12.66
CA THR C 739 6.54 11.48 -12.25
C THR C 739 5.32 11.83 -13.10
N MET C 740 5.43 11.68 -14.41
CA MET C 740 4.31 12.01 -15.29
C MET C 740 3.15 11.02 -15.10
N TYR C 741 3.46 9.74 -14.91
CA TYR C 741 2.41 8.75 -14.70
C TYR C 741 1.65 9.02 -13.41
N ILE C 742 2.37 9.33 -12.32
CA ILE C 742 1.72 9.57 -11.05
C ILE C 742 0.94 10.88 -11.08
N CYS C 743 1.54 11.94 -11.61
CA CYS C 743 0.95 13.27 -11.61
C CYS C 743 0.92 13.82 -13.03
N GLY C 744 -0.25 14.27 -13.46
CA GLY C 744 -0.39 14.85 -14.78
C GLY C 744 0.02 16.31 -14.82
N ASP C 745 1.34 16.56 -14.78
CA ASP C 745 1.89 17.91 -14.79
C ASP C 745 1.33 18.76 -13.65
N SER C 746 1.27 18.17 -12.46
CA SER C 746 0.78 18.85 -11.26
C SER C 746 1.95 19.09 -10.32
N THR C 747 2.28 20.35 -10.09
CA THR C 747 3.41 20.68 -9.21
C THR C 747 3.14 20.24 -7.78
N GLU C 748 1.93 20.44 -7.28
CA GLU C 748 1.60 20.01 -5.92
C GLU C 748 1.68 18.50 -5.79
N CYS C 749 1.15 17.77 -6.78
CA CYS C 749 1.21 16.31 -6.74
C CYS C 749 2.66 15.83 -6.78
N SER C 750 3.49 16.47 -7.61
CA SER C 750 4.90 16.10 -7.65
C SER C 750 5.59 16.37 -6.32
N ASN C 751 5.27 17.50 -5.68
CA ASN C 751 5.87 17.81 -4.39
C ASN C 751 5.47 16.79 -3.33
N LEU C 752 4.19 16.38 -3.32
CA LEU C 752 3.76 15.34 -2.38
C LEU C 752 4.43 14.01 -2.70
N LEU C 753 4.58 13.68 -3.97
CA LEU C 753 5.26 12.44 -4.35
C LEU C 753 6.72 12.45 -3.93
N LEU C 754 7.35 13.63 -3.91
CA LEU C 754 8.75 13.72 -3.50
C LEU C 754 8.96 13.27 -2.07
N GLN C 755 7.93 13.42 -1.22
CA GLN C 755 8.05 12.98 0.17
C GLN C 755 8.19 11.48 0.30
N TYR C 756 7.78 10.71 -0.71
CA TYR C 756 7.89 9.26 -0.64
C TYR C 756 9.33 8.78 -0.72
N GLY C 757 10.22 9.54 -1.34
CA GLY C 757 11.60 9.15 -1.45
C GLY C 757 12.13 9.18 -2.86
N SER C 758 12.73 8.08 -3.30
CA SER C 758 13.31 7.96 -4.64
C SER C 758 12.79 6.70 -5.33
N PHE C 759 11.48 6.47 -5.21
CA PHE C 759 10.88 5.30 -5.85
C PHE C 759 10.88 5.42 -7.36
N CYS C 760 10.65 6.63 -7.88
CA CYS C 760 10.64 6.83 -9.33
C CYS C 760 12.01 6.54 -9.92
N THR C 761 13.08 6.98 -9.25
CA THR C 761 14.43 6.72 -9.75
C THR C 761 14.71 5.23 -9.80
N GLN C 762 14.31 4.50 -8.77
CA GLN C 762 14.52 3.05 -8.75
C GLN C 762 13.77 2.37 -9.87
N LEU C 763 12.51 2.78 -10.12
CA LEU C 763 11.73 2.19 -11.19
C LEU C 763 12.34 2.49 -12.55
N ASN C 764 12.82 3.73 -12.76
CA ASN C 764 13.46 4.08 -14.01
C ASN C 764 14.74 3.27 -14.21
N ARG C 765 15.52 3.08 -13.14
CA ARG C 765 16.73 2.27 -13.23
C ARG C 765 16.38 0.83 -13.57
N ALA C 766 15.31 0.29 -12.97
CA ALA C 766 14.89 -1.07 -13.27
C ALA C 766 14.47 -1.20 -14.74
N LEU C 767 13.73 -0.22 -15.25
CA LEU C 767 13.31 -0.26 -16.65
C LEU C 767 14.51 -0.16 -17.59
N THR C 768 15.48 0.69 -17.26
CA THR C 768 16.68 0.78 -18.08
C THR C 768 17.46 -0.53 -18.04
N GLY C 769 17.54 -1.16 -16.87
CA GLY C 769 18.20 -2.46 -16.80
C GLY C 769 17.47 -3.52 -17.61
N ILE C 770 16.13 -3.48 -17.61
CA ILE C 770 15.37 -4.42 -18.42
C ILE C 770 15.65 -4.20 -19.90
N ALA C 771 15.70 -2.94 -20.34
CA ALA C 771 16.00 -2.66 -21.73
C ALA C 771 17.40 -3.13 -22.11
N VAL C 772 18.38 -2.90 -21.22
CA VAL C 772 19.74 -3.36 -21.48
C VAL C 772 19.78 -4.88 -21.53
N GLU C 773 19.02 -5.54 -20.66
CA GLU C 773 18.95 -7.00 -20.68
C GLU C 773 18.36 -7.51 -21.98
N GLN C 774 17.32 -6.85 -22.49
CA GLN C 774 16.73 -7.25 -23.77
C GLN C 774 17.73 -7.08 -24.91
N ASP C 775 18.46 -5.96 -24.92
CA ASP C 775 19.47 -5.74 -25.94
C ASP C 775 20.57 -6.79 -25.86
N LYS C 776 21.03 -7.12 -24.65
CA LYS C 776 22.04 -8.15 -24.49
C LYS C 776 21.52 -9.50 -24.93
N ASN C 777 20.25 -9.80 -24.66
CA ASN C 777 19.67 -11.07 -25.05
C ASN C 777 19.63 -11.20 -26.57
N THR C 778 19.16 -10.17 -27.26
CA THR C 778 19.10 -10.25 -28.72
C THR C 778 20.50 -10.30 -29.32
N GLN C 779 21.45 -9.56 -28.73
CA GLN C 779 22.83 -9.62 -29.20
C GLN C 779 23.42 -11.01 -29.05
N GLU C 780 23.18 -11.66 -27.90
CA GLU C 780 23.68 -13.01 -27.70
C GLU C 780 22.98 -14.01 -28.60
N VAL C 781 21.69 -13.82 -28.86
CA VAL C 781 20.94 -14.75 -29.70
C VAL C 781 21.41 -14.68 -31.15
N PHE C 782 21.56 -13.47 -31.69
CA PHE C 782 21.85 -13.32 -33.11
C PHE C 782 23.30 -12.98 -33.41
N ALA C 783 23.85 -11.94 -32.77
CA ALA C 783 25.24 -11.52 -33.00
C ALA C 783 26.21 -12.48 -32.31
N GLN C 784 26.67 -13.46 -33.09
CA GLN C 784 27.62 -14.45 -32.60
C GLN C 784 28.82 -14.64 -33.52
N VAL C 785 28.70 -14.27 -34.79
CA VAL C 785 29.76 -14.45 -35.77
C VAL C 785 30.37 -13.09 -36.08
N LYS C 786 31.70 -13.05 -36.13
CA LYS C 786 32.40 -11.76 -36.26
C LYS C 786 32.27 -11.19 -37.67
N GLN C 787 32.22 -12.03 -38.69
CA GLN C 787 32.24 -11.59 -40.07
C GLN C 787 30.98 -12.05 -40.80
N ILE C 788 30.50 -11.21 -41.71
CA ILE C 788 29.31 -11.54 -42.49
C ILE C 788 29.69 -12.44 -43.65
N TYR C 789 28.98 -13.54 -43.81
CA TYR C 789 29.17 -14.46 -44.92
C TYR C 789 28.08 -14.27 -45.96
N LYS C 790 28.45 -14.42 -47.23
CA LYS C 790 27.53 -14.25 -48.34
C LYS C 790 27.54 -15.51 -49.21
N THR C 791 26.36 -15.92 -49.64
CA THR C 791 26.23 -17.10 -50.48
C THR C 791 26.83 -16.82 -51.86
N PRO C 792 27.34 -17.85 -52.54
CA PRO C 792 27.84 -17.65 -53.90
C PRO C 792 26.70 -17.30 -54.82
N PRO C 793 26.97 -16.54 -55.89
CA PRO C 793 25.91 -16.19 -56.85
C PRO C 793 25.29 -17.39 -57.53
N ILE C 794 26.03 -18.49 -57.69
CA ILE C 794 25.52 -19.70 -58.31
C ILE C 794 25.13 -20.70 -57.23
N LYS C 795 23.95 -21.28 -57.35
CA LYS C 795 23.42 -22.24 -56.38
C LYS C 795 23.59 -23.64 -56.95
N ASP C 796 24.73 -24.26 -56.64
CA ASP C 796 25.04 -25.62 -57.07
C ASP C 796 25.39 -26.44 -55.82
N PHE C 797 24.35 -27.02 -55.20
CA PHE C 797 24.51 -27.80 -53.98
C PHE C 797 24.07 -29.25 -54.18
N GLY C 798 24.12 -29.73 -55.41
CA GLY C 798 23.74 -31.10 -55.68
C GLY C 798 22.26 -31.37 -55.74
N GLY C 799 21.44 -30.33 -55.95
CA GLY C 799 20.01 -30.47 -56.05
C GLY C 799 19.24 -29.88 -54.89
N PHE C 800 19.90 -29.61 -53.77
CA PHE C 800 19.24 -29.01 -52.62
C PHE C 800 18.85 -27.57 -52.94
N ASN C 801 17.65 -27.17 -52.54
CA ASN C 801 17.12 -25.85 -52.84
C ASN C 801 17.16 -24.97 -51.60
N PHE C 802 17.78 -23.79 -51.73
CA PHE C 802 17.87 -22.83 -50.63
C PHE C 802 17.28 -21.47 -51.00
N SER C 803 16.51 -21.39 -52.08
CA SER C 803 15.94 -20.11 -52.49
C SER C 803 14.96 -19.57 -51.45
N GLN C 804 14.14 -20.45 -50.88
CA GLN C 804 13.17 -20.02 -49.88
C GLN C 804 13.81 -19.70 -48.54
N ILE C 805 15.08 -20.08 -48.35
CA ILE C 805 15.77 -19.84 -47.09
C ILE C 805 16.70 -18.65 -47.24
N LEU C 806 17.30 -18.50 -48.42
CA LEU C 806 18.17 -17.37 -48.69
C LEU C 806 17.36 -16.12 -48.98
N PRO C 807 17.89 -14.94 -48.63
CA PRO C 807 17.15 -13.70 -48.91
C PRO C 807 16.99 -13.46 -50.41
N ASP C 808 15.91 -12.77 -50.77
CA ASP C 808 15.63 -12.46 -52.16
C ASP C 808 15.94 -10.98 -52.40
N PRO C 809 16.94 -10.66 -53.23
CA PRO C 809 17.26 -9.24 -53.49
C PRO C 809 16.16 -8.49 -54.20
N SER C 810 15.23 -9.18 -54.87
CA SER C 810 14.18 -8.49 -55.62
C SER C 810 13.29 -7.65 -54.70
N LYS C 811 12.95 -8.18 -53.54
CA LYS C 811 12.13 -7.44 -52.60
C LYS C 811 12.90 -6.23 -52.07
N PRO C 812 12.19 -5.13 -51.73
CA PRO C 812 12.89 -3.96 -51.17
C PRO C 812 13.65 -4.27 -49.90
N SER C 813 13.14 -5.20 -49.08
CA SER C 813 13.83 -5.64 -47.88
C SER C 813 14.59 -6.93 -48.20
N LYS C 814 15.88 -6.95 -47.88
CA LYS C 814 16.70 -8.13 -48.16
C LYS C 814 16.37 -9.25 -47.18
N ARG C 815 15.24 -9.91 -47.38
CA ARG C 815 14.75 -10.94 -46.47
C ARG C 815 14.31 -12.17 -47.27
N SER C 816 14.38 -13.32 -46.61
CA SER C 816 13.99 -14.57 -47.24
C SER C 816 12.47 -14.65 -47.38
N PHE C 817 12.02 -15.65 -48.15
CA PHE C 817 10.58 -15.84 -48.34
C PHE C 817 9.90 -16.21 -47.02
N ILE C 818 10.45 -17.20 -46.31
CA ILE C 818 9.85 -17.62 -45.04
C ILE C 818 9.95 -16.51 -44.01
N GLU C 819 11.09 -15.80 -43.98
CA GLU C 819 11.26 -14.72 -43.02
C GLU C 819 10.25 -13.60 -43.28
N ASP C 820 10.05 -13.25 -44.56
CA ASP C 820 9.07 -12.23 -44.89
C ASP C 820 7.65 -12.68 -44.57
N LEU C 821 7.36 -13.96 -44.79
CA LEU C 821 6.05 -14.49 -44.44
C LEU C 821 5.80 -14.40 -42.93
N LEU C 822 6.82 -14.74 -42.14
CA LEU C 822 6.68 -14.62 -40.69
C LEU C 822 6.52 -13.17 -40.27
N PHE C 823 7.28 -12.26 -40.89
CA PHE C 823 7.19 -10.85 -40.55
C PHE C 823 5.81 -10.29 -40.87
N ASN C 824 5.25 -10.66 -42.02
CA ASN C 824 3.93 -10.19 -42.41
C ASN C 824 2.83 -10.78 -41.55
N LYS C 825 3.06 -11.94 -40.94
CA LYS C 825 2.04 -12.55 -40.08
C LYS C 825 1.82 -11.74 -38.82
N VAL C 826 2.88 -11.18 -38.24
CA VAL C 826 2.80 -10.39 -37.02
C VAL C 826 3.29 -8.98 -37.36
N THR C 827 2.36 -8.06 -37.56
CA THR C 827 2.69 -6.69 -37.89
C THR C 827 2.12 -5.71 -36.88
N LYS C 854 0.36 6.21 -25.10
CA LYS C 854 1.45 7.19 -25.19
C LYS C 854 1.06 8.49 -24.51
N PHE C 855 -0.23 8.63 -24.20
CA PHE C 855 -0.73 9.85 -23.55
C PHE C 855 -0.34 9.92 -22.08
N ASN C 856 0.08 8.81 -21.49
CA ASN C 856 0.38 8.74 -20.06
C ASN C 856 1.86 8.49 -19.81
N GLY C 857 2.71 9.20 -20.54
CA GLY C 857 4.15 9.06 -20.37
C GLY C 857 4.71 7.71 -20.75
N LEU C 858 4.28 7.17 -21.89
CA LEU C 858 4.78 5.90 -22.41
C LEU C 858 5.80 6.17 -23.50
N THR C 859 7.01 5.63 -23.34
CA THR C 859 8.08 5.80 -24.32
C THR C 859 8.46 4.44 -24.87
N VAL C 860 8.56 4.37 -26.20
CA VAL C 860 8.96 3.14 -26.89
C VAL C 860 10.29 3.41 -27.58
N LEU C 861 11.30 2.61 -27.24
CA LEU C 861 12.62 2.79 -27.81
C LEU C 861 12.90 1.70 -28.85
N PRO C 862 13.72 2.00 -29.85
CA PRO C 862 14.07 0.99 -30.83
C PRO C 862 14.86 -0.13 -30.19
N PRO C 863 14.77 -1.35 -30.73
CA PRO C 863 15.45 -2.48 -30.10
C PRO C 863 16.96 -2.49 -30.35
N LEU C 864 17.49 -1.39 -30.89
CA LEU C 864 18.92 -1.17 -31.10
C LEU C 864 19.44 -2.04 -32.24
N LEU C 865 18.60 -2.94 -32.75
CA LEU C 865 18.95 -3.78 -33.89
C LEU C 865 17.76 -3.79 -34.84
N THR C 866 17.94 -3.23 -36.02
CA THR C 866 16.85 -3.15 -36.98
C THR C 866 16.53 -4.54 -37.55
N ASP C 867 15.30 -4.68 -38.05
CA ASP C 867 14.91 -5.93 -38.70
C ASP C 867 15.80 -6.23 -39.89
N GLU C 868 16.25 -5.20 -40.61
CA GLU C 868 17.19 -5.41 -41.70
C GLU C 868 18.50 -5.99 -41.20
N MET C 869 18.98 -5.49 -40.06
CA MET C 869 20.23 -6.02 -39.49
C MET C 869 20.06 -7.45 -39.02
N ILE C 870 18.91 -7.77 -38.43
CA ILE C 870 18.66 -9.15 -37.99
C ILE C 870 18.60 -10.08 -39.20
N ALA C 871 17.94 -9.63 -40.27
CA ALA C 871 17.90 -10.43 -41.50
C ALA C 871 19.30 -10.60 -42.08
N GLN C 872 20.11 -9.55 -42.02
CA GLN C 872 21.50 -9.64 -42.48
C GLN C 872 22.28 -10.67 -41.68
N TYR C 873 22.10 -10.68 -40.36
CA TYR C 873 22.80 -11.66 -39.53
C TYR C 873 22.32 -13.07 -39.83
N THR C 874 21.03 -13.24 -40.04
CA THR C 874 20.51 -14.56 -40.41
C THR C 874 21.08 -15.03 -41.75
N SER C 875 21.16 -14.12 -42.72
CA SER C 875 21.75 -14.46 -44.01
C SER C 875 23.21 -14.83 -43.86
N ALA C 876 23.95 -14.10 -43.01
CA ALA C 876 25.36 -14.42 -42.78
C ALA C 876 25.50 -15.80 -42.15
N LEU C 877 24.66 -16.12 -41.18
CA LEU C 877 24.70 -17.44 -40.56
C LEU C 877 24.41 -18.53 -41.56
N LEU C 878 23.39 -18.32 -42.40
CA LEU C 878 23.02 -19.33 -43.39
C LEU C 878 24.12 -19.53 -44.42
N ALA C 879 24.71 -18.44 -44.91
CA ALA C 879 25.80 -18.56 -45.87
C ALA C 879 27.01 -19.24 -45.25
N GLY C 880 27.33 -18.88 -44.00
CA GLY C 880 28.47 -19.51 -43.35
C GLY C 880 28.28 -21.01 -43.16
N THR C 881 27.11 -21.41 -42.66
CA THR C 881 26.88 -22.84 -42.47
C THR C 881 26.81 -23.58 -43.79
N ILE C 882 26.26 -22.96 -44.84
CA ILE C 882 26.19 -23.61 -46.14
C ILE C 882 27.58 -23.81 -46.72
N THR C 883 28.45 -22.79 -46.61
CA THR C 883 29.76 -22.84 -47.24
C THR C 883 30.85 -23.47 -46.38
N SER C 884 30.58 -23.74 -45.10
CA SER C 884 31.62 -24.31 -44.26
C SER C 884 31.14 -25.39 -43.30
N GLY C 885 29.92 -25.91 -43.45
CA GLY C 885 29.44 -26.90 -42.51
C GLY C 885 29.37 -26.34 -41.11
N TRP C 886 30.00 -27.04 -40.17
CA TRP C 886 30.09 -26.59 -38.79
C TRP C 886 31.43 -25.95 -38.45
N THR C 887 32.34 -25.85 -39.43
CA THR C 887 33.68 -25.33 -39.14
C THR C 887 33.67 -23.81 -38.97
N PHE C 888 32.74 -23.12 -39.64
CA PHE C 888 32.72 -21.66 -39.59
C PHE C 888 32.48 -21.11 -38.19
N GLY C 889 31.84 -21.88 -37.31
CA GLY C 889 31.59 -21.43 -35.96
C GLY C 889 32.67 -21.86 -34.99
N ALA C 890 33.79 -22.34 -35.51
CA ALA C 890 34.90 -22.85 -34.71
C ALA C 890 36.22 -22.26 -35.17
N GLY C 891 36.25 -20.95 -35.35
CA GLY C 891 37.48 -20.28 -35.74
C GLY C 891 37.43 -19.70 -37.14
N ALA C 892 38.21 -20.28 -38.05
CA ALA C 892 38.29 -19.82 -39.43
C ALA C 892 37.45 -20.71 -40.32
N ALA C 893 36.55 -20.11 -41.08
CA ALA C 893 35.68 -20.88 -41.97
C ALA C 893 36.49 -21.47 -43.12
N LEU C 894 36.18 -22.71 -43.46
CA LEU C 894 36.85 -23.43 -44.55
C LEU C 894 35.82 -23.75 -45.62
N GLN C 895 36.15 -23.40 -46.87
CA GLN C 895 35.26 -23.70 -47.99
C GLN C 895 35.10 -25.21 -48.16
N ILE C 896 33.87 -25.66 -48.31
CA ILE C 896 33.59 -27.09 -48.45
C ILE C 896 32.25 -27.27 -49.16
N PRO C 897 32.16 -28.19 -50.12
CA PRO C 897 30.88 -28.39 -50.81
C PRO C 897 29.79 -28.96 -49.90
N PHE C 898 28.56 -28.58 -50.22
CA PHE C 898 27.41 -29.02 -49.46
C PHE C 898 27.29 -30.54 -49.44
N ALA C 899 27.63 -31.20 -50.55
CA ALA C 899 27.55 -32.65 -50.59
C ALA C 899 28.49 -33.28 -49.58
N MET C 900 29.73 -32.79 -49.50
CA MET C 900 30.68 -33.35 -48.55
C MET C 900 30.28 -33.04 -47.11
N GLN C 901 29.83 -31.81 -46.84
CA GLN C 901 29.45 -31.50 -45.46
C GLN C 901 28.21 -32.28 -45.04
N MET C 902 27.27 -32.51 -45.96
CA MET C 902 26.11 -33.34 -45.65
C MET C 902 26.52 -34.79 -45.45
N ALA C 903 27.50 -35.28 -46.21
CA ALA C 903 28.02 -36.62 -45.97
C ALA C 903 28.62 -36.74 -44.58
N TYR C 904 29.34 -35.70 -44.14
CA TYR C 904 29.83 -35.68 -42.76
C TYR C 904 28.68 -35.66 -41.76
N ARG C 905 27.61 -34.92 -42.07
CA ARG C 905 26.44 -34.90 -41.19
C ARG C 905 25.85 -36.30 -41.03
N PHE C 906 25.70 -37.03 -42.14
CA PHE C 906 25.23 -38.42 -42.05
C PHE C 906 26.24 -39.30 -41.30
N ASN C 907 27.54 -39.03 -41.48
CA ASN C 907 28.55 -39.78 -40.74
C ASN C 907 28.43 -39.53 -39.24
N GLY C 908 27.93 -38.36 -38.85
CA GLY C 908 27.80 -38.03 -37.45
C GLY C 908 26.67 -38.74 -36.72
N ILE C 909 25.70 -39.27 -37.47
CA ILE C 909 24.56 -39.96 -36.88
C ILE C 909 24.68 -41.48 -36.98
N GLY C 910 25.91 -41.98 -37.13
CA GLY C 910 26.12 -43.41 -37.19
C GLY C 910 25.70 -44.07 -38.49
N VAL C 911 25.63 -43.32 -39.58
CA VAL C 911 25.26 -43.84 -40.88
C VAL C 911 26.41 -43.59 -41.84
N THR C 912 26.80 -44.63 -42.57
CA THR C 912 27.89 -44.50 -43.54
C THR C 912 27.53 -43.50 -44.63
N GLN C 913 28.52 -42.72 -45.05
CA GLN C 913 28.28 -41.64 -46.00
C GLN C 913 27.98 -42.13 -47.42
N ASN C 914 28.23 -43.41 -47.72
CA ASN C 914 28.00 -43.91 -49.07
C ASN C 914 26.53 -43.85 -49.44
N VAL C 915 25.63 -43.87 -48.46
CA VAL C 915 24.20 -43.82 -48.74
C VAL C 915 23.82 -42.50 -49.41
N LEU C 916 24.46 -41.41 -49.01
CA LEU C 916 24.19 -40.11 -49.64
C LEU C 916 24.48 -40.17 -51.13
N TYR C 917 25.69 -40.61 -51.50
CA TYR C 917 26.03 -40.67 -52.92
C TYR C 917 25.21 -41.73 -53.65
N GLU C 918 24.74 -42.75 -52.93
CA GLU C 918 23.82 -43.72 -53.54
C GLU C 918 22.48 -43.08 -53.89
N ASN C 919 21.97 -42.19 -53.04
CA ASN C 919 20.66 -41.58 -53.22
C ASN C 919 20.73 -40.07 -53.02
N GLN C 920 21.71 -39.43 -53.68
CA GLN C 920 21.85 -37.98 -53.56
C GLN C 920 20.65 -37.25 -54.16
N LYS C 921 20.22 -37.68 -55.34
CA LYS C 921 19.05 -37.06 -55.98
C LYS C 921 17.80 -37.25 -55.13
N LEU C 922 17.60 -38.46 -54.60
CA LEU C 922 16.44 -38.72 -53.76
C LEU C 922 16.47 -37.87 -52.49
N ILE C 923 17.64 -37.75 -51.86
CA ILE C 923 17.74 -36.96 -50.63
C ILE C 923 17.48 -35.49 -50.93
N ALA C 924 18.04 -34.97 -52.02
CA ALA C 924 17.80 -33.57 -52.38
C ALA C 924 16.33 -33.32 -52.70
N ASN C 925 15.69 -34.25 -53.42
CA ASN C 925 14.28 -34.09 -53.74
C ASN C 925 13.43 -34.13 -52.48
N GLN C 926 13.74 -35.03 -51.55
CA GLN C 926 13.00 -35.09 -50.29
C GLN C 926 13.18 -33.82 -49.49
N PHE C 927 14.40 -33.28 -49.45
CA PHE C 927 14.65 -32.03 -48.72
C PHE C 927 13.88 -30.87 -49.34
N ASN C 928 13.88 -30.78 -50.67
CA ASN C 928 13.13 -29.71 -51.33
C ASN C 928 11.64 -29.85 -51.10
N SER C 929 11.13 -31.08 -51.15
CA SER C 929 9.70 -31.31 -50.88
C SER C 929 9.34 -30.92 -49.46
N ALA C 930 10.21 -31.25 -48.50
CA ALA C 930 9.96 -30.87 -47.11
C ALA C 930 10.00 -29.36 -46.94
N ILE C 931 10.92 -28.68 -47.63
CA ILE C 931 10.98 -27.22 -47.57
C ILE C 931 9.69 -26.61 -48.12
N GLY C 932 9.23 -27.13 -49.26
CA GLY C 932 7.97 -26.64 -49.80
C GLY C 932 6.79 -26.90 -48.87
N LYS C 933 6.77 -28.08 -48.25
CA LYS C 933 5.69 -28.42 -47.33
C LYS C 933 5.68 -27.49 -46.13
N ILE C 934 6.84 -27.23 -45.54
CA ILE C 934 6.91 -26.34 -44.38
C ILE C 934 6.54 -24.92 -44.79
N GLN C 935 6.95 -24.50 -45.99
CA GLN C 935 6.60 -23.16 -46.46
C GLN C 935 5.09 -23.01 -46.61
N ASP C 936 4.43 -23.99 -47.24
CA ASP C 936 2.98 -23.87 -47.41
C ASP C 936 2.25 -24.03 -46.09
N SER C 937 2.78 -24.84 -45.17
CA SER C 937 2.18 -24.95 -43.85
C SER C 937 2.24 -23.63 -43.10
N LEU C 938 3.39 -22.95 -43.17
CA LEU C 938 3.51 -21.63 -42.55
C LEU C 938 2.58 -20.63 -43.22
N SER C 939 2.45 -20.70 -44.55
CA SER C 939 1.57 -19.79 -45.26
C SER C 939 0.11 -19.99 -44.86
N SER C 940 -0.33 -21.24 -44.75
CA SER C 940 -1.73 -21.54 -44.49
C SER C 940 -2.07 -21.65 -43.01
N THR C 941 -1.09 -21.57 -42.12
CA THR C 941 -1.32 -21.67 -40.69
C THR C 941 -0.88 -20.38 -40.01
N ALA C 942 -1.77 -19.82 -39.18
CA ALA C 942 -1.47 -18.60 -38.44
C ALA C 942 -1.17 -18.85 -36.97
N SER C 943 -1.35 -20.08 -36.48
CA SER C 943 -1.09 -20.41 -35.09
C SER C 943 0.32 -20.88 -34.84
N ALA C 944 1.17 -20.92 -35.87
CA ALA C 944 2.56 -21.35 -35.68
C ALA C 944 3.33 -20.33 -34.85
N LEU C 945 2.89 -19.07 -34.85
CA LEU C 945 3.52 -18.01 -34.07
C LEU C 945 2.86 -17.81 -32.71
N GLY C 946 2.36 -18.89 -32.11
CA GLY C 946 1.59 -18.76 -30.89
C GLY C 946 2.36 -18.15 -29.74
N LYS C 947 3.63 -18.53 -29.58
CA LYS C 947 4.43 -18.01 -28.47
C LYS C 947 4.65 -16.52 -28.60
N LEU C 948 5.07 -16.07 -29.79
CA LEU C 948 5.29 -14.64 -30.01
C LEU C 948 3.98 -13.86 -29.87
N GLN C 949 2.89 -14.40 -30.40
CA GLN C 949 1.60 -13.73 -30.30
C GLN C 949 1.18 -13.60 -28.84
N ASP C 950 1.37 -14.66 -28.06
CA ASP C 950 1.02 -14.60 -26.63
C ASP C 950 1.89 -13.59 -25.89
N VAL C 951 3.18 -13.54 -26.21
CA VAL C 951 4.06 -12.57 -25.55
C VAL C 951 3.61 -11.15 -25.86
N VAL C 952 3.33 -10.87 -27.14
CA VAL C 952 2.89 -9.54 -27.54
C VAL C 952 1.56 -9.19 -26.89
N ASN C 953 0.63 -10.14 -26.87
CA ASN C 953 -0.68 -9.91 -26.26
C ASN C 953 -0.55 -9.63 -24.77
N GLN C 954 0.31 -10.37 -24.07
CA GLN C 954 0.52 -10.14 -22.65
C GLN C 954 1.12 -8.77 -22.40
N ASN C 955 2.11 -8.37 -23.20
CA ASN C 955 2.70 -7.05 -23.03
C ASN C 955 1.68 -5.95 -23.28
N ALA C 956 0.87 -6.09 -24.33
CA ALA C 956 -0.15 -5.10 -24.63
C ALA C 956 -1.22 -5.05 -23.54
N GLN C 957 -1.60 -6.21 -22.99
CA GLN C 957 -2.56 -6.24 -21.91
C GLN C 957 -2.03 -5.53 -20.67
N ALA C 958 -0.77 -5.78 -20.33
CA ALA C 958 -0.17 -5.10 -19.18
C ALA C 958 -0.12 -3.59 -19.42
N LEU C 959 0.28 -3.18 -20.63
CA LEU C 959 0.38 -1.75 -20.92
C LEU C 959 -0.98 -1.06 -20.84
N ASN C 960 -2.01 -1.65 -21.45
CA ASN C 960 -3.31 -1.01 -21.44
C ASN C 960 -3.95 -1.05 -20.06
N THR C 961 -3.70 -2.11 -19.28
CA THR C 961 -4.18 -2.13 -17.90
C THR C 961 -3.53 -1.03 -17.08
N LEU C 962 -2.21 -0.85 -17.23
CA LEU C 962 -1.53 0.23 -16.52
C LEU C 962 -2.06 1.59 -16.95
N VAL C 963 -2.36 1.75 -18.24
CA VAL C 963 -2.91 3.01 -18.73
C VAL C 963 -4.29 3.26 -18.12
N LYS C 964 -5.15 2.24 -18.10
CA LYS C 964 -6.53 2.43 -17.66
C LYS C 964 -6.65 2.47 -16.14
N GLN C 965 -5.61 2.08 -15.40
CA GLN C 965 -5.68 2.17 -13.95
C GLN C 965 -5.78 3.61 -13.46
N LEU C 966 -5.39 4.58 -14.28
CA LEU C 966 -5.53 5.98 -13.88
C LEU C 966 -6.98 6.41 -13.76
N SER C 967 -7.91 5.68 -14.39
CA SER C 967 -9.32 6.04 -14.29
C SER C 967 -9.89 5.72 -12.92
N SER C 968 -9.35 4.72 -12.23
CA SER C 968 -9.85 4.35 -10.92
C SER C 968 -9.54 5.44 -9.90
N ASN C 969 -10.52 5.71 -9.04
CA ASN C 969 -10.39 6.74 -8.02
C ASN C 969 -9.50 6.31 -6.85
N PHE C 970 -9.36 5.01 -6.61
CA PHE C 970 -8.57 4.49 -5.49
C PHE C 970 -9.07 5.04 -4.15
N GLY C 971 -10.39 5.17 -4.03
CA GLY C 971 -11.00 5.68 -2.82
C GLY C 971 -11.17 7.18 -2.79
N ALA C 972 -10.63 7.91 -3.76
CA ALA C 972 -10.78 9.36 -3.80
C ALA C 972 -12.13 9.74 -4.40
N ILE C 973 -12.46 11.02 -4.28
CA ILE C 973 -13.71 11.53 -4.84
C ILE C 973 -13.70 11.46 -6.36
N SER C 974 -12.54 11.71 -6.97
CA SER C 974 -12.41 11.69 -8.41
C SER C 974 -11.00 11.28 -8.78
N SER C 975 -10.81 10.95 -10.06
CA SER C 975 -9.52 10.51 -10.58
C SER C 975 -8.83 11.60 -11.41
N VAL C 976 -9.24 12.86 -11.24
CA VAL C 976 -8.66 13.98 -11.97
C VAL C 976 -7.97 14.89 -10.98
N LEU C 977 -6.67 15.09 -11.16
CA LEU C 977 -5.90 15.92 -10.23
C LEU C 977 -6.38 17.37 -10.26
N ASN C 978 -6.61 17.91 -11.46
CA ASN C 978 -7.09 19.29 -11.57
C ASN C 978 -8.47 19.45 -10.94
N ASP C 979 -9.37 18.50 -11.17
CA ASP C 979 -10.69 18.57 -10.58
C ASP C 979 -10.62 18.48 -9.07
N ILE C 980 -9.75 17.62 -8.54
CA ILE C 980 -9.60 17.51 -7.09
C ILE C 980 -9.06 18.81 -6.51
N LEU C 981 -8.04 19.38 -7.15
CA LEU C 981 -7.43 20.61 -6.62
C LEU C 981 -8.40 21.78 -6.68
N SER C 982 -9.16 21.91 -7.78
CA SER C 982 -10.05 23.04 -7.92
C SER C 982 -11.28 22.92 -7.03
N ARG C 983 -11.87 21.73 -6.94
CA ARG C 983 -13.11 21.57 -6.21
C ARG C 983 -12.91 21.67 -4.70
N LEU C 984 -11.88 21.00 -4.19
CA LEU C 984 -11.66 20.89 -2.75
C LEU C 984 -10.59 21.87 -2.29
N ASP C 985 -10.69 22.26 -1.03
CA ASP C 985 -9.67 23.09 -0.40
C ASP C 985 -8.38 22.30 -0.23
N PRO C 986 -7.25 22.99 -0.12
CA PRO C 986 -5.96 22.30 0.01
C PRO C 986 -5.91 21.31 1.17
N PRO C 987 -6.52 21.61 2.33
CA PRO C 987 -6.46 20.61 3.42
C PRO C 987 -6.98 19.24 3.06
N GLU C 988 -8.05 19.16 2.26
CA GLU C 988 -8.55 17.86 1.81
C GLU C 988 -7.90 17.41 0.51
N ALA C 989 -7.46 18.36 -0.32
CA ALA C 989 -6.74 18.00 -1.54
C ALA C 989 -5.45 17.28 -1.21
N GLU C 990 -4.82 17.60 -0.08
CA GLU C 990 -3.62 16.88 0.33
C GLU C 990 -3.89 15.38 0.49
N VAL C 991 -4.93 15.03 1.25
CA VAL C 991 -5.22 13.62 1.48
C VAL C 991 -5.74 12.95 0.21
N GLN C 992 -6.49 13.69 -0.62
CA GLN C 992 -6.95 13.12 -1.88
C GLN C 992 -5.77 12.79 -2.80
N ILE C 993 -4.82 13.72 -2.91
CA ILE C 993 -3.63 13.48 -3.72
C ILE C 993 -2.80 12.35 -3.12
N ASP C 994 -2.74 12.26 -1.80
CA ASP C 994 -2.01 11.17 -1.17
C ASP C 994 -2.62 9.82 -1.52
N ARG C 995 -3.96 9.72 -1.46
CA ARG C 995 -4.62 8.46 -1.81
C ARG C 995 -4.40 8.10 -3.27
N LEU C 996 -4.54 9.10 -4.16
CA LEU C 996 -4.33 8.84 -5.58
C LEU C 996 -2.89 8.41 -5.86
N ILE C 997 -1.93 9.07 -5.21
CA ILE C 997 -0.52 8.72 -5.38
C ILE C 997 -0.25 7.31 -4.88
N THR C 998 -0.84 6.94 -3.74
CA THR C 998 -0.66 5.59 -3.21
C THR C 998 -1.21 4.55 -4.18
N GLY C 999 -2.41 4.78 -4.70
CA GLY C 999 -3.00 3.82 -5.63
C GLY C 999 -2.20 3.69 -6.91
N ARG C 1000 -1.82 4.83 -7.51
CA ARG C 1000 -1.04 4.78 -8.75
C ARG C 1000 0.35 4.19 -8.52
N LEU C 1001 0.95 4.44 -7.36
CA LEU C 1001 2.24 3.85 -7.04
C LEU C 1001 2.14 2.35 -6.88
N GLN C 1002 1.07 1.86 -6.24
CA GLN C 1002 0.87 0.42 -6.14
C GLN C 1002 0.69 -0.21 -7.51
N SER C 1003 -0.08 0.45 -8.38
CA SER C 1003 -0.25 -0.05 -9.74
C SER C 1003 1.08 -0.09 -10.49
N LEU C 1004 1.89 0.96 -10.34
CA LEU C 1004 3.19 1.00 -10.99
C LEU C 1004 4.12 -0.08 -10.45
N GLN C 1005 4.08 -0.31 -9.13
CA GLN C 1005 4.92 -1.34 -8.54
C GLN C 1005 4.55 -2.73 -9.05
N THR C 1006 3.25 -3.04 -9.11
CA THR C 1006 2.88 -4.37 -9.61
C THR C 1006 3.16 -4.50 -11.10
N TYR C 1007 3.01 -3.42 -11.87
CA TYR C 1007 3.37 -3.45 -13.28
C TYR C 1007 4.86 -3.71 -13.46
N VAL C 1008 5.69 -3.04 -12.65
CA VAL C 1008 7.14 -3.23 -12.77
C VAL C 1008 7.53 -4.63 -12.32
N THR C 1009 6.87 -5.16 -11.29
CA THR C 1009 7.16 -6.52 -10.85
C THR C 1009 6.85 -7.54 -11.94
N GLN C 1010 5.67 -7.43 -12.55
CA GLN C 1010 5.34 -8.38 -13.61
C GLN C 1010 6.21 -8.16 -14.84
N GLN C 1011 6.62 -6.93 -15.12
CA GLN C 1011 7.55 -6.68 -16.20
C GLN C 1011 8.90 -7.34 -15.93
N LEU C 1012 9.38 -7.27 -14.69
CA LEU C 1012 10.63 -7.92 -14.33
C LEU C 1012 10.53 -9.43 -14.45
N ILE C 1013 9.39 -10.00 -14.04
CA ILE C 1013 9.20 -11.45 -14.18
C ILE C 1013 9.20 -11.83 -15.65
N ARG C 1014 8.50 -11.06 -16.49
CA ARG C 1014 8.49 -11.33 -17.91
C ARG C 1014 9.88 -11.19 -18.52
N ALA C 1015 10.64 -10.20 -18.05
CA ALA C 1015 12.01 -10.01 -18.53
C ALA C 1015 12.89 -11.20 -18.17
N ALA C 1016 12.74 -11.72 -16.96
CA ALA C 1016 13.50 -12.91 -16.57
C ALA C 1016 13.12 -14.11 -17.42
N GLU C 1017 11.82 -14.29 -17.67
CA GLU C 1017 11.38 -15.39 -18.53
C GLU C 1017 11.93 -15.25 -19.94
N ILE C 1018 11.91 -14.03 -20.48
CA ILE C 1018 12.42 -13.80 -21.82
C ILE C 1018 13.93 -13.99 -21.86
N ARG C 1019 14.63 -13.63 -20.79
CA ARG C 1019 16.07 -13.86 -20.72
C ARG C 1019 16.38 -15.36 -20.73
N ALA C 1020 15.60 -16.15 -19.97
CA ALA C 1020 15.79 -17.60 -20.00
C ALA C 1020 15.51 -18.16 -21.38
N SER C 1021 14.43 -17.69 -22.02
CA SER C 1021 14.10 -18.16 -23.36
C SER C 1021 15.20 -17.79 -24.37
N ALA C 1022 15.75 -16.58 -24.24
CA ALA C 1022 16.81 -16.15 -25.14
C ALA C 1022 18.10 -16.94 -24.91
N ASN C 1023 18.40 -17.26 -23.65
CA ASN C 1023 19.55 -18.11 -23.37
C ASN C 1023 19.37 -19.49 -24.00
N LEU C 1024 18.17 -20.05 -23.88
CA LEU C 1024 17.89 -21.34 -24.52
C LEU C 1024 18.02 -21.23 -26.04
N ALA C 1025 17.51 -20.14 -26.61
CA ALA C 1025 17.60 -19.95 -28.05
C ALA C 1025 19.05 -19.81 -28.51
N ALA C 1026 19.87 -19.10 -27.75
CA ALA C 1026 21.28 -18.96 -28.10
C ALA C 1026 22.00 -20.29 -28.00
N THR C 1027 21.70 -21.08 -26.96
CA THR C 1027 22.30 -22.40 -26.84
C THR C 1027 21.89 -23.30 -28.01
N LYS C 1028 20.62 -23.27 -28.38
CA LYS C 1028 20.16 -24.06 -29.52
C LYS C 1028 20.80 -23.58 -30.81
N MET C 1029 20.97 -22.27 -30.97
CA MET C 1029 21.70 -21.73 -32.12
C MET C 1029 23.10 -22.31 -32.17
N SER C 1030 23.85 -22.21 -31.07
CA SER C 1030 25.24 -22.63 -31.07
C SER C 1030 25.37 -24.15 -31.27
N GLU C 1031 24.36 -24.90 -30.84
CA GLU C 1031 24.44 -26.35 -30.97
C GLU C 1031 23.98 -26.83 -32.35
N CYS C 1032 22.75 -26.49 -32.73
CA CYS C 1032 22.18 -27.00 -33.98
C CYS C 1032 22.79 -26.33 -35.21
N VAL C 1033 22.99 -25.02 -35.15
CA VAL C 1033 23.44 -24.28 -36.33
C VAL C 1033 24.95 -24.29 -36.47
N LEU C 1034 25.66 -23.90 -35.42
CA LEU C 1034 27.13 -23.85 -35.47
C LEU C 1034 27.76 -25.24 -35.44
N GLY C 1035 26.99 -26.28 -35.18
CA GLY C 1035 27.55 -27.62 -35.15
C GLY C 1035 26.47 -28.67 -35.29
N GLN C 1036 26.78 -29.86 -34.77
CA GLN C 1036 25.83 -30.97 -34.75
C GLN C 1036 25.69 -31.46 -33.32
N SER C 1037 24.45 -31.62 -32.87
CA SER C 1037 24.16 -32.01 -31.49
C SER C 1037 23.75 -33.46 -31.43
N LYS C 1038 24.44 -34.23 -30.57
CA LYS C 1038 24.10 -35.63 -30.34
C LYS C 1038 22.92 -35.80 -29.40
N ARG C 1039 22.55 -34.76 -28.66
CA ARG C 1039 21.44 -34.85 -27.71
C ARG C 1039 20.14 -35.20 -28.43
N VAL C 1040 19.41 -36.16 -27.87
CA VAL C 1040 18.19 -36.65 -28.50
C VAL C 1040 17.06 -35.67 -28.22
N ASP C 1041 16.28 -35.36 -29.26
CA ASP C 1041 15.12 -34.48 -29.16
C ASP C 1041 15.51 -33.09 -28.66
N PHE C 1042 16.70 -32.62 -29.05
CA PHE C 1042 17.13 -31.27 -28.76
C PHE C 1042 17.03 -30.38 -30.00
N CYS C 1043 17.64 -30.80 -31.09
CA CYS C 1043 17.54 -30.09 -32.37
C CYS C 1043 16.47 -30.73 -33.24
N GLY C 1044 15.23 -30.68 -32.74
CA GLY C 1044 14.11 -31.34 -33.39
C GLY C 1044 14.03 -32.81 -33.00
N LYS C 1045 12.94 -33.44 -33.43
CA LYS C 1045 12.73 -34.85 -33.12
C LYS C 1045 13.35 -35.73 -34.21
N GLY C 1046 14.31 -36.55 -33.83
CA GLY C 1046 15.04 -37.40 -34.75
C GLY C 1046 16.53 -37.11 -34.70
N TYR C 1047 17.26 -37.85 -35.54
CA TYR C 1047 18.70 -37.67 -35.66
C TYR C 1047 18.99 -36.33 -36.32
N HIS C 1048 19.48 -35.37 -35.54
CA HIS C 1048 19.73 -34.03 -36.06
C HIS C 1048 20.83 -34.06 -37.12
N LEU C 1049 20.60 -33.35 -38.21
CA LEU C 1049 21.58 -33.20 -39.28
C LEU C 1049 22.07 -31.76 -39.39
N MET C 1050 21.15 -30.81 -39.59
CA MET C 1050 21.53 -29.40 -39.64
C MET C 1050 20.27 -28.57 -39.44
N SER C 1051 20.46 -27.31 -39.05
CA SER C 1051 19.36 -26.43 -38.71
C SER C 1051 19.50 -25.09 -39.45
N PHE C 1052 18.35 -24.52 -39.79
CA PHE C 1052 18.26 -23.24 -40.46
C PHE C 1052 17.63 -22.22 -39.53
N PRO C 1053 18.30 -21.10 -39.23
CA PRO C 1053 17.66 -20.05 -38.44
C PRO C 1053 16.88 -19.08 -39.31
N GLN C 1054 15.83 -18.51 -38.72
CA GLN C 1054 14.99 -17.52 -39.38
C GLN C 1054 14.59 -16.47 -38.36
N SER C 1055 14.60 -15.21 -38.79
CA SER C 1055 14.25 -14.11 -37.92
C SER C 1055 12.74 -13.88 -37.89
N ALA C 1056 12.26 -13.30 -36.81
CA ALA C 1056 10.89 -12.86 -36.68
C ALA C 1056 10.84 -11.78 -35.61
N PRO C 1057 9.83 -10.89 -35.65
CA PRO C 1057 9.74 -9.85 -34.62
C PRO C 1057 9.74 -10.44 -33.22
N HIS C 1058 10.82 -10.19 -32.47
CA HIS C 1058 11.01 -10.74 -31.14
C HIS C 1058 10.89 -12.27 -31.13
N GLY C 1059 11.50 -12.92 -32.11
CA GLY C 1059 11.44 -14.37 -32.17
C GLY C 1059 12.43 -14.95 -33.15
N VAL C 1060 12.81 -16.20 -32.89
CA VAL C 1060 13.70 -16.96 -33.75
C VAL C 1060 13.03 -18.28 -34.08
N VAL C 1061 13.05 -18.66 -35.35
CA VAL C 1061 12.45 -19.89 -35.83
C VAL C 1061 13.55 -20.81 -36.32
N PHE C 1062 13.62 -22.01 -35.74
CA PHE C 1062 14.59 -23.01 -36.11
C PHE C 1062 13.92 -24.09 -36.95
N LEU C 1063 14.48 -24.34 -38.13
CA LEU C 1063 14.05 -25.43 -39.00
C LEU C 1063 15.09 -26.53 -38.89
N HIS C 1064 14.76 -27.61 -38.18
CA HIS C 1064 15.69 -28.68 -37.91
C HIS C 1064 15.47 -29.82 -38.90
N VAL C 1065 16.56 -30.39 -39.41
CA VAL C 1065 16.53 -31.50 -40.35
C VAL C 1065 16.83 -32.78 -39.59
N THR C 1066 15.95 -33.78 -39.73
CA THR C 1066 16.08 -35.01 -38.97
C THR C 1066 15.94 -36.22 -39.90
N TYR C 1067 16.62 -37.29 -39.50
CA TYR C 1067 16.69 -38.54 -40.25
C TYR C 1067 15.73 -39.54 -39.63
N VAL C 1068 14.72 -39.97 -40.40
CA VAL C 1068 13.69 -40.83 -39.82
C VAL C 1068 13.53 -42.11 -40.66
N PRO C 1069 13.74 -43.28 -40.07
CA PRO C 1069 13.43 -44.53 -40.79
C PRO C 1069 11.94 -44.64 -41.08
N ALA C 1070 11.61 -45.24 -42.22
CA ALA C 1070 10.22 -45.36 -42.64
C ALA C 1070 9.76 -46.81 -42.75
N GLN C 1071 10.48 -47.64 -43.51
CA GLN C 1071 10.11 -49.03 -43.73
C GLN C 1071 10.89 -49.92 -42.78
N GLU C 1072 10.19 -50.84 -42.12
CA GLU C 1072 10.78 -51.72 -41.12
C GLU C 1072 10.58 -53.17 -41.52
N LYS C 1073 11.65 -53.97 -41.39
CA LYS C 1073 11.61 -55.39 -41.69
C LYS C 1073 12.26 -56.14 -40.53
N ASN C 1074 11.75 -57.33 -40.23
CA ASN C 1074 12.27 -58.10 -39.11
C ASN C 1074 13.23 -59.21 -39.57
N PHE C 1075 14.40 -59.24 -38.94
CA PHE C 1075 15.48 -60.14 -39.30
C PHE C 1075 15.97 -60.87 -38.05
N THR C 1076 16.59 -62.03 -38.27
CA THR C 1076 17.19 -62.79 -37.19
C THR C 1076 18.61 -62.29 -36.93
N THR C 1077 18.99 -62.26 -35.65
CA THR C 1077 20.31 -61.80 -35.26
C THR C 1077 20.88 -62.74 -34.20
N ALA C 1078 22.22 -62.75 -34.13
CA ALA C 1078 22.94 -63.51 -33.12
C ALA C 1078 24.03 -62.61 -32.55
N PRO C 1079 24.36 -62.77 -31.26
CA PRO C 1079 25.40 -61.92 -30.67
C PRO C 1079 26.77 -62.06 -31.32
N ALA C 1080 27.12 -63.26 -31.80
CA ALA C 1080 28.44 -63.49 -32.36
C ALA C 1080 28.36 -64.58 -33.42
N ILE C 1081 29.49 -64.85 -34.04
CA ILE C 1081 29.62 -65.89 -35.07
C ILE C 1081 30.72 -66.85 -34.65
N CYS C 1082 30.43 -68.15 -34.71
CA CYS C 1082 31.39 -69.19 -34.36
C CYS C 1082 31.91 -69.82 -35.65
N HIS C 1083 33.14 -69.49 -36.02
CA HIS C 1083 33.74 -69.97 -37.26
C HIS C 1083 34.70 -71.14 -37.00
N ASP C 1084 35.70 -70.94 -36.16
CA ASP C 1084 36.66 -71.99 -35.85
C ASP C 1084 36.72 -72.24 -34.35
N GLY C 1085 35.56 -72.33 -33.70
CA GLY C 1085 35.50 -72.48 -32.27
C GLY C 1085 35.76 -71.22 -31.48
N LYS C 1086 35.77 -70.06 -32.14
CA LYS C 1086 36.02 -68.79 -31.48
C LYS C 1086 34.93 -67.80 -31.87
N ALA C 1087 34.65 -66.86 -30.97
CA ALA C 1087 33.58 -65.89 -31.18
C ALA C 1087 34.08 -64.71 -32.00
N HIS C 1088 33.27 -64.30 -32.97
CA HIS C 1088 33.54 -63.14 -33.80
C HIS C 1088 32.40 -62.13 -33.65
N PHE C 1089 32.77 -60.87 -33.49
CA PHE C 1089 31.82 -59.78 -33.31
C PHE C 1089 32.05 -58.70 -34.36
N PRO C 1090 30.99 -58.05 -34.86
CA PRO C 1090 31.17 -57.01 -35.86
C PRO C 1090 31.97 -55.83 -35.31
N ARG C 1091 32.83 -55.28 -36.18
CA ARG C 1091 33.66 -54.15 -35.77
C ARG C 1091 32.85 -52.86 -35.69
N GLU C 1092 31.98 -52.62 -36.67
CA GLU C 1092 31.21 -51.38 -36.71
C GLU C 1092 29.72 -51.59 -36.95
N GLY C 1093 29.31 -52.67 -37.60
CA GLY C 1093 27.94 -52.91 -37.94
C GLY C 1093 27.29 -53.92 -37.00
N VAL C 1094 26.26 -54.60 -37.52
CA VAL C 1094 25.52 -55.60 -36.78
C VAL C 1094 25.33 -56.82 -37.69
N PHE C 1095 25.35 -58.00 -37.08
CA PHE C 1095 25.13 -59.24 -37.81
C PHE C 1095 23.64 -59.50 -37.97
N VAL C 1096 23.21 -59.80 -39.19
CA VAL C 1096 21.82 -60.10 -39.50
C VAL C 1096 21.76 -61.32 -40.41
N SER C 1097 20.58 -61.93 -40.47
CA SER C 1097 20.36 -63.08 -41.32
C SER C 1097 19.09 -62.87 -42.14
N ASN C 1098 19.14 -63.27 -43.41
CA ASN C 1098 17.99 -63.19 -44.29
C ASN C 1098 17.14 -64.46 -44.28
N GLY C 1099 17.50 -65.43 -43.45
CA GLY C 1099 16.78 -66.69 -43.40
C GLY C 1099 17.66 -67.88 -43.72
N THR C 1100 18.57 -67.70 -44.68
CA THR C 1100 19.50 -68.74 -45.07
C THR C 1100 20.95 -68.28 -45.04
N HIS C 1101 21.22 -67.03 -45.38
CA HIS C 1101 22.57 -66.48 -45.39
C HIS C 1101 22.77 -65.55 -44.20
N TRP C 1102 24.02 -65.14 -44.00
CA TRP C 1102 24.39 -64.27 -42.89
C TRP C 1102 25.22 -63.10 -43.42
N PHE C 1103 24.91 -61.89 -42.95
CA PHE C 1103 25.58 -60.69 -43.42
C PHE C 1103 25.84 -59.75 -42.25
N VAL C 1104 26.62 -58.72 -42.52
CA VAL C 1104 26.88 -57.63 -41.59
C VAL C 1104 26.44 -56.33 -42.25
N THR C 1105 25.76 -55.47 -41.49
CA THR C 1105 25.20 -54.25 -42.04
C THR C 1105 25.45 -53.10 -41.08
N GLN C 1106 24.87 -51.95 -41.38
CA GLN C 1106 25.01 -50.77 -40.54
C GLN C 1106 24.01 -50.83 -39.39
N ARG C 1107 23.83 -49.71 -38.69
CA ARG C 1107 22.91 -49.64 -37.55
C ARG C 1107 21.55 -49.07 -37.92
N ASN C 1108 21.49 -48.14 -38.88
CA ASN C 1108 20.23 -47.49 -39.23
C ASN C 1108 19.90 -47.67 -40.71
N PHE C 1109 20.58 -48.57 -41.41
CA PHE C 1109 20.31 -48.80 -42.82
C PHE C 1109 20.72 -50.23 -43.17
N TYR C 1110 20.00 -50.81 -44.12
CA TYR C 1110 20.26 -52.18 -44.55
C TYR C 1110 21.30 -52.18 -45.67
N GLU C 1111 22.52 -52.59 -45.34
CA GLU C 1111 23.59 -52.82 -46.32
C GLU C 1111 24.18 -54.19 -46.01
N PRO C 1112 23.49 -55.27 -46.39
CA PRO C 1112 23.93 -56.60 -45.99
C PRO C 1112 25.19 -57.05 -46.71
N GLN C 1113 26.34 -56.51 -46.30
CA GLN C 1113 27.61 -56.92 -46.85
C GLN C 1113 28.00 -58.31 -46.34
N ILE C 1114 28.82 -59.01 -47.12
CA ILE C 1114 29.25 -60.35 -46.73
C ILE C 1114 30.13 -60.27 -45.49
N ILE C 1115 30.15 -61.35 -44.73
CA ILE C 1115 30.96 -61.41 -43.51
C ILE C 1115 32.43 -61.48 -43.90
N THR C 1116 33.20 -60.50 -43.45
CA THR C 1116 34.62 -60.40 -43.79
C THR C 1116 35.44 -60.29 -42.52
N THR C 1117 36.64 -60.87 -42.54
CA THR C 1117 37.52 -60.79 -41.38
C THR C 1117 37.91 -59.36 -41.05
N ASP C 1118 38.14 -58.53 -42.08
CA ASP C 1118 38.47 -57.13 -41.86
C ASP C 1118 37.33 -56.34 -41.23
N ASN C 1119 36.08 -56.77 -41.42
CA ASN C 1119 34.93 -56.06 -40.87
C ASN C 1119 34.50 -56.58 -39.50
N THR C 1120 35.14 -57.62 -38.99
CA THR C 1120 34.83 -58.19 -37.68
C THR C 1120 36.11 -58.31 -36.87
N PHE C 1121 35.96 -58.73 -35.61
CA PHE C 1121 37.09 -58.98 -34.73
C PHE C 1121 36.79 -60.19 -33.85
N VAL C 1122 37.82 -60.96 -33.54
CA VAL C 1122 37.68 -62.21 -32.80
C VAL C 1122 38.00 -61.96 -31.33
N SER C 1123 37.27 -62.63 -30.44
CA SER C 1123 37.52 -62.55 -29.00
C SER C 1123 36.80 -63.70 -28.32
N GLY C 1124 37.55 -64.48 -27.54
CA GLY C 1124 36.97 -65.57 -26.79
C GLY C 1124 36.76 -66.82 -27.64
N ASN C 1125 36.30 -67.87 -26.98
CA ASN C 1125 36.02 -69.14 -27.63
C ASN C 1125 34.57 -69.18 -28.09
N CYS C 1126 34.11 -70.37 -28.51
CA CYS C 1126 32.76 -70.50 -29.05
C CYS C 1126 31.69 -70.49 -27.95
N ASP C 1127 31.99 -71.05 -26.78
CA ASP C 1127 31.01 -71.24 -25.72
C ASP C 1127 30.95 -70.08 -24.74
N VAL C 1128 31.76 -69.03 -24.93
CA VAL C 1128 31.74 -67.91 -24.02
C VAL C 1128 30.54 -66.99 -24.26
N VAL C 1129 29.96 -67.02 -25.45
CA VAL C 1129 28.81 -66.20 -25.81
C VAL C 1129 27.59 -67.10 -25.89
N ILE C 1130 26.53 -66.74 -25.16
CA ILE C 1130 25.28 -67.47 -25.21
C ILE C 1130 24.48 -67.02 -26.43
N GLY C 1131 23.79 -67.96 -27.07
CA GLY C 1131 23.02 -67.65 -28.26
C GLY C 1131 23.83 -67.52 -29.53
N ILE C 1132 25.12 -67.89 -29.50
CA ILE C 1132 25.96 -67.79 -30.69
C ILE C 1132 25.51 -68.83 -31.72
N VAL C 1133 25.77 -68.52 -32.99
CA VAL C 1133 25.44 -69.40 -34.09
C VAL C 1133 26.68 -69.63 -34.94
N ASN C 1134 26.69 -70.75 -35.66
CA ASN C 1134 27.83 -71.14 -36.48
C ASN C 1134 27.70 -70.53 -37.87
N ASN C 1135 28.75 -69.84 -38.31
CA ASN C 1135 28.78 -69.24 -39.63
C ASN C 1135 30.23 -69.10 -40.09
N THR C 1136 30.42 -69.19 -41.39
CA THR C 1136 31.75 -69.05 -41.98
C THR C 1136 32.09 -67.58 -42.21
N VAL C 1137 33.35 -67.23 -42.00
CA VAL C 1137 33.84 -65.88 -42.19
C VAL C 1137 34.78 -65.87 -43.40
N TYR C 1138 34.46 -65.04 -44.38
CA TYR C 1138 35.27 -64.95 -45.58
C TYR C 1138 36.59 -64.24 -45.28
N ASP C 1139 37.65 -64.69 -45.95
CA ASP C 1139 38.98 -64.12 -45.79
C ASP C 1139 39.46 -63.61 -47.15
N PRO C 1140 39.70 -62.31 -47.31
CA PRO C 1140 40.22 -61.80 -48.58
C PRO C 1140 41.62 -62.30 -48.92
N LEU C 1141 42.36 -62.83 -47.94
CA LEU C 1141 43.71 -63.31 -48.18
C LEU C 1141 43.76 -64.62 -48.94
N GLN C 1142 42.70 -65.44 -48.87
CA GLN C 1142 42.72 -66.75 -49.50
C GLN C 1142 42.92 -66.71 -51.01
N PRO C 1143 42.11 -65.95 -51.80
CA PRO C 1143 42.30 -66.01 -53.26
C PRO C 1143 43.56 -65.30 -53.72
N GLU C 1144 43.95 -64.24 -53.02
CA GLU C 1144 45.21 -63.57 -53.34
C GLU C 1144 46.40 -64.49 -53.09
N LEU C 1145 46.38 -65.24 -52.00
CA LEU C 1145 47.44 -66.21 -51.73
C LEU C 1145 47.42 -67.34 -52.75
N ASP C 1146 46.21 -67.79 -53.13
CA ASP C 1146 46.11 -68.86 -54.11
C ASP C 1146 46.67 -68.43 -55.47
N SER C 1147 46.38 -67.20 -55.88
CA SER C 1147 46.85 -66.69 -57.15
C SER C 1147 48.30 -66.21 -57.05
N HIS D 1 -45.74 47.56 9.30
CA HIS D 1 -44.76 48.35 10.02
C HIS D 1 -43.60 47.48 10.50
N VAL D 2 -42.44 47.66 9.89
CA VAL D 2 -41.24 46.90 10.25
C VAL D 2 -40.52 47.71 11.32
N GLN D 3 -40.85 47.43 12.58
CA GLN D 3 -40.22 48.13 13.70
C GLN D 3 -38.75 47.74 13.80
N LEU D 4 -37.90 48.74 14.06
CA LEU D 4 -36.47 48.54 14.20
C LEU D 4 -36.05 48.97 15.59
N VAL D 5 -35.31 48.09 16.28
CA VAL D 5 -34.85 48.34 17.64
C VAL D 5 -33.33 48.35 17.64
N GLU D 6 -32.74 49.40 18.21
CA GLU D 6 -31.30 49.54 18.30
C GLU D 6 -30.85 49.48 19.75
N SER D 7 -29.75 48.78 20.00
CA SER D 7 -29.22 48.61 21.34
C SER D 7 -27.71 48.73 21.31
N GLY D 8 -27.12 48.96 22.48
CA GLY D 8 -25.69 49.11 22.63
C GLY D 8 -25.19 50.53 22.71
N GLY D 9 -26.07 51.52 22.46
CA GLY D 9 -25.65 52.91 22.52
C GLY D 9 -25.60 53.43 23.95
N GLY D 10 -25.09 54.65 24.07
CA GLY D 10 -24.96 55.30 25.36
C GLY D 10 -23.72 56.17 25.39
N LEU D 11 -23.26 56.45 26.60
CA LEU D 11 -22.09 57.28 26.83
C LEU D 11 -20.90 56.39 27.18
N VAL D 12 -19.80 56.56 26.46
CA VAL D 12 -18.59 55.79 26.68
C VAL D 12 -17.41 56.74 26.74
N GLN D 13 -16.36 56.32 27.46
CA GLN D 13 -15.17 57.14 27.58
C GLN D 13 -14.40 57.15 26.26
N ALA D 14 -13.56 58.16 26.10
CA ALA D 14 -12.77 58.30 24.89
C ALA D 14 -11.74 57.18 24.79
N GLY D 15 -11.52 56.70 23.55
CA GLY D 15 -10.59 55.63 23.31
C GLY D 15 -11.13 54.23 23.53
N GLY D 16 -12.41 54.10 23.88
CA GLY D 16 -13.02 52.80 24.10
C GLY D 16 -13.60 52.21 22.84
N SER D 17 -14.35 51.13 23.02
CA SER D 17 -15.00 50.42 21.93
C SER D 17 -16.46 50.17 22.26
N LEU D 18 -17.30 50.20 21.23
CA LEU D 18 -18.73 49.98 21.40
C LEU D 18 -19.25 49.15 20.24
N ARG D 19 -20.35 48.43 20.49
CA ARG D 19 -20.99 47.61 19.47
C ARG D 19 -22.47 47.97 19.41
N LEU D 20 -22.97 48.18 18.20
CA LEU D 20 -24.37 48.55 17.98
C LEU D 20 -25.08 47.40 17.27
N SER D 21 -26.20 46.98 17.85
CA SER D 21 -27.01 45.89 17.30
C SER D 21 -28.38 46.43 16.91
N CYS D 22 -28.80 46.12 15.69
CA CYS D 22 -30.10 46.55 15.18
C CYS D 22 -31.00 45.32 15.05
N ALA D 23 -32.16 45.37 15.71
CA ALA D 23 -33.12 44.28 15.71
C ALA D 23 -34.38 44.71 14.99
N ALA D 24 -34.82 43.93 14.01
CA ALA D 24 -36.02 44.20 13.24
C ALA D 24 -37.01 43.08 13.45
N SER D 25 -38.25 43.44 13.78
CA SER D 25 -39.32 42.47 14.01
C SER D 25 -40.19 42.44 12.75
N GLY D 26 -40.02 41.40 11.94
CA GLY D 26 -40.80 41.26 10.72
C GLY D 26 -40.20 40.28 9.74
N ARG D 27 -41.05 39.59 8.99
CA ARG D 27 -40.59 38.63 8.00
C ARG D 27 -39.93 39.31 6.80
N THR D 28 -40.25 40.57 6.53
CA THR D 28 -39.68 41.27 5.39
C THR D 28 -38.22 41.62 5.60
N PHE D 29 -37.75 41.68 6.84
CA PHE D 29 -36.38 42.07 7.12
C PHE D 29 -35.38 41.06 6.54
N SER D 30 -35.80 39.80 6.37
CA SER D 30 -34.92 38.78 5.84
C SER D 30 -34.56 39.01 4.37
N ARG D 31 -35.28 39.88 3.67
CA ARG D 31 -35.00 40.17 2.26
C ARG D 31 -34.60 41.62 2.03
N TYR D 32 -34.14 42.31 3.07
CA TYR D 32 -33.72 43.70 2.98
C TYR D 32 -32.24 43.82 3.31
N ALA D 33 -31.54 44.64 2.53
CA ALA D 33 -30.13 44.88 2.78
C ALA D 33 -29.93 45.66 4.07
N ALA D 34 -28.78 45.44 4.72
CA ALA D 34 -28.47 46.08 5.98
C ALA D 34 -27.64 47.33 5.74
N GLY D 35 -28.06 48.45 6.31
CA GLY D 35 -27.36 49.70 6.16
C GLY D 35 -27.37 50.49 7.45
N TRP D 36 -26.37 51.34 7.61
CA TRP D 36 -26.20 52.18 8.79
C TRP D 36 -26.11 53.64 8.38
N PHE D 37 -26.79 54.50 9.13
CA PHE D 37 -26.79 55.93 8.87
C PHE D 37 -26.65 56.67 10.19
N ARG D 38 -26.09 57.87 10.12
CA ARG D 38 -25.95 58.75 11.27
C ARG D 38 -26.58 60.10 10.95
N GLN D 39 -27.12 60.73 11.99
CA GLN D 39 -27.79 62.02 11.84
C GLN D 39 -27.78 62.75 13.18
N ALA D 40 -27.65 64.07 13.11
CA ALA D 40 -27.69 64.93 14.28
C ALA D 40 -28.95 65.79 14.27
N PRO D 41 -29.46 66.18 15.44
CA PRO D 41 -30.65 67.02 15.49
C PRO D 41 -30.43 68.35 14.78
N GLY D 42 -31.28 68.64 13.79
CA GLY D 42 -31.14 69.86 13.02
C GLY D 42 -30.00 69.88 12.03
N LYS D 43 -29.50 68.71 11.64
CA LYS D 43 -28.39 68.60 10.70
C LYS D 43 -28.76 67.67 9.57
N GLU D 44 -28.08 67.84 8.44
CA GLU D 44 -28.35 67.06 7.24
C GLU D 44 -27.94 65.60 7.46
N ARG D 45 -28.69 64.69 6.83
CA ARG D 45 -28.40 63.27 6.91
C ARG D 45 -27.10 62.95 6.17
N GLU D 46 -26.32 62.03 6.73
CA GLU D 46 -25.05 61.63 6.16
C GLU D 46 -24.99 60.12 6.04
N PHE D 47 -24.60 59.63 4.87
CA PHE D 47 -24.45 58.20 4.66
C PHE D 47 -23.21 57.69 5.40
N VAL D 48 -23.32 56.46 5.92
CA VAL D 48 -22.23 55.89 6.71
C VAL D 48 -21.74 54.59 6.05
N ALA D 49 -22.63 53.60 5.96
CA ALA D 49 -22.24 52.30 5.42
C ALA D 49 -23.49 51.58 4.95
N VAL D 50 -23.27 50.55 4.12
CA VAL D 50 -24.35 49.72 3.61
C VAL D 50 -23.75 48.38 3.20
N ILE D 51 -24.55 47.32 3.31
CA ILE D 51 -24.10 45.97 2.97
C ILE D 51 -25.32 45.15 2.57
N GLU D 52 -25.07 44.05 1.86
CA GLU D 52 -26.12 43.14 1.46
C GLU D 52 -26.31 42.04 2.51
N TRP D 53 -27.35 41.22 2.32
CA TRP D 53 -27.62 40.15 3.26
C TRP D 53 -26.51 39.11 3.27
N ASP D 54 -25.99 38.76 2.10
CA ASP D 54 -24.90 37.78 2.03
C ASP D 54 -23.57 38.35 2.50
N GLY D 55 -23.38 39.67 2.41
CA GLY D 55 -22.15 40.29 2.85
C GLY D 55 -20.97 40.09 1.92
N ASP D 56 -21.22 39.75 0.65
CA ASP D 56 -20.11 39.55 -0.29
C ASP D 56 -19.36 40.84 -0.53
N SER D 57 -20.07 41.95 -0.68
CA SER D 57 -19.47 43.25 -0.94
C SER D 57 -20.02 44.29 0.03
N ALA D 58 -19.15 45.18 0.50
CA ALA D 58 -19.53 46.24 1.41
C ALA D 58 -19.01 47.56 0.90
N TYR D 59 -19.84 48.60 1.04
CA TYR D 59 -19.50 49.94 0.61
C TYR D 59 -19.49 50.88 1.81
N TYR D 60 -18.43 51.68 1.90
CA TYR D 60 -18.24 52.58 3.04
C TYR D 60 -18.16 54.02 2.53
N ALA D 61 -18.67 54.94 3.34
CA ALA D 61 -18.55 56.36 3.03
C ALA D 61 -17.11 56.82 3.20
N ASP D 62 -16.74 57.83 2.42
CA ASP D 62 -15.36 58.32 2.45
C ASP D 62 -14.92 58.81 3.82
N PRO D 63 -15.70 59.64 4.54
CA PRO D 63 -15.23 60.08 5.87
C PRO D 63 -15.01 58.94 6.86
N VAL D 64 -15.81 57.88 6.77
CA VAL D 64 -15.75 56.77 7.72
C VAL D 64 -15.13 55.52 7.11
N LYS D 65 -14.49 55.64 5.94
CA LYS D 65 -13.90 54.48 5.29
C LYS D 65 -12.69 53.97 6.07
N GLY D 66 -12.60 52.66 6.20
CA GLY D 66 -11.47 52.02 6.84
C GLY D 66 -11.40 52.14 8.34
N ARG D 67 -12.49 52.55 8.99
CA ARG D 67 -12.48 52.72 10.44
C ARG D 67 -13.61 51.95 11.10
N PHE D 68 -14.67 51.68 10.35
CA PHE D 68 -15.87 51.03 10.87
C PHE D 68 -15.87 49.56 10.52
N THR D 69 -16.70 48.79 11.22
CA THR D 69 -16.88 47.37 10.96
C THR D 69 -18.37 47.05 10.90
N ILE D 70 -18.78 46.31 9.87
CA ILE D 70 -20.18 45.97 9.65
C ILE D 70 -20.31 44.46 9.53
N SER D 71 -21.32 43.90 10.20
CA SER D 71 -21.59 42.48 10.13
C SER D 71 -23.06 42.25 10.44
N ARG D 72 -23.55 41.07 10.06
CA ARG D 72 -24.94 40.71 10.30
C ARG D 72 -25.04 39.20 10.42
N ASP D 73 -26.13 38.75 11.05
CA ASP D 73 -26.40 37.34 11.26
C ASP D 73 -27.84 37.06 10.82
N ASN D 74 -27.98 36.29 9.74
CA ASN D 74 -29.33 35.97 9.24
C ASN D 74 -30.11 35.10 10.22
N ALA D 75 -29.43 34.16 10.88
CA ALA D 75 -30.11 33.28 11.83
C ALA D 75 -30.68 34.07 13.01
N LYS D 76 -29.91 35.03 13.53
CA LYS D 76 -30.35 35.84 14.66
C LYS D 76 -31.12 37.08 14.22
N ASN D 77 -31.16 37.38 12.92
CA ASN D 77 -31.86 38.55 12.39
C ASN D 77 -31.38 39.85 13.06
N THR D 78 -30.07 39.94 13.30
CA THR D 78 -29.48 41.09 13.95
C THR D 78 -28.27 41.56 13.16
N VAL D 79 -28.14 42.88 13.00
CA VAL D 79 -27.02 43.50 12.30
C VAL D 79 -26.10 44.11 13.35
N TYR D 80 -24.82 43.74 13.30
CA TYR D 80 -23.83 44.18 14.28
C TYR D 80 -22.91 45.22 13.67
N LEU D 81 -22.69 46.31 14.41
CA LEU D 81 -21.82 47.40 13.99
C LEU D 81 -20.76 47.58 15.06
N GLN D 82 -19.53 47.18 14.75
CA GLN D 82 -18.44 47.19 15.72
C GLN D 82 -17.60 48.45 15.55
N MET D 83 -17.30 49.10 16.67
CA MET D 83 -16.52 50.33 16.70
C MET D 83 -15.23 50.10 17.45
N ASN D 84 -14.11 50.50 16.84
CA ASN D 84 -12.79 50.41 17.43
C ASN D 84 -12.11 51.76 17.34
N ARG D 85 -11.44 52.16 18.43
CA ARG D 85 -10.77 53.46 18.52
C ARG D 85 -11.74 54.60 18.25
N LEU D 86 -12.74 54.72 19.14
CA LEU D 86 -13.79 55.71 18.98
C LEU D 86 -13.22 57.13 19.05
N LYS D 87 -13.87 58.04 18.36
CA LYS D 87 -13.46 59.44 18.27
C LYS D 87 -14.64 60.34 18.62
N PRO D 88 -14.38 61.57 19.06
CA PRO D 88 -15.49 62.48 19.38
C PRO D 88 -16.39 62.80 18.20
N GLU D 89 -15.91 62.62 16.97
CA GLU D 89 -16.73 62.87 15.79
C GLU D 89 -17.87 61.87 15.64
N ASP D 90 -17.85 60.77 16.39
CA ASP D 90 -18.91 59.76 16.33
C ASP D 90 -20.10 60.07 17.23
N THR D 91 -20.07 61.20 17.94
CA THR D 91 -21.15 61.55 18.84
C THR D 91 -22.37 62.03 18.05
N ALA D 92 -23.26 61.11 17.71
CA ALA D 92 -24.46 61.43 16.95
C ALA D 92 -25.49 60.32 17.21
N VAL D 93 -26.55 60.30 16.42
CA VAL D 93 -27.60 59.30 16.51
C VAL D 93 -27.48 58.37 15.32
N TYR D 94 -27.33 57.07 15.59
CA TYR D 94 -27.16 56.07 14.56
C TYR D 94 -28.46 55.30 14.37
N ILE D 95 -28.95 55.26 13.13
CA ILE D 95 -30.19 54.58 12.79
C ILE D 95 -29.88 53.55 11.71
N CYS D 96 -30.32 52.31 11.93
CA CYS D 96 -30.15 51.26 10.93
C CYS D 96 -31.26 51.35 9.89
N ALA D 97 -30.88 51.37 8.62
CA ALA D 97 -31.82 51.50 7.52
C ALA D 97 -31.79 50.25 6.65
N VAL D 98 -32.98 49.76 6.30
CA VAL D 98 -33.12 48.56 5.48
C VAL D 98 -34.10 48.86 4.35
N GLY D 99 -33.99 48.06 3.30
CA GLY D 99 -34.87 48.20 2.15
C GLY D 99 -34.15 48.58 0.87
N GLY D 100 -34.16 47.68 -0.10
CA GLY D 100 -33.54 47.95 -1.39
C GLY D 100 -32.09 47.51 -1.45
N ASN D 101 -31.66 47.18 -2.66
CA ASN D 101 -30.27 46.77 -2.91
C ASN D 101 -29.72 47.65 -4.03
N HIS D 102 -28.54 48.20 -3.83
CA HIS D 102 -27.92 49.11 -4.79
C HIS D 102 -26.55 48.60 -5.21
N TYR D 103 -26.19 48.90 -6.45
CA TYR D 103 -24.88 48.55 -7.00
C TYR D 103 -24.12 49.76 -7.52
N SER D 104 -24.81 50.70 -8.15
CA SER D 104 -24.15 51.92 -8.62
C SER D 104 -23.75 52.80 -7.45
N ARG D 105 -22.63 53.51 -7.61
CA ARG D 105 -22.14 54.37 -6.53
C ARG D 105 -23.12 55.49 -6.23
N SER D 106 -23.71 56.10 -7.26
CA SER D 106 -24.65 57.19 -7.06
C SER D 106 -25.95 56.72 -6.40
N LYS D 107 -26.29 55.44 -6.53
CA LYS D 107 -27.51 54.94 -5.91
C LYS D 107 -27.40 54.95 -4.39
N TYR D 108 -26.20 54.70 -3.87
CA TYR D 108 -26.02 54.70 -2.41
C TYR D 108 -26.28 56.07 -1.81
N TYR D 109 -25.83 57.13 -2.50
CA TYR D 109 -26.00 58.48 -1.98
C TYR D 109 -27.47 58.92 -1.92
N ASN D 110 -28.34 58.27 -2.70
CA ASN D 110 -29.76 58.64 -2.72
C ASN D 110 -30.43 58.15 -1.44
N LEU D 111 -31.06 59.06 -0.72
CA LEU D 111 -31.75 58.74 0.52
C LEU D 111 -33.24 58.50 0.34
N ASP D 112 -33.74 58.58 -0.89
CA ASP D 112 -35.16 58.39 -1.17
C ASP D 112 -35.52 56.95 -1.50
N GLU D 113 -34.55 56.03 -1.46
CA GLU D 113 -34.80 54.63 -1.76
C GLU D 113 -35.08 53.79 -0.53
N TYR D 114 -35.17 54.40 0.65
CA TYR D 114 -35.44 53.68 1.89
C TYR D 114 -36.89 53.87 2.29
N ASP D 115 -37.56 52.76 2.61
CA ASP D 115 -38.98 52.79 2.92
C ASP D 115 -39.24 53.12 4.40
N ASP D 116 -38.68 52.32 5.29
CA ASP D 116 -38.92 52.45 6.73
C ASP D 116 -37.65 52.91 7.43
N TRP D 117 -37.82 53.81 8.41
CA TRP D 117 -36.73 54.33 9.21
C TRP D 117 -37.03 54.08 10.68
N GLY D 118 -36.01 53.63 11.42
CA GLY D 118 -36.16 53.32 12.82
C GLY D 118 -35.92 54.53 13.73
N GLN D 119 -36.16 54.30 15.02
CA GLN D 119 -35.95 55.37 16.00
C GLN D 119 -34.46 55.66 16.18
N GLY D 120 -33.63 54.62 16.20
CA GLY D 120 -32.20 54.80 16.36
C GLY D 120 -31.77 54.84 17.80
N THR D 121 -30.45 54.92 17.99
CA THR D 121 -29.84 54.96 19.30
C THR D 121 -28.85 56.12 19.36
N GLN D 122 -28.61 56.61 20.58
CA GLN D 122 -27.72 57.74 20.80
C GLN D 122 -26.39 57.24 21.36
N VAL D 123 -25.29 57.63 20.72
CA VAL D 123 -23.94 57.26 21.13
C VAL D 123 -23.18 58.54 21.47
N THR D 124 -22.61 58.59 22.67
CA THR D 124 -21.88 59.76 23.14
C THR D 124 -20.47 59.36 23.52
N VAL D 125 -19.50 60.18 23.12
CA VAL D 125 -18.10 59.96 23.42
C VAL D 125 -17.59 61.15 24.23
N SER D 126 -16.99 60.87 25.38
CA SER D 126 -16.48 61.90 26.27
C SER D 126 -15.08 61.52 26.73
N SER D 127 -14.30 62.54 27.07
CA SER D 127 -12.93 62.33 27.53
C SER D 127 -12.91 61.72 28.94
N HIS E 1 -8.39 52.92 34.94
CA HIS E 1 -8.52 52.19 36.19
C HIS E 1 -9.29 50.88 35.99
N VAL E 2 -8.76 49.80 36.55
CA VAL E 2 -9.40 48.49 36.43
C VAL E 2 -10.54 48.42 37.43
N GLN E 3 -11.73 48.09 36.95
CA GLN E 3 -12.93 47.99 37.78
C GLN E 3 -13.36 46.54 37.89
N LEU E 4 -13.63 46.09 39.11
CA LEU E 4 -14.05 44.73 39.39
C LEU E 4 -15.52 44.72 39.79
N VAL E 5 -16.31 43.92 39.09
CA VAL E 5 -17.75 43.82 39.33
C VAL E 5 -18.08 42.37 39.66
N GLU E 6 -18.79 42.17 40.76
CA GLU E 6 -19.22 40.84 41.19
C GLU E 6 -20.70 40.65 40.92
N SER E 7 -21.06 39.47 40.44
CA SER E 7 -22.45 39.16 40.12
C SER E 7 -22.72 37.69 40.40
N GLY E 8 -24.01 37.37 40.52
CA GLY E 8 -24.45 36.02 40.79
C GLY E 8 -24.80 35.74 42.24
N GLY E 9 -24.48 36.65 43.15
CA GLY E 9 -24.82 36.43 44.55
C GLY E 9 -26.30 36.63 44.83
N GLY E 10 -26.72 36.11 45.98
CA GLY E 10 -28.11 36.23 46.37
C GLY E 10 -28.44 35.26 47.49
N LEU E 11 -29.73 35.08 47.73
CA LEU E 11 -30.23 34.19 48.77
C LEU E 11 -30.61 32.85 48.15
N VAL E 12 -30.14 31.76 48.77
CA VAL E 12 -30.41 30.41 48.30
C VAL E 12 -30.87 29.58 49.48
N GLN E 13 -31.64 28.52 49.18
CA GLN E 13 -32.12 27.62 50.21
C GLN E 13 -30.99 26.74 50.72
N ALA E 14 -31.25 26.07 51.85
CA ALA E 14 -30.26 25.18 52.44
C ALA E 14 -30.00 24.01 51.51
N GLY E 15 -28.72 23.69 51.31
CA GLY E 15 -28.33 22.62 50.43
C GLY E 15 -28.30 22.96 48.96
N GLY E 16 -28.59 24.22 48.60
CA GLY E 16 -28.59 24.63 47.21
C GLY E 16 -27.21 24.97 46.70
N SER E 17 -27.16 25.39 45.44
CA SER E 17 -25.92 25.76 44.78
C SER E 17 -26.03 27.18 44.23
N LEU E 18 -24.92 27.89 44.24
CA LEU E 18 -24.85 29.26 43.75
C LEU E 18 -23.60 29.42 42.88
N ARG E 19 -23.68 30.38 41.95
CA ARG E 19 -22.58 30.68 41.05
C ARG E 19 -22.15 32.13 41.27
N LEU E 20 -20.85 32.32 41.50
CA LEU E 20 -20.28 33.66 41.72
C LEU E 20 -19.25 33.93 40.63
N SER E 21 -19.38 35.07 39.97
CA SER E 21 -18.48 35.48 38.91
C SER E 21 -18.03 36.91 39.15
N CYS E 22 -16.74 37.17 38.96
CA CYS E 22 -16.16 38.50 39.11
C CYS E 22 -15.79 39.02 37.71
N ALA E 23 -16.37 40.16 37.34
CA ALA E 23 -16.13 40.76 36.04
C ALA E 23 -15.06 41.83 36.17
N ALA E 24 -14.03 41.75 35.32
CA ALA E 24 -12.91 42.67 35.35
C ALA E 24 -12.83 43.43 34.03
N SER E 25 -12.78 44.77 34.12
CA SER E 25 -12.62 45.63 32.95
C SER E 25 -11.18 46.14 32.96
N GLY E 26 -10.27 45.34 32.40
CA GLY E 26 -8.88 45.70 32.37
C GLY E 26 -8.11 45.01 31.26
N ARG E 27 -7.22 45.76 30.60
CA ARG E 27 -6.43 45.19 29.50
C ARG E 27 -5.45 44.15 30.02
N THR E 28 -4.84 44.39 31.18
CA THR E 28 -3.83 43.51 31.75
C THR E 28 -4.40 42.55 32.78
N PHE E 29 -5.69 42.22 32.67
CA PHE E 29 -6.32 41.32 33.63
C PHE E 29 -5.89 39.87 33.42
N SER E 30 -5.60 39.48 32.18
CA SER E 30 -5.24 38.10 31.89
C SER E 30 -3.97 37.68 32.60
N ARG E 31 -2.96 38.56 32.64
CA ARG E 31 -1.71 38.23 33.31
C ARG E 31 -1.88 38.11 34.82
N TYR E 32 -2.91 38.73 35.39
CA TYR E 32 -3.12 38.66 36.82
C TYR E 32 -3.64 37.30 37.25
N ALA E 33 -3.39 36.96 38.51
CA ALA E 33 -3.89 35.72 39.08
C ALA E 33 -5.22 35.96 39.78
N ALA E 34 -6.02 34.90 39.89
CA ALA E 34 -7.37 34.99 40.47
C ALA E 34 -7.27 34.77 41.98
N GLY E 35 -7.57 35.83 42.75
CA GLY E 35 -7.61 35.74 44.18
C GLY E 35 -8.99 36.04 44.73
N TRP E 36 -9.31 35.41 45.86
CA TRP E 36 -10.64 35.55 46.45
C TRP E 36 -10.50 35.83 47.95
N PHE E 37 -11.39 36.67 48.47
CA PHE E 37 -11.41 37.03 49.88
C PHE E 37 -12.86 37.16 50.33
N ARG E 38 -13.05 37.05 51.65
CA ARG E 38 -14.36 37.21 52.26
C ARG E 38 -14.28 38.19 53.42
N GLN E 39 -15.37 38.89 53.67
CA GLN E 39 -15.45 39.86 54.75
C GLN E 39 -16.84 39.81 55.37
N ALA E 40 -16.90 39.80 56.70
CA ALA E 40 -18.16 39.79 57.43
C ALA E 40 -18.15 40.85 58.51
N PRO E 41 -19.31 41.42 58.84
CA PRO E 41 -19.36 42.42 59.92
C PRO E 41 -18.90 41.83 61.24
N GLY E 42 -18.13 42.61 62.00
CA GLY E 42 -17.63 42.17 63.28
C GLY E 42 -16.67 41.01 63.22
N LYS E 43 -16.08 40.74 62.05
CA LYS E 43 -15.16 39.63 61.88
C LYS E 43 -13.91 40.11 61.16
N GLU E 44 -12.78 39.48 61.50
CA GLU E 44 -11.51 39.83 60.86
C GLU E 44 -11.46 39.31 59.44
N ARG E 45 -10.70 39.99 58.59
CA ARG E 45 -10.54 39.58 57.20
C ARG E 45 -9.75 38.28 57.14
N GLU E 46 -10.24 37.33 56.35
CA GLU E 46 -9.62 36.02 56.23
C GLU E 46 -9.42 35.67 54.76
N PHE E 47 -8.22 35.21 54.42
CA PHE E 47 -7.94 34.76 53.07
C PHE E 47 -8.73 33.48 52.77
N VAL E 48 -9.24 33.38 51.54
CA VAL E 48 -10.12 32.29 51.13
C VAL E 48 -9.43 31.36 50.15
N ALA E 49 -9.08 31.86 48.97
CA ALA E 49 -8.49 31.01 47.94
C ALA E 49 -7.76 31.88 46.93
N VAL E 50 -6.86 31.24 46.17
CA VAL E 50 -6.12 31.90 45.10
C VAL E 50 -5.70 30.83 44.12
N ILE E 51 -5.68 31.20 42.83
CA ILE E 51 -5.30 30.28 41.77
C ILE E 51 -4.69 31.07 40.62
N GLU E 52 -3.69 30.49 39.98
CA GLU E 52 -3.07 31.11 38.82
C GLU E 52 -3.93 30.89 37.57
N TRP E 53 -3.55 31.56 36.48
CA TRP E 53 -4.31 31.44 35.24
C TRP E 53 -4.25 30.03 34.68
N ASP E 54 -3.08 29.39 34.74
CA ASP E 54 -2.93 28.05 34.20
C ASP E 54 -3.53 26.98 35.10
N GLY E 55 -3.75 27.28 36.38
CA GLY E 55 -4.33 26.32 37.29
C GLY E 55 -3.37 25.29 37.85
N ASP E 56 -2.07 25.44 37.59
CA ASP E 56 -1.10 24.48 38.10
C ASP E 56 -1.05 24.50 39.62
N SER E 57 -1.10 25.68 40.23
CA SER E 57 -1.04 25.84 41.67
C SER E 57 -2.39 26.34 42.18
N ALA E 58 -2.93 25.65 43.19
CA ALA E 58 -4.20 26.02 43.79
C ALA E 58 -4.06 26.02 45.31
N TYR E 59 -4.60 27.05 45.93
CA TYR E 59 -4.55 27.21 47.38
C TYR E 59 -5.95 27.48 47.92
N TYR E 60 -6.28 26.87 49.05
CA TYR E 60 -7.59 27.02 49.67
C TYR E 60 -7.41 27.21 51.17
N ALA E 61 -8.38 27.90 51.77
CA ALA E 61 -8.38 28.08 53.21
C ALA E 61 -8.99 26.86 53.91
N ASP E 62 -8.69 26.74 55.20
CA ASP E 62 -9.20 25.61 55.97
C ASP E 62 -10.73 25.55 56.01
N PRO E 63 -11.46 26.63 56.29
CA PRO E 63 -12.93 26.54 56.25
C PRO E 63 -13.49 26.15 54.90
N VAL E 64 -12.82 26.55 53.80
CA VAL E 64 -13.33 26.31 52.46
C VAL E 64 -12.62 25.16 51.77
N LYS E 65 -11.74 24.44 52.46
CA LYS E 65 -11.02 23.34 51.84
C LYS E 65 -11.96 22.16 51.60
N GLY E 66 -11.93 21.63 50.38
CA GLY E 66 -12.74 20.48 50.04
C GLY E 66 -14.22 20.76 49.86
N ARG E 67 -14.63 22.02 49.81
CA ARG E 67 -16.03 22.39 49.66
C ARG E 67 -16.33 23.28 48.48
N PHE E 68 -15.39 24.13 48.06
CA PHE E 68 -15.60 25.05 46.96
C PHE E 68 -14.71 24.69 45.78
N THR E 69 -15.26 24.86 44.58
CA THR E 69 -14.54 24.60 43.34
C THR E 69 -14.35 25.91 42.58
N ILE E 70 -13.17 26.07 41.99
CA ILE E 70 -12.82 27.30 41.29
C ILE E 70 -12.41 26.96 39.86
N SER E 71 -12.63 27.93 38.96
CA SER E 71 -12.27 27.76 37.56
C SER E 71 -12.03 29.13 36.95
N ARG E 72 -11.31 29.15 35.84
CA ARG E 72 -10.96 30.39 35.16
C ARG E 72 -11.24 30.26 33.66
N ASP E 73 -11.55 31.40 33.04
CA ASP E 73 -11.81 31.46 31.60
C ASP E 73 -11.03 32.64 31.04
N ASN E 74 -9.88 32.34 30.41
CA ASN E 74 -9.04 33.41 29.86
C ASN E 74 -9.68 34.05 28.64
N ALA E 75 -10.42 33.28 27.83
CA ALA E 75 -11.02 33.83 26.62
C ALA E 75 -12.05 34.91 26.95
N LYS E 76 -12.88 34.67 27.95
CA LYS E 76 -13.92 35.62 28.35
C LYS E 76 -13.46 36.59 29.43
N ASN E 77 -12.26 36.42 29.97
CA ASN E 77 -11.73 37.26 31.04
C ASN E 77 -12.68 37.31 32.22
N THR E 78 -13.25 36.16 32.56
CA THR E 78 -14.20 36.04 33.66
C THR E 78 -13.85 34.80 34.48
N VAL E 79 -13.94 34.92 35.80
CA VAL E 79 -13.65 33.84 36.72
C VAL E 79 -14.97 33.21 37.13
N TYR E 80 -15.11 31.91 36.89
CA TYR E 80 -16.32 31.16 37.19
C TYR E 80 -16.11 30.29 38.42
N LEU E 81 -16.99 30.43 39.40
CA LEU E 81 -16.94 29.65 40.64
C LEU E 81 -18.30 29.02 40.91
N GLN E 82 -18.28 27.78 41.38
CA GLN E 82 -19.49 27.06 41.75
C GLN E 82 -19.46 26.81 43.25
N MET E 83 -20.52 27.24 43.94
CA MET E 83 -20.61 27.08 45.39
C MET E 83 -21.49 25.87 45.70
N ASN E 84 -20.88 24.82 46.24
CA ASN E 84 -21.58 23.59 46.57
C ASN E 84 -21.57 23.37 48.08
N ARG E 85 -22.69 22.88 48.60
CA ARG E 85 -22.85 22.60 50.03
C ARG E 85 -22.61 23.87 50.86
N LEU E 86 -23.39 24.90 50.57
CA LEU E 86 -23.27 26.16 51.29
C LEU E 86 -23.71 26.00 52.74
N LYS E 87 -23.12 26.79 53.61
CA LYS E 87 -23.37 26.76 55.04
C LYS E 87 -23.69 28.16 55.53
N PRO E 88 -24.44 28.28 56.64
CA PRO E 88 -24.72 29.61 57.20
C PRO E 88 -23.47 30.38 57.59
N GLU E 89 -22.38 29.68 57.95
CA GLU E 89 -21.14 30.36 58.29
C GLU E 89 -20.51 31.06 57.09
N ASP E 90 -20.90 30.69 55.87
CA ASP E 90 -20.38 31.32 54.66
C ASP E 90 -21.11 32.61 54.31
N THR E 91 -22.13 32.98 55.05
CA THR E 91 -22.90 34.21 54.78
C THR E 91 -22.03 35.41 55.12
N ALA E 92 -21.44 36.02 54.10
CA ALA E 92 -20.56 37.17 54.26
C ALA E 92 -20.47 37.89 52.92
N VAL E 93 -19.55 38.83 52.82
CA VAL E 93 -19.33 39.61 51.60
C VAL E 93 -18.03 39.13 50.96
N TYR E 94 -18.12 38.70 49.70
CA TYR E 94 -16.97 38.20 48.97
C TYR E 94 -16.49 39.24 47.98
N ILE E 95 -15.20 39.57 48.04
CA ILE E 95 -14.58 40.57 47.19
C ILE E 95 -13.47 39.91 46.39
N CYS E 96 -13.51 40.04 45.07
CA CYS E 96 -12.50 39.49 44.20
C CYS E 96 -11.33 40.46 44.05
N ALA E 97 -10.11 39.93 44.12
CA ALA E 97 -8.91 40.72 43.96
C ALA E 97 -7.94 40.00 43.03
N VAL E 98 -7.20 40.79 42.25
CA VAL E 98 -6.26 40.25 41.28
C VAL E 98 -4.95 41.02 41.38
N GLY E 99 -3.87 40.39 40.92
CA GLY E 99 -2.57 41.02 40.89
C GLY E 99 -1.45 40.17 41.45
N GLY E 100 -0.41 39.95 40.65
CA GLY E 100 0.75 39.23 41.10
C GLY E 100 0.60 37.73 41.01
N ASN E 101 1.74 37.05 40.94
CA ASN E 101 1.81 35.58 40.93
C ASN E 101 2.84 35.18 41.98
N HIS E 102 2.38 35.04 43.22
CA HIS E 102 3.29 34.73 44.32
C HIS E 102 3.83 33.31 44.20
N TYR E 103 5.10 33.15 44.60
CA TYR E 103 5.74 31.84 44.62
C TYR E 103 6.00 31.32 46.03
N SER E 104 5.88 32.17 47.05
CA SER E 104 6.07 31.77 48.44
C SER E 104 4.74 31.78 49.17
N ARG E 105 4.51 30.76 49.99
CA ARG E 105 3.24 30.66 50.71
C ARG E 105 3.09 31.78 51.74
N SER E 106 4.20 32.32 52.22
CA SER E 106 4.13 33.41 53.20
C SER E 106 3.49 34.66 52.59
N LYS E 107 3.84 34.98 51.35
CA LYS E 107 3.28 36.15 50.69
C LYS E 107 1.82 35.95 50.28
N TYR E 108 1.38 34.69 50.14
CA TYR E 108 0.00 34.44 49.76
C TYR E 108 -0.97 34.92 50.84
N TYR E 109 -0.63 34.69 52.11
CA TYR E 109 -1.50 35.09 53.22
C TYR E 109 -1.48 36.60 53.46
N ASN E 110 -0.53 37.32 52.90
CA ASN E 110 -0.46 38.77 53.10
C ASN E 110 -1.63 39.46 52.41
N LEU E 111 -2.21 40.44 53.10
CA LEU E 111 -3.33 41.19 52.57
C LEU E 111 -2.93 42.37 51.71
N ASP E 112 -1.64 42.71 51.66
CA ASP E 112 -1.14 43.83 50.88
C ASP E 112 -0.43 43.37 49.61
N GLU E 113 -0.87 42.26 49.02
CA GLU E 113 -0.27 41.71 47.82
C GLU E 113 -1.26 41.63 46.67
N TYR E 114 -2.38 42.34 46.75
CA TYR E 114 -3.40 42.34 45.72
C TYR E 114 -3.66 43.77 45.26
N ASP E 115 -3.80 43.94 43.94
CA ASP E 115 -3.82 45.27 43.35
C ASP E 115 -5.16 45.96 43.53
N ASP E 116 -6.21 45.40 42.96
CA ASP E 116 -7.51 46.04 42.90
C ASP E 116 -8.47 45.45 43.93
N TRP E 117 -9.42 46.29 44.37
CA TRP E 117 -10.46 45.90 45.30
C TRP E 117 -11.81 45.97 44.61
N GLY E 118 -12.55 44.87 44.64
CA GLY E 118 -13.85 44.82 44.02
C GLY E 118 -14.96 45.41 44.88
N GLN E 119 -16.10 45.64 44.25
CA GLN E 119 -17.25 46.16 44.98
C GLN E 119 -17.77 45.17 46.00
N GLY E 120 -17.78 43.89 45.67
CA GLY E 120 -18.25 42.86 46.58
C GLY E 120 -19.64 42.36 46.24
N THR E 121 -19.94 41.15 46.72
CA THR E 121 -21.22 40.51 46.51
C THR E 121 -21.73 39.93 47.83
N GLN E 122 -23.05 39.82 47.93
CA GLN E 122 -23.69 39.32 49.13
C GLN E 122 -24.24 37.91 48.87
N VAL E 123 -23.85 36.97 49.73
CA VAL E 123 -24.33 35.59 49.65
C VAL E 123 -25.00 35.25 50.98
N THR E 124 -26.25 34.78 50.89
CA THR E 124 -27.02 34.44 52.07
C THR E 124 -27.59 33.04 51.93
N VAL E 125 -27.54 32.26 53.02
CA VAL E 125 -28.06 30.90 53.06
C VAL E 125 -29.19 30.87 54.08
N SER E 126 -30.34 30.34 53.69
CA SER E 126 -31.51 30.26 54.54
C SER E 126 -31.78 28.81 54.93
N SER E 127 -31.99 28.61 56.23
CA SER E 127 -32.26 27.27 56.75
C SER E 127 -33.77 27.04 56.92
N HIS F 1 -36.67 19.54 46.83
CA HIS F 1 -37.68 20.51 46.43
C HIS F 1 -37.45 20.97 44.99
N VAL F 2 -38.13 20.32 44.05
CA VAL F 2 -38.01 20.66 42.64
C VAL F 2 -38.94 21.82 42.32
N GLN F 3 -38.41 23.04 42.41
CA GLN F 3 -39.23 24.23 42.15
C GLN F 3 -39.42 24.43 40.66
N LEU F 4 -40.65 24.72 40.25
CA LEU F 4 -40.99 24.90 38.84
C LEU F 4 -41.26 26.39 38.58
N VAL F 5 -40.61 26.93 37.55
CA VAL F 5 -40.82 28.32 37.15
C VAL F 5 -41.10 28.36 35.65
N GLU F 6 -42.08 29.17 35.27
CA GLU F 6 -42.50 29.30 33.88
C GLU F 6 -42.19 30.71 33.37
N SER F 7 -41.76 30.79 32.12
CA SER F 7 -41.44 32.07 31.51
C SER F 7 -41.62 31.97 30.00
N GLY F 8 -41.52 33.11 29.33
CA GLY F 8 -41.66 33.18 27.89
C GLY F 8 -43.06 33.48 27.39
N GLY F 9 -44.05 33.49 28.27
CA GLY F 9 -45.41 33.80 27.87
C GLY F 9 -45.67 35.29 27.79
N GLY F 10 -46.88 35.63 27.37
CA GLY F 10 -47.29 37.00 27.24
C GLY F 10 -48.25 37.16 26.07
N LEU F 11 -48.30 38.38 25.55
CA LEU F 11 -49.14 38.73 24.42
C LEU F 11 -48.27 38.88 23.17
N VAL F 12 -48.65 38.18 22.10
CA VAL F 12 -47.89 38.19 20.86
C VAL F 12 -48.85 38.42 19.69
N GLN F 13 -48.32 38.96 18.61
CA GLN F 13 -49.11 39.20 17.41
C GLN F 13 -49.44 37.88 16.71
N ALA F 14 -50.52 37.90 15.93
CA ALA F 14 -50.93 36.71 15.21
C ALA F 14 -49.95 36.37 14.09
N GLY F 15 -49.80 35.07 13.84
CA GLY F 15 -48.92 34.59 12.80
C GLY F 15 -47.47 34.43 13.21
N GLY F 16 -47.12 34.77 14.45
CA GLY F 16 -45.76 34.64 14.92
C GLY F 16 -45.48 33.30 15.56
N SER F 17 -44.35 33.23 16.27
CA SER F 17 -43.94 32.03 16.97
C SER F 17 -43.64 32.37 18.42
N LEU F 18 -43.85 31.39 19.30
CA LEU F 18 -43.66 31.58 20.73
C LEU F 18 -42.85 30.43 21.31
N ARG F 19 -42.18 30.71 22.42
CA ARG F 19 -41.36 29.71 23.12
C ARG F 19 -41.62 29.84 24.61
N LEU F 20 -42.23 28.82 25.21
CA LEU F 20 -42.48 28.78 26.64
C LEU F 20 -41.45 27.90 27.32
N SER F 21 -40.77 28.44 28.32
CA SER F 21 -39.69 27.74 29.01
C SER F 21 -40.13 27.43 30.44
N CYS F 22 -40.04 26.15 30.81
CA CYS F 22 -40.34 25.69 32.16
C CYS F 22 -39.06 25.13 32.75
N ALA F 23 -38.57 25.75 33.81
CA ALA F 23 -37.34 25.33 34.47
C ALA F 23 -37.66 24.68 35.80
N ALA F 24 -37.11 23.49 36.02
CA ALA F 24 -37.29 22.74 37.25
C ALA F 24 -35.96 22.64 37.99
N SER F 25 -35.94 23.10 39.24
CA SER F 25 -34.76 23.06 40.08
C SER F 25 -34.89 21.87 41.04
N GLY F 26 -33.95 20.93 40.94
CA GLY F 26 -33.96 19.75 41.77
C GLY F 26 -32.91 18.74 41.34
N ARG F 27 -32.70 17.71 42.15
CA ARG F 27 -31.70 16.69 41.87
C ARG F 27 -32.26 15.48 41.12
N THR F 28 -33.55 15.49 40.79
CA THR F 28 -34.20 14.36 40.12
C THR F 28 -34.94 14.82 38.86
N PHE F 29 -34.44 15.86 38.19
CA PHE F 29 -35.09 16.34 36.98
C PHE F 29 -35.03 15.30 35.86
N SER F 30 -33.90 14.59 35.75
CA SER F 30 -33.76 13.60 34.69
C SER F 30 -34.76 12.46 34.85
N ARG F 31 -35.10 12.11 36.10
CA ARG F 31 -36.08 11.05 36.35
C ARG F 31 -37.50 11.45 35.99
N TYR F 32 -37.74 12.72 35.68
CA TYR F 32 -39.08 13.23 35.41
C TYR F 32 -39.34 13.28 33.91
N ALA F 33 -40.55 12.86 33.52
CA ALA F 33 -41.04 13.04 32.16
C ALA F 33 -41.92 14.29 32.13
N ALA F 34 -41.67 15.17 31.18
CA ALA F 34 -42.27 16.49 31.18
C ALA F 34 -43.60 16.48 30.43
N GLY F 35 -44.66 16.90 31.12
CA GLY F 35 -45.99 17.02 30.53
C GLY F 35 -46.40 18.48 30.45
N TRP F 36 -47.07 18.83 29.36
CA TRP F 36 -47.56 20.19 29.14
C TRP F 36 -49.06 20.13 28.87
N PHE F 37 -49.82 20.97 29.57
CA PHE F 37 -51.27 21.02 29.43
C PHE F 37 -51.71 22.47 29.29
N ARG F 38 -52.93 22.64 28.80
CA ARG F 38 -53.49 23.97 28.57
C ARG F 38 -54.86 24.08 29.25
N GLN F 39 -55.24 25.31 29.58
CA GLN F 39 -56.53 25.58 30.18
C GLN F 39 -57.02 26.94 29.70
N ALA F 40 -58.22 26.99 29.15
CA ALA F 40 -58.80 28.23 28.66
C ALA F 40 -60.21 28.41 29.22
N PRO F 41 -60.63 29.66 29.43
CA PRO F 41 -61.99 29.90 29.91
C PRO F 41 -63.03 29.38 28.91
N GLY F 42 -64.10 28.80 29.45
CA GLY F 42 -65.15 28.25 28.62
C GLY F 42 -64.82 26.96 27.92
N LYS F 43 -63.67 26.35 28.22
CA LYS F 43 -63.24 25.11 27.61
C LYS F 43 -62.78 24.15 28.69
N GLU F 44 -63.03 22.85 28.47
CA GLU F 44 -62.60 21.83 29.42
C GLU F 44 -61.09 21.64 29.33
N ARG F 45 -60.51 21.20 30.45
CA ARG F 45 -59.07 20.94 30.49
C ARG F 45 -58.73 19.75 29.60
N GLU F 46 -57.71 19.92 28.76
CA GLU F 46 -57.33 18.90 27.81
C GLU F 46 -55.82 18.69 27.84
N PHE F 47 -55.41 17.43 27.68
CA PHE F 47 -53.99 17.11 27.58
C PHE F 47 -53.41 17.69 26.29
N VAL F 48 -52.17 18.15 26.35
CA VAL F 48 -51.55 18.78 25.19
C VAL F 48 -50.36 17.97 24.70
N ALA F 49 -49.34 17.80 25.53
CA ALA F 49 -48.13 17.12 25.07
C ALA F 49 -47.44 16.44 26.25
N VAL F 50 -46.62 15.44 25.93
CA VAL F 50 -45.79 14.76 26.92
C VAL F 50 -44.52 14.28 26.23
N ILE F 51 -43.39 14.44 26.92
CA ILE F 51 -42.08 14.08 26.41
C ILE F 51 -41.33 13.32 27.49
N GLU F 52 -40.60 12.29 27.07
CA GLU F 52 -39.86 11.43 27.99
C GLU F 52 -38.53 12.08 28.38
N TRP F 53 -37.73 11.32 29.14
CA TRP F 53 -36.44 11.82 29.60
C TRP F 53 -35.49 12.11 28.45
N ASP F 54 -35.43 11.21 27.46
CA ASP F 54 -34.49 11.37 26.36
C ASP F 54 -35.05 12.25 25.26
N GLY F 55 -36.37 12.30 25.10
CA GLY F 55 -37.00 13.16 24.12
C GLY F 55 -37.15 12.57 22.74
N ASP F 56 -36.65 11.36 22.50
CA ASP F 56 -36.80 10.74 21.18
C ASP F 56 -38.26 10.46 20.83
N SER F 57 -39.05 9.99 21.79
CA SER F 57 -40.46 9.70 21.57
C SER F 57 -41.30 10.63 22.42
N ALA F 58 -42.25 11.33 21.78
CA ALA F 58 -43.16 12.22 22.47
C ALA F 58 -44.57 11.99 21.95
N TYR F 59 -45.55 12.29 22.81
CA TYR F 59 -46.95 12.05 22.47
C TYR F 59 -47.73 13.37 22.57
N TYR F 60 -48.50 13.67 21.54
CA TYR F 60 -49.30 14.88 21.48
C TYR F 60 -50.76 14.53 21.22
N ALA F 61 -51.65 15.38 21.72
CA ALA F 61 -53.08 15.15 21.53
C ALA F 61 -53.47 15.40 20.07
N ASP F 62 -54.60 14.81 19.69
CA ASP F 62 -55.08 14.96 18.31
C ASP F 62 -55.37 16.41 17.93
N PRO F 63 -56.05 17.23 18.74
CA PRO F 63 -56.26 18.63 18.34
C PRO F 63 -54.98 19.41 18.15
N VAL F 64 -53.93 19.09 18.91
CA VAL F 64 -52.66 19.80 18.83
C VAL F 64 -51.59 18.95 18.13
N LYS F 65 -52.01 17.95 17.36
CA LYS F 65 -51.07 17.08 16.67
C LYS F 65 -50.47 17.80 15.47
N GLY F 66 -49.14 17.75 15.35
CA GLY F 66 -48.46 18.35 14.22
C GLY F 66 -48.49 19.85 14.17
N ARG F 67 -48.63 20.52 15.32
CA ARG F 67 -48.67 21.97 15.37
C ARG F 67 -47.67 22.60 16.33
N PHE F 68 -47.25 21.90 17.38
CA PHE F 68 -46.31 22.44 18.35
C PHE F 68 -45.20 21.44 18.61
N THR F 69 -44.04 21.96 19.04
CA THR F 69 -42.86 21.15 19.26
C THR F 69 -42.48 21.19 20.74
N ILE F 70 -41.95 20.07 21.24
CA ILE F 70 -41.50 19.98 22.62
C ILE F 70 -40.05 19.52 22.64
N SER F 71 -39.27 20.09 23.55
CA SER F 71 -37.86 19.75 23.66
C SER F 71 -37.44 19.83 25.12
N ARG F 72 -36.33 19.17 25.45
CA ARG F 72 -35.82 19.11 26.80
C ARG F 72 -34.33 19.42 26.81
N ASP F 73 -33.81 19.73 28.00
CA ASP F 73 -32.40 19.98 28.20
C ASP F 73 -32.07 19.61 29.64
N ASN F 74 -31.47 18.43 29.83
CA ASN F 74 -31.13 17.98 31.17
C ASN F 74 -29.98 18.77 31.77
N ALA F 75 -29.04 19.23 30.93
CA ALA F 75 -27.92 20.03 31.44
C ALA F 75 -28.43 21.34 32.04
N LYS F 76 -29.37 21.99 31.37
CA LYS F 76 -29.98 23.21 31.87
C LYS F 76 -31.20 22.94 32.75
N ASN F 77 -31.63 21.68 32.85
CA ASN F 77 -32.80 21.31 33.66
C ASN F 77 -34.03 22.11 33.23
N THR F 78 -34.26 22.18 31.92
CA THR F 78 -35.30 23.01 31.36
C THR F 78 -36.06 22.23 30.29
N VAL F 79 -37.31 22.65 30.06
CA VAL F 79 -38.12 22.11 28.97
C VAL F 79 -38.71 23.28 28.19
N TYR F 80 -38.75 23.14 26.87
CA TYR F 80 -39.20 24.21 25.99
C TYR F 80 -40.36 23.73 25.13
N LEU F 81 -41.39 24.56 25.03
CA LEU F 81 -42.54 24.31 24.17
C LEU F 81 -42.59 25.40 23.11
N GLN F 82 -42.42 25.02 21.86
CA GLN F 82 -42.40 25.94 20.74
C GLN F 82 -43.75 25.90 20.03
N MET F 83 -44.42 27.04 19.97
CA MET F 83 -45.68 27.20 19.27
C MET F 83 -45.41 27.90 17.94
N ASN F 84 -45.78 27.25 16.83
CA ASN F 84 -45.62 27.80 15.50
C ASN F 84 -46.98 27.92 14.84
N ARG F 85 -47.14 28.95 14.02
CA ARG F 85 -48.41 29.28 13.37
C ARG F 85 -49.51 29.44 14.42
N LEU F 86 -49.27 30.36 15.34
CA LEU F 86 -50.18 30.57 16.45
C LEU F 86 -51.53 31.10 15.97
N LYS F 87 -52.58 30.75 16.70
CA LYS F 87 -53.94 31.12 16.39
C LYS F 87 -54.58 31.78 17.60
N PRO F 88 -55.59 32.64 17.39
CA PRO F 88 -56.25 33.28 18.53
C PRO F 88 -56.91 32.31 19.49
N GLU F 89 -57.28 31.10 19.02
CA GLU F 89 -57.89 30.11 19.89
C GLU F 89 -56.91 29.52 20.90
N ASP F 90 -55.62 29.79 20.76
CA ASP F 90 -54.60 29.25 21.66
C ASP F 90 -54.34 30.16 22.87
N THR F 91 -55.08 31.26 23.00
CA THR F 91 -54.93 32.14 24.16
C THR F 91 -55.42 31.39 25.40
N ALA F 92 -54.49 30.97 26.25
CA ALA F 92 -54.83 30.13 27.39
C ALA F 92 -53.64 30.12 28.36
N VAL F 93 -53.86 29.47 29.50
CA VAL F 93 -52.80 29.30 30.50
C VAL F 93 -52.22 27.91 30.34
N TYR F 94 -50.91 27.84 30.15
CA TYR F 94 -50.19 26.58 29.96
C TYR F 94 -49.47 26.20 31.25
N ILE F 95 -49.53 24.92 31.58
CA ILE F 95 -48.95 24.39 32.82
C ILE F 95 -48.01 23.25 32.48
N CYS F 96 -46.85 23.26 33.14
CA CYS F 96 -45.83 22.23 32.98
C CYS F 96 -45.76 21.40 34.25
N ALA F 97 -45.68 20.08 34.09
CA ALA F 97 -45.59 19.15 35.20
C ALA F 97 -44.45 18.18 34.97
N VAL F 98 -43.81 17.77 36.06
CA VAL F 98 -42.67 16.86 36.01
C VAL F 98 -42.92 15.71 36.98
N GLY F 99 -42.55 14.50 36.54
CA GLY F 99 -42.66 13.34 37.40
C GLY F 99 -43.43 12.19 36.78
N GLY F 100 -42.79 11.03 36.67
CA GLY F 100 -43.44 9.84 36.17
C GLY F 100 -43.56 9.79 34.66
N ASN F 101 -43.33 8.63 34.08
CA ASN F 101 -43.47 8.42 32.64
C ASN F 101 -44.66 7.50 32.41
N HIS F 102 -45.56 7.91 31.52
CA HIS F 102 -46.79 7.17 31.27
C HIS F 102 -46.86 6.71 29.82
N TYR F 103 -47.45 5.53 29.62
CA TYR F 103 -47.62 4.95 28.30
C TYR F 103 -49.08 4.74 27.91
N SER F 104 -50.02 4.87 28.83
CA SER F 104 -51.43 4.70 28.51
C SER F 104 -51.99 6.00 27.94
N ARG F 105 -52.67 5.90 26.79
CA ARG F 105 -53.21 7.08 26.13
C ARG F 105 -54.30 7.72 26.98
N SER F 106 -55.16 6.92 27.59
CA SER F 106 -56.27 7.45 28.38
C SER F 106 -55.84 8.02 29.72
N LYS F 107 -54.61 7.75 30.16
CA LYS F 107 -54.11 8.24 31.45
C LYS F 107 -53.44 9.60 31.35
N TYR F 108 -53.31 10.16 30.14
CA TYR F 108 -52.67 11.46 29.97
C TYR F 108 -53.60 12.63 30.31
N TYR F 109 -54.90 12.37 30.50
CA TYR F 109 -55.86 13.42 30.79
C TYR F 109 -55.97 13.72 32.28
N ASN F 110 -55.25 13.01 33.13
CA ASN F 110 -55.33 13.20 34.58
C ASN F 110 -54.08 13.91 35.07
N LEU F 111 -54.27 14.98 35.84
CA LEU F 111 -53.18 15.74 36.42
C LEU F 111 -52.68 15.17 37.73
N ASP F 112 -53.32 14.11 38.24
CA ASP F 112 -52.93 13.50 39.50
C ASP F 112 -51.77 12.52 39.36
N GLU F 113 -51.27 12.31 38.13
CA GLU F 113 -50.19 11.37 37.88
C GLU F 113 -48.83 12.06 37.78
N TYR F 114 -48.71 13.26 38.34
CA TYR F 114 -47.46 14.00 38.32
C TYR F 114 -47.08 14.41 39.73
N ASP F 115 -45.78 14.60 39.95
CA ASP F 115 -45.27 14.87 41.29
C ASP F 115 -45.60 16.29 41.75
N ASP F 116 -45.09 17.29 41.03
CA ASP F 116 -45.23 18.69 41.43
C ASP F 116 -46.07 19.44 40.42
N TRP F 117 -46.83 20.43 40.91
CA TRP F 117 -47.66 21.27 40.08
C TRP F 117 -47.14 22.71 40.15
N GLY F 118 -47.02 23.35 38.99
CA GLY F 118 -46.53 24.70 38.90
C GLY F 118 -47.66 25.71 38.87
N GLN F 119 -47.35 26.87 38.28
CA GLN F 119 -48.32 27.95 38.15
C GLN F 119 -48.78 28.20 36.72
N GLY F 120 -47.93 27.96 35.74
CA GLY F 120 -48.27 28.17 34.34
C GLY F 120 -48.06 29.61 33.89
N THR F 121 -48.16 29.80 32.58
CA THR F 121 -48.00 31.11 31.97
C THR F 121 -49.12 31.35 30.98
N GLN F 122 -49.49 32.62 30.82
CA GLN F 122 -50.60 32.99 29.96
C GLN F 122 -50.09 33.37 28.58
N VAL F 123 -50.73 32.83 27.55
CA VAL F 123 -50.39 33.11 26.16
C VAL F 123 -51.61 33.76 25.50
N THR F 124 -51.41 34.94 24.92
CA THR F 124 -52.48 35.71 24.30
C THR F 124 -52.06 36.09 22.89
N VAL F 125 -53.03 36.08 21.97
CA VAL F 125 -52.80 36.40 20.57
C VAL F 125 -53.58 37.66 20.23
N SER F 126 -52.89 38.65 19.64
CA SER F 126 -53.51 39.91 19.27
C SER F 126 -53.77 39.93 17.77
N SER F 127 -54.98 40.31 17.39
CA SER F 127 -55.35 40.38 15.97
C SER F 127 -55.40 41.81 15.49
#